data_7EBY
#
_entry.id   7EBY
#
_cell.length_a   83.586
_cell.length_b   92.117
_cell.length_c   162.111
_cell.angle_alpha   94.792
_cell.angle_beta   96.312
_cell.angle_gamma   104.902
#
_symmetry.space_group_name_H-M   'P 1'
#
loop_
_entity.id
_entity.type
_entity.pdbx_description
1 polymer D-succinylase
2 non-polymer GLYCEROL
3 non-polymer 'CARBONATE ION'
4 non-polymer 'CALCIUM ION'
5 water water
#
_entity_poly.entity_id   1
_entity_poly.type   'polypeptide(L)'
_entity_poly.pdbx_seq_one_letter_code
;MRIVRRRPAATLLRHLALVAAALPVLAGTASAAPPTDRYAAPGLEKPASILIDRWGVPHIYAGTLYDAFYAQGFIAARDR
LWQIDLWRKRGLGEMARDFGPAYVDGDRMARAVLYRGDMYREWLAYGSDAKRVAEAFVAGVNAYVALTEAQPELLPREFK
QLGYKPSRWRAEDIVRIRHHGLTLNFTGEVDRATLYCQAKEQAARADWLRRELDPPITPTLPEGLDPCAVPAAALKKAYT
LATAAANFPKEAWQKASADAVPVDQLYAAVDANSDTGRSLGSNNWVIAGSRTSTGRPILANDPHRAHGAPSLRYVSHLNA
PGLSVIGAGEPFLPGISIGHNGTIAFGLTRFYMDQEDLYVYETDPAQPKSYRYRGRWEPMETITEKITVRGEAEPRTVTI
DFTRHGPVLHADDASHRAWALRAAWLDTGMAPYFGSMDYMRATNWDQFRAAMNRWGAPGENQVYADRNGNIGWIPGGLTV
IRPNWDGLFPVPGDGRYEWAGYRNMDELPWAYNPSTGHIVTANENNIPPDHPAAKLGVGYEWSDSSRARRLKSLVAAAPV
SSLRDSIAWQNDTVSLPAQRTLAVMRTVGNAGAAASLLQDPQVQRAVALLRGWDGNVRADSVPAALFEIWFSNHLRQAVV
RAALPEDAAKLVGAGDAARVLAVLEQPDTWMPTARRDEVMLTSLKAAMAELERRSPSPEKLATWGTLHRAIFRHPLANIV
DDATRAQYNVDAGGIGGSAFTPMNTSYRNSDYHLTAGASFRMVLDVGNWDQGRVVNTPGQSGDPGNSHYRDLAPIWAKGQ
TFPLVYSRKAVERAAEKRIELTPR
;
_entity_poly.pdbx_strand_id   A,B,C,D,E,F
#
# COMPACT_ATOMS: atom_id res chain seq x y z
N THR A 36 10.08 -22.03 48.25
CA THR A 36 11.27 -22.08 47.40
C THR A 36 11.67 -23.50 46.96
N ASP A 37 11.76 -23.71 45.63
CA ASP A 37 12.28 -24.93 45.05
C ASP A 37 13.72 -24.72 44.60
N ARG A 38 14.57 -25.72 44.76
CA ARG A 38 15.97 -25.60 44.42
C ARG A 38 16.40 -26.75 43.53
N TYR A 39 17.01 -26.42 42.40
CA TYR A 39 17.42 -27.42 41.42
C TYR A 39 18.87 -27.16 41.01
N ALA A 40 19.55 -28.25 40.67
CA ALA A 40 20.86 -28.17 40.04
C ALA A 40 20.73 -27.72 38.60
N ALA A 41 21.70 -26.94 38.14
CA ALA A 41 21.69 -26.37 36.79
C ALA A 41 23.03 -26.61 36.11
N PRO A 42 23.30 -27.84 35.66
CA PRO A 42 24.55 -28.07 34.92
C PRO A 42 24.57 -27.24 33.64
N GLY A 43 25.70 -26.57 33.42
CA GLY A 43 25.87 -25.64 32.33
C GLY A 43 25.59 -24.20 32.67
N LEU A 44 24.91 -23.93 33.79
CA LEU A 44 24.69 -22.55 34.24
C LEU A 44 25.97 -21.98 34.85
N GLU A 45 26.26 -20.71 34.53
CA GLU A 45 27.52 -20.10 34.97
C GLU A 45 27.44 -19.60 36.40
N LYS A 46 26.38 -18.88 36.74
CA LYS A 46 26.25 -18.29 38.07
C LYS A 46 24.86 -18.57 38.60
N PRO A 47 24.67 -18.46 39.92
CA PRO A 47 23.32 -18.66 40.50
C PRO A 47 22.29 -17.79 39.82
N ALA A 48 21.09 -18.34 39.66
CA ALA A 48 19.99 -17.63 39.05
C ALA A 48 18.77 -17.86 39.91
N SER A 49 17.91 -16.85 39.96
CA SER A 49 16.69 -16.92 40.76
C SER A 49 15.50 -16.60 39.88
N ILE A 50 14.39 -17.31 40.09
CA ILE A 50 13.18 -17.05 39.35
C ILE A 50 12.05 -16.82 40.34
N LEU A 51 11.38 -15.69 40.22
CA LEU A 51 10.20 -15.41 41.02
C LEU A 51 9.00 -15.57 40.10
N ILE A 52 8.13 -16.52 40.42
CA ILE A 52 6.88 -16.67 39.67
C ILE A 52 5.83 -15.84 40.39
N ASP A 53 5.21 -14.88 39.69
CA ASP A 53 4.20 -14.08 40.36
C ASP A 53 2.86 -14.81 40.38
N ARG A 54 1.86 -14.16 40.97
CA ARG A 54 0.61 -14.85 41.28
C ARG A 54 -0.24 -15.10 40.04
N TRP A 55 0.10 -14.51 38.90
CA TRP A 55 -0.58 -14.80 37.64
C TRP A 55 0.18 -15.80 36.79
N GLY A 56 1.26 -16.38 37.34
CA GLY A 56 2.04 -17.38 36.64
C GLY A 56 3.13 -16.86 35.73
N VAL A 57 3.45 -15.56 35.77
CA VAL A 57 4.53 -15.02 34.95
C VAL A 57 5.87 -15.20 35.67
N PRO A 58 6.84 -15.89 35.05
CA PRO A 58 8.17 -16.03 35.68
C PRO A 58 9.04 -14.80 35.45
N HIS A 59 9.74 -14.38 36.50
CA HIS A 59 10.64 -13.24 36.42
C HIS A 59 12.05 -13.74 36.73
N ILE A 60 12.91 -13.74 35.71
CA ILE A 60 14.20 -14.44 35.75
C ILE A 60 15.29 -13.46 36.08
N TYR A 61 16.08 -13.77 37.11
CA TYR A 61 17.23 -12.96 37.52
C TYR A 61 18.49 -13.82 37.44
N ALA A 62 19.32 -13.53 36.45
CA ALA A 62 20.55 -14.28 36.21
C ALA A 62 21.75 -13.37 36.41
N GLY A 63 22.90 -13.98 36.61
CA GLY A 63 24.10 -13.21 36.89
C GLY A 63 24.95 -12.92 35.68
N THR A 64 24.70 -13.61 34.57
CA THR A 64 25.40 -13.33 33.32
C THR A 64 24.36 -13.27 32.22
N LEU A 65 24.75 -12.61 31.12
CA LEU A 65 23.84 -12.43 29.99
C LEU A 65 23.26 -13.76 29.51
N TYR A 66 24.12 -14.72 29.18
CA TYR A 66 23.57 -15.92 28.58
C TYR A 66 22.88 -16.82 29.58
N ASP A 67 23.20 -16.66 30.87
CA ASP A 67 22.50 -17.40 31.92
C ASP A 67 21.01 -17.08 31.95
N ALA A 68 20.63 -15.86 31.56
CA ALA A 68 19.22 -15.49 31.55
C ALA A 68 18.42 -16.40 30.64
N PHE A 69 19.02 -16.79 29.51
CA PHE A 69 18.36 -17.67 28.55
C PHE A 69 18.44 -19.13 28.95
N TYR A 70 19.51 -19.53 29.65
CA TYR A 70 19.50 -20.84 30.30
C TYR A 70 18.32 -20.95 31.23
N ALA A 71 18.15 -19.94 32.08
CA ALA A 71 17.04 -19.94 33.01
C ALA A 71 15.72 -19.90 32.26
N GLN A 72 15.66 -19.16 31.14
CA GLN A 72 14.40 -19.12 30.39
C GLN A 72 14.04 -20.49 29.85
N GLY A 73 15.01 -21.21 29.31
CA GLY A 73 14.75 -22.58 28.87
C GLY A 73 14.28 -23.49 29.99
N PHE A 74 14.94 -23.42 31.15
CA PHE A 74 14.53 -24.25 32.27
C PHE A 74 13.07 -24.00 32.61
N ILE A 75 12.69 -22.73 32.72
CA ILE A 75 11.35 -22.32 33.13
C ILE A 75 10.32 -22.58 32.04
N ALA A 76 10.70 -22.32 30.78
CA ALA A 76 9.82 -22.69 29.68
C ALA A 76 9.54 -24.19 29.69
N ALA A 77 10.56 -25.00 30.01
CA ALA A 77 10.36 -26.44 30.12
C ALA A 77 9.51 -26.78 31.34
N ARG A 78 9.75 -26.10 32.47
CA ARG A 78 8.96 -26.36 33.66
C ARG A 78 7.47 -26.13 33.39
N ASP A 79 7.13 -25.07 32.66
CA ASP A 79 5.72 -24.78 32.41
C ASP A 79 5.15 -25.43 31.16
N ARG A 80 5.96 -25.62 30.11
CA ARG A 80 5.40 -25.98 28.81
C ARG A 80 6.19 -27.10 28.13
N LEU A 81 6.81 -28.00 28.90
CA LEU A 81 7.71 -28.99 28.29
C LEU A 81 7.00 -29.84 27.22
N TRP A 82 5.81 -30.36 27.52
CA TRP A 82 5.15 -31.23 26.55
C TRP A 82 4.89 -30.47 25.24
N GLN A 83 4.36 -29.25 25.36
CA GLN A 83 4.10 -28.39 24.20
C GLN A 83 5.37 -28.12 23.40
N ILE A 84 6.47 -27.76 24.08
CA ILE A 84 7.65 -27.39 23.31
C ILE A 84 8.32 -28.64 22.74
N ASP A 85 8.28 -29.76 23.46
CA ASP A 85 8.78 -31.00 22.92
C ASP A 85 8.00 -31.41 21.69
N LEU A 86 6.68 -31.19 21.70
CA LEU A 86 5.84 -31.58 20.56
C LEU A 86 6.16 -30.76 19.33
N TRP A 87 6.27 -29.44 19.48
CA TRP A 87 6.68 -28.58 18.37
C TRP A 87 7.97 -29.06 17.75
N ARG A 88 8.99 -29.32 18.60
CA ARG A 88 10.27 -29.81 18.09
C ARG A 88 10.12 -31.17 17.42
N LYS A 89 9.33 -32.07 18.04
CA LYS A 89 9.11 -33.42 17.52
C LYS A 89 8.45 -33.37 16.15
N ARG A 90 7.42 -32.53 16.01
CA ARG A 90 6.77 -32.34 14.72
C ARG A 90 7.75 -31.70 13.71
N GLY A 91 8.50 -30.69 14.13
CA GLY A 91 9.37 -29.98 13.21
C GLY A 91 10.49 -30.82 12.64
N LEU A 92 11.08 -31.69 13.47
CA LEU A 92 12.18 -32.55 13.03
C LEU A 92 11.68 -33.84 12.39
N GLY A 93 10.36 -34.03 12.29
CA GLY A 93 9.86 -35.26 11.71
C GLY A 93 10.16 -36.51 12.52
N GLU A 94 9.88 -36.46 13.82
CA GLU A 94 10.06 -37.59 14.72
C GLU A 94 8.73 -38.02 15.35
N MET A 95 7.60 -37.63 14.75
CA MET A 95 6.30 -37.99 15.29
C MET A 95 6.11 -39.50 15.26
N ALA A 96 6.43 -40.12 14.13
CA ALA A 96 6.13 -41.54 13.96
C ALA A 96 6.94 -42.40 14.92
N ARG A 97 8.13 -41.94 15.33
CA ARG A 97 8.93 -42.69 16.30
C ARG A 97 8.11 -43.15 17.51
N ASP A 98 7.13 -42.34 17.93
CA ASP A 98 6.34 -42.64 19.11
C ASP A 98 4.85 -42.79 18.85
N PHE A 99 4.34 -42.27 17.73
CA PHE A 99 2.91 -42.26 17.48
C PHE A 99 2.49 -43.17 16.34
N GLY A 100 3.43 -43.87 15.69
CA GLY A 100 3.12 -44.95 14.78
C GLY A 100 3.16 -44.65 13.29
N PRO A 101 2.76 -45.63 12.48
CA PRO A 101 2.95 -45.49 11.02
C PRO A 101 2.06 -44.43 10.40
N ALA A 102 0.98 -44.04 11.07
CA ALA A 102 0.12 -42.98 10.55
C ALA A 102 0.86 -41.65 10.41
N TYR A 103 2.00 -41.50 11.07
CA TYR A 103 2.69 -40.22 11.07
C TYR A 103 3.89 -40.19 10.15
N VAL A 104 4.13 -41.24 9.37
CA VAL A 104 5.37 -41.29 8.59
C VAL A 104 5.36 -40.21 7.52
N ASP A 105 4.29 -40.14 6.71
CA ASP A 105 4.23 -39.17 5.62
C ASP A 105 4.43 -37.74 6.13
N GLY A 106 3.83 -37.41 7.29
CA GLY A 106 4.04 -36.09 7.85
C GLY A 106 5.48 -35.84 8.29
N ASP A 107 6.14 -36.86 8.86
CA ASP A 107 7.54 -36.72 9.23
C ASP A 107 8.41 -36.44 8.01
N ARG A 108 8.17 -37.19 6.93
CA ARG A 108 8.93 -37.04 5.69
C ARG A 108 8.77 -35.64 5.12
N MET A 109 7.52 -35.16 5.03
CA MET A 109 7.30 -33.80 4.53
C MET A 109 7.82 -32.73 5.49
N ALA A 110 7.79 -32.98 6.81
CA ALA A 110 8.38 -32.03 7.75
C ALA A 110 9.88 -31.89 7.50
N ARG A 111 10.58 -33.00 7.30
CA ARG A 111 12.01 -32.87 7.03
C ARG A 111 12.28 -32.20 5.69
N ALA A 112 11.35 -32.26 4.73
CA ALA A 112 11.52 -31.55 3.45
C ALA A 112 11.52 -30.04 3.59
N VAL A 113 10.95 -29.49 4.67
CA VAL A 113 10.87 -28.04 4.84
C VAL A 113 11.63 -27.58 6.09
N LEU A 114 12.62 -28.36 6.51
CA LEU A 114 13.63 -27.86 7.45
C LEU A 114 14.62 -26.99 6.70
N TYR A 115 15.23 -26.06 7.43
CA TYR A 115 16.31 -25.27 6.85
C TYR A 115 17.44 -26.21 6.49
N ARG A 116 17.90 -26.13 5.25
N ARG A 116 17.91 -26.13 5.25
CA ARG A 116 19.02 -26.94 4.79
CA ARG A 116 19.01 -26.94 4.75
C ARG A 116 20.06 -26.05 4.08
C ARG A 116 20.18 -26.11 4.24
N GLY A 117 20.19 -24.81 4.51
CA GLY A 117 21.17 -23.90 3.94
C GLY A 117 22.44 -23.81 4.76
N ASP A 118 23.24 -22.79 4.43
CA ASP A 118 24.51 -22.55 5.12
C ASP A 118 24.26 -22.20 6.58
N MET A 119 24.80 -23.00 7.50
CA MET A 119 24.56 -22.77 8.92
C MET A 119 25.42 -21.64 9.47
N TYR A 120 26.63 -21.44 8.93
CA TYR A 120 27.43 -20.28 9.30
C TYR A 120 26.63 -19.00 9.11
N ARG A 121 26.02 -18.85 7.93
CA ARG A 121 25.22 -17.66 7.66
C ARG A 121 23.97 -17.64 8.53
N GLU A 122 23.36 -18.81 8.73
CA GLU A 122 22.13 -18.89 9.52
C GLU A 122 22.32 -18.33 10.93
N TRP A 123 23.38 -18.75 11.61
CA TRP A 123 23.57 -18.26 12.97
C TRP A 123 23.72 -16.75 13.00
N LEU A 124 24.36 -16.18 11.98
CA LEU A 124 24.62 -14.75 11.93
C LEU A 124 23.45 -13.93 11.39
N ALA A 125 22.36 -14.57 10.98
CA ALA A 125 21.25 -13.86 10.36
C ALA A 125 20.42 -13.04 11.36
N TYR A 126 20.46 -13.36 12.65
CA TYR A 126 19.52 -12.81 13.62
C TYR A 126 20.12 -11.73 14.50
N GLY A 127 21.37 -11.39 14.31
CA GLY A 127 22.19 -10.58 15.18
C GLY A 127 23.52 -11.28 15.33
N SER A 128 24.34 -10.80 16.25
CA SER A 128 25.70 -11.32 16.26
C SER A 128 25.94 -12.40 17.31
N ASP A 129 25.02 -12.62 18.27
CA ASP A 129 25.26 -13.63 19.32
C ASP A 129 24.12 -14.63 19.45
N ALA A 130 23.39 -14.90 18.35
CA ALA A 130 22.27 -15.83 18.40
C ALA A 130 22.70 -17.26 18.76
N LYS A 131 23.89 -17.69 18.33
CA LYS A 131 24.30 -19.06 18.64
C LYS A 131 24.55 -19.24 20.15
N ARG A 132 25.22 -18.29 20.79
CA ARG A 132 25.36 -18.41 22.23
C ARG A 132 24.00 -18.41 22.92
N VAL A 133 23.06 -17.58 22.43
CA VAL A 133 21.73 -17.54 23.04
C VAL A 133 21.04 -18.89 22.92
N ALA A 134 20.98 -19.45 21.71
CA ALA A 134 20.29 -20.73 21.55
C ALA A 134 20.95 -21.81 22.38
N GLU A 135 22.27 -21.87 22.35
CA GLU A 135 22.98 -22.88 23.13
C GLU A 135 22.68 -22.78 24.62
N ALA A 136 22.61 -21.57 25.17
CA ALA A 136 22.23 -21.43 26.58
C ALA A 136 20.81 -21.92 26.80
N PHE A 137 19.89 -21.54 25.91
CA PHE A 137 18.49 -21.89 26.06
C PHE A 137 18.29 -23.41 26.08
N VAL A 138 18.91 -24.12 25.14
CA VAL A 138 18.69 -25.58 25.10
C VAL A 138 19.45 -26.29 26.22
N ALA A 139 20.51 -25.69 26.75
CA ALA A 139 21.10 -26.23 27.97
C ALA A 139 20.13 -26.14 29.14
N GLY A 140 19.38 -25.04 29.25
CA GLY A 140 18.35 -24.97 30.27
C GLY A 140 17.23 -25.97 30.04
N VAL A 141 16.72 -26.06 28.80
CA VAL A 141 15.71 -27.07 28.51
C VAL A 141 16.23 -28.47 28.85
N ASN A 142 17.46 -28.78 28.42
CA ASN A 142 17.99 -30.12 28.63
C ASN A 142 18.15 -30.41 30.12
N ALA A 143 18.53 -29.40 30.92
CA ALA A 143 18.58 -29.63 32.36
C ALA A 143 17.20 -30.01 32.90
N TYR A 144 16.14 -29.35 32.42
CA TYR A 144 14.82 -29.75 32.91
C TYR A 144 14.43 -31.12 32.41
N VAL A 145 14.83 -31.48 31.18
CA VAL A 145 14.54 -32.82 30.68
C VAL A 145 15.25 -33.86 31.55
N ALA A 146 16.52 -33.62 31.87
CA ALA A 146 17.25 -34.52 32.76
C ALA A 146 16.57 -34.64 34.12
N LEU A 147 16.03 -33.52 34.61
CA LEU A 147 15.35 -33.55 35.91
C LEU A 147 14.12 -34.45 35.88
N THR A 148 13.37 -34.44 34.77
CA THR A 148 12.21 -35.33 34.68
C THR A 148 12.61 -36.80 34.66
N GLU A 149 13.83 -37.08 34.21
CA GLU A 149 14.35 -38.45 34.24
C GLU A 149 14.72 -38.86 35.65
N ALA A 150 15.24 -37.92 36.46
CA ALA A 150 15.61 -38.20 37.85
C ALA A 150 14.40 -38.15 38.78
N GLN A 151 13.42 -37.31 38.50
CA GLN A 151 12.24 -37.13 39.34
C GLN A 151 11.00 -37.28 38.48
N PRO A 152 10.60 -38.54 38.21
CA PRO A 152 9.48 -38.76 37.27
C PRO A 152 8.15 -38.17 37.70
N GLU A 153 8.01 -37.73 38.96
CA GLU A 153 6.80 -37.04 39.32
C GLU A 153 6.70 -35.69 38.62
N LEU A 154 7.80 -35.19 38.08
CA LEU A 154 7.81 -33.97 37.30
C LEU A 154 7.54 -34.20 35.82
N LEU A 155 7.39 -35.45 35.39
CA LEU A 155 7.10 -35.75 33.98
C LEU A 155 5.69 -35.26 33.63
N PRO A 156 5.54 -34.42 32.61
CA PRO A 156 4.19 -33.99 32.20
C PRO A 156 3.30 -35.16 31.82
N ARG A 157 2.00 -34.99 32.11
CA ARG A 157 1.08 -36.14 32.04
C ARG A 157 0.81 -36.60 30.61
N GLU A 158 0.94 -35.71 29.62
CA GLU A 158 0.78 -36.20 28.25
C GLU A 158 1.83 -37.25 27.91
N PHE A 159 3.04 -37.13 28.47
CA PHE A 159 4.05 -38.16 28.25
C PHE A 159 3.60 -39.49 28.85
N LYS A 160 3.06 -39.46 30.08
CA LYS A 160 2.55 -40.68 30.70
C LYS A 160 1.41 -41.27 29.88
N GLN A 161 0.46 -40.40 29.50
CA GLN A 161 -0.71 -40.83 28.74
C GLN A 161 -0.34 -41.56 27.47
N LEU A 162 0.66 -41.05 26.73
CA LEU A 162 1.01 -41.53 25.41
C LEU A 162 2.21 -42.47 25.37
N GLY A 163 2.91 -42.69 26.47
CA GLY A 163 3.96 -43.70 26.49
C GLY A 163 5.26 -43.33 25.80
N TYR A 164 5.78 -42.13 26.03
CA TYR A 164 7.11 -41.75 25.56
C TYR A 164 7.69 -40.69 26.51
N LYS A 165 8.90 -40.25 26.22
CA LYS A 165 9.65 -39.35 27.08
C LYS A 165 10.08 -38.13 26.28
N PRO A 166 10.30 -36.98 26.93
CA PRO A 166 10.85 -35.82 26.21
C PRO A 166 12.27 -36.07 25.74
N SER A 167 12.61 -35.42 24.64
CA SER A 167 13.93 -35.50 24.04
C SER A 167 14.84 -34.42 24.58
N ARG A 168 16.15 -34.63 24.39
CA ARG A 168 17.11 -33.55 24.51
C ARG A 168 17.15 -32.77 23.20
N TRP A 169 17.46 -31.47 23.32
CA TRP A 169 17.48 -30.53 22.22
C TRP A 169 18.92 -30.22 21.82
N ARG A 170 19.11 -29.86 20.54
CA ARG A 170 20.35 -29.25 20.09
C ARG A 170 20.07 -27.81 19.70
N ALA A 171 21.10 -26.95 19.79
CA ALA A 171 20.88 -25.53 19.55
C ALA A 171 20.36 -25.28 18.13
N GLU A 172 20.84 -26.06 17.16
CA GLU A 172 20.43 -25.85 15.78
C GLU A 172 18.94 -26.18 15.54
N ASP A 173 18.31 -26.96 16.43
CA ASP A 173 16.86 -27.19 16.34
C ASP A 173 16.10 -25.88 16.35
N ILE A 174 16.58 -24.91 17.14
CA ILE A 174 15.88 -23.63 17.34
C ILE A 174 15.70 -22.89 16.03
N VAL A 175 16.69 -22.93 15.15
CA VAL A 175 16.65 -22.13 13.91
C VAL A 175 16.28 -22.90 12.66
N ARG A 176 16.44 -24.24 12.65
CA ARG A 176 16.15 -25.01 11.44
C ARG A 176 14.67 -25.30 11.27
N ILE A 177 13.88 -25.25 12.33
CA ILE A 177 12.45 -25.49 12.23
C ILE A 177 11.77 -24.20 11.78
N ARG A 178 11.04 -24.27 10.68
CA ARG A 178 10.54 -23.10 9.99
C ARG A 178 9.03 -23.17 9.75
N HIS A 179 8.50 -24.40 9.65
CA HIS A 179 7.20 -24.55 8.99
C HIS A 179 6.03 -24.05 9.81
N HIS A 180 6.25 -23.62 11.06
CA HIS A 180 5.19 -23.07 11.88
C HIS A 180 5.00 -21.57 11.66
N GLY A 181 5.81 -20.93 10.82
CA GLY A 181 5.69 -19.50 10.60
C GLY A 181 4.53 -19.16 9.68
N LEU A 182 3.78 -18.12 10.05
CA LEU A 182 2.70 -17.63 9.21
C LEU A 182 3.26 -17.14 7.87
N THR A 183 2.60 -17.52 6.77
CA THR A 183 3.15 -17.25 5.45
C THR A 183 2.07 -17.37 4.38
N LEU A 184 2.43 -16.95 3.16
CA LEU A 184 1.53 -16.98 2.01
C LEU A 184 2.43 -16.70 0.81
N ASN A 185 1.95 -17.01 -0.41
CA ASN A 185 0.59 -17.43 -0.70
C ASN A 185 0.49 -18.67 -1.57
N PHE A 186 1.22 -19.74 -1.22
CA PHE A 186 1.04 -21.01 -1.93
C PHE A 186 -0.43 -21.39 -2.04
N THR A 187 -1.16 -21.30 -0.93
CA THR A 187 -2.56 -21.72 -0.97
C THR A 187 -3.35 -20.83 -1.92
N GLY A 188 -3.11 -19.53 -1.89
CA GLY A 188 -3.80 -18.63 -2.80
C GLY A 188 -3.48 -18.87 -4.25
N GLU A 189 -2.19 -19.10 -4.55
CA GLU A 189 -1.82 -19.42 -5.93
C GLU A 189 -2.55 -20.66 -6.40
N VAL A 190 -2.62 -21.68 -5.53
CA VAL A 190 -3.27 -22.93 -5.92
C VAL A 190 -4.75 -22.71 -6.15
N ASP A 191 -5.41 -21.98 -5.24
CA ASP A 191 -6.83 -21.73 -5.39
C ASP A 191 -7.09 -20.88 -6.62
N ARG A 192 -6.27 -19.85 -6.85
CA ARG A 192 -6.51 -18.96 -7.99
C ARG A 192 -6.31 -19.68 -9.33
N ALA A 193 -5.26 -20.50 -9.45
CA ALA A 193 -5.06 -21.29 -10.67
C ALA A 193 -6.19 -22.28 -10.88
N THR A 194 -6.64 -22.94 -9.81
CA THR A 194 -7.76 -23.88 -9.89
C THR A 194 -9.03 -23.20 -10.38
N LEU A 195 -9.28 -21.99 -9.89
CA LEU A 195 -10.45 -21.24 -10.36
C LEU A 195 -10.30 -20.86 -11.84
N TYR A 196 -9.14 -20.31 -12.21
CA TYR A 196 -8.90 -19.92 -13.60
C TYR A 196 -9.02 -21.09 -14.55
N CYS A 197 -8.62 -22.29 -14.11
CA CYS A 197 -8.76 -23.48 -14.92
C CYS A 197 -10.23 -23.84 -15.14
N GLN A 198 -10.99 -23.92 -14.05
CA GLN A 198 -12.35 -24.43 -14.18
C GLN A 198 -13.31 -23.40 -14.76
N ALA A 199 -13.07 -22.11 -14.55
CA ALA A 199 -13.98 -21.07 -15.03
C ALA A 199 -13.53 -20.40 -16.32
N LYS A 200 -12.26 -20.55 -16.71
CA LYS A 200 -11.74 -20.07 -18.00
C LYS A 200 -12.13 -18.62 -18.27
N GLU A 201 -13.06 -18.40 -19.21
CA GLU A 201 -13.38 -17.03 -19.60
C GLU A 201 -14.02 -16.25 -18.45
N GLN A 202 -14.66 -16.94 -17.51
CA GLN A 202 -15.28 -16.30 -16.36
C GLN A 202 -14.36 -16.23 -15.14
N ALA A 203 -13.06 -16.48 -15.31
CA ALA A 203 -12.15 -16.62 -14.16
C ALA A 203 -11.99 -15.31 -13.39
N ALA A 204 -11.63 -14.23 -14.07
CA ALA A 204 -11.34 -12.97 -13.38
C ALA A 204 -12.57 -12.48 -12.64
N ARG A 205 -13.75 -12.62 -13.26
N ARG A 205 -13.74 -12.63 -13.25
CA ARG A 205 -15.00 -12.25 -12.61
CA ARG A 205 -14.99 -12.24 -12.60
C ARG A 205 -15.19 -13.02 -11.30
C ARG A 205 -15.19 -13.02 -11.30
N ALA A 206 -14.95 -14.33 -11.33
CA ALA A 206 -15.14 -15.15 -10.15
C ALA A 206 -14.07 -14.89 -9.09
N ASP A 207 -12.80 -14.73 -9.52
CA ASP A 207 -11.70 -14.49 -8.59
C ASP A 207 -11.81 -13.12 -7.93
N TRP A 208 -12.47 -12.17 -8.59
CA TRP A 208 -12.75 -10.89 -7.97
C TRP A 208 -13.63 -11.07 -6.73
N LEU A 209 -14.62 -11.97 -6.81
CA LEU A 209 -15.43 -12.27 -5.64
C LEU A 209 -14.69 -13.13 -4.62
N ARG A 210 -13.76 -13.97 -5.09
CA ARG A 210 -13.12 -14.94 -4.21
C ARG A 210 -12.18 -14.27 -3.22
N ARG A 211 -11.45 -13.24 -3.65
CA ARG A 211 -10.34 -12.71 -2.84
C ARG A 211 -10.11 -11.24 -3.19
N GLU A 212 -10.23 -10.37 -2.18
CA GLU A 212 -9.91 -8.96 -2.38
C GLU A 212 -8.41 -8.77 -2.58
N LEU A 213 -8.05 -7.93 -3.54
CA LEU A 213 -6.66 -7.53 -3.70
C LEU A 213 -6.52 -6.06 -3.33
N ASP A 214 -5.40 -5.72 -2.68
CA ASP A 214 -5.09 -4.35 -2.32
C ASP A 214 -3.59 -4.13 -2.49
N PRO A 215 -3.19 -3.28 -3.46
CA PRO A 215 -4.07 -2.56 -4.39
C PRO A 215 -4.82 -3.49 -5.33
N PRO A 216 -6.02 -3.08 -5.79
CA PRO A 216 -6.90 -3.99 -6.55
C PRO A 216 -6.51 -4.11 -8.01
N ILE A 217 -5.35 -4.73 -8.25
CA ILE A 217 -4.84 -4.95 -9.59
C ILE A 217 -5.66 -6.05 -10.27
N THR A 218 -5.47 -6.20 -11.58
CA THR A 218 -5.96 -7.39 -12.28
C THR A 218 -4.84 -8.42 -12.32
N PRO A 219 -4.99 -9.57 -11.70
CA PRO A 219 -3.93 -10.58 -11.74
C PRO A 219 -3.57 -10.92 -13.18
N THR A 220 -2.29 -11.24 -13.40
CA THR A 220 -1.78 -11.59 -14.72
C THR A 220 -1.40 -13.07 -14.71
N LEU A 221 -2.17 -13.86 -15.45
CA LEU A 221 -1.82 -15.25 -15.66
C LEU A 221 -0.47 -15.33 -16.35
N PRO A 222 0.56 -15.92 -15.72
CA PRO A 222 1.91 -15.85 -16.30
C PRO A 222 2.01 -16.53 -17.64
N GLU A 223 2.81 -15.91 -18.51
CA GLU A 223 3.12 -16.49 -19.81
C GLU A 223 3.79 -17.83 -19.60
N GLY A 224 3.20 -18.87 -20.18
CA GLY A 224 3.79 -20.19 -20.04
C GLY A 224 3.13 -21.05 -18.99
N LEU A 225 2.24 -20.49 -18.17
CA LEU A 225 1.57 -21.28 -17.14
C LEU A 225 0.23 -21.79 -17.67
N ASP A 226 0.02 -23.10 -17.59
CA ASP A 226 -1.30 -23.69 -17.79
C ASP A 226 -1.99 -23.82 -16.43
N PRO A 227 -2.98 -22.98 -16.11
CA PRO A 227 -3.67 -23.09 -14.80
C PRO A 227 -4.22 -24.47 -14.50
N CYS A 228 -4.49 -25.27 -15.54
CA CYS A 228 -5.08 -26.58 -15.32
C CYS A 228 -4.05 -27.61 -14.86
N ALA A 229 -2.76 -27.31 -15.02
CA ALA A 229 -1.67 -28.14 -14.55
C ALA A 229 -1.26 -27.84 -13.11
N VAL A 230 -2.24 -27.60 -12.24
CA VAL A 230 -2.03 -27.36 -10.81
C VAL A 230 -3.01 -28.22 -10.02
N PRO A 231 -2.69 -29.47 -9.69
CA PRO A 231 -3.66 -30.33 -9.01
C PRO A 231 -3.84 -29.93 -7.56
N ALA A 232 -4.96 -29.27 -7.25
CA ALA A 232 -5.13 -28.63 -5.94
C ALA A 232 -5.11 -29.64 -4.81
N ALA A 233 -5.88 -30.73 -4.94
CA ALA A 233 -5.98 -31.69 -3.84
C ALA A 233 -4.64 -32.31 -3.50
N ALA A 234 -3.88 -32.72 -4.52
CA ALA A 234 -2.59 -33.35 -4.28
C ALA A 234 -1.58 -32.36 -3.71
N LEU A 235 -1.56 -31.13 -4.25
CA LEU A 235 -0.60 -30.14 -3.77
C LEU A 235 -0.91 -29.68 -2.35
N LYS A 236 -2.19 -29.46 -2.04
CA LYS A 236 -2.56 -29.05 -0.68
C LYS A 236 -2.31 -30.17 0.33
N LYS A 237 -2.53 -31.42 -0.08
CA LYS A 237 -2.27 -32.52 0.83
C LYS A 237 -0.80 -32.56 1.22
N ALA A 238 0.10 -32.38 0.25
CA ALA A 238 1.52 -32.36 0.56
C ALA A 238 1.90 -31.14 1.37
N TYR A 239 1.32 -29.98 1.05
CA TYR A 239 1.64 -28.76 1.78
C TYR A 239 1.19 -28.85 3.24
N THR A 240 -0.03 -29.37 3.46
CA THR A 240 -0.51 -29.61 4.82
C THR A 240 0.40 -30.56 5.58
N LEU A 241 0.78 -31.68 4.96
CA LEU A 241 1.70 -32.61 5.60
C LEU A 241 3.02 -31.94 5.97
N ALA A 242 3.49 -30.97 5.18
CA ALA A 242 4.75 -30.32 5.48
C ALA A 242 4.62 -29.27 6.58
N THR A 243 3.44 -28.65 6.74
CA THR A 243 3.34 -27.45 7.57
C THR A 243 2.35 -27.52 8.72
N ALA A 244 1.33 -28.38 8.66
CA ALA A 244 0.28 -28.33 9.67
C ALA A 244 0.82 -28.71 11.06
N ALA A 245 0.21 -28.11 12.09
CA ALA A 245 0.57 -28.43 13.46
C ALA A 245 0.29 -29.90 13.76
N ALA A 246 0.96 -30.42 14.80
CA ALA A 246 0.72 -31.78 15.27
C ALA A 246 -0.77 -32.04 15.46
N ASN A 247 -1.22 -33.22 15.02
CA ASN A 247 -2.63 -33.59 15.03
C ASN A 247 -2.79 -35.00 15.59
N PHE A 248 -3.87 -35.22 16.35
CA PHE A 248 -4.14 -36.50 17.00
C PHE A 248 -5.57 -36.91 16.72
N PRO A 249 -5.84 -37.41 15.52
CA PRO A 249 -7.19 -37.83 15.16
C PRO A 249 -7.51 -39.22 15.69
N LYS A 250 -8.81 -39.41 15.95
CA LYS A 250 -9.28 -40.69 16.46
C LYS A 250 -8.86 -41.85 15.54
N GLU A 251 -8.82 -41.61 14.23
CA GLU A 251 -8.50 -42.68 13.26
C GLU A 251 -7.17 -43.39 13.55
N ALA A 252 -6.19 -42.69 14.12
CA ALA A 252 -4.90 -43.31 14.46
C ALA A 252 -4.78 -43.71 15.93
N TRP A 253 -5.85 -43.55 16.72
CA TRP A 253 -5.79 -43.83 18.15
C TRP A 253 -7.02 -44.60 18.63
N SER A 282 -4.61 -9.50 13.98
CA SER A 282 -3.84 -8.77 14.97
C SER A 282 -4.10 -7.27 14.86
N ASN A 283 -4.13 -6.59 16.00
CA ASN A 283 -4.14 -5.14 16.04
C ASN A 283 -2.92 -4.68 16.81
N ASN A 284 -2.40 -3.50 16.44
CA ASN A 284 -1.56 -2.78 17.39
C ASN A 284 -1.72 -1.29 17.17
N TRP A 285 -1.29 -0.51 18.15
CA TRP A 285 -1.26 0.93 18.00
C TRP A 285 -0.29 1.53 19.00
N VAL A 286 0.16 2.73 18.69
CA VAL A 286 1.02 3.49 19.59
C VAL A 286 0.52 4.93 19.57
N ILE A 287 0.47 5.56 20.73
CA ILE A 287 -0.10 6.90 20.89
C ILE A 287 0.92 7.80 21.58
N ALA A 288 1.16 8.98 20.99
CA ALA A 288 2.17 9.88 21.53
C ALA A 288 1.69 10.53 22.83
N GLY A 289 2.65 11.02 23.63
CA GLY A 289 2.30 11.59 24.93
C GLY A 289 1.38 12.81 24.85
N SER A 290 1.42 13.55 23.75
CA SER A 290 0.49 14.67 23.62
C SER A 290 -0.97 14.23 23.52
N ARG A 291 -1.22 12.94 23.29
CA ARG A 291 -2.56 12.40 23.14
C ARG A 291 -2.91 11.36 24.22
N THR A 292 -2.18 11.32 25.33
CA THR A 292 -2.48 10.40 26.42
C THR A 292 -2.74 11.15 27.70
N SER A 293 -3.53 10.51 28.57
CA SER A 293 -3.81 11.03 29.89
C SER A 293 -2.56 11.03 30.78
N THR A 294 -1.56 10.22 30.46
CA THR A 294 -0.33 10.13 31.25
C THR A 294 0.74 11.12 30.81
N GLY A 295 0.65 11.64 29.58
CA GLY A 295 1.73 12.41 29.02
C GLY A 295 2.84 11.59 28.45
N ARG A 296 2.80 10.26 28.64
CA ARG A 296 3.80 9.33 28.14
C ARG A 296 3.19 8.49 27.03
N PRO A 297 4.00 7.89 26.15
CA PRO A 297 3.42 7.09 25.07
C PRO A 297 2.64 5.90 25.62
N ILE A 298 1.66 5.44 24.84
CA ILE A 298 0.94 4.20 25.13
C ILE A 298 1.09 3.27 23.92
N LEU A 299 1.46 2.02 24.17
CA LEU A 299 1.62 1.03 23.11
C LEU A 299 0.79 -0.21 23.44
N ALA A 300 -0.05 -0.64 22.49
CA ALA A 300 -0.96 -1.76 22.65
C ALA A 300 -0.75 -2.76 21.53
N ASN A 301 -0.97 -4.04 21.84
CA ASN A 301 -0.80 -5.12 20.88
C ASN A 301 -1.66 -6.29 21.32
N ASP A 302 -2.53 -6.77 20.43
CA ASP A 302 -3.20 -8.06 20.64
C ASP A 302 -3.09 -8.88 19.36
N PRO A 303 -2.10 -9.78 19.28
CA PRO A 303 -2.03 -10.67 18.13
C PRO A 303 -3.28 -11.55 18.03
N HIS A 304 -3.69 -11.86 16.81
CA HIS A 304 -4.84 -12.75 16.62
C HIS A 304 -4.33 -14.06 16.03
N ARG A 305 -4.37 -15.12 16.81
CA ARG A 305 -3.80 -16.41 16.44
C ARG A 305 -4.74 -17.50 16.91
N ALA A 306 -4.45 -18.72 16.48
CA ALA A 306 -5.21 -19.89 16.94
C ALA A 306 -5.22 -20.00 18.46
N HIS A 307 -6.38 -20.33 19.01
CA HIS A 307 -6.55 -20.57 20.43
C HIS A 307 -6.32 -22.03 20.76
N GLY A 308 -5.89 -22.28 22.00
CA GLY A 308 -5.66 -23.65 22.42
C GLY A 308 -5.24 -23.72 23.87
N ALA A 309 -5.19 -24.95 24.38
CA ALA A 309 -4.62 -25.23 25.70
C ALA A 309 -3.46 -26.20 25.49
N PRO A 310 -2.21 -25.85 25.85
CA PRO A 310 -1.86 -24.51 26.33
C PRO A 310 -1.77 -23.50 25.20
N SER A 311 -1.68 -22.22 25.57
CA SER A 311 -1.76 -21.13 24.64
C SER A 311 -0.55 -21.09 23.70
N LEU A 312 -0.73 -20.36 22.59
CA LEU A 312 0.35 -20.23 21.60
C LEU A 312 1.55 -19.49 22.17
N ARG A 313 1.32 -18.41 22.92
CA ARG A 313 2.39 -17.60 23.48
C ARG A 313 2.44 -17.69 25.00
N TYR A 314 3.57 -17.24 25.54
CA TYR A 314 3.95 -17.43 26.94
C TYR A 314 4.62 -16.16 27.41
N VAL A 315 4.21 -15.67 28.57
CA VAL A 315 4.75 -14.41 29.06
C VAL A 315 5.92 -14.72 29.98
N SER A 316 7.04 -14.01 29.80
CA SER A 316 8.19 -14.16 30.69
C SER A 316 9.00 -12.86 30.77
N HIS A 317 9.96 -12.84 31.69
CA HIS A 317 10.71 -11.64 32.04
C HIS A 317 12.14 -12.04 32.33
N LEU A 318 13.10 -11.45 31.61
CA LEU A 318 14.51 -11.85 31.67
C LEU A 318 15.37 -10.69 32.17
N ASN A 319 16.13 -10.93 33.24
CA ASN A 319 17.02 -9.93 33.81
C ASN A 319 18.43 -10.50 33.91
N ALA A 320 19.39 -9.76 33.40
CA ALA A 320 20.81 -10.11 33.53
C ALA A 320 21.62 -8.85 33.23
N PRO A 321 22.93 -8.91 33.44
CA PRO A 321 23.76 -7.79 32.97
C PRO A 321 23.49 -7.49 31.50
N GLY A 322 23.06 -6.26 31.23
CA GLY A 322 22.74 -5.81 29.88
C GLY A 322 21.42 -6.29 29.31
N LEU A 323 20.54 -6.84 30.14
CA LEU A 323 19.30 -7.44 29.66
C LEU A 323 18.20 -7.22 30.68
N SER A 324 17.07 -6.69 30.23
CA SER A 324 15.95 -6.36 31.11
C SER A 324 14.65 -6.32 30.30
N VAL A 325 14.29 -7.43 29.66
CA VAL A 325 13.19 -7.44 28.70
C VAL A 325 12.05 -8.31 29.24
N ILE A 326 10.82 -7.85 29.05
CA ILE A 326 9.63 -8.56 29.52
C ILE A 326 8.59 -8.59 28.40
N GLY A 327 7.81 -9.65 28.35
CA GLY A 327 6.77 -9.77 27.34
C GLY A 327 6.49 -11.23 27.01
N ALA A 328 6.19 -11.48 25.73
CA ALA A 328 5.69 -12.77 25.29
C ALA A 328 6.42 -13.22 24.03
N GLY A 329 6.36 -14.53 23.80
CA GLY A 329 6.78 -15.18 22.56
C GLY A 329 6.35 -16.63 22.63
N GLU A 330 6.55 -17.36 21.54
CA GLU A 330 6.24 -18.77 21.61
C GLU A 330 7.23 -19.46 22.57
N PRO A 331 6.75 -20.36 23.42
CA PRO A 331 7.59 -20.81 24.56
C PRO A 331 8.80 -21.64 24.15
N PHE A 332 8.86 -22.15 22.91
CA PHE A 332 10.05 -22.87 22.46
C PHE A 332 11.14 -21.94 21.94
N LEU A 333 10.90 -20.62 21.86
CA LEU A 333 11.88 -19.69 21.29
C LEU A 333 12.55 -18.86 22.36
N PRO A 334 13.89 -18.76 22.35
CA PRO A 334 14.61 -17.94 23.34
C PRO A 334 14.27 -16.47 23.14
N GLY A 335 14.27 -15.72 24.23
CA GLY A 335 14.11 -14.27 24.13
C GLY A 335 12.67 -13.83 24.21
N ILE A 336 12.45 -12.56 23.86
CA ILE A 336 11.13 -11.93 23.89
C ILE A 336 10.93 -11.19 22.58
N SER A 337 9.78 -11.38 21.93
CA SER A 337 9.56 -10.67 20.68
C SER A 337 8.45 -9.63 20.74
N ILE A 338 7.60 -9.64 21.78
CA ILE A 338 6.56 -8.64 21.98
C ILE A 338 6.66 -8.17 23.42
N GLY A 339 6.79 -6.86 23.63
CA GLY A 339 6.89 -6.35 24.98
C GLY A 339 7.72 -5.08 25.03
N HIS A 340 8.61 -5.01 26.03
CA HIS A 340 9.48 -3.85 26.24
C HIS A 340 10.71 -4.25 27.02
N ASN A 341 11.74 -3.38 26.99
CA ASN A 341 12.95 -3.68 27.77
C ASN A 341 13.31 -2.58 28.76
N GLY A 342 12.32 -1.80 29.21
CA GLY A 342 12.59 -0.73 30.12
C GLY A 342 13.05 0.56 29.46
N THR A 343 13.38 0.51 28.18
CA THR A 343 13.59 1.72 27.39
C THR A 343 12.66 1.80 26.19
N ILE A 344 12.61 0.75 25.37
CA ILE A 344 11.73 0.75 24.20
C ILE A 344 10.65 -0.32 24.36
N ALA A 345 9.59 -0.15 23.56
CA ALA A 345 8.48 -1.09 23.51
C ALA A 345 8.11 -1.39 22.07
N PHE A 346 7.60 -2.59 21.84
CA PHE A 346 7.33 -3.09 20.50
C PHE A 346 6.19 -4.11 20.53
N GLY A 347 5.36 -4.10 19.46
CA GLY A 347 4.32 -5.08 19.24
C GLY A 347 4.12 -5.25 17.74
N LEU A 348 3.40 -6.29 17.34
CA LEU A 348 3.41 -6.62 15.91
C LEU A 348 2.03 -7.03 15.38
N THR A 349 1.86 -6.82 14.07
CA THR A 349 0.75 -7.41 13.32
C THR A 349 1.27 -7.85 11.97
N ARG A 350 0.63 -8.88 11.39
CA ARG A 350 1.12 -9.44 10.14
C ARG A 350 1.14 -8.40 9.03
N PHE A 351 2.23 -8.41 8.27
CA PHE A 351 2.44 -7.59 7.09
C PHE A 351 2.74 -8.55 5.94
N TYR A 352 1.92 -8.54 4.89
CA TYR A 352 1.83 -9.72 4.01
C TYR A 352 2.73 -9.60 2.79
N MET A 353 4.04 -9.71 3.02
CA MET A 353 4.93 -9.92 1.89
C MET A 353 4.70 -11.31 1.34
N ASP A 354 4.65 -11.42 0.03
CA ASP A 354 4.44 -12.69 -0.62
C ASP A 354 5.73 -13.49 -0.55
N GLN A 355 5.74 -14.55 0.27
CA GLN A 355 6.97 -15.30 0.54
C GLN A 355 6.91 -16.75 0.05
N GLU A 356 5.93 -17.11 -0.78
CA GLU A 356 5.85 -18.46 -1.33
C GLU A 356 5.37 -18.40 -2.77
N ASP A 357 6.10 -19.04 -3.67
CA ASP A 357 5.64 -19.25 -5.04
C ASP A 357 5.65 -20.73 -5.36
N LEU A 358 4.62 -21.18 -6.06
CA LEU A 358 4.61 -22.54 -6.55
C LEU A 358 5.26 -22.58 -7.93
N TYR A 359 6.23 -23.46 -8.10
CA TYR A 359 6.95 -23.62 -9.37
C TYR A 359 6.52 -24.91 -10.07
N VAL A 360 6.30 -24.83 -11.38
CA VAL A 360 5.79 -25.92 -12.18
C VAL A 360 6.85 -26.33 -13.20
N TYR A 361 7.17 -27.62 -13.23
CA TYR A 361 8.30 -28.09 -14.04
C TYR A 361 7.88 -29.14 -15.05
N GLU A 362 8.59 -29.15 -16.18
CA GLU A 362 8.51 -30.23 -17.15
C GLU A 362 9.67 -31.18 -16.86
N THR A 363 9.37 -32.48 -16.78
CA THR A 363 10.38 -33.48 -16.44
C THR A 363 10.71 -34.37 -17.64
N ASP A 364 11.94 -34.87 -17.66
CA ASP A 364 12.41 -35.71 -18.76
C ASP A 364 11.61 -37.00 -18.79
N PRO A 365 11.00 -37.36 -19.94
CA PRO A 365 10.31 -38.66 -20.02
C PRO A 365 11.26 -39.84 -19.83
N ALA A 366 12.53 -39.65 -20.20
CA ALA A 366 13.56 -40.66 -20.01
C ALA A 366 14.18 -40.62 -18.61
N GLN A 367 13.94 -39.56 -17.85
CA GLN A 367 14.51 -39.43 -16.51
C GLN A 367 13.62 -38.51 -15.69
N PRO A 368 12.61 -39.06 -15.03
CA PRO A 368 11.63 -38.21 -14.32
C PRO A 368 12.21 -37.40 -13.17
N LYS A 369 13.40 -37.73 -12.68
CA LYS A 369 14.05 -36.92 -11.67
C LYS A 369 14.84 -35.76 -12.26
N SER A 370 14.63 -35.44 -13.54
CA SER A 370 15.26 -34.30 -14.21
C SER A 370 14.17 -33.39 -14.75
N TYR A 371 14.36 -32.08 -14.61
CA TYR A 371 13.39 -31.09 -15.06
C TYR A 371 14.05 -30.12 -16.03
N ARG A 372 13.25 -29.53 -16.93
CA ARG A 372 13.77 -28.56 -17.89
C ARG A 372 14.08 -27.23 -17.20
N TYR A 373 15.32 -26.75 -17.37
CA TYR A 373 15.75 -25.47 -16.81
C TYR A 373 16.74 -24.83 -17.77
N ARG A 374 16.34 -23.72 -18.37
CA ARG A 374 17.18 -22.96 -19.30
C ARG A 374 17.69 -23.87 -20.42
N GLY A 375 16.77 -24.62 -21.00
CA GLY A 375 17.08 -25.42 -22.16
C GLY A 375 17.85 -26.70 -21.89
N ARG A 376 18.13 -27.03 -20.63
CA ARG A 376 18.83 -28.28 -20.30
C ARG A 376 17.96 -29.11 -19.35
N TRP A 377 18.24 -30.41 -19.30
CA TRP A 377 17.65 -31.28 -18.29
C TRP A 377 18.51 -31.20 -17.04
N GLU A 378 17.93 -30.68 -15.96
CA GLU A 378 18.65 -30.48 -14.71
C GLU A 378 18.19 -31.52 -13.70
N PRO A 379 19.09 -32.26 -13.06
CA PRO A 379 18.64 -33.33 -12.16
C PRO A 379 18.17 -32.75 -10.83
N MET A 380 17.09 -33.34 -10.30
CA MET A 380 16.72 -33.03 -8.94
C MET A 380 17.80 -33.50 -7.97
N GLU A 381 17.93 -32.79 -6.86
CA GLU A 381 18.69 -33.27 -5.72
C GLU A 381 17.79 -34.19 -4.91
N THR A 382 18.27 -35.39 -4.63
CA THR A 382 17.51 -36.37 -3.87
C THR A 382 18.29 -36.69 -2.61
N ILE A 383 17.63 -36.55 -1.45
CA ILE A 383 18.22 -36.92 -0.18
C ILE A 383 17.46 -38.12 0.38
N THR A 384 18.12 -38.84 1.27
CA THR A 384 17.57 -40.04 1.90
C THR A 384 17.40 -39.80 3.39
N GLU A 385 16.23 -40.15 3.93
CA GLU A 385 15.97 -39.95 5.35
C GLU A 385 15.57 -41.26 5.99
N LYS A 386 15.99 -41.46 7.24
CA LYS A 386 15.60 -42.63 8.03
C LYS A 386 14.56 -42.17 9.03
N ILE A 387 13.40 -42.79 9.00
CA ILE A 387 12.29 -42.41 9.86
C ILE A 387 11.99 -43.59 10.77
N THR A 388 12.21 -43.40 12.07
CA THR A 388 11.89 -44.43 13.05
C THR A 388 10.38 -44.49 13.27
N VAL A 389 9.84 -45.71 13.39
CA VAL A 389 8.41 -45.90 13.51
C VAL A 389 8.11 -46.81 14.69
N ARG A 390 7.24 -46.35 15.59
CA ARG A 390 6.75 -47.19 16.68
C ARG A 390 6.14 -48.48 16.13
N GLY A 391 6.61 -49.62 16.61
CA GLY A 391 6.11 -50.88 16.15
C GLY A 391 6.81 -51.47 14.95
N GLU A 392 7.84 -50.81 14.43
CA GLU A 392 8.66 -51.34 13.34
C GLU A 392 10.12 -51.39 13.78
N ALA A 393 10.75 -52.54 13.57
CA ALA A 393 12.11 -52.75 14.08
C ALA A 393 13.14 -51.95 13.27
N GLU A 394 12.89 -51.76 11.97
CA GLU A 394 13.82 -50.97 11.17
C GLU A 394 13.21 -49.63 10.81
N PRO A 395 13.98 -48.54 10.83
CA PRO A 395 13.44 -47.26 10.34
C PRO A 395 13.07 -47.36 8.88
N ARG A 396 12.01 -46.64 8.49
CA ARG A 396 11.71 -46.51 7.08
C ARG A 396 12.83 -45.72 6.40
N THR A 397 13.21 -46.15 5.21
CA THR A 397 14.10 -45.38 4.35
C THR A 397 13.23 -44.69 3.31
N VAL A 398 13.24 -43.36 3.33
CA VAL A 398 12.46 -42.57 2.39
C VAL A 398 13.40 -41.61 1.67
N THR A 399 12.92 -41.04 0.55
CA THR A 399 13.67 -40.03 -0.18
C THR A 399 12.87 -38.73 -0.29
N ILE A 400 13.57 -37.63 -0.44
CA ILE A 400 12.96 -36.32 -0.67
C ILE A 400 13.67 -35.68 -1.85
N ASP A 401 12.90 -35.20 -2.83
CA ASP A 401 13.44 -34.53 -4.01
C ASP A 401 13.31 -33.01 -3.89
N PHE A 402 14.32 -32.31 -4.39
CA PHE A 402 14.37 -30.86 -4.44
C PHE A 402 14.75 -30.43 -5.86
N THR A 403 14.15 -29.35 -6.34
CA THR A 403 14.71 -28.67 -7.50
C THR A 403 15.67 -27.61 -6.97
N ARG A 404 16.25 -26.83 -7.87
CA ARG A 404 17.05 -25.70 -7.42
C ARG A 404 16.22 -24.67 -6.65
N HIS A 405 14.89 -24.73 -6.76
CA HIS A 405 14.02 -23.74 -6.14
C HIS A 405 13.41 -24.19 -4.82
N GLY A 406 13.38 -25.49 -4.52
CA GLY A 406 12.79 -25.93 -3.29
C GLY A 406 12.32 -27.37 -3.34
N PRO A 407 11.71 -27.82 -2.25
CA PRO A 407 11.31 -29.23 -2.17
C PRO A 407 10.19 -29.54 -3.15
N VAL A 408 10.26 -30.72 -3.74
CA VAL A 408 9.21 -31.19 -4.64
C VAL A 408 8.01 -31.61 -3.79
N LEU A 409 6.85 -31.01 -4.05
CA LEU A 409 5.64 -31.37 -3.33
C LEU A 409 4.92 -32.56 -3.95
N HIS A 410 5.00 -32.71 -5.27
CA HIS A 410 4.17 -33.66 -6.00
C HIS A 410 4.77 -33.86 -7.39
N ALA A 411 4.58 -35.06 -7.93
CA ALA A 411 5.01 -35.35 -9.29
C ALA A 411 3.97 -36.23 -9.97
N ASP A 412 3.81 -36.02 -11.27
CA ASP A 412 2.92 -36.85 -12.07
C ASP A 412 3.72 -37.21 -13.32
N ASP A 413 4.22 -38.45 -13.36
CA ASP A 413 5.09 -38.83 -14.47
C ASP A 413 4.34 -39.03 -15.76
N ALA A 414 3.01 -39.24 -15.69
CA ALA A 414 2.22 -39.36 -16.91
C ALA A 414 2.31 -38.08 -17.74
N SER A 415 2.08 -36.93 -17.11
CA SER A 415 2.15 -35.66 -17.83
C SER A 415 3.54 -35.04 -17.83
N HIS A 416 4.53 -35.74 -17.25
CA HIS A 416 5.92 -35.26 -17.19
C HIS A 416 5.99 -33.89 -16.53
N ARG A 417 5.31 -33.77 -15.39
CA ARG A 417 5.27 -32.53 -14.64
C ARG A 417 5.59 -32.85 -13.19
N ALA A 418 6.24 -31.89 -12.53
CA ALA A 418 6.47 -31.93 -11.09
C ALA A 418 6.28 -30.50 -10.54
N TRP A 419 6.02 -30.42 -9.24
CA TRP A 419 5.72 -29.17 -8.57
C TRP A 419 6.59 -29.01 -7.33
N ALA A 420 7.22 -27.84 -7.17
CA ALA A 420 8.06 -27.52 -6.03
C ALA A 420 7.62 -26.23 -5.38
N LEU A 421 7.83 -26.15 -4.06
CA LEU A 421 7.52 -24.95 -3.31
C LEU A 421 8.79 -24.12 -3.22
N ARG A 422 8.75 -22.91 -3.79
CA ARG A 422 9.80 -21.94 -3.59
C ARG A 422 9.37 -21.05 -2.43
N ALA A 423 9.88 -21.35 -1.25
CA ALA A 423 9.47 -20.70 -0.02
C ALA A 423 10.62 -19.84 0.48
N ALA A 424 10.39 -18.54 0.56
CA ALA A 424 11.41 -17.69 1.16
C ALA A 424 11.71 -18.14 2.58
N TRP A 425 10.74 -18.78 3.25
CA TRP A 425 10.96 -19.20 4.62
C TRP A 425 11.84 -20.44 4.73
N LEU A 426 12.29 -21.01 3.62
CA LEU A 426 13.35 -22.00 3.67
C LEU A 426 14.75 -21.40 3.51
N ASP A 427 14.85 -20.11 3.20
CA ASP A 427 16.14 -19.44 3.05
C ASP A 427 16.68 -19.02 4.43
N THR A 428 17.91 -18.51 4.42
CA THR A 428 18.60 -18.11 5.65
C THR A 428 17.83 -17.05 6.40
N GLY A 429 17.76 -17.20 7.72
CA GLY A 429 17.27 -16.15 8.58
C GLY A 429 15.79 -16.14 8.84
N MET A 430 15.08 -17.23 8.55
CA MET A 430 13.63 -17.20 8.55
C MET A 430 13.01 -18.01 9.69
N ALA A 431 13.77 -18.31 10.74
CA ALA A 431 13.17 -18.85 11.96
C ALA A 431 12.19 -17.81 12.49
N PRO A 432 10.91 -18.14 12.63
CA PRO A 432 9.92 -17.11 12.99
C PRO A 432 10.27 -16.41 14.29
N TYR A 433 10.21 -15.07 14.25
CA TYR A 433 10.36 -14.13 15.36
C TYR A 433 11.77 -14.03 15.92
N PHE A 434 12.71 -14.84 15.44
CA PHE A 434 14.03 -14.91 16.04
C PHE A 434 14.89 -13.69 15.73
N GLY A 435 14.47 -12.85 14.78
CA GLY A 435 15.12 -11.56 14.59
C GLY A 435 15.03 -10.66 15.82
N SER A 436 14.13 -10.98 16.75
CA SER A 436 14.03 -10.26 18.01
C SER A 436 15.32 -10.33 18.81
N MET A 437 16.23 -11.27 18.47
CA MET A 437 17.56 -11.29 19.07
C MET A 437 18.22 -9.91 19.01
N ASP A 438 18.01 -9.20 17.90
CA ASP A 438 18.71 -7.95 17.66
C ASP A 438 17.94 -6.73 18.16
N TYR A 439 16.72 -6.89 18.68
CA TYR A 439 16.10 -5.73 19.28
C TYR A 439 15.71 -5.89 20.74
N MET A 440 15.86 -7.10 21.32
CA MET A 440 15.65 -7.25 22.76
C MET A 440 16.47 -6.26 23.57
N ARG A 441 17.64 -5.87 23.06
CA ARG A 441 18.54 -4.99 23.77
C ARG A 441 18.65 -3.60 23.13
N ALA A 442 17.79 -3.28 22.16
CA ALA A 442 17.86 -1.96 21.54
C ALA A 442 17.33 -0.88 22.49
N THR A 443 17.95 0.30 22.46
CA THR A 443 17.61 1.38 23.38
C THR A 443 17.14 2.64 22.69
N ASN A 444 17.02 2.64 21.36
CA ASN A 444 16.57 3.83 20.65
C ASN A 444 16.09 3.41 19.26
N TRP A 445 15.63 4.40 18.50
CA TRP A 445 15.01 4.14 17.20
C TRP A 445 16.02 3.69 16.17
N ASP A 446 17.21 4.28 16.17
CA ASP A 446 18.22 3.84 15.22
C ASP A 446 18.53 2.36 15.40
N GLN A 447 18.66 1.90 16.65
CA GLN A 447 18.96 0.49 16.85
C GLN A 447 17.77 -0.40 16.48
N PHE A 448 16.55 0.03 16.82
CA PHE A 448 15.36 -0.75 16.49
C PHE A 448 15.14 -0.81 14.98
N ARG A 449 15.25 0.34 14.32
CA ARG A 449 15.15 0.35 12.87
C ARG A 449 16.22 -0.54 12.24
N ALA A 450 17.42 -0.56 12.83
CA ALA A 450 18.51 -1.37 12.30
C ALA A 450 18.24 -2.86 12.46
N ALA A 451 17.78 -3.25 13.64
CA ALA A 451 17.43 -4.65 13.90
C ALA A 451 16.36 -5.14 12.92
N MET A 452 15.38 -4.28 12.61
CA MET A 452 14.36 -4.69 11.65
C MET A 452 14.90 -4.85 10.23
N ASN A 453 16.09 -4.32 9.94
CA ASN A 453 16.73 -4.55 8.64
C ASN A 453 16.88 -6.03 8.34
N ARG A 454 17.16 -6.83 9.38
CA ARG A 454 17.39 -8.26 9.23
C ARG A 454 16.21 -9.10 9.69
N TRP A 455 15.05 -8.48 9.95
CA TRP A 455 13.87 -9.23 10.37
C TRP A 455 13.38 -10.12 9.23
N GLY A 456 13.22 -11.42 9.51
CA GLY A 456 12.94 -12.37 8.45
C GLY A 456 11.49 -12.77 8.28
N ALA A 457 10.94 -13.47 9.28
CA ALA A 457 9.62 -14.08 9.23
C ALA A 457 8.95 -13.98 10.60
N PRO A 458 7.61 -13.91 10.64
CA PRO A 458 6.73 -13.67 9.51
C PRO A 458 6.90 -12.20 9.12
N GLY A 459 6.37 -11.77 7.99
CA GLY A 459 6.29 -10.34 7.71
C GLY A 459 5.51 -9.64 8.81
N GLU A 460 5.99 -8.51 9.32
CA GLU A 460 5.31 -7.87 10.45
C GLU A 460 5.40 -6.36 10.38
N ASN A 461 4.29 -5.72 10.72
CA ASN A 461 4.28 -4.34 11.22
C ASN A 461 4.80 -4.32 12.64
N GLN A 462 5.88 -3.59 12.90
CA GLN A 462 6.25 -3.30 14.29
C GLN A 462 5.78 -1.89 14.60
N VAL A 463 5.10 -1.73 15.73
CA VAL A 463 4.92 -0.40 16.29
C VAL A 463 5.98 -0.23 17.37
N TYR A 464 6.45 0.99 17.56
CA TYR A 464 7.58 1.29 18.44
C TYR A 464 7.22 2.44 19.35
N ALA A 465 7.68 2.38 20.59
CA ALA A 465 7.64 3.52 21.49
C ALA A 465 8.80 3.40 22.45
N ASP A 466 9.20 4.54 23.02
CA ASP A 466 10.24 4.52 24.04
C ASP A 466 9.91 5.49 25.16
N ARG A 467 10.63 5.34 26.27
CA ARG A 467 10.37 6.16 27.45
C ARG A 467 10.82 7.60 27.26
N ASN A 468 11.51 7.91 26.17
CA ASN A 468 11.82 9.29 25.80
C ASN A 468 10.70 9.95 25.00
N GLY A 469 9.57 9.25 24.84
CA GLY A 469 8.41 9.82 24.19
C GLY A 469 8.30 9.57 22.71
N ASN A 470 9.22 8.83 22.10
CA ASN A 470 9.11 8.61 20.67
C ASN A 470 8.14 7.48 20.37
N ILE A 471 7.50 7.59 19.22
CA ILE A 471 6.63 6.56 18.68
C ILE A 471 7.05 6.30 17.24
N GLY A 472 6.83 5.07 16.77
CA GLY A 472 7.23 4.76 15.40
C GLY A 472 6.59 3.49 14.91
N TRP A 473 6.76 3.26 13.60
CA TRP A 473 6.25 2.09 12.90
C TRP A 473 7.22 1.67 11.80
N ILE A 474 7.51 0.39 11.72
CA ILE A 474 8.36 -0.14 10.66
C ILE A 474 7.92 -1.56 10.35
N PRO A 475 7.49 -1.82 9.12
CA PRO A 475 7.24 -3.20 8.69
C PRO A 475 8.54 -3.83 8.24
N GLY A 476 8.61 -5.15 8.38
CA GLY A 476 9.82 -5.86 7.97
C GLY A 476 9.50 -7.30 7.66
N GLY A 477 10.43 -7.93 6.98
CA GLY A 477 10.32 -9.31 6.53
C GLY A 477 11.03 -9.45 5.20
N LEU A 478 11.54 -10.66 4.96
CA LEU A 478 12.24 -10.95 3.72
C LEU A 478 11.31 -10.72 2.53
N THR A 479 11.73 -9.82 1.61
CA THR A 479 10.83 -9.33 0.56
C THR A 479 11.39 -9.73 -0.80
N VAL A 480 10.66 -10.61 -1.50
CA VAL A 480 11.04 -11.16 -2.78
C VAL A 480 10.85 -10.12 -3.88
N ILE A 481 11.80 -10.07 -4.79
CA ILE A 481 11.67 -9.24 -5.99
C ILE A 481 11.33 -10.15 -7.15
N ARG A 482 10.16 -9.93 -7.74
CA ARG A 482 9.71 -10.67 -8.92
C ARG A 482 9.69 -9.68 -10.08
N PRO A 483 10.70 -9.70 -10.96
CA PRO A 483 10.77 -8.65 -12.00
C PRO A 483 9.64 -8.73 -13.02
N ASN A 484 9.05 -9.91 -13.26
CA ASN A 484 8.13 -10.09 -14.38
C ASN A 484 6.93 -10.97 -14.07
N TRP A 485 6.52 -11.09 -12.81
CA TRP A 485 5.21 -11.68 -12.52
C TRP A 485 4.76 -11.18 -11.15
N ASP A 486 3.45 -11.28 -10.89
CA ASP A 486 2.87 -10.66 -9.70
C ASP A 486 2.74 -11.60 -8.51
N GLY A 487 3.19 -12.86 -8.64
CA GLY A 487 3.19 -13.81 -7.55
C GLY A 487 1.84 -14.32 -7.10
N LEU A 488 0.77 -14.02 -7.83
CA LEU A 488 -0.58 -14.47 -7.50
C LEU A 488 -0.95 -15.77 -8.18
N PHE A 489 -0.11 -16.26 -9.09
CA PHE A 489 -0.25 -17.54 -9.76
C PHE A 489 1.04 -18.34 -9.62
N PRO A 490 0.97 -19.66 -9.77
CA PRO A 490 2.20 -20.44 -9.98
C PRO A 490 2.90 -20.03 -11.26
N VAL A 491 4.21 -20.27 -11.31
CA VAL A 491 5.02 -20.00 -12.49
C VAL A 491 5.68 -21.27 -13.01
N PRO A 492 5.96 -21.36 -14.30
CA PRO A 492 6.84 -22.42 -14.78
C PRO A 492 8.24 -22.22 -14.23
N GLY A 493 8.86 -23.33 -13.83
CA GLY A 493 10.14 -23.24 -13.17
C GLY A 493 11.38 -23.40 -14.03
N ASP A 494 11.29 -23.11 -15.34
CA ASP A 494 12.40 -23.34 -16.26
C ASP A 494 13.39 -22.17 -16.33
N GLY A 495 13.27 -21.18 -15.46
CA GLY A 495 14.19 -20.06 -15.45
C GLY A 495 13.62 -18.78 -16.02
N ARG A 496 12.45 -18.84 -16.66
CA ARG A 496 11.82 -17.63 -17.14
C ARG A 496 11.29 -16.76 -15.99
N TYR A 497 11.09 -17.34 -14.80
CA TYR A 497 10.58 -16.59 -13.65
C TYR A 497 11.48 -16.84 -12.45
N GLU A 498 12.34 -15.86 -12.14
CA GLU A 498 13.35 -16.00 -11.10
C GLU A 498 13.32 -14.81 -10.16
N TRP A 499 13.31 -15.10 -8.88
CA TRP A 499 13.51 -14.06 -7.90
C TRP A 499 14.80 -13.33 -8.24
N ALA A 500 14.77 -12.02 -8.13
CA ALA A 500 15.94 -11.19 -8.40
C ALA A 500 16.49 -10.70 -7.08
N GLY A 501 16.45 -11.54 -6.07
CA GLY A 501 17.00 -11.15 -4.78
C GLY A 501 15.93 -10.56 -3.89
N TYR A 502 16.40 -9.83 -2.87
CA TYR A 502 15.53 -9.37 -1.81
C TYR A 502 15.66 -7.85 -1.67
N ARG A 503 14.55 -7.20 -1.34
CA ARG A 503 14.58 -5.77 -1.08
C ARG A 503 15.30 -5.49 0.23
N ASN A 504 16.08 -4.41 0.24
CA ASN A 504 16.54 -3.85 1.50
C ASN A 504 15.35 -3.24 2.24
N MET A 505 15.39 -3.34 3.56
CA MET A 505 14.24 -2.88 4.34
C MET A 505 14.07 -1.37 4.28
N ASP A 506 15.11 -0.64 3.90
CA ASP A 506 14.94 0.80 3.69
C ASP A 506 14.10 1.12 2.46
N GLU A 507 13.67 0.12 1.69
CA GLU A 507 12.76 0.37 0.59
C GLU A 507 11.31 0.31 1.02
N LEU A 508 11.03 -0.16 2.22
CA LEU A 508 9.67 -0.17 2.70
C LEU A 508 9.38 1.12 3.44
N PRO A 509 8.10 1.48 3.57
CA PRO A 509 7.74 2.70 4.31
C PRO A 509 7.97 2.56 5.81
N TRP A 510 8.03 3.70 6.49
CA TRP A 510 8.12 3.73 7.94
C TRP A 510 7.65 5.09 8.42
N ALA A 511 7.46 5.20 9.73
CA ALA A 511 7.04 6.46 10.33
C ALA A 511 7.72 6.61 11.67
N TYR A 512 8.15 7.82 11.97
CA TYR A 512 8.81 8.13 13.23
C TYR A 512 8.28 9.46 13.71
N ASN A 513 7.68 9.45 14.90
CA ASN A 513 7.00 10.61 15.48
C ASN A 513 6.13 11.33 14.44
N PRO A 514 5.16 10.63 13.84
CA PRO A 514 4.29 11.30 12.88
C PRO A 514 3.52 12.43 13.55
N SER A 515 3.09 13.41 12.74
N SER A 515 3.09 13.39 12.72
CA SER A 515 2.55 14.62 13.35
CA SER A 515 2.51 14.62 13.24
C SER A 515 1.17 14.41 13.96
C SER A 515 1.21 14.37 13.98
N THR A 516 0.42 13.39 13.52
CA THR A 516 -0.87 13.08 14.11
C THR A 516 -0.76 12.48 15.51
N GLY A 517 0.42 12.05 15.92
CA GLY A 517 0.57 11.55 17.28
C GLY A 517 -0.01 10.17 17.53
N HIS A 518 -0.32 9.40 16.50
CA HIS A 518 -0.81 8.05 16.73
C HIS A 518 -0.57 7.19 15.49
N ILE A 519 -0.45 5.89 15.70
CA ILE A 519 -0.29 4.90 14.64
C ILE A 519 -1.12 3.67 15.01
N VAL A 520 -1.88 3.15 14.05
CA VAL A 520 -2.66 1.92 14.19
C VAL A 520 -2.32 1.02 13.01
N THR A 521 -2.02 -0.25 13.26
CA THR A 521 -1.93 -1.24 12.20
C THR A 521 -2.78 -2.45 12.53
N ALA A 522 -3.36 -3.05 11.49
CA ALA A 522 -4.24 -4.19 11.74
C ALA A 522 -4.37 -5.10 10.52
N ASN A 523 -3.25 -5.44 9.88
CA ASN A 523 -3.13 -6.42 8.80
C ASN A 523 -3.68 -5.93 7.46
N GLU A 524 -4.06 -4.66 7.36
CA GLU A 524 -4.52 -4.07 6.11
C GLU A 524 -3.29 -3.60 5.31
N ASN A 525 -3.48 -3.36 4.02
CA ASN A 525 -2.38 -2.84 3.23
C ASN A 525 -2.11 -1.40 3.64
N ASN A 526 -1.05 -1.16 4.40
CA ASN A 526 -0.76 0.19 4.85
C ASN A 526 0.45 0.80 4.13
N ILE A 527 0.73 0.34 2.92
CA ILE A 527 1.71 1.01 2.06
C ILE A 527 1.05 2.20 1.37
N PRO A 528 1.50 3.42 1.61
CA PRO A 528 0.89 4.58 0.95
C PRO A 528 0.97 4.45 -0.56
N PRO A 529 -0.12 4.69 -1.28
CA PRO A 529 -0.08 4.50 -2.75
C PRO A 529 0.89 5.43 -3.47
N ASP A 530 1.28 6.55 -2.85
CA ASP A 530 2.27 7.47 -3.42
C ASP A 530 3.70 7.22 -2.93
N HIS A 531 3.91 6.22 -2.08
CA HIS A 531 5.24 5.81 -1.68
C HIS A 531 5.85 4.87 -2.73
N PRO A 532 7.18 4.92 -2.95
CA PRO A 532 7.78 4.05 -3.97
C PRO A 532 7.54 2.56 -3.75
N ALA A 533 7.47 2.09 -2.50
CA ALA A 533 7.23 0.68 -2.25
C ALA A 533 5.90 0.20 -2.83
N ALA A 534 4.93 1.11 -3.01
CA ALA A 534 3.64 0.70 -3.54
C ALA A 534 3.73 0.09 -4.93
N LYS A 535 4.81 0.37 -5.66
CA LYS A 535 4.97 -0.15 -7.02
C LYS A 535 5.93 -1.34 -7.10
N LEU A 536 6.39 -1.86 -5.97
CA LEU A 536 7.43 -2.88 -5.97
C LEU A 536 6.89 -4.31 -5.87
N GLY A 537 5.57 -4.50 -5.87
CA GLY A 537 5.01 -5.84 -5.71
C GLY A 537 5.33 -6.51 -4.39
N VAL A 538 5.27 -5.76 -3.28
CA VAL A 538 5.53 -6.35 -1.96
C VAL A 538 4.50 -7.43 -1.64
N GLY A 539 3.22 -7.14 -1.90
CA GLY A 539 2.13 -8.08 -1.69
C GLY A 539 0.76 -7.49 -2.00
N TYR A 540 -0.16 -8.33 -2.51
CA TYR A 540 -1.49 -7.86 -2.90
C TYR A 540 -2.61 -8.50 -2.09
N GLU A 541 -2.32 -9.47 -1.24
CA GLU A 541 -3.36 -10.17 -0.50
C GLU A 541 -3.18 -9.84 0.97
N TRP A 542 -4.08 -9.01 1.47
CA TRP A 542 -4.06 -8.53 2.84
C TRP A 542 -5.34 -8.96 3.52
N SER A 543 -5.43 -8.70 4.82
CA SER A 543 -6.64 -9.12 5.51
C SER A 543 -7.75 -8.10 5.30
N ASP A 544 -8.97 -8.50 5.64
CA ASP A 544 -10.10 -7.58 5.68
C ASP A 544 -9.76 -6.37 6.54
N SER A 545 -10.11 -5.18 6.05
CA SER A 545 -9.66 -3.95 6.68
C SER A 545 -10.67 -3.39 7.70
N SER A 546 -11.65 -4.19 8.12
CA SER A 546 -12.66 -3.69 9.06
C SER A 546 -12.04 -3.31 10.41
N ARG A 547 -11.22 -4.20 10.99
N ARG A 547 -11.21 -4.18 10.98
CA ARG A 547 -10.59 -3.87 12.25
CA ARG A 547 -10.59 -3.86 12.27
C ARG A 547 -9.76 -2.60 12.15
C ARG A 547 -9.73 -2.61 12.16
N ALA A 548 -9.02 -2.44 11.05
CA ALA A 548 -8.18 -1.26 10.89
C ALA A 548 -9.00 0.02 10.78
N ARG A 549 -10.09 0.00 10.00
CA ARG A 549 -10.90 1.20 9.87
C ARG A 549 -11.58 1.54 11.20
N ARG A 550 -12.01 0.51 11.94
CA ARG A 550 -12.68 0.73 13.22
C ARG A 550 -11.72 1.31 14.25
N LEU A 551 -10.54 0.69 14.41
CA LEU A 551 -9.59 1.17 15.41
C LEU A 551 -9.05 2.54 15.04
N LYS A 552 -8.85 2.80 13.74
CA LYS A 552 -8.41 4.13 13.32
C LYS A 552 -9.47 5.18 13.67
N SER A 553 -10.75 4.88 13.43
CA SER A 553 -11.79 5.79 13.89
C SER A 553 -11.67 6.03 15.38
N LEU A 554 -11.62 4.94 16.17
CA LEU A 554 -11.60 5.06 17.63
C LEU A 554 -10.40 5.87 18.12
N VAL A 555 -9.21 5.57 17.60
CA VAL A 555 -7.99 6.22 18.09
C VAL A 555 -7.97 7.69 17.68
N ALA A 556 -8.33 7.99 16.43
CA ALA A 556 -8.37 9.37 15.97
C ALA A 556 -9.42 10.19 16.71
N ALA A 557 -10.53 9.57 17.11
CA ALA A 557 -11.61 10.28 17.78
C ALA A 557 -11.33 10.57 19.26
N ALA A 558 -10.17 10.17 19.80
CA ALA A 558 -9.86 10.32 21.22
C ALA A 558 -8.64 11.20 21.38
N PRO A 559 -8.80 12.53 21.43
CA PRO A 559 -7.64 13.42 21.58
C PRO A 559 -6.75 13.07 22.77
N VAL A 560 -7.32 12.74 23.92
CA VAL A 560 -6.57 12.28 25.08
C VAL A 560 -7.19 10.96 25.52
N SER A 561 -6.37 9.92 25.66
CA SER A 561 -6.87 8.61 26.06
C SER A 561 -5.95 7.99 27.11
N SER A 562 -6.52 7.04 27.87
CA SER A 562 -5.81 6.38 28.97
C SER A 562 -5.49 4.94 28.58
N LEU A 563 -4.80 4.26 29.48
CA LEU A 563 -4.62 2.82 29.30
C LEU A 563 -5.96 2.10 29.28
N ARG A 564 -6.86 2.49 30.18
CA ARG A 564 -8.18 1.87 30.21
C ARG A 564 -8.90 2.03 28.88
N ASP A 565 -8.73 3.18 28.21
CA ASP A 565 -9.34 3.36 26.89
C ASP A 565 -8.77 2.37 25.89
N SER A 566 -7.44 2.18 25.90
CA SER A 566 -6.84 1.23 24.96
C SER A 566 -7.26 -0.21 25.28
N ILE A 567 -7.42 -0.55 26.57
CA ILE A 567 -7.97 -1.86 26.91
C ILE A 567 -9.39 -2.03 26.35
N ALA A 568 -10.22 -0.98 26.47
CA ALA A 568 -11.57 -1.03 25.93
C ALA A 568 -11.58 -1.22 24.42
N TRP A 569 -10.67 -0.54 23.72
CA TRP A 569 -10.59 -0.68 22.27
C TRP A 569 -10.20 -2.09 21.87
N GLN A 570 -9.33 -2.73 22.64
CA GLN A 570 -9.04 -4.13 22.39
C GLN A 570 -10.26 -5.02 22.57
N ASN A 571 -11.25 -4.58 23.33
CA ASN A 571 -12.46 -5.35 23.58
C ASN A 571 -13.61 -4.92 22.67
N ASP A 572 -13.36 -4.10 21.66
CA ASP A 572 -14.45 -3.55 20.87
C ASP A 572 -15.11 -4.62 20.02
N THR A 573 -16.44 -4.62 19.98
CA THR A 573 -17.19 -5.65 19.25
C THR A 573 -18.11 -5.09 18.18
N VAL A 574 -17.91 -3.85 17.75
CA VAL A 574 -18.69 -3.29 16.66
C VAL A 574 -18.16 -3.87 15.34
N SER A 575 -19.08 -4.41 14.55
CA SER A 575 -18.74 -5.05 13.28
C SER A 575 -19.11 -4.14 12.12
N LEU A 576 -18.11 -3.61 11.43
CA LEU A 576 -18.38 -2.82 10.23
C LEU A 576 -19.07 -3.65 9.14
N PRO A 577 -18.73 -4.93 8.92
CA PRO A 577 -19.57 -5.73 8.01
C PRO A 577 -21.04 -5.77 8.42
N ALA A 578 -21.35 -5.91 9.71
CA ALA A 578 -22.75 -5.89 10.13
C ALA A 578 -23.40 -4.56 9.79
N GLN A 579 -22.73 -3.46 10.12
CA GLN A 579 -23.31 -2.15 9.85
C GLN A 579 -23.52 -1.95 8.36
N ARG A 580 -22.55 -2.40 7.55
CA ARG A 580 -22.68 -2.25 6.11
C ARG A 580 -23.85 -3.06 5.56
N THR A 581 -24.05 -4.28 6.08
CA THR A 581 -25.18 -5.10 5.64
C THR A 581 -26.52 -4.50 6.08
N LEU A 582 -26.60 -4.04 7.33
CA LEU A 582 -27.82 -3.39 7.80
C LEU A 582 -28.15 -2.17 6.95
N ALA A 583 -27.14 -1.38 6.57
CA ALA A 583 -27.38 -0.22 5.74
C ALA A 583 -27.98 -0.63 4.40
N VAL A 584 -27.56 -1.78 3.86
CA VAL A 584 -28.13 -2.29 2.62
C VAL A 584 -29.56 -2.78 2.85
N MET A 585 -29.79 -3.45 3.97
CA MET A 585 -31.12 -3.97 4.30
C MET A 585 -32.17 -2.86 4.33
N ARG A 586 -31.80 -1.68 4.81
CA ARG A 586 -32.78 -0.59 4.92
C ARG A 586 -33.14 0.03 3.58
N THR A 587 -32.66 -0.51 2.47
CA THR A 587 -33.03 -0.06 1.13
C THR A 587 -33.69 -1.16 0.31
N VAL A 588 -34.01 -2.30 0.94
CA VAL A 588 -34.62 -3.41 0.22
C VAL A 588 -36.01 -3.00 -0.27
N GLY A 589 -36.28 -3.25 -1.54
CA GLY A 589 -37.54 -2.79 -2.15
C GLY A 589 -38.69 -3.75 -1.90
N ASN A 590 -39.79 -3.20 -1.37
CA ASN A 590 -41.02 -3.95 -1.12
C ASN A 590 -41.77 -4.14 -2.45
N ALA A 591 -41.09 -4.82 -3.37
CA ALA A 591 -41.65 -5.15 -4.67
C ALA A 591 -41.06 -6.48 -5.11
N GLY A 592 -41.60 -7.01 -6.21
CA GLY A 592 -41.06 -8.23 -6.78
C GLY A 592 -41.10 -9.39 -5.81
N ALA A 593 -40.14 -10.32 -6.01
CA ALA A 593 -40.05 -11.49 -5.14
C ALA A 593 -39.78 -11.11 -3.69
N ALA A 594 -39.15 -9.95 -3.45
CA ALA A 594 -38.90 -9.50 -2.08
C ALA A 594 -40.20 -9.20 -1.34
N ALA A 595 -41.17 -8.58 -2.02
CA ALA A 595 -42.45 -8.23 -1.41
C ALA A 595 -43.17 -9.48 -0.92
N SER A 596 -43.09 -10.58 -1.68
CA SER A 596 -43.70 -11.83 -1.25
C SER A 596 -43.05 -12.34 0.04
N LEU A 597 -41.71 -12.29 0.10
CA LEU A 597 -41.00 -12.70 1.31
C LEU A 597 -41.29 -11.78 2.49
N LEU A 598 -41.54 -10.49 2.24
CA LEU A 598 -41.86 -9.58 3.34
C LEU A 598 -43.19 -9.89 4.01
N GLN A 599 -44.00 -10.77 3.44
CA GLN A 599 -45.22 -11.24 4.10
C GLN A 599 -44.99 -12.48 4.95
N ASP A 600 -43.78 -13.06 4.90
CA ASP A 600 -43.42 -14.25 5.67
C ASP A 600 -43.21 -13.91 7.14
N PRO A 601 -43.85 -14.61 8.07
CA PRO A 601 -43.62 -14.32 9.50
C PRO A 601 -42.17 -14.52 9.93
N GLN A 602 -41.52 -15.58 9.44
CA GLN A 602 -40.12 -15.83 9.79
C GLN A 602 -39.22 -14.71 9.28
N VAL A 603 -39.43 -14.26 8.04
CA VAL A 603 -38.68 -13.12 7.52
C VAL A 603 -38.93 -11.87 8.35
N GLN A 604 -40.20 -11.61 8.68
CA GLN A 604 -40.53 -10.41 9.43
C GLN A 604 -39.87 -10.39 10.79
N ARG A 605 -39.86 -11.54 11.48
CA ARG A 605 -39.21 -11.60 12.79
C ARG A 605 -37.72 -11.27 12.68
N ALA A 606 -37.06 -11.77 11.62
CA ALA A 606 -35.64 -11.48 11.43
C ALA A 606 -35.42 -10.01 11.08
N VAL A 607 -36.24 -9.49 10.17
CA VAL A 607 -36.14 -8.07 9.83
C VAL A 607 -36.39 -7.22 11.07
N ALA A 608 -37.33 -7.63 11.92
CA ALA A 608 -37.57 -6.91 13.15
C ALA A 608 -36.35 -6.92 14.05
N LEU A 609 -35.69 -8.08 14.14
CA LEU A 609 -34.50 -8.21 14.98
C LEU A 609 -33.38 -7.30 14.50
N LEU A 610 -33.09 -7.33 13.20
CA LEU A 610 -32.00 -6.53 12.67
C LEU A 610 -32.30 -5.05 12.61
N ARG A 611 -33.57 -4.64 12.55
CA ARG A 611 -33.87 -3.24 12.32
C ARG A 611 -33.51 -2.34 13.49
N GLY A 612 -33.20 -2.92 14.65
CA GLY A 612 -32.95 -2.11 15.84
C GLY A 612 -31.63 -2.46 16.50
N TRP A 613 -30.77 -3.12 15.73
CA TRP A 613 -29.44 -3.49 16.16
C TRP A 613 -28.45 -2.49 15.58
N ASP A 614 -27.45 -2.12 16.37
CA ASP A 614 -26.45 -1.15 15.96
C ASP A 614 -25.20 -1.81 15.40
N GLY A 615 -25.23 -3.13 15.20
CA GLY A 615 -24.07 -3.85 14.73
C GLY A 615 -23.04 -4.17 15.79
N ASN A 616 -23.38 -4.02 17.06
CA ASN A 616 -22.48 -4.34 18.16
C ASN A 616 -22.65 -5.82 18.47
N VAL A 617 -21.62 -6.61 18.20
CA VAL A 617 -21.72 -8.05 18.29
C VAL A 617 -21.54 -8.46 19.74
N ARG A 618 -22.47 -8.07 20.61
CA ARG A 618 -22.34 -8.38 22.02
C ARG A 618 -22.75 -9.82 22.29
N ALA A 619 -22.15 -10.40 23.34
CA ALA A 619 -22.48 -11.76 23.76
C ALA A 619 -23.94 -11.92 24.18
N ASP A 620 -24.59 -10.85 24.65
CA ASP A 620 -25.97 -10.92 25.11
C ASP A 620 -26.96 -10.45 24.06
N SER A 621 -26.52 -10.37 22.81
CA SER A 621 -27.34 -9.84 21.72
C SER A 621 -27.90 -10.98 20.90
N VAL A 622 -29.23 -11.02 20.80
CA VAL A 622 -29.90 -11.96 19.90
C VAL A 622 -29.75 -11.50 18.46
N PRO A 623 -29.93 -10.22 18.11
CA PRO A 623 -29.62 -9.78 16.73
C PRO A 623 -28.22 -10.17 16.30
N ALA A 624 -27.26 -10.14 17.23
CA ALA A 624 -25.90 -10.56 16.89
C ALA A 624 -25.85 -12.02 16.48
N ALA A 625 -26.58 -12.89 17.19
CA ALA A 625 -26.62 -14.30 16.82
C ALA A 625 -27.23 -14.48 15.43
N LEU A 626 -28.34 -13.80 15.17
CA LEU A 626 -28.93 -13.86 13.85
C LEU A 626 -27.91 -13.43 12.79
N PHE A 627 -27.18 -12.33 13.04
CA PHE A 627 -26.31 -11.79 12.00
C PHE A 627 -25.13 -12.71 11.70
N GLU A 628 -24.52 -13.28 12.74
CA GLU A 628 -23.35 -14.11 12.50
C GLU A 628 -23.73 -15.39 11.76
N ILE A 629 -24.83 -16.02 12.16
CA ILE A 629 -25.36 -17.14 11.40
C ILE A 629 -25.56 -16.72 9.95
N TRP A 630 -26.25 -15.59 9.76
CA TRP A 630 -26.56 -15.11 8.42
C TRP A 630 -25.29 -14.85 7.61
N PHE A 631 -24.36 -14.07 8.16
CA PHE A 631 -23.22 -13.59 7.40
C PHE A 631 -22.16 -14.65 7.14
N SER A 632 -22.12 -15.72 7.94
CA SER A 632 -21.11 -16.76 7.78
C SER A 632 -21.58 -17.96 6.97
N ASN A 633 -22.82 -18.41 7.16
CA ASN A 633 -23.30 -19.68 6.64
C ASN A 633 -24.44 -19.56 5.63
N HIS A 634 -24.92 -18.35 5.31
CA HIS A 634 -26.07 -18.25 4.42
C HIS A 634 -25.96 -17.13 3.40
N LEU A 635 -25.83 -15.88 3.86
CA LEU A 635 -25.92 -14.73 2.96
C LEU A 635 -24.89 -14.78 1.84
N ARG A 636 -23.62 -14.89 2.22
CA ARG A 636 -22.54 -14.74 1.24
C ARG A 636 -22.59 -15.87 0.22
N GLN A 637 -22.82 -17.10 0.68
CA GLN A 637 -22.96 -18.23 -0.24
C GLN A 637 -24.10 -17.99 -1.22
N ALA A 638 -25.23 -17.45 -0.73
CA ALA A 638 -26.35 -17.18 -1.62
C ALA A 638 -26.01 -16.08 -2.62
N VAL A 639 -25.33 -15.02 -2.17
CA VAL A 639 -24.94 -13.94 -3.08
C VAL A 639 -23.99 -14.48 -4.16
N VAL A 640 -23.08 -15.38 -3.78
CA VAL A 640 -22.13 -15.92 -4.75
C VAL A 640 -22.84 -16.78 -5.79
N ARG A 641 -23.71 -17.70 -5.35
CA ARG A 641 -24.45 -18.54 -6.29
C ARG A 641 -25.34 -17.72 -7.22
N ALA A 642 -25.91 -16.62 -6.71
CA ALA A 642 -26.73 -15.79 -7.57
C ALA A 642 -25.90 -15.03 -8.59
N ALA A 643 -24.61 -14.80 -8.30
CA ALA A 643 -23.76 -13.99 -9.18
C ALA A 643 -22.87 -14.81 -10.12
N LEU A 644 -22.64 -16.09 -9.84
CA LEU A 644 -21.67 -16.86 -10.59
C LEU A 644 -22.29 -18.14 -11.10
N PRO A 645 -21.77 -18.70 -12.19
CA PRO A 645 -22.18 -20.05 -12.58
C PRO A 645 -21.80 -21.03 -11.50
N GLU A 646 -22.47 -22.20 -11.55
CA GLU A 646 -22.47 -23.11 -10.40
C GLU A 646 -21.06 -23.60 -10.07
N ASP A 647 -20.28 -23.96 -11.09
CA ASP A 647 -18.98 -24.56 -10.87
C ASP A 647 -18.02 -23.59 -10.19
N ALA A 648 -17.98 -22.34 -10.66
CA ALA A 648 -17.18 -21.32 -10.00
C ALA A 648 -17.70 -21.04 -8.60
N ALA A 649 -19.03 -20.92 -8.45
CA ALA A 649 -19.61 -20.59 -7.15
C ALA A 649 -19.26 -21.65 -6.10
N LYS A 650 -19.19 -22.91 -6.52
CA LYS A 650 -18.81 -24.00 -5.63
C LYS A 650 -17.37 -23.84 -5.15
N LEU A 651 -16.49 -23.38 -6.03
CA LEU A 651 -15.09 -23.17 -5.65
C LEU A 651 -14.95 -21.93 -4.76
N VAL A 652 -15.75 -20.90 -5.03
CA VAL A 652 -15.68 -19.66 -4.25
C VAL A 652 -16.34 -19.80 -2.88
N GLY A 653 -17.45 -20.53 -2.80
CA GLY A 653 -18.13 -20.69 -1.52
C GLY A 653 -18.66 -19.36 -0.98
N ALA A 654 -18.24 -18.99 0.22
CA ALA A 654 -18.65 -17.70 0.77
C ALA A 654 -17.80 -16.53 0.27
N GLY A 655 -16.74 -16.80 -0.48
CA GLY A 655 -15.92 -15.77 -1.06
C GLY A 655 -15.30 -14.80 -0.04
N ASP A 656 -14.89 -13.66 -0.57
CA ASP A 656 -14.25 -12.59 0.18
C ASP A 656 -15.31 -11.66 0.76
N ALA A 657 -15.30 -11.48 2.08
CA ALA A 657 -16.35 -10.73 2.74
C ALA A 657 -16.45 -9.31 2.20
N ALA A 658 -15.31 -8.63 2.05
CA ALA A 658 -15.33 -7.26 1.53
C ALA A 658 -15.88 -7.21 0.11
N ARG A 659 -15.51 -8.19 -0.73
CA ARG A 659 -15.97 -8.18 -2.11
C ARG A 659 -17.46 -8.53 -2.20
N VAL A 660 -17.95 -9.41 -1.33
CA VAL A 660 -19.37 -9.71 -1.34
C VAL A 660 -20.18 -8.53 -0.82
N LEU A 661 -19.68 -7.85 0.21
CA LEU A 661 -20.37 -6.65 0.70
C LEU A 661 -20.45 -5.62 -0.42
N ALA A 662 -19.37 -5.44 -1.18
CA ALA A 662 -19.37 -4.46 -2.25
C ALA A 662 -20.41 -4.81 -3.32
N VAL A 663 -20.62 -6.11 -3.57
CA VAL A 663 -21.68 -6.53 -4.50
C VAL A 663 -23.05 -6.21 -3.91
N LEU A 664 -23.24 -6.47 -2.61
CA LEU A 664 -24.52 -6.12 -1.98
C LEU A 664 -24.78 -4.63 -2.07
N GLU A 665 -23.73 -3.83 -1.98
CA GLU A 665 -23.90 -2.39 -2.02
C GLU A 665 -24.05 -1.86 -3.45
N GLN A 666 -23.51 -2.58 -4.45
CA GLN A 666 -23.62 -2.18 -5.85
C GLN A 666 -23.81 -3.42 -6.71
N PRO A 667 -25.04 -3.98 -6.73
CA PRO A 667 -25.26 -5.25 -7.44
C PRO A 667 -25.22 -5.14 -8.95
N ASP A 668 -25.13 -3.91 -9.48
CA ASP A 668 -25.30 -3.56 -10.89
C ASP A 668 -24.92 -4.65 -11.88
N THR A 669 -23.63 -4.93 -12.04
CA THR A 669 -23.17 -5.83 -13.10
C THR A 669 -23.14 -7.30 -12.66
N TRP A 670 -23.66 -7.61 -11.48
CA TRP A 670 -23.71 -8.97 -10.96
C TRP A 670 -25.11 -9.56 -10.96
N MET A 671 -26.12 -8.74 -10.65
CA MET A 671 -27.51 -9.14 -10.60
C MET A 671 -28.42 -7.92 -10.51
N PRO A 672 -29.67 -8.01 -10.95
CA PRO A 672 -30.62 -6.90 -10.76
C PRO A 672 -30.85 -6.63 -9.28
N THR A 673 -31.13 -5.36 -8.96
CA THR A 673 -31.35 -4.95 -7.57
C THR A 673 -32.42 -5.80 -6.89
N ALA A 674 -33.49 -6.15 -7.62
CA ALA A 674 -34.55 -6.98 -7.07
C ALA A 674 -34.06 -8.39 -6.76
N ARG A 675 -33.15 -8.92 -7.57
CA ARG A 675 -32.54 -10.20 -7.25
C ARG A 675 -31.69 -10.10 -5.98
N ARG A 676 -30.92 -9.01 -5.85
CA ARG A 676 -30.16 -8.73 -4.63
C ARG A 676 -31.04 -8.78 -3.38
N ASP A 677 -32.17 -8.07 -3.42
CA ASP A 677 -33.10 -8.09 -2.28
C ASP A 677 -33.62 -9.48 -1.99
N GLU A 678 -34.00 -10.22 -3.05
CA GLU A 678 -34.58 -11.54 -2.87
C GLU A 678 -33.58 -12.50 -2.22
N VAL A 679 -32.33 -12.46 -2.67
CA VAL A 679 -31.29 -13.30 -2.08
C VAL A 679 -31.08 -12.93 -0.62
N MET A 680 -31.03 -11.63 -0.32
CA MET A 680 -30.84 -11.21 1.06
C MET A 680 -31.94 -11.77 1.94
N LEU A 681 -33.19 -11.65 1.51
CA LEU A 681 -34.30 -12.11 2.34
C LEU A 681 -34.35 -13.64 2.40
N THR A 682 -34.06 -14.31 1.30
CA THR A 682 -34.13 -15.77 1.27
C THR A 682 -33.09 -16.38 2.20
N SER A 683 -31.86 -15.90 2.13
CA SER A 683 -30.83 -16.37 3.05
C SER A 683 -31.09 -15.92 4.49
N LEU A 684 -31.69 -14.73 4.67
CA LEU A 684 -32.03 -14.28 6.01
C LEU A 684 -33.09 -15.18 6.65
N LYS A 685 -34.08 -15.62 5.86
CA LYS A 685 -35.07 -16.56 6.35
C LYS A 685 -34.43 -17.87 6.78
N ALA A 686 -33.49 -18.39 5.98
CA ALA A 686 -32.78 -19.62 6.32
C ALA A 686 -31.90 -19.44 7.56
N ALA A 687 -31.28 -18.27 7.72
CA ALA A 687 -30.49 -18.00 8.92
C ALA A 687 -31.40 -17.93 10.14
N MET A 688 -32.54 -17.26 9.99
CA MET A 688 -33.53 -17.20 11.06
C MET A 688 -34.01 -18.59 11.45
N ALA A 689 -34.21 -19.48 10.47
CA ALA A 689 -34.63 -20.84 10.81
C ALA A 689 -33.54 -21.55 11.61
N GLU A 690 -32.28 -21.38 11.22
CA GLU A 690 -31.19 -21.98 11.96
C GLU A 690 -31.12 -21.45 13.39
N LEU A 691 -31.30 -20.14 13.57
CA LEU A 691 -31.30 -19.58 14.92
C LEU A 691 -32.40 -20.20 15.77
N GLU A 692 -33.59 -20.38 15.19
CA GLU A 692 -34.69 -21.01 15.93
C GLU A 692 -34.38 -22.46 16.25
N ARG A 693 -33.76 -23.20 15.33
CA ARG A 693 -33.37 -24.58 15.63
C ARG A 693 -32.29 -24.66 16.70
N ARG A 694 -31.43 -23.65 16.78
CA ARG A 694 -30.35 -23.67 17.76
C ARG A 694 -30.76 -23.09 19.11
N SER A 695 -32.00 -22.51 19.23
CA SER A 695 -32.54 -21.96 20.46
C SER A 695 -33.41 -22.99 21.19
N PRO A 696 -33.51 -22.91 22.52
CA PRO A 696 -34.38 -23.88 23.24
C PRO A 696 -35.83 -23.84 22.80
N SER A 697 -36.41 -22.67 22.66
CA SER A 697 -37.76 -22.54 22.15
C SER A 697 -37.78 -21.33 21.21
N PRO A 698 -38.68 -21.33 20.22
CA PRO A 698 -38.77 -20.18 19.29
C PRO A 698 -39.19 -18.89 19.97
N GLU A 699 -39.50 -18.95 21.27
CA GLU A 699 -39.79 -17.74 22.04
C GLU A 699 -38.61 -17.30 22.91
N LYS A 700 -37.65 -18.19 23.19
CA LYS A 700 -36.44 -17.85 23.93
C LYS A 700 -35.25 -18.10 22.98
N LEU A 701 -35.01 -17.13 22.11
CA LEU A 701 -33.95 -17.25 21.11
C LEU A 701 -32.56 -17.16 21.75
N ALA A 702 -31.60 -17.87 21.15
CA ALA A 702 -30.24 -17.89 21.68
C ALA A 702 -29.55 -16.56 21.44
N THR A 703 -28.88 -16.03 22.47
CA THR A 703 -27.98 -14.91 22.27
C THR A 703 -26.71 -15.35 21.53
N TRP A 704 -25.98 -14.38 20.99
CA TRP A 704 -24.72 -14.71 20.34
C TRP A 704 -23.79 -15.46 21.27
N GLY A 705 -23.68 -15.01 22.52
CA GLY A 705 -22.83 -15.70 23.48
C GLY A 705 -23.30 -17.11 23.79
N THR A 706 -24.59 -17.38 23.63
CA THR A 706 -25.09 -18.73 23.84
C THR A 706 -24.50 -19.70 22.84
N LEU A 707 -24.28 -19.25 21.60
CA LEU A 707 -23.67 -20.08 20.56
C LEU A 707 -22.14 -19.98 20.55
N HIS A 708 -21.61 -18.78 20.76
CA HIS A 708 -20.20 -18.46 20.55
C HIS A 708 -19.42 -18.79 21.82
N ARG A 709 -19.06 -20.08 21.94
CA ARG A 709 -18.42 -20.60 23.14
C ARG A 709 -16.91 -20.54 23.03
N ALA A 710 -16.26 -20.10 24.11
CA ALA A 710 -14.80 -19.99 24.19
C ALA A 710 -14.24 -21.24 24.87
N ILE A 711 -13.94 -22.26 24.08
CA ILE A 711 -13.36 -23.49 24.60
C ILE A 711 -11.92 -23.59 24.08
N PHE A 712 -10.97 -23.73 25.02
CA PHE A 712 -9.55 -23.83 24.69
C PHE A 712 -9.20 -25.31 24.64
N ARG A 713 -8.92 -25.81 23.43
CA ARG A 713 -8.83 -27.24 23.17
C ARG A 713 -7.38 -27.70 23.27
N HIS A 714 -7.21 -28.83 23.91
CA HIS A 714 -5.94 -29.52 24.04
C HIS A 714 -5.72 -30.40 22.81
N PRO A 715 -4.48 -30.55 22.33
CA PRO A 715 -4.26 -31.37 21.12
C PRO A 715 -4.76 -32.81 21.25
N LEU A 716 -4.86 -33.34 22.46
CA LEU A 716 -5.28 -34.73 22.70
C LEU A 716 -6.76 -34.88 23.07
N ALA A 717 -7.55 -33.80 22.98
CA ALA A 717 -8.92 -33.83 23.49
C ALA A 717 -9.74 -34.95 22.87
N ASN A 718 -9.46 -35.29 21.62
CA ASN A 718 -10.29 -36.29 20.96
C ASN A 718 -9.84 -37.73 21.21
N ILE A 719 -8.74 -37.96 21.91
CA ILE A 719 -8.29 -39.34 22.11
C ILE A 719 -8.24 -39.73 23.58
N VAL A 720 -8.82 -38.93 24.46
CA VAL A 720 -8.89 -39.26 25.88
C VAL A 720 -10.35 -39.40 26.28
N ASP A 721 -10.58 -39.89 27.50
CA ASP A 721 -11.96 -40.09 27.95
C ASP A 721 -12.60 -38.75 28.34
N ASP A 722 -13.87 -38.81 28.73
CA ASP A 722 -14.61 -37.59 29.00
C ASP A 722 -14.05 -36.85 30.21
N ALA A 723 -13.66 -37.60 31.26
CA ALA A 723 -13.10 -36.96 32.45
C ALA A 723 -11.76 -36.30 32.13
N THR A 724 -10.94 -36.94 31.30
CA THR A 724 -9.67 -36.35 30.91
C THR A 724 -9.87 -35.14 30.00
N ARG A 725 -10.83 -35.22 29.07
CA ARG A 725 -11.07 -34.07 28.20
C ARG A 725 -11.52 -32.84 28.99
N ALA A 726 -12.28 -33.03 30.07
CA ALA A 726 -12.67 -31.89 30.89
C ALA A 726 -11.48 -31.24 31.60
N GLN A 727 -10.44 -32.01 31.90
CA GLN A 727 -9.27 -31.45 32.56
C GLN A 727 -8.32 -30.81 31.55
N TYR A 728 -8.22 -31.38 30.36
CA TYR A 728 -7.30 -30.88 29.33
C TYR A 728 -7.87 -29.63 28.64
N ASN A 729 -9.18 -29.59 28.41
CA ASN A 729 -9.84 -28.45 27.79
C ASN A 729 -10.29 -27.44 28.84
N VAL A 730 -10.35 -26.17 28.44
CA VAL A 730 -10.73 -25.06 29.30
C VAL A 730 -11.91 -24.34 28.67
N ASP A 731 -13.05 -24.32 29.38
CA ASP A 731 -14.28 -23.67 28.93
C ASP A 731 -14.44 -22.36 29.69
N ALA A 732 -14.36 -21.23 28.97
CA ALA A 732 -14.53 -19.92 29.56
C ALA A 732 -15.92 -19.36 29.31
N GLY A 733 -16.83 -20.15 28.74
CA GLY A 733 -18.18 -19.71 28.53
C GLY A 733 -18.35 -18.96 27.23
N GLY A 734 -19.45 -18.21 27.16
CA GLY A 734 -19.79 -17.49 25.96
C GLY A 734 -19.09 -16.16 25.87
N ILE A 735 -18.88 -15.70 24.64
CA ILE A 735 -18.18 -14.46 24.37
C ILE A 735 -18.83 -13.77 23.19
N GLY A 736 -18.56 -12.46 23.10
CA GLY A 736 -18.96 -11.68 21.95
C GLY A 736 -17.86 -11.61 20.92
N GLY A 737 -18.11 -10.80 19.89
CA GLY A 737 -17.14 -10.56 18.84
C GLY A 737 -17.22 -11.57 17.72
N SER A 738 -16.48 -11.29 16.66
CA SER A 738 -16.38 -12.14 15.48
C SER A 738 -14.97 -12.00 14.93
N ALA A 739 -14.75 -12.50 13.70
CA ALA A 739 -13.45 -12.28 13.07
C ALA A 739 -13.22 -10.81 12.67
N PHE A 740 -14.28 -10.01 12.54
CA PHE A 740 -14.15 -8.68 11.97
C PHE A 740 -14.17 -7.56 13.03
N THR A 741 -14.35 -7.89 14.25
CA THR A 741 -14.34 -6.93 15.33
C THR A 741 -12.94 -6.84 15.92
N PRO A 742 -12.54 -5.64 16.39
CA PRO A 742 -11.21 -5.50 16.98
C PRO A 742 -10.94 -6.56 18.04
N MET A 743 -11.88 -6.80 18.95
CA MET A 743 -11.79 -7.98 19.80
C MET A 743 -12.13 -9.18 18.92
N ASN A 744 -11.13 -9.64 18.19
CA ASN A 744 -11.28 -10.73 17.24
C ASN A 744 -11.56 -12.03 18.00
N THR A 745 -12.73 -12.62 17.79
CA THR A 745 -13.04 -13.96 18.29
C THR A 745 -13.51 -14.80 17.09
N SER A 746 -12.57 -15.19 16.23
CA SER A 746 -12.90 -16.01 15.08
C SER A 746 -13.49 -17.35 15.52
N TYR A 747 -14.36 -17.91 14.68
CA TYR A 747 -15.10 -19.11 15.02
C TYR A 747 -15.20 -20.05 13.83
N ARG A 748 -15.50 -21.31 14.12
CA ARG A 748 -15.77 -22.29 13.08
C ARG A 748 -17.26 -22.29 12.74
N ASN A 749 -17.56 -22.56 11.47
CA ASN A 749 -18.92 -22.40 10.94
C ASN A 749 -19.86 -23.50 11.40
N SER A 750 -19.34 -24.65 11.85
CA SER A 750 -20.20 -25.76 12.22
C SER A 750 -21.07 -25.43 13.43
N ASP A 751 -20.46 -24.78 14.46
CA ASP A 751 -21.18 -24.50 15.69
C ASP A 751 -20.81 -23.17 16.33
N TYR A 752 -20.06 -22.30 15.65
CA TYR A 752 -19.70 -20.96 16.11
C TYR A 752 -18.78 -20.95 17.33
N HIS A 753 -18.17 -22.08 17.68
CA HIS A 753 -17.21 -22.10 18.77
C HIS A 753 -15.91 -21.38 18.38
N LEU A 754 -15.29 -20.76 19.39
CA LEU A 754 -14.08 -19.98 19.22
C LEU A 754 -12.96 -20.81 18.62
N THR A 755 -12.22 -20.23 17.65
CA THR A 755 -11.02 -20.89 17.12
C THR A 755 -9.79 -20.01 17.19
N ALA A 756 -9.96 -18.69 17.07
CA ALA A 756 -8.81 -17.80 16.97
C ALA A 756 -9.16 -16.38 17.43
N GLY A 757 -8.13 -15.61 17.70
CA GLY A 757 -8.23 -14.25 18.16
C GLY A 757 -7.14 -13.96 19.16
N ALA A 758 -7.28 -12.85 19.90
CA ALA A 758 -6.25 -12.51 20.88
C ALA A 758 -6.32 -13.45 22.07
N SER A 759 -5.19 -14.08 22.38
CA SER A 759 -5.04 -14.76 23.66
C SER A 759 -4.21 -13.86 24.56
N PHE A 760 -2.92 -13.75 24.26
CA PHE A 760 -2.08 -12.74 24.88
C PHE A 760 -2.51 -11.36 24.36
N ARG A 761 -2.67 -10.40 25.28
CA ARG A 761 -2.92 -8.99 24.98
C ARG A 761 -2.04 -8.13 25.87
N MET A 762 -1.63 -6.95 25.39
CA MET A 762 -0.92 -6.06 26.29
C MET A 762 -1.21 -4.60 25.95
N VAL A 763 -1.27 -3.76 26.99
CA VAL A 763 -1.37 -2.30 26.85
C VAL A 763 -0.34 -1.76 27.83
N LEU A 764 0.65 -1.02 27.32
CA LEU A 764 1.82 -0.59 28.08
C LEU A 764 1.79 0.92 28.35
N ASP A 765 2.02 1.30 29.60
CA ASP A 765 2.41 2.67 29.96
C ASP A 765 3.91 2.76 29.70
N VAL A 766 4.30 3.39 28.60
CA VAL A 766 5.68 3.34 28.13
C VAL A 766 6.48 4.35 28.96
N GLY A 767 7.18 3.85 29.97
CA GLY A 767 7.97 4.74 30.80
C GLY A 767 7.58 4.54 32.25
N ASN A 768 6.29 4.30 32.52
CA ASN A 768 5.84 3.95 33.86
C ASN A 768 5.49 2.47 33.85
N TRP A 769 6.53 1.63 33.82
CA TRP A 769 6.40 0.27 33.30
C TRP A 769 5.48 -0.59 34.16
N ASP A 770 5.48 -0.39 35.47
CA ASP A 770 4.64 -1.21 36.32
C ASP A 770 3.15 -0.96 36.09
N GLN A 771 2.77 0.08 35.34
CA GLN A 771 1.38 0.31 35.02
C GLN A 771 0.91 -0.46 33.81
N GLY A 772 1.81 -1.21 33.16
CA GLY A 772 1.42 -1.97 31.99
C GLY A 772 0.51 -3.12 32.35
N ARG A 773 -0.38 -3.45 31.42
CA ARG A 773 -1.41 -4.44 31.63
C ARG A 773 -1.34 -5.50 30.55
N VAL A 774 -1.52 -6.77 30.93
CA VAL A 774 -1.49 -7.92 30.02
C VAL A 774 -2.50 -8.97 30.43
N VAL A 775 -2.79 -9.88 29.50
CA VAL A 775 -3.51 -11.10 29.81
C VAL A 775 -2.98 -12.19 28.87
N ASN A 776 -3.27 -13.44 29.23
CA ASN A 776 -3.00 -14.60 28.39
C ASN A 776 -4.17 -15.56 28.62
N THR A 777 -4.33 -16.58 27.77
CA THR A 777 -5.43 -17.51 28.04
C THR A 777 -5.18 -18.84 27.35
N PRO A 778 -5.52 -19.97 27.98
CA PRO A 778 -6.19 -20.05 29.30
C PRO A 778 -5.30 -19.87 30.53
N GLY A 779 -3.99 -19.95 30.38
CA GLY A 779 -3.11 -19.84 31.53
C GLY A 779 -1.64 -19.88 31.14
N GLN A 780 -0.80 -19.65 32.15
CA GLN A 780 0.64 -19.69 31.93
C GLN A 780 1.20 -21.11 31.97
N SER A 781 0.57 -22.01 32.71
CA SER A 781 1.06 -23.37 32.84
C SER A 781 0.47 -24.26 31.76
N GLY A 782 1.30 -25.20 31.29
CA GLY A 782 0.87 -26.27 30.42
C GLY A 782 0.52 -27.55 31.15
N ASP A 783 0.53 -27.50 32.49
CA ASP A 783 0.27 -28.67 33.33
C ASP A 783 -1.21 -28.66 33.70
N PRO A 784 -2.02 -29.59 33.19
CA PRO A 784 -3.46 -29.55 33.53
C PRO A 784 -3.74 -29.65 35.03
N GLY A 785 -2.81 -30.21 35.81
CA GLY A 785 -3.03 -30.24 37.25
C GLY A 785 -2.70 -28.95 37.98
N ASN A 786 -2.13 -27.97 37.29
CA ASN A 786 -1.73 -26.71 37.90
C ASN A 786 -2.85 -25.69 37.76
N SER A 787 -3.05 -24.89 38.82
CA SER A 787 -4.08 -23.85 38.78
C SER A 787 -3.78 -22.77 37.75
N HIS A 788 -2.50 -22.57 37.42
CA HIS A 788 -2.19 -21.64 36.34
C HIS A 788 -2.46 -22.22 34.96
N TYR A 789 -2.99 -23.44 34.87
CA TYR A 789 -3.42 -23.97 33.57
C TYR A 789 -4.63 -23.23 33.04
N ARG A 790 -5.48 -22.71 33.92
CA ARG A 790 -6.80 -22.27 33.51
C ARG A 790 -7.27 -21.03 34.28
N ASP A 791 -6.42 -20.44 35.12
CA ASP A 791 -6.85 -19.31 35.94
C ASP A 791 -6.96 -18.01 35.16
N LEU A 792 -6.32 -17.91 34.00
CA LEU A 792 -6.38 -16.62 33.29
C LEU A 792 -7.57 -16.52 32.35
N ALA A 793 -8.14 -17.64 31.93
CA ALA A 793 -9.30 -17.62 31.04
C ALA A 793 -10.46 -16.77 31.54
N PRO A 794 -10.89 -16.83 32.80
CA PRO A 794 -12.00 -15.95 33.22
C PRO A 794 -11.64 -14.48 33.18
N ILE A 795 -10.38 -14.12 33.46
CA ILE A 795 -9.95 -12.73 33.27
C ILE A 795 -10.02 -12.38 31.80
N TRP A 796 -9.40 -13.22 30.95
CA TRP A 796 -9.46 -12.98 29.51
C TRP A 796 -10.91 -12.83 29.05
N ALA A 797 -11.80 -13.69 29.56
CA ALA A 797 -13.16 -13.69 29.04
C ALA A 797 -13.91 -12.40 29.40
N LYS A 798 -13.55 -11.77 30.52
CA LYS A 798 -14.16 -10.50 30.89
C LYS A 798 -13.46 -9.29 30.26
N GLY A 799 -12.53 -9.51 29.34
CA GLY A 799 -11.81 -8.37 28.79
C GLY A 799 -11.00 -7.62 29.82
N GLN A 800 -10.55 -8.30 30.86
CA GLN A 800 -9.77 -7.72 31.93
C GLN A 800 -8.30 -8.10 31.78
N THR A 801 -7.47 -7.51 32.62
CA THR A 801 -6.03 -7.66 32.52
C THR A 801 -5.46 -7.83 33.92
N PHE A 802 -4.20 -8.22 33.99
CA PHE A 802 -3.47 -8.18 35.25
C PHE A 802 -2.19 -7.41 35.02
N PRO A 803 -1.54 -6.92 36.09
CA PRO A 803 -0.35 -6.08 35.90
C PRO A 803 0.84 -6.88 35.38
N LEU A 804 1.57 -6.25 34.46
CA LEU A 804 2.84 -6.78 33.98
C LEU A 804 3.95 -6.19 34.85
N VAL A 805 4.16 -6.78 36.02
CA VAL A 805 5.10 -6.23 36.99
C VAL A 805 6.52 -6.34 36.45
N TYR A 806 7.30 -5.25 36.62
CA TYR A 806 8.60 -5.09 35.95
C TYR A 806 9.73 -4.72 36.91
N SER A 807 9.52 -3.72 37.74
CA SER A 807 10.55 -3.36 38.72
C SER A 807 10.69 -4.46 39.78
N ARG A 808 11.85 -4.46 40.45
CA ARG A 808 12.14 -5.49 41.45
C ARG A 808 11.08 -5.52 42.53
N LYS A 809 10.77 -4.35 43.08
CA LYS A 809 9.81 -4.28 44.17
C LYS A 809 8.45 -4.77 43.71
N ALA A 810 8.03 -4.38 42.51
CA ALA A 810 6.74 -4.85 42.00
C ALA A 810 6.75 -6.36 41.77
N VAL A 811 7.85 -6.90 41.22
CA VAL A 811 7.97 -8.35 41.03
C VAL A 811 8.02 -9.06 42.37
N GLU A 812 8.75 -8.49 43.34
CA GLU A 812 8.84 -9.11 44.65
C GLU A 812 7.50 -9.05 45.38
N ARG A 813 6.75 -7.96 45.15
CA ARG A 813 5.46 -7.78 45.80
C ARG A 813 4.43 -8.80 45.30
N ALA A 814 4.48 -9.16 44.02
CA ALA A 814 3.51 -10.09 43.44
C ALA A 814 3.97 -11.53 43.43
N ALA A 815 5.15 -11.82 43.99
CA ALA A 815 5.73 -13.16 43.90
C ALA A 815 4.94 -14.15 44.73
N GLU A 816 4.76 -15.37 44.18
CA GLU A 816 4.11 -16.45 44.90
C GLU A 816 4.98 -17.67 45.11
N LYS A 817 6.04 -17.84 44.31
CA LYS A 817 6.91 -19.00 44.37
C LYS A 817 8.30 -18.55 43.95
N ARG A 818 9.34 -19.12 44.58
CA ARG A 818 10.72 -18.81 44.26
C ARG A 818 11.40 -20.10 43.79
N ILE A 819 12.21 -20.00 42.72
CA ILE A 819 12.97 -21.11 42.19
C ILE A 819 14.44 -20.71 42.16
N GLU A 820 15.30 -21.61 42.61
CA GLU A 820 16.72 -21.31 42.79
C GLU A 820 17.55 -22.28 41.96
N LEU A 821 18.34 -21.75 41.03
CA LEU A 821 19.18 -22.58 40.18
C LEU A 821 20.64 -22.46 40.58
N THR A 822 21.30 -23.59 40.83
CA THR A 822 22.69 -23.62 41.27
C THR A 822 23.59 -24.29 40.25
N PRO A 823 24.66 -23.63 39.80
CA PRO A 823 25.60 -24.28 38.88
C PRO A 823 26.15 -25.56 39.49
N ARG A 824 26.47 -26.51 38.61
CA ARG A 824 27.01 -27.80 39.00
C ARG A 824 27.98 -28.37 37.97
N THR B 36 38.52 29.85 10.80
CA THR B 36 37.43 28.88 10.75
C THR B 36 36.79 28.81 9.35
N ASP B 37 36.73 27.62 8.77
CA ASP B 37 36.06 27.40 7.50
C ASP B 37 34.65 26.88 7.74
N ARG B 38 33.73 27.32 6.88
CA ARG B 38 32.31 26.98 6.98
C ARG B 38 31.87 26.52 5.60
N TYR B 39 31.28 25.32 5.52
CA TYR B 39 30.83 24.78 4.23
C TYR B 39 29.40 24.28 4.32
N ALA B 40 28.68 24.39 3.20
CA ALA B 40 27.36 23.78 3.08
C ALA B 40 27.48 22.27 2.99
N ALA B 41 26.53 21.57 3.61
CA ALA B 41 26.57 20.11 3.74
C ALA B 41 25.24 19.50 3.34
N PRO B 42 24.98 19.40 2.03
CA PRO B 42 23.74 18.74 1.56
C PRO B 42 23.71 17.28 1.97
N GLY B 43 22.60 16.87 2.58
CA GLY B 43 22.47 15.54 3.13
C GLY B 43 22.84 15.44 4.60
N LEU B 44 23.51 16.44 5.15
CA LEU B 44 23.81 16.45 6.57
C LEU B 44 22.55 16.79 7.32
N GLU B 45 22.30 16.06 8.41
CA GLU B 45 21.03 16.25 9.11
C GLU B 45 21.08 17.46 10.03
N LYS B 46 22.12 17.55 10.84
CA LYS B 46 22.26 18.59 11.85
C LYS B 46 23.66 19.21 11.75
N PRO B 47 23.87 20.40 12.32
CA PRO B 47 25.19 21.01 12.31
C PRO B 47 26.25 20.08 12.88
N ALA B 48 27.44 20.13 12.28
CA ALA B 48 28.59 19.35 12.69
C ALA B 48 29.82 20.27 12.75
N SER B 49 30.73 19.96 13.69
CA SER B 49 31.97 20.69 13.84
C SER B 49 33.13 19.70 13.83
N ILE B 50 34.25 20.10 13.21
CA ILE B 50 35.44 19.29 13.15
C ILE B 50 36.64 20.11 13.61
N LEU B 51 37.36 19.61 14.60
CA LEU B 51 38.61 20.22 15.05
C LEU B 51 39.78 19.40 14.54
N ILE B 52 40.65 20.02 13.76
CA ILE B 52 41.89 19.39 13.31
C ILE B 52 43.00 19.80 14.28
N ASP B 53 43.65 18.81 14.87
CA ASP B 53 44.68 19.11 15.85
C ASP B 53 46.01 19.37 15.15
N ARG B 54 47.03 19.70 15.94
CA ARG B 54 48.30 20.17 15.38
C ARG B 54 49.06 19.08 14.65
N TRP B 55 48.64 17.82 14.75
CA TRP B 55 49.26 16.73 14.02
C TRP B 55 48.43 16.26 12.83
N GLY B 56 47.37 16.98 12.48
CA GLY B 56 46.56 16.63 11.34
C GLY B 56 45.47 15.61 11.59
N VAL B 57 45.19 15.29 12.84
CA VAL B 57 44.11 14.35 13.19
C VAL B 57 42.80 15.12 13.28
N PRO B 58 41.79 14.78 12.49
CA PRO B 58 40.48 15.44 12.61
C PRO B 58 39.65 14.86 13.75
N HIS B 59 39.03 15.74 14.53
CA HIS B 59 38.14 15.32 15.61
C HIS B 59 36.74 15.82 15.30
N ILE B 60 35.83 14.87 14.97
CA ILE B 60 34.51 15.13 14.40
C ILE B 60 33.45 15.07 15.48
N TYR B 61 32.62 16.11 15.57
CA TYR B 61 31.52 16.20 16.54
C TYR B 61 30.24 16.42 15.76
N ALA B 62 29.39 15.41 15.70
CA ALA B 62 28.14 15.48 14.96
C ALA B 62 26.96 15.40 15.94
N GLY B 63 25.79 15.82 15.45
CA GLY B 63 24.58 15.84 16.25
C GLY B 63 23.71 14.60 16.11
N THR B 64 23.96 13.77 15.11
CA THR B 64 23.28 12.50 14.97
C THR B 64 24.31 11.41 14.72
N LEU B 65 23.87 10.17 14.95
CA LEU B 65 24.76 9.02 14.76
C LEU B 65 25.32 9.00 13.34
N TYR B 66 24.45 9.04 12.34
CA TYR B 66 24.94 8.87 10.98
C TYR B 66 25.60 10.12 10.43
N ASP B 67 25.31 11.28 11.02
CA ASP B 67 26.02 12.51 10.65
C ASP B 67 27.52 12.39 10.90
N ALA B 68 27.93 11.60 11.90
CA ALA B 68 29.36 11.46 12.16
C ALA B 68 30.06 10.83 10.96
N PHE B 69 29.39 9.90 10.28
CA PHE B 69 30.03 9.29 9.13
C PHE B 69 29.96 10.19 7.91
N TYR B 70 28.92 11.02 7.81
CA TYR B 70 28.89 12.08 6.79
C TYR B 70 30.10 12.99 6.95
N ALA B 71 30.32 13.47 8.18
CA ALA B 71 31.45 14.36 8.39
C ALA B 71 32.78 13.63 8.14
N GLN B 72 32.87 12.34 8.51
CA GLN B 72 34.09 11.58 8.22
C GLN B 72 34.33 11.45 6.72
N GLY B 73 33.29 11.18 5.96
CA GLY B 73 33.44 11.16 4.50
C GLY B 73 33.91 12.49 3.96
N PHE B 74 33.31 13.58 4.47
CA PHE B 74 33.73 14.93 4.06
C PHE B 74 35.19 15.17 4.38
N ILE B 75 35.60 14.81 5.58
CA ILE B 75 36.95 15.07 6.07
C ILE B 75 37.95 14.14 5.39
N ALA B 76 37.58 12.87 5.18
CA ALA B 76 38.47 11.97 4.44
C ALA B 76 38.71 12.46 3.03
N ALA B 77 37.69 13.01 2.39
CA ALA B 77 37.88 13.58 1.07
C ALA B 77 38.74 14.83 1.13
N ARG B 78 38.53 15.66 2.16
CA ARG B 78 39.30 16.89 2.30
C ARG B 78 40.79 16.59 2.38
N ASP B 79 41.17 15.52 3.09
CA ASP B 79 42.56 15.12 3.30
C ASP B 79 43.11 14.16 2.24
N ARG B 80 42.27 13.28 1.70
CA ARG B 80 42.77 12.17 0.90
C ARG B 80 41.94 11.92 -0.35
N LEU B 81 41.29 12.95 -0.90
CA LEU B 81 40.34 12.75 -2.01
C LEU B 81 40.99 12.01 -3.18
N TRP B 82 42.19 12.44 -3.60
CA TRP B 82 42.79 11.77 -4.74
C TRP B 82 43.02 10.29 -4.45
N GLN B 83 43.56 10.00 -3.26
CA GLN B 83 43.83 8.60 -2.89
C GLN B 83 42.54 7.78 -2.87
N ILE B 84 41.49 8.29 -2.21
CA ILE B 84 40.29 7.45 -2.11
C ILE B 84 39.56 7.38 -3.44
N ASP B 85 39.60 8.46 -4.24
CA ASP B 85 39.04 8.36 -5.59
C ASP B 85 39.78 7.34 -6.42
N LEU B 86 41.10 7.27 -6.24
CA LEU B 86 41.91 6.34 -7.01
C LEU B 86 41.60 4.90 -6.62
N TRP B 87 41.50 4.63 -5.31
CA TRP B 87 41.11 3.30 -4.84
C TRP B 87 39.82 2.84 -5.49
N ARG B 88 38.81 3.71 -5.48
CA ARG B 88 37.52 3.40 -6.09
C ARG B 88 37.64 3.22 -7.60
N LYS B 89 38.42 4.09 -8.25
CA LYS B 89 38.58 4.03 -9.70
C LYS B 89 39.17 2.71 -10.13
N ARG B 90 40.21 2.26 -9.43
CA ARG B 90 40.79 0.96 -9.72
C ARG B 90 39.79 -0.15 -9.44
N GLY B 91 39.08 -0.04 -8.30
CA GLY B 91 38.19 -1.10 -7.86
C GLY B 91 37.03 -1.34 -8.81
N LEU B 92 36.47 -0.27 -9.36
CA LEU B 92 35.37 -0.39 -10.31
C LEU B 92 35.86 -0.58 -11.74
N GLY B 93 37.17 -0.63 -11.96
CA GLY B 93 37.69 -0.80 -13.30
C GLY B 93 37.38 0.37 -14.21
N GLU B 94 37.62 1.59 -13.71
CA GLU B 94 37.35 2.82 -14.47
C GLU B 94 38.64 3.57 -14.76
N MET B 95 39.77 2.87 -14.71
CA MET B 95 41.07 3.49 -14.92
C MET B 95 41.22 3.98 -16.36
N ALA B 96 40.83 3.14 -17.33
CA ALA B 96 41.08 3.47 -18.72
C ALA B 96 40.31 4.70 -19.18
N ARG B 97 39.15 4.96 -18.56
CA ARG B 97 38.34 6.12 -18.88
C ARG B 97 39.17 7.42 -18.93
N ASP B 98 40.17 7.52 -18.06
CA ASP B 98 40.98 8.71 -17.93
C ASP B 98 42.47 8.48 -18.21
N PHE B 99 42.95 7.24 -18.14
CA PHE B 99 44.36 6.93 -18.27
C PHE B 99 44.72 6.19 -19.54
N GLY B 100 43.76 5.88 -20.39
CA GLY B 100 44.03 5.42 -21.72
C GLY B 100 43.98 3.92 -21.89
N PRO B 101 44.29 3.46 -23.11
CA PRO B 101 44.09 2.05 -23.45
C PRO B 101 45.01 1.08 -22.71
N ALA B 102 46.11 1.56 -22.12
CA ALA B 102 47.00 0.69 -21.35
C ALA B 102 46.31 0.05 -20.14
N TYR B 103 45.17 0.57 -19.70
CA TYR B 103 44.52 0.14 -18.46
C TYR B 103 43.28 -0.72 -18.66
N VAL B 104 42.96 -1.12 -19.90
CA VAL B 104 41.75 -1.87 -20.20
C VAL B 104 41.79 -3.26 -19.56
N ASP B 105 42.90 -3.98 -19.73
CA ASP B 105 42.97 -5.33 -19.17
C ASP B 105 42.81 -5.30 -17.65
N GLY B 106 43.41 -4.31 -17.00
CA GLY B 106 43.26 -4.20 -15.57
C GLY B 106 41.83 -3.90 -15.17
N ASP B 107 41.15 -3.05 -15.95
CA ASP B 107 39.76 -2.71 -15.68
C ASP B 107 38.86 -3.93 -15.82
N ARG B 108 39.07 -4.73 -16.87
CA ARG B 108 38.28 -5.94 -17.06
C ARG B 108 38.47 -6.90 -15.89
N MET B 109 39.72 -7.14 -15.51
CA MET B 109 39.99 -8.07 -14.42
C MET B 109 39.52 -7.54 -13.07
N ALA B 110 39.54 -6.22 -12.86
CA ALA B 110 39.00 -5.68 -11.61
C ALA B 110 37.51 -5.96 -11.48
N ARG B 111 36.78 -5.80 -12.58
CA ARG B 111 35.36 -6.11 -12.56
C ARG B 111 35.11 -7.59 -12.40
N ALA B 112 36.05 -8.42 -12.82
CA ALA B 112 35.90 -9.85 -12.62
C ALA B 112 35.92 -10.22 -11.15
N VAL B 113 36.51 -9.39 -10.31
CA VAL B 113 36.65 -9.71 -8.90
C VAL B 113 35.95 -8.71 -7.99
N LEU B 114 34.92 -8.02 -8.49
CA LEU B 114 34.00 -7.29 -7.63
C LEU B 114 32.96 -8.23 -7.04
N TYR B 115 32.40 -7.82 -5.90
CA TYR B 115 31.31 -8.61 -5.32
C TYR B 115 30.11 -8.65 -6.25
N ARG B 116 29.66 -9.85 -6.58
CA ARG B 116 28.52 -10.04 -7.48
C ARG B 116 27.36 -10.78 -6.81
N GLY B 117 27.45 -11.08 -5.53
CA GLY B 117 26.44 -11.87 -4.87
C GLY B 117 25.23 -11.05 -4.46
N ASP B 118 24.42 -11.66 -3.60
CA ASP B 118 23.22 -11.02 -3.07
C ASP B 118 23.55 -9.79 -2.22
N MET B 119 23.00 -8.64 -2.61
CA MET B 119 23.30 -7.38 -1.91
C MET B 119 22.49 -7.22 -0.62
N TYR B 120 21.27 -7.78 -0.58
CA TYR B 120 20.52 -7.76 0.66
C TYR B 120 21.35 -8.39 1.77
N ARG B 121 21.91 -9.58 1.50
CA ARG B 121 22.74 -10.26 2.49
C ARG B 121 24.00 -9.47 2.79
N GLU B 122 24.60 -8.91 1.74
CA GLU B 122 25.86 -8.17 1.89
C GLU B 122 25.71 -7.04 2.91
N TRP B 123 24.67 -6.23 2.79
CA TRP B 123 24.53 -5.12 3.70
C TRP B 123 24.42 -5.60 5.14
N LEU B 124 23.75 -6.74 5.37
CA LEU B 124 23.53 -7.27 6.71
C LEU B 124 24.72 -8.07 7.25
N ALA B 125 25.78 -8.24 6.45
CA ALA B 125 26.89 -9.09 6.89
C ALA B 125 27.76 -8.43 7.95
N TYR B 126 27.78 -7.10 8.02
CA TYR B 126 28.73 -6.40 8.85
C TYR B 126 28.12 -5.91 10.15
N GLY B 127 26.86 -6.20 10.40
CA GLY B 127 26.08 -5.62 11.46
C GLY B 127 24.73 -5.23 10.90
N SER B 128 23.97 -4.48 11.70
CA SER B 128 22.59 -4.21 11.33
C SER B 128 22.37 -2.85 10.67
N ASP B 129 23.33 -1.92 10.74
CA ASP B 129 23.11 -0.59 10.15
C ASP B 129 24.24 -0.15 9.22
N ALA B 130 24.94 -1.10 8.59
CA ALA B 130 26.06 -0.75 7.73
C ALA B 130 25.64 0.09 6.53
N LYS B 131 24.44 -0.18 5.96
CA LYS B 131 24.03 0.56 4.77
C LYS B 131 23.80 2.03 5.08
N ARG B 132 23.15 2.32 6.21
CA ARG B 132 23.00 3.71 6.63
C ARG B 132 24.35 4.37 6.87
N VAL B 133 25.28 3.66 7.50
CA VAL B 133 26.62 4.19 7.68
C VAL B 133 27.24 4.50 6.34
N ALA B 134 27.18 3.53 5.41
CA ALA B 134 27.79 3.72 4.10
C ALA B 134 27.14 4.85 3.32
N GLU B 135 25.80 4.96 3.39
N GLU B 135 25.80 4.97 3.38
CA GLU B 135 25.12 6.04 2.68
CA GLU B 135 25.13 6.05 2.67
C GLU B 135 25.52 7.40 3.24
C GLU B 135 25.55 7.40 3.23
N ALA B 136 25.67 7.51 4.56
CA ALA B 136 26.08 8.78 5.16
C ALA B 136 27.50 9.15 4.74
N PHE B 137 28.42 8.18 4.76
CA PHE B 137 29.82 8.43 4.41
C PHE B 137 29.94 8.94 2.99
N VAL B 138 29.29 8.27 2.02
CA VAL B 138 29.46 8.70 0.64
C VAL B 138 28.72 10.02 0.36
N ALA B 139 27.66 10.33 1.12
CA ALA B 139 27.07 11.67 0.99
C ALA B 139 28.06 12.74 1.40
N GLY B 140 28.85 12.46 2.44
CA GLY B 140 29.91 13.37 2.85
C GLY B 140 31.02 13.45 1.82
N VAL B 141 31.46 12.30 1.29
CA VAL B 141 32.42 12.32 0.20
C VAL B 141 31.91 13.15 -0.96
N ASN B 142 30.67 12.89 -1.42
CA ASN B 142 30.13 13.58 -2.59
C ASN B 142 29.95 15.07 -2.34
N ALA B 143 29.61 15.44 -1.11
CA ALA B 143 29.55 16.85 -0.75
C ALA B 143 30.90 17.53 -0.97
N TYR B 144 31.99 16.85 -0.61
CA TYR B 144 33.30 17.46 -0.84
C TYR B 144 33.67 17.48 -2.34
N VAL B 145 33.29 16.45 -3.09
CA VAL B 145 33.57 16.45 -4.52
C VAL B 145 32.86 17.63 -5.20
N ALA B 146 31.58 17.83 -4.87
CA ALA B 146 30.87 18.97 -5.43
C ALA B 146 31.57 20.28 -5.09
N LEU B 147 32.12 20.37 -3.89
CA LEU B 147 32.83 21.57 -3.49
C LEU B 147 34.09 21.78 -4.33
N THR B 148 34.83 20.70 -4.68
CA THR B 148 35.98 20.85 -5.58
C THR B 148 35.57 21.28 -6.98
N GLU B 149 34.33 21.01 -7.39
CA GLU B 149 33.85 21.47 -8.68
C GLU B 149 33.62 22.97 -8.70
N ALA B 150 33.19 23.53 -7.56
CA ALA B 150 32.94 24.97 -7.42
C ALA B 150 34.21 25.75 -7.07
N GLN B 151 35.16 25.15 -6.37
CA GLN B 151 36.35 25.84 -5.86
C GLN B 151 37.62 25.11 -6.31
N PRO B 152 38.12 25.45 -7.50
CA PRO B 152 39.27 24.70 -8.05
C PRO B 152 40.53 24.76 -7.19
N GLU B 153 40.62 25.66 -6.21
CA GLU B 153 41.75 25.64 -5.28
C GLU B 153 41.71 24.44 -4.33
N LEU B 154 40.54 23.83 -4.17
CA LEU B 154 40.39 22.62 -3.37
C LEU B 154 40.56 21.33 -4.18
N LEU B 155 40.68 21.43 -5.50
CA LEU B 155 40.89 20.23 -6.32
C LEU B 155 42.30 19.69 -6.08
N PRO B 156 42.45 18.43 -5.68
CA PRO B 156 43.80 17.86 -5.54
C PRO B 156 44.61 18.01 -6.83
N ARG B 157 45.90 18.31 -6.67
CA ARG B 157 46.75 18.64 -7.81
C ARG B 157 47.00 17.45 -8.74
N GLU B 158 46.84 16.22 -8.25
CA GLU B 158 46.97 15.06 -9.12
C GLU B 158 45.89 15.05 -10.20
N PHE B 159 44.69 15.51 -9.86
CA PHE B 159 43.62 15.58 -10.86
C PHE B 159 44.00 16.55 -11.97
N LYS B 160 44.54 17.70 -11.60
CA LYS B 160 45.00 18.70 -12.57
C LYS B 160 46.12 18.12 -13.43
N GLN B 161 47.11 17.51 -12.79
CA GLN B 161 48.25 16.93 -13.50
C GLN B 161 47.80 15.94 -14.56
N LEU B 162 46.86 15.09 -14.21
CA LEU B 162 46.46 13.99 -15.09
C LEU B 162 45.24 14.32 -15.94
N GLY B 163 44.57 15.45 -15.70
CA GLY B 163 43.49 15.89 -16.55
C GLY B 163 42.17 15.16 -16.39
N TYR B 164 41.73 14.94 -15.16
CA TYR B 164 40.40 14.38 -14.91
C TYR B 164 39.89 14.90 -13.57
N LYS B 165 38.69 14.44 -13.22
CA LYS B 165 37.93 14.93 -12.08
C LYS B 165 37.55 13.78 -11.17
N PRO B 166 37.41 14.03 -9.87
CA PRO B 166 36.94 12.97 -8.97
C PRO B 166 35.50 12.60 -9.29
N SER B 167 35.16 11.33 -9.01
CA SER B 167 33.82 10.82 -9.24
C SER B 167 32.96 10.98 -7.99
N ARG B 168 31.66 10.95 -8.19
CA ARG B 168 30.73 10.77 -7.09
C ARG B 168 30.59 9.29 -6.75
N TRP B 169 30.33 8.99 -5.48
CA TRP B 169 30.31 7.63 -4.97
C TRP B 169 28.87 7.16 -4.76
N ARG B 170 28.66 5.84 -4.93
CA ARG B 170 27.47 5.15 -4.46
C ARG B 170 27.82 4.33 -3.21
N ALA B 171 26.86 4.23 -2.28
CA ALA B 171 27.12 3.48 -1.05
C ALA B 171 27.64 2.06 -1.33
N GLU B 172 27.13 1.43 -2.38
CA GLU B 172 27.52 0.05 -2.66
C GLU B 172 28.98 -0.08 -3.08
N ASP B 173 29.60 0.98 -3.60
CA ASP B 173 31.03 0.93 -3.90
C ASP B 173 31.87 0.56 -2.69
N ILE B 174 31.43 1.01 -1.50
CA ILE B 174 32.16 0.75 -0.26
C ILE B 174 32.33 -0.74 -0.01
N VAL B 175 31.29 -1.52 -0.29
CA VAL B 175 31.33 -2.93 0.06
C VAL B 175 31.61 -3.83 -1.15
N ARG B 176 31.37 -3.36 -2.37
CA ARG B 176 31.57 -4.23 -3.52
C ARG B 176 33.03 -4.36 -3.93
N ILE B 177 33.87 -3.42 -3.55
CA ILE B 177 35.30 -3.49 -3.87
C ILE B 177 36.00 -4.38 -2.85
N ARG B 178 36.68 -5.42 -3.33
CA ARG B 178 37.24 -6.48 -2.51
C ARG B 178 38.74 -6.69 -2.70
N HIS B 179 39.28 -6.41 -3.88
CA HIS B 179 40.56 -7.00 -4.28
C HIS B 179 41.77 -6.42 -3.56
N HIS B 180 41.61 -5.37 -2.76
CA HIS B 180 42.71 -4.77 -1.99
C HIS B 180 42.93 -5.46 -0.65
N GLY B 181 42.07 -6.42 -0.28
CA GLY B 181 42.22 -7.07 1.00
C GLY B 181 43.36 -8.07 0.98
N LEU B 182 44.17 -8.04 2.05
CA LEU B 182 45.27 -8.99 2.18
C LEU B 182 44.74 -10.42 2.21
N THR B 183 45.36 -11.31 1.45
CA THR B 183 44.81 -12.65 1.30
C THR B 183 45.88 -13.62 0.82
N LEU B 184 45.49 -14.90 0.77
CA LEU B 184 46.33 -16.01 0.33
C LEU B 184 45.40 -17.20 0.14
N ASN B 185 45.84 -18.23 -0.60
CA ASN B 185 47.20 -18.42 -1.09
C ASN B 185 47.22 -18.84 -2.56
N PHE B 186 46.47 -18.12 -3.39
CA PHE B 186 46.55 -18.36 -4.83
C PHE B 186 48.00 -18.37 -5.29
N THR B 187 48.76 -17.36 -4.86
CA THR B 187 50.14 -17.25 -5.31
C THR B 187 50.99 -18.41 -4.81
N GLY B 188 50.79 -18.81 -3.56
CA GLY B 188 51.52 -19.95 -3.03
C GLY B 188 51.20 -21.25 -3.75
N GLU B 189 49.91 -21.51 -4.03
CA GLU B 189 49.49 -22.71 -4.77
C GLU B 189 50.13 -22.76 -6.15
N VAL B 190 50.15 -21.62 -6.84
CA VAL B 190 50.76 -21.56 -8.17
C VAL B 190 52.26 -21.85 -8.08
N ASP B 191 52.94 -21.21 -7.12
CA ASP B 191 54.38 -21.44 -6.98
C ASP B 191 54.69 -22.89 -6.63
N ARG B 192 53.92 -23.45 -5.71
CA ARG B 192 54.15 -24.83 -5.27
C ARG B 192 53.88 -25.82 -6.41
N ALA B 193 52.80 -25.60 -7.18
CA ALA B 193 52.54 -26.48 -8.31
C ALA B 193 53.66 -26.42 -9.34
N THR B 194 54.14 -25.21 -9.64
CA THR B 194 55.25 -25.05 -10.59
C THR B 194 56.51 -25.75 -10.11
N LEU B 195 56.78 -25.66 -8.81
CA LEU B 195 57.94 -26.36 -8.25
C LEU B 195 57.80 -27.87 -8.38
N TYR B 196 56.66 -28.42 -7.98
CA TYR B 196 56.47 -29.85 -8.08
C TYR B 196 56.56 -30.31 -9.53
N CYS B 197 56.11 -29.49 -10.47
CA CYS B 197 56.26 -29.82 -11.88
C CYS B 197 57.72 -29.83 -12.31
N GLN B 198 58.44 -28.72 -12.04
CA GLN B 198 59.81 -28.60 -12.54
C GLN B 198 60.84 -29.32 -11.68
N ALA B 199 60.57 -29.51 -10.38
CA ALA B 199 61.55 -30.10 -9.46
C ALA B 199 61.41 -31.60 -9.33
N LYS B 200 60.32 -32.18 -9.85
CA LYS B 200 60.15 -33.62 -9.95
C LYS B 200 60.36 -34.34 -8.61
N GLU B 201 61.33 -35.27 -8.58
CA GLU B 201 61.55 -36.08 -7.38
C GLU B 201 62.12 -35.26 -6.23
N GLN B 202 62.77 -34.14 -6.52
CA GLN B 202 63.26 -33.28 -5.45
C GLN B 202 62.22 -32.25 -5.03
N ALA B 203 60.96 -32.42 -5.46
CA ALA B 203 59.97 -31.36 -5.25
C ALA B 203 59.76 -31.11 -3.76
N ALA B 204 59.50 -32.17 -2.98
CA ALA B 204 59.22 -32.01 -1.55
C ALA B 204 60.40 -31.38 -0.81
N ARG B 205 61.63 -31.80 -1.12
CA ARG B 205 62.78 -31.21 -0.43
C ARG B 205 62.99 -29.76 -0.86
N ALA B 206 62.74 -29.44 -2.13
CA ALA B 206 62.87 -28.07 -2.58
C ALA B 206 61.76 -27.20 -1.99
N ASP B 207 60.53 -27.71 -1.92
CA ASP B 207 59.44 -26.91 -1.37
C ASP B 207 59.61 -26.70 0.11
N TRP B 208 60.26 -27.66 0.79
CA TRP B 208 60.58 -27.49 2.20
C TRP B 208 61.50 -26.29 2.38
N LEU B 209 62.43 -26.10 1.45
CA LEU B 209 63.29 -24.93 1.49
C LEU B 209 62.53 -23.68 1.08
N ARG B 210 61.53 -23.82 0.20
CA ARG B 210 60.84 -22.64 -0.33
C ARG B 210 59.92 -21.99 0.71
N ARG B 211 59.22 -22.76 1.54
CA ARG B 211 58.14 -22.17 2.34
C ARG B 211 57.92 -22.93 3.64
N GLU B 212 58.10 -22.25 4.77
CA GLU B 212 57.81 -22.85 6.05
C GLU B 212 56.31 -23.08 6.22
N LEU B 213 55.94 -24.23 6.73
CA LEU B 213 54.57 -24.54 7.09
C LEU B 213 54.50 -24.70 8.60
N ASP B 214 53.39 -24.24 9.19
CA ASP B 214 53.18 -24.38 10.62
C ASP B 214 51.68 -24.66 10.83
N PRO B 215 51.32 -25.88 11.27
CA PRO B 215 52.22 -27.00 11.60
C PRO B 215 52.93 -27.57 10.38
N PRO B 216 54.10 -28.15 10.60
CA PRO B 216 54.93 -28.55 9.45
C PRO B 216 54.49 -29.88 8.85
N ILE B 217 53.30 -29.88 8.23
CA ILE B 217 52.78 -31.08 7.60
C ILE B 217 53.56 -31.33 6.31
N THR B 218 53.39 -32.50 5.72
CA THR B 218 53.87 -32.70 4.37
C THR B 218 52.72 -32.48 3.41
N PRO B 219 52.84 -31.51 2.50
CA PRO B 219 51.77 -31.26 1.52
C PRO B 219 51.43 -32.51 0.71
N THR B 220 50.16 -32.59 0.33
CA THR B 220 49.62 -33.71 -0.44
C THR B 220 49.22 -33.20 -1.82
N LEU B 221 49.92 -33.65 -2.83
CA LEU B 221 49.53 -33.35 -4.20
C LEU B 221 48.14 -33.94 -4.42
N PRO B 222 47.13 -33.13 -4.71
CA PRO B 222 45.77 -33.67 -4.83
C PRO B 222 45.67 -34.65 -6.00
N GLU B 223 44.96 -35.75 -5.75
CA GLU B 223 44.70 -36.73 -6.79
C GLU B 223 43.90 -36.09 -7.92
N GLY B 224 44.41 -36.19 -9.15
CA GLY B 224 43.78 -35.55 -10.29
C GLY B 224 44.45 -34.27 -10.76
N LEU B 225 45.38 -33.73 -10.00
CA LEU B 225 46.06 -32.50 -10.41
C LEU B 225 47.31 -32.86 -11.18
N ASP B 226 47.44 -32.31 -12.39
CA ASP B 226 48.71 -32.30 -13.11
C ASP B 226 49.44 -31.04 -12.70
N PRO B 227 50.49 -31.13 -11.88
CA PRO B 227 51.21 -29.91 -11.45
C PRO B 227 51.72 -29.10 -12.61
N CYS B 228 51.98 -29.76 -13.75
CA CYS B 228 52.49 -29.05 -14.92
C CYS B 228 51.41 -28.30 -15.66
N ALA B 229 50.13 -28.58 -15.38
CA ALA B 229 49.03 -27.83 -15.99
C ALA B 229 48.68 -26.59 -15.17
N VAL B 230 49.69 -25.92 -14.63
CA VAL B 230 49.51 -24.68 -13.88
C VAL B 230 50.49 -23.66 -14.44
N PRO B 231 50.12 -22.92 -15.46
CA PRO B 231 51.04 -21.96 -16.09
C PRO B 231 51.24 -20.73 -15.22
N ALA B 232 52.35 -20.65 -14.49
CA ALA B 232 52.51 -19.64 -13.46
C ALA B 232 52.48 -18.23 -14.03
N ALA B 233 53.27 -17.97 -15.09
CA ALA B 233 53.39 -16.62 -15.63
C ALA B 233 52.05 -16.08 -16.11
N ALA B 234 51.31 -16.88 -16.88
CA ALA B 234 50.04 -16.40 -17.39
C ALA B 234 49.04 -16.17 -16.25
N LEU B 235 49.01 -17.06 -15.26
CA LEU B 235 48.07 -16.92 -14.15
C LEU B 235 48.44 -15.75 -13.25
N LYS B 236 49.75 -15.59 -12.96
CA LYS B 236 50.18 -14.49 -12.10
C LYS B 236 49.90 -13.15 -12.75
N LYS B 237 50.09 -13.07 -14.08
CA LYS B 237 49.75 -11.87 -14.82
C LYS B 237 48.27 -11.57 -14.68
N ALA B 238 47.41 -12.60 -14.81
CA ALA B 238 45.97 -12.41 -14.72
C ALA B 238 45.56 -12.02 -13.30
N TYR B 239 46.19 -12.63 -12.29
CA TYR B 239 45.88 -12.31 -10.90
C TYR B 239 46.35 -10.91 -10.54
N THR B 240 47.55 -10.52 -10.96
CA THR B 240 48.03 -9.16 -10.72
C THR B 240 47.09 -8.13 -11.33
N LEU B 241 46.66 -8.36 -12.57
CA LEU B 241 45.72 -7.46 -13.22
C LEU B 241 44.43 -7.33 -12.42
N ALA B 242 44.01 -8.39 -11.76
CA ALA B 242 42.75 -8.36 -11.03
C ALA B 242 42.87 -7.71 -9.65
N THR B 243 44.04 -7.80 -9.01
CA THR B 243 44.15 -7.45 -7.59
C THR B 243 45.12 -6.32 -7.26
N ALA B 244 46.15 -6.08 -8.07
CA ALA B 244 47.22 -5.16 -7.69
C ALA B 244 46.74 -3.70 -7.61
N ALA B 245 47.40 -2.93 -6.75
CA ALA B 245 47.07 -1.52 -6.58
C ALA B 245 47.30 -0.75 -7.87
N ALA B 246 46.58 0.36 -8.02
CA ALA B 246 46.79 1.26 -9.15
C ALA B 246 48.28 1.50 -9.36
N ASN B 247 48.71 1.45 -10.62
CA ASN B 247 50.12 1.61 -10.93
C ASN B 247 50.29 2.50 -12.15
N PHE B 248 51.37 3.30 -12.15
CA PHE B 248 51.63 4.29 -13.19
C PHE B 248 53.06 4.10 -13.71
N PRO B 249 53.28 3.08 -14.54
CA PRO B 249 54.62 2.84 -15.07
C PRO B 249 54.90 3.75 -16.24
N LYS B 250 56.19 4.05 -16.43
CA LYS B 250 56.61 4.94 -17.52
C LYS B 250 56.06 4.44 -18.86
N GLU B 251 56.07 3.12 -19.06
CA GLU B 251 55.67 2.50 -20.34
C GLU B 251 54.27 2.93 -20.81
N ALA B 252 53.37 3.22 -19.87
CA ALA B 252 52.03 3.68 -20.22
C ALA B 252 51.94 5.19 -20.25
N TRP B 253 53.05 5.89 -20.07
CA TRP B 253 53.08 7.34 -20.00
C TRP B 253 54.28 7.90 -20.77
N SER B 282 52.85 -7.28 11.09
CA SER B 282 52.19 -6.56 12.17
C SER B 282 52.56 -7.12 13.54
N ASN B 283 52.61 -6.25 14.55
CA ASN B 283 52.63 -6.65 15.95
C ASN B 283 51.42 -6.05 16.67
N ASN B 284 50.91 -6.80 17.66
CA ASN B 284 50.09 -6.19 18.69
C ASN B 284 50.34 -6.90 20.01
N TRP B 285 49.93 -6.26 21.09
CA TRP B 285 49.93 -6.88 22.42
C TRP B 285 48.98 -6.14 23.35
N VAL B 286 48.55 -6.85 24.40
CA VAL B 286 47.77 -6.28 25.50
C VAL B 286 48.34 -6.80 26.81
N ILE B 287 48.45 -5.91 27.79
CA ILE B 287 49.06 -6.22 29.08
C ILE B 287 48.09 -5.82 30.17
N ALA B 288 47.90 -6.70 31.15
CA ALA B 288 46.94 -6.42 32.23
C ALA B 288 47.46 -5.31 33.13
N GLY B 289 46.51 -4.63 33.79
CA GLY B 289 46.85 -3.49 34.60
C GLY B 289 47.77 -3.81 35.76
N SER B 290 47.69 -5.04 36.30
CA SER B 290 48.59 -5.42 37.37
C SER B 290 50.04 -5.50 36.90
N ARG B 291 50.26 -5.53 35.58
CA ARG B 291 51.59 -5.66 35.01
C ARG B 291 52.00 -4.37 34.29
N THR B 292 51.34 -3.26 34.59
CA THR B 292 51.67 -1.99 33.98
C THR B 292 51.99 -0.95 35.05
N SER B 293 52.81 0.02 34.64
CA SER B 293 53.14 1.11 35.53
C SER B 293 51.92 1.96 35.90
N THR B 294 50.87 1.93 35.09
CA THR B 294 49.70 2.74 35.37
C THR B 294 48.69 2.04 36.26
N GLY B 295 48.74 0.72 36.34
CA GLY B 295 47.68 -0.04 36.96
C GLY B 295 46.52 -0.35 36.05
N ARG B 296 46.49 0.18 34.81
CA ARG B 296 45.46 -0.05 33.81
C ARG B 296 46.02 -0.82 32.61
N PRO B 297 45.17 -1.44 31.79
CA PRO B 297 45.70 -2.18 30.64
C PRO B 297 46.46 -1.25 29.70
N ILE B 298 47.42 -1.83 28.99
CA ILE B 298 48.09 -1.17 27.88
C ILE B 298 47.82 -2.05 26.66
N LEU B 299 47.39 -1.41 25.58
CA LEU B 299 47.16 -2.06 24.30
C LEU B 299 48.00 -1.35 23.24
N ALA B 300 48.81 -2.13 22.52
CA ALA B 300 49.71 -1.62 21.50
C ALA B 300 49.45 -2.35 20.18
N ASN B 301 49.61 -1.63 19.08
CA ASN B 301 49.41 -2.18 17.75
C ASN B 301 50.24 -1.39 16.75
N ASP B 302 51.07 -2.09 15.97
CA ASP B 302 51.71 -1.50 14.80
C ASP B 302 51.53 -2.44 13.61
N PRO B 303 50.50 -2.22 12.78
CA PRO B 303 50.35 -3.00 11.55
C PRO B 303 51.55 -2.82 10.64
N HIS B 304 51.91 -3.87 9.88
CA HIS B 304 53.01 -3.77 8.92
C HIS B 304 52.44 -3.89 7.51
N ARG B 305 52.47 -2.77 6.79
CA ARG B 305 51.85 -2.64 5.48
C ARG B 305 52.78 -1.85 4.57
N ALA B 306 52.44 -1.85 3.27
CA ALA B 306 53.19 -1.08 2.29
C ALA B 306 53.27 0.38 2.70
N HIS B 307 54.44 0.98 2.52
CA HIS B 307 54.62 2.40 2.75
C HIS B 307 54.33 3.18 1.47
N GLY B 308 53.96 4.44 1.64
CA GLY B 308 53.64 5.27 0.49
C GLY B 308 53.27 6.66 0.95
N ALA B 309 53.17 7.55 -0.03
CA ALA B 309 52.67 8.90 0.18
C ALA B 309 51.48 9.06 -0.76
N PRO B 310 50.26 9.27 -0.26
CA PRO B 310 49.95 9.27 1.17
C PRO B 310 49.89 7.85 1.75
N SER B 311 49.83 7.77 3.08
CA SER B 311 49.90 6.50 3.79
C SER B 311 48.64 5.67 3.59
N LEU B 312 48.78 4.38 3.90
CA LEU B 312 47.69 3.43 3.79
C LEU B 312 46.57 3.74 4.78
N ARG B 313 46.91 4.09 6.02
CA ARG B 313 45.90 4.35 7.03
C ARG B 313 45.89 5.81 7.43
N TYR B 314 44.79 6.22 8.06
CA TYR B 314 44.43 7.60 8.33
C TYR B 314 43.82 7.63 9.72
N VAL B 315 44.28 8.54 10.56
CA VAL B 315 43.80 8.61 11.93
C VAL B 315 42.66 9.61 12.00
N SER B 316 41.54 9.23 12.63
CA SER B 316 40.43 10.17 12.81
C SER B 316 39.65 9.82 14.08
N HIS B 317 38.70 10.68 14.40
CA HIS B 317 37.98 10.62 15.68
C HIS B 317 36.53 11.02 15.43
N LEU B 318 35.62 10.13 15.82
CA LEU B 318 34.20 10.26 15.51
C LEU B 318 33.44 10.34 16.82
N ASN B 319 32.80 11.48 17.07
CA ASN B 319 31.98 11.65 18.27
C ASN B 319 30.57 12.14 17.87
N ALA B 320 29.56 11.39 18.29
CA ALA B 320 28.15 11.71 18.04
C ALA B 320 27.32 10.94 19.06
N PRO B 321 25.99 11.21 19.16
CA PRO B 321 25.17 10.40 20.08
C PRO B 321 25.37 8.90 19.86
N GLY B 322 25.84 8.24 20.91
CA GLY B 322 26.11 6.82 20.89
C GLY B 322 27.41 6.42 20.21
N LEU B 323 28.29 7.37 19.90
CA LEU B 323 29.51 7.06 19.15
C LEU B 323 30.65 7.91 19.67
N SER B 324 31.79 7.28 19.98
CA SER B 324 32.95 8.02 20.45
C SER B 324 34.24 7.26 20.16
N VAL B 325 34.53 7.02 18.87
CA VAL B 325 35.58 6.09 18.49
C VAL B 325 36.70 6.89 17.84
N ILE B 326 37.93 6.53 18.17
CA ILE B 326 39.11 7.21 17.67
C ILE B 326 40.08 6.12 17.25
N GLY B 327 40.91 6.40 16.24
CA GLY B 327 41.87 5.40 15.82
C GLY B 327 42.17 5.54 14.32
N ALA B 328 42.39 4.40 13.66
CA ALA B 328 42.83 4.40 12.28
C ALA B 328 42.02 3.41 11.42
N GLY B 329 42.07 3.66 10.13
CA GLY B 329 41.54 2.78 9.11
C GLY B 329 42.03 3.29 7.77
N GLU B 330 41.73 2.54 6.72
CA GLU B 330 42.01 3.07 5.39
C GLU B 330 41.02 4.20 5.10
N PRO B 331 41.47 5.30 4.49
CA PRO B 331 40.63 6.51 4.46
C PRO B 331 39.37 6.40 3.63
N PHE B 332 39.25 5.42 2.72
CA PHE B 332 38.01 5.24 1.97
C PHE B 332 36.95 4.44 2.72
N LEU B 333 37.25 3.89 3.90
CA LEU B 333 36.26 3.03 4.56
C LEU B 333 35.63 3.76 5.74
N PRO B 334 34.30 3.73 5.87
CA PRO B 334 33.66 4.38 7.02
C PRO B 334 34.06 3.71 8.32
N GLY B 335 34.14 4.53 9.38
CA GLY B 335 34.36 4.06 10.73
C GLY B 335 35.83 3.99 11.09
N ILE B 336 36.07 3.32 12.20
CA ILE B 336 37.42 3.09 12.72
C ILE B 336 37.53 1.60 12.99
N SER B 337 38.64 0.98 12.55
CA SER B 337 38.84 -0.46 12.76
C SER B 337 39.98 -0.78 13.73
N ILE B 338 40.82 0.18 14.08
CA ILE B 338 41.88 0.02 15.07
C ILE B 338 41.81 1.22 16.00
N GLY B 339 41.70 0.99 17.29
CA GLY B 339 41.67 2.12 18.22
C GLY B 339 40.89 1.81 19.51
N HIS B 340 40.08 2.77 19.92
CA HIS B 340 39.27 2.57 21.13
C HIS B 340 38.05 3.48 21.05
N ASN B 341 37.06 3.18 21.88
CA ASN B 341 35.84 3.99 21.92
C ASN B 341 35.59 4.56 23.31
N GLY B 342 36.65 4.77 24.09
CA GLY B 342 36.42 5.29 25.42
C GLY B 342 35.93 4.25 26.39
N THR B 343 35.57 3.05 25.91
CA THR B 343 35.33 1.94 26.82
C THR B 343 36.24 0.75 26.53
N ILE B 344 36.30 0.29 25.27
CA ILE B 344 37.16 -0.81 24.89
C ILE B 344 38.21 -0.30 23.90
N ALA B 345 39.26 -1.11 23.70
CA ALA B 345 40.33 -0.83 22.75
C ALA B 345 40.64 -2.10 21.98
N PHE B 346 41.11 -1.97 20.74
CA PHE B 346 41.33 -3.13 19.88
C PHE B 346 42.46 -2.86 18.88
N GLY B 347 43.22 -3.93 18.57
CA GLY B 347 44.25 -3.88 17.54
C GLY B 347 44.36 -5.22 16.82
N LEU B 348 45.06 -5.23 15.67
CA LEU B 348 45.02 -6.42 14.82
C LEU B 348 46.38 -6.74 14.20
N THR B 349 46.57 -8.04 13.95
CA THR B 349 47.66 -8.57 13.13
C THR B 349 47.09 -9.70 12.28
N ARG B 350 47.70 -9.92 11.12
CA ARG B 350 47.13 -10.93 10.21
C ARG B 350 47.15 -12.32 10.84
N PHE B 351 46.05 -13.03 10.63
CA PHE B 351 45.84 -14.43 11.00
C PHE B 351 45.46 -15.15 9.70
N TYR B 352 46.24 -16.14 9.30
CA TYR B 352 46.23 -16.55 7.88
C TYR B 352 45.33 -17.77 7.64
N MET B 353 44.01 -17.55 7.68
CA MET B 353 43.15 -18.59 7.13
C MET B 353 43.24 -18.58 5.61
N ASP B 354 43.27 -19.78 5.02
CA ASP B 354 43.45 -19.95 3.59
C ASP B 354 42.12 -19.61 2.90
N GLN B 355 42.07 -18.48 2.19
CA GLN B 355 40.82 -17.98 1.61
C GLN B 355 40.85 -17.94 0.08
N GLU B 356 41.81 -18.62 -0.57
CA GLU B 356 41.87 -18.70 -2.03
C GLU B 356 42.33 -20.07 -2.47
N ASP B 357 41.62 -20.69 -3.42
CA ASP B 357 42.05 -21.90 -4.10
C ASP B 357 42.05 -21.68 -5.61
N LEU B 358 43.04 -22.26 -6.30
CA LEU B 358 43.05 -22.28 -7.76
C LEU B 358 42.39 -23.55 -8.26
N TYR B 359 41.40 -23.40 -9.14
CA TYR B 359 40.67 -24.52 -9.74
C TYR B 359 41.09 -24.67 -11.20
N VAL B 360 41.37 -25.90 -11.62
CA VAL B 360 41.88 -26.22 -12.96
C VAL B 360 40.84 -27.08 -13.65
N TYR B 361 40.46 -26.70 -14.87
CA TYR B 361 39.35 -27.33 -15.57
C TYR B 361 39.79 -27.92 -16.90
N GLU B 362 39.10 -28.98 -17.32
CA GLU B 362 39.16 -29.47 -18.69
C GLU B 362 37.91 -28.94 -19.41
N THR B 363 38.11 -28.37 -20.60
CA THR B 363 37.02 -27.76 -21.36
C THR B 363 36.71 -28.60 -22.60
N ASP B 364 35.45 -28.51 -23.03
CA ASP B 364 34.95 -29.26 -24.19
C ASP B 364 35.61 -28.78 -25.49
N PRO B 365 36.24 -29.67 -26.27
CA PRO B 365 36.81 -29.23 -27.56
C PRO B 365 35.78 -28.66 -28.50
N ALA B 366 34.50 -29.05 -28.35
CA ALA B 366 33.39 -28.55 -29.14
C ALA B 366 32.76 -27.28 -28.59
N GLN B 367 33.06 -26.90 -27.34
CA GLN B 367 32.51 -25.70 -26.70
C GLN B 367 33.43 -25.27 -25.55
N PRO B 368 34.43 -24.44 -25.84
CA PRO B 368 35.44 -24.08 -24.82
C PRO B 368 34.88 -23.35 -23.61
N LYS B 369 33.65 -22.83 -23.68
CA LYS B 369 32.99 -22.20 -22.53
C LYS B 369 32.25 -23.20 -21.67
N SER B 370 32.50 -24.49 -21.86
CA SER B 370 31.92 -25.53 -21.04
C SER B 370 33.06 -26.37 -20.46
N TYR B 371 32.92 -26.74 -19.19
CA TYR B 371 33.94 -27.51 -18.49
C TYR B 371 33.37 -28.80 -17.93
N ARG B 372 34.27 -29.78 -17.75
CA ARG B 372 33.86 -31.08 -17.23
C ARG B 372 33.51 -30.95 -15.76
N TYR B 373 32.29 -31.33 -15.39
CA TYR B 373 31.85 -31.23 -14.00
C TYR B 373 30.85 -32.33 -13.64
N ARG B 374 31.28 -33.28 -12.81
CA ARG B 374 30.41 -34.33 -12.31
C ARG B 374 29.69 -35.08 -13.43
N GLY B 375 30.47 -35.55 -14.41
CA GLY B 375 29.91 -36.31 -15.51
C GLY B 375 29.20 -35.50 -16.57
N ARG B 376 29.20 -34.19 -16.47
CA ARG B 376 28.55 -33.32 -17.43
C ARG B 376 29.52 -32.30 -18.01
N TRP B 377 29.14 -31.74 -19.16
CA TRP B 377 29.76 -30.50 -19.64
C TRP B 377 28.95 -29.36 -19.04
N GLU B 378 29.58 -28.57 -18.17
CA GLU B 378 28.85 -27.49 -17.51
C GLU B 378 29.26 -26.16 -18.11
N PRO B 379 28.30 -25.33 -18.53
CA PRO B 379 28.65 -24.07 -19.21
C PRO B 379 29.08 -22.98 -18.24
N MET B 380 30.10 -22.22 -18.64
CA MET B 380 30.46 -21.02 -17.91
C MET B 380 29.35 -19.97 -17.98
N GLU B 381 29.28 -19.15 -16.94
CA GLU B 381 28.49 -17.92 -16.97
C GLU B 381 29.36 -16.82 -17.58
N THR B 382 28.88 -16.19 -18.64
CA THR B 382 29.59 -15.13 -19.32
C THR B 382 28.79 -13.84 -19.24
N ILE B 383 29.43 -12.77 -18.77
CA ILE B 383 28.84 -11.45 -18.74
C ILE B 383 29.64 -10.52 -19.65
N THR B 384 29.00 -9.42 -20.04
CA THR B 384 29.59 -8.42 -20.93
C THR B 384 29.77 -7.13 -20.16
N GLU B 385 30.92 -6.48 -20.35
CA GLU B 385 31.22 -5.21 -19.71
C GLU B 385 31.58 -4.17 -20.76
N LYS B 386 31.22 -2.93 -20.48
CA LYS B 386 31.57 -1.79 -21.32
C LYS B 386 32.63 -0.98 -20.60
N ILE B 387 33.79 -0.83 -21.23
CA ILE B 387 34.93 -0.14 -20.62
C ILE B 387 35.23 1.11 -21.44
N THR B 388 35.03 2.27 -20.83
CA THR B 388 35.36 3.53 -21.49
C THR B 388 36.87 3.73 -21.50
N VAL B 389 37.39 4.22 -22.63
CA VAL B 389 38.82 4.38 -22.85
C VAL B 389 39.06 5.81 -23.32
N ARG B 390 39.88 6.56 -22.59
CA ARG B 390 40.25 7.90 -23.04
C ARG B 390 40.88 7.82 -24.40
N GLY B 391 40.39 8.66 -25.31
CA GLY B 391 40.88 8.70 -26.66
C GLY B 391 40.15 7.79 -27.63
N GLU B 392 39.13 7.07 -27.17
CA GLU B 392 38.28 6.24 -28.02
C GLU B 392 36.84 6.67 -27.81
N ALA B 393 36.11 6.88 -28.92
CA ALA B 393 34.75 7.41 -28.82
C ALA B 393 33.77 6.36 -28.29
N GLU B 394 33.99 5.11 -28.60
CA GLU B 394 33.08 4.10 -28.11
C GLU B 394 33.74 3.32 -26.99
N PRO B 395 32.98 2.96 -25.95
CA PRO B 395 33.50 2.04 -24.95
C PRO B 395 33.84 0.69 -25.58
N ARG B 396 34.87 0.05 -25.06
CA ARG B 396 35.16 -1.33 -25.42
C ARG B 396 34.07 -2.25 -24.90
N THR B 397 33.72 -3.28 -25.68
CA THR B 397 32.93 -4.39 -25.20
C THR B 397 33.87 -5.57 -24.94
N VAL B 398 33.92 -6.02 -23.68
CA VAL B 398 34.71 -7.20 -23.31
C VAL B 398 33.78 -8.13 -22.54
N THR B 399 34.19 -9.38 -22.42
CA THR B 399 33.46 -10.37 -21.65
C THR B 399 34.32 -10.95 -20.52
N ILE B 400 33.63 -11.46 -19.50
CA ILE B 400 34.28 -12.14 -18.39
C ILE B 400 33.58 -13.48 -18.18
N ASP B 401 34.37 -14.55 -18.12
CA ASP B 401 33.83 -15.87 -17.88
C ASP B 401 33.97 -16.26 -16.42
N PHE B 402 32.91 -16.88 -15.90
CA PHE B 402 32.82 -17.42 -14.55
C PHE B 402 32.45 -18.90 -14.63
N THR B 403 33.09 -19.70 -13.79
CA THR B 403 32.58 -21.02 -13.50
C THR B 403 31.68 -20.96 -12.29
N ARG B 404 31.18 -22.12 -11.87
CA ARG B 404 30.43 -22.19 -10.64
C ARG B 404 31.28 -21.82 -9.43
N HIS B 405 32.61 -21.85 -9.56
CA HIS B 405 33.50 -21.59 -8.43
C HIS B 405 34.03 -20.17 -8.38
N GLY B 406 33.99 -19.43 -9.48
CA GLY B 406 34.53 -18.08 -9.51
C GLY B 406 34.98 -17.65 -10.89
N PRO B 407 35.63 -16.49 -10.97
CA PRO B 407 36.05 -15.96 -12.27
C PRO B 407 37.16 -16.79 -12.91
N VAL B 408 37.11 -16.90 -14.23
CA VAL B 408 38.17 -17.51 -15.02
C VAL B 408 39.31 -16.50 -15.15
N LEU B 409 40.51 -16.87 -14.70
CA LEU B 409 41.68 -16.01 -14.86
C LEU B 409 42.35 -16.19 -16.20
N HIS B 410 42.25 -17.38 -16.77
CA HIS B 410 43.03 -17.73 -17.94
C HIS B 410 42.43 -18.96 -18.58
N ALA B 411 42.55 -19.04 -19.90
CA ALA B 411 42.10 -20.19 -20.65
C ALA B 411 43.12 -20.49 -21.73
N ASP B 412 43.26 -21.77 -22.05
CA ASP B 412 44.13 -22.23 -23.14
C ASP B 412 43.29 -23.19 -23.96
N ASP B 413 42.75 -22.72 -25.08
CA ASP B 413 41.92 -23.60 -25.90
C ASP B 413 42.75 -24.65 -26.62
N ALA B 414 44.06 -24.46 -26.75
CA ALA B 414 44.93 -25.48 -27.31
C ALA B 414 44.92 -26.76 -26.46
N SER B 415 45.13 -26.62 -25.16
CA SER B 415 45.11 -27.78 -24.27
C SER B 415 43.74 -28.06 -23.68
N HIS B 416 42.72 -27.29 -24.06
CA HIS B 416 41.37 -27.48 -23.54
C HIS B 416 41.36 -27.41 -22.01
N ARG B 417 41.97 -26.32 -21.52
CA ARG B 417 42.11 -26.04 -20.10
C ARG B 417 41.59 -24.63 -19.83
N ALA B 418 41.09 -24.44 -18.59
CA ALA B 418 40.74 -23.15 -18.04
C ALA B 418 41.07 -23.15 -16.55
N TRP B 419 41.29 -21.95 -16.00
CA TRP B 419 41.67 -21.78 -14.60
C TRP B 419 40.79 -20.72 -13.94
N ALA B 420 40.25 -21.04 -12.75
CA ALA B 420 39.40 -20.09 -12.03
C ALA B 420 39.88 -19.89 -10.60
N LEU B 421 39.68 -18.69 -10.09
CA LEU B 421 40.01 -18.37 -8.70
C LEU B 421 38.77 -18.62 -7.85
N ARG B 422 38.87 -19.55 -6.92
CA ARG B 422 37.83 -19.70 -5.92
C ARG B 422 38.27 -18.88 -4.71
N ALA B 423 37.72 -17.68 -4.60
CA ALA B 423 38.14 -16.69 -3.63
C ALA B 423 37.04 -16.54 -2.59
N ALA B 424 37.36 -16.85 -1.33
CA ALA B 424 36.42 -16.58 -0.26
C ALA B 424 36.08 -15.10 -0.20
N TRP B 425 36.99 -14.23 -0.63
CA TRP B 425 36.81 -12.79 -0.55
C TRP B 425 35.91 -12.23 -1.65
N LEU B 426 35.40 -13.07 -2.54
CA LEU B 426 34.29 -12.72 -3.42
C LEU B 426 32.93 -13.09 -2.83
N ASP B 427 32.90 -13.75 -1.69
CA ASP B 427 31.64 -14.10 -1.06
C ASP B 427 31.13 -12.94 -0.18
N THR B 428 29.94 -13.16 0.36
CA THR B 428 29.25 -12.17 1.19
C THR B 428 30.08 -11.83 2.43
N GLY B 429 30.15 -10.54 2.77
CA GLY B 429 30.69 -10.09 4.03
C GLY B 429 32.18 -9.83 4.06
N MET B 430 32.82 -9.74 2.91
CA MET B 430 34.28 -9.79 2.83
C MET B 430 34.90 -8.46 2.44
N ALA B 431 34.19 -7.35 2.61
CA ALA B 431 34.83 -6.04 2.49
C ALA B 431 35.88 -5.88 3.58
N PRO B 432 37.15 -5.67 3.24
CA PRO B 432 38.20 -5.64 4.26
C PRO B 432 37.90 -4.65 5.38
N TYR B 433 38.02 -5.13 6.61
CA TYR B 433 37.91 -4.40 7.88
C TYR B 433 36.50 -3.86 8.18
N PHE B 434 35.52 -4.05 7.29
CA PHE B 434 34.22 -3.43 7.48
C PHE B 434 33.38 -4.12 8.56
N GLY B 435 33.78 -5.30 9.03
CA GLY B 435 33.17 -5.89 10.21
C GLY B 435 33.35 -5.07 11.46
N SER B 436 34.26 -4.09 11.44
CA SER B 436 34.37 -3.14 12.53
C SER B 436 33.10 -2.32 12.71
N MET B 437 32.17 -2.34 11.75
CA MET B 437 30.83 -1.77 11.98
C MET B 437 30.23 -2.29 13.29
N ASP B 438 30.48 -3.55 13.63
CA ASP B 438 29.80 -4.15 14.77
C ASP B 438 30.59 -4.06 16.07
N TYR B 439 31.83 -3.54 16.06
CA TYR B 439 32.52 -3.35 17.33
C TYR B 439 32.95 -1.92 17.63
N MET B 440 32.77 -0.97 16.71
CA MET B 440 33.04 0.44 17.01
C MET B 440 32.29 0.91 18.25
N ARG B 441 31.11 0.34 18.51
CA ARG B 441 30.25 0.74 19.60
C ARG B 441 30.12 -0.33 20.68
N ALA B 442 30.94 -1.39 20.63
CA ALA B 442 30.89 -2.42 21.66
C ALA B 442 31.49 -1.91 22.96
N THR B 443 30.92 -2.35 24.09
CA THR B 443 31.25 -1.90 25.43
C THR B 443 31.74 -2.99 26.38
N ASN B 444 31.85 -4.24 25.93
CA ASN B 444 32.31 -5.31 26.81
C ASN B 444 32.78 -6.48 25.94
N TRP B 445 33.26 -7.54 26.58
CA TRP B 445 33.87 -8.64 25.85
C TRP B 445 32.85 -9.47 25.08
N ASP B 446 31.68 -9.73 25.69
CA ASP B 446 30.64 -10.50 25.00
C ASP B 446 30.26 -9.83 23.67
N GLN B 447 30.14 -8.51 23.67
CA GLN B 447 29.78 -7.80 22.45
C GLN B 447 30.95 -7.81 21.47
N PHE B 448 32.18 -7.68 21.97
CA PHE B 448 33.35 -7.73 21.08
C PHE B 448 33.52 -9.12 20.48
N ARG B 449 33.44 -10.16 21.33
CA ARG B 449 33.46 -11.53 20.82
C ARG B 449 32.33 -11.77 19.84
N ALA B 450 31.15 -11.22 20.11
CA ALA B 450 30.05 -11.41 19.18
C ALA B 450 30.33 -10.73 17.85
N ALA B 451 30.86 -9.51 17.89
CA ALA B 451 31.21 -8.80 16.65
C ALA B 451 32.19 -9.60 15.81
N MET B 452 33.20 -10.21 16.43
CA MET B 452 34.16 -11.03 15.70
C MET B 452 33.55 -12.30 15.12
N ASN B 453 32.35 -12.71 15.59
CA ASN B 453 31.64 -13.84 14.97
C ASN B 453 31.41 -13.62 13.48
N ARG B 454 31.16 -12.37 13.07
CA ARG B 454 30.88 -12.08 11.67
C ARG B 454 32.05 -11.40 10.98
N TRP B 455 33.24 -11.37 11.58
CA TRP B 455 34.39 -10.77 10.93
C TRP B 455 34.79 -11.60 9.71
N GLY B 456 34.87 -10.95 8.56
CA GLY B 456 35.10 -11.62 7.29
C GLY B 456 36.54 -11.58 6.79
N ALA B 457 37.04 -10.39 6.43
CA ALA B 457 38.36 -10.25 5.82
C ALA B 457 39.03 -8.99 6.34
N PRO B 458 40.38 -8.97 6.44
CA PRO B 458 41.26 -10.14 6.28
C PRO B 458 41.17 -10.99 7.53
N GLY B 459 41.74 -12.19 7.49
CA GLY B 459 41.92 -12.92 8.73
C GLY B 459 42.76 -12.11 9.70
N GLU B 460 42.30 -11.98 10.95
CA GLU B 460 42.99 -11.11 11.90
C GLU B 460 42.97 -11.69 13.30
N ASN B 461 44.11 -11.54 13.99
CA ASN B 461 44.19 -11.55 15.44
C ASN B 461 43.67 -10.20 15.94
N GLN B 462 42.66 -10.21 16.80
CA GLN B 462 42.29 -9.01 17.54
C GLN B 462 42.77 -9.13 18.98
N VAL B 463 43.47 -8.11 19.49
CA VAL B 463 43.68 -8.00 20.93
C VAL B 463 42.66 -7.00 21.47
N TYR B 464 42.25 -7.22 22.71
CA TYR B 464 41.16 -6.49 23.34
C TYR B 464 41.59 -6.00 24.71
N ALA B 465 41.09 -4.82 25.09
CA ALA B 465 41.19 -4.35 26.47
C ALA B 465 40.02 -3.41 26.73
N ASP B 466 39.65 -3.26 28.02
CA ASP B 466 38.63 -2.27 28.36
C ASP B 466 38.99 -1.53 29.66
N ARG B 467 38.26 -0.45 29.91
CA ARG B 467 38.57 0.39 31.05
C ARG B 467 38.23 -0.29 32.38
N ASN B 468 37.60 -1.45 32.38
CA ASN B 468 37.45 -2.21 33.60
C ASN B 468 38.65 -3.12 33.91
N GLY B 469 39.70 -3.08 33.07
CA GLY B 469 40.91 -3.85 33.32
C GLY B 469 40.98 -5.22 32.64
N ASN B 470 39.98 -5.59 31.85
CA ASN B 470 40.02 -6.88 31.17
C ASN B 470 40.87 -6.81 29.90
N ILE B 471 41.53 -7.93 29.56
CA ILE B 471 42.31 -8.05 28.33
C ILE B 471 41.93 -9.38 27.65
N GLY B 472 42.07 -9.41 26.32
CA GLY B 472 41.70 -10.60 25.58
C GLY B 472 42.22 -10.65 24.16
N TRP B 473 41.97 -11.81 23.53
CA TRP B 473 42.39 -12.08 22.16
C TRP B 473 41.36 -12.97 21.48
N ILE B 474 41.02 -12.63 20.24
CA ILE B 474 40.14 -13.46 19.44
C ILE B 474 40.52 -13.29 17.97
N PRO B 475 40.90 -14.38 17.29
CA PRO B 475 41.09 -14.33 15.84
C PRO B 475 39.77 -14.57 15.13
N GLY B 476 39.64 -13.98 13.96
CA GLY B 476 38.41 -14.14 13.19
C GLY B 476 38.67 -13.94 11.71
N GLY B 477 37.71 -14.38 10.92
CA GLY B 477 37.80 -14.32 9.47
C GLY B 477 37.06 -15.51 8.88
N LEU B 478 36.59 -15.32 7.66
CA LEU B 478 35.86 -16.37 6.95
C LEU B 478 36.75 -17.59 6.76
N THR B 479 36.34 -18.74 7.30
CA THR B 479 37.23 -19.90 7.39
C THR B 479 36.65 -21.06 6.56
N VAL B 480 37.35 -21.40 5.47
CA VAL B 480 36.91 -22.42 4.51
C VAL B 480 37.14 -23.81 5.10
N ILE B 481 36.19 -24.72 4.85
CA ILE B 481 36.31 -26.14 5.23
C ILE B 481 36.64 -26.92 3.99
N ARG B 482 37.82 -27.54 3.98
CA ARG B 482 38.23 -28.41 2.87
C ARG B 482 38.25 -29.85 3.37
N PRO B 483 37.27 -30.68 3.00
CA PRO B 483 37.22 -32.04 3.58
C PRO B 483 38.39 -32.91 3.16
N ASN B 484 38.94 -32.71 1.96
CA ASN B 484 39.82 -33.71 1.38
C ASN B 484 41.01 -33.12 0.64
N TRP B 485 41.43 -31.91 0.98
CA TRP B 485 42.72 -31.43 0.48
C TRP B 485 43.21 -30.36 1.43
N ASP B 486 44.51 -30.10 1.37
CA ASP B 486 45.15 -29.23 2.35
C ASP B 486 45.25 -27.79 1.89
N GLY B 487 44.72 -27.50 0.70
CA GLY B 487 44.69 -26.14 0.20
C GLY B 487 46.02 -25.58 -0.20
N LEU B 488 47.08 -26.39 -0.26
CA LEU B 488 48.42 -25.94 -0.63
C LEU B 488 48.74 -26.12 -2.11
N PHE B 489 47.90 -26.82 -2.88
CA PHE B 489 48.02 -27.01 -4.31
C PHE B 489 46.72 -26.58 -4.99
N PRO B 490 46.77 -26.27 -6.28
CA PRO B 490 45.52 -26.19 -7.07
C PRO B 490 44.80 -27.54 -7.08
N VAL B 491 43.49 -27.50 -7.34
CA VAL B 491 42.70 -28.73 -7.42
C VAL B 491 42.01 -28.83 -8.79
N PRO B 492 41.72 -30.03 -9.29
CA PRO B 492 40.82 -30.11 -10.45
C PRO B 492 39.44 -29.59 -10.07
N GLY B 493 38.80 -28.86 -10.98
CA GLY B 493 37.51 -28.27 -10.70
C GLY B 493 36.32 -29.09 -11.17
N ASP B 494 36.50 -30.39 -11.35
CA ASP B 494 35.45 -31.24 -11.90
C ASP B 494 34.49 -31.76 -10.84
N GLY B 495 34.60 -31.28 -9.61
CA GLY B 495 33.74 -31.72 -8.52
C GLY B 495 34.40 -32.64 -7.52
N ARG B 496 35.63 -33.09 -7.78
CA ARG B 496 36.31 -33.93 -6.81
C ARG B 496 36.76 -33.15 -5.56
N TYR B 497 36.83 -31.81 -5.63
CA TYR B 497 37.25 -30.97 -4.50
C TYR B 497 36.31 -29.79 -4.33
N GLU B 498 35.48 -29.82 -3.28
CA GLU B 498 34.47 -28.79 -3.05
C GLU B 498 34.52 -28.33 -1.61
N TRP B 499 34.53 -27.01 -1.40
CA TRP B 499 34.38 -26.47 -0.06
C TRP B 499 33.10 -27.01 0.59
N ALA B 500 33.19 -27.34 1.88
CA ALA B 500 32.07 -27.88 2.63
C ALA B 500 31.55 -26.86 3.63
N GLY B 501 31.52 -25.60 3.24
CA GLY B 501 31.03 -24.55 4.09
C GLY B 501 32.15 -23.87 4.85
N TYR B 502 31.72 -23.11 5.85
CA TYR B 502 32.55 -22.21 6.65
C TYR B 502 32.44 -22.56 8.13
N ARG B 503 33.54 -22.37 8.85
CA ARG B 503 33.56 -22.59 10.30
C ARG B 503 32.84 -21.48 11.03
N ASN B 504 32.08 -21.85 12.07
CA ASN B 504 31.63 -20.87 13.04
C ASN B 504 32.84 -20.42 13.84
N MET B 505 32.87 -19.12 14.18
CA MET B 505 34.04 -18.54 14.83
C MET B 505 34.23 -19.08 16.23
N ASP B 506 33.19 -19.67 16.83
CA ASP B 506 33.41 -20.31 18.12
C ASP B 506 34.25 -21.57 18.01
N GLU B 507 34.65 -21.98 16.80
CA GLU B 507 35.55 -23.12 16.67
C GLU B 507 37.03 -22.73 16.69
N LEU B 508 37.36 -21.44 16.63
CA LEU B 508 38.73 -20.96 16.71
C LEU B 508 39.10 -20.69 18.17
N PRO B 509 40.39 -20.68 18.52
CA PRO B 509 40.77 -20.40 19.92
C PRO B 509 40.51 -18.94 20.29
N TRP B 510 40.52 -18.67 21.58
CA TRP B 510 40.40 -17.31 22.11
C TRP B 510 41.00 -17.31 23.51
N ALA B 511 41.20 -16.12 24.06
CA ALA B 511 41.74 -15.99 25.42
C ALA B 511 41.13 -14.77 26.10
N TYR B 512 40.92 -14.87 27.42
CA TYR B 512 40.34 -13.78 28.19
C TYR B 512 40.98 -13.73 29.56
N ASN B 513 41.56 -12.59 29.94
CA ASN B 513 42.30 -12.39 31.18
C ASN B 513 43.18 -13.62 31.46
N PRO B 514 44.12 -13.93 30.59
CA PRO B 514 44.95 -15.12 30.79
C PRO B 514 45.83 -14.97 32.02
N SER B 515 46.18 -16.14 32.58
CA SER B 515 46.95 -16.17 33.83
C SER B 515 48.24 -15.38 33.74
N THR B 516 48.97 -15.49 32.62
CA THR B 516 50.24 -14.76 32.51
C THR B 516 50.06 -13.26 32.41
N GLY B 517 48.84 -12.79 32.17
CA GLY B 517 48.55 -11.37 32.20
C GLY B 517 48.97 -10.56 31.00
N HIS B 518 49.31 -11.19 29.88
CA HIS B 518 49.65 -10.47 28.66
C HIS B 518 49.39 -11.38 27.46
N ILE B 519 49.20 -10.76 26.30
CA ILE B 519 49.04 -11.47 25.02
C ILE B 519 49.85 -10.70 23.99
N VAL B 520 50.63 -11.43 23.19
CA VAL B 520 51.38 -10.89 22.06
C VAL B 520 50.98 -11.68 20.82
N THR B 521 50.66 -10.97 19.73
CA THR B 521 50.53 -11.64 18.43
C THR B 521 51.34 -10.91 17.37
N ALA B 522 51.88 -11.68 16.43
CA ALA B 522 52.69 -11.12 15.35
C ALA B 522 52.76 -12.01 14.11
N ASN B 523 51.61 -12.51 13.67
CA ASN B 523 51.44 -13.25 12.41
C ASN B 523 51.98 -14.68 12.45
N GLU B 524 52.39 -15.16 13.61
CA GLU B 524 52.81 -16.55 13.74
C GLU B 524 51.58 -17.42 13.95
N ASN B 525 51.74 -18.73 13.72
CA ASN B 525 50.65 -19.65 14.01
C ASN B 525 50.50 -19.77 15.52
N ASN B 526 49.46 -19.16 16.07
CA ASN B 526 49.21 -19.16 17.51
C ASN B 526 47.99 -20.00 17.88
N ILE B 527 47.62 -20.97 17.04
CA ILE B 527 46.63 -21.95 17.45
C ILE B 527 47.32 -22.97 18.33
N PRO B 528 46.90 -23.14 19.58
CA PRO B 528 47.58 -24.12 20.46
C PRO B 528 47.52 -25.51 19.84
N PRO B 529 48.63 -26.24 19.81
CA PRO B 529 48.61 -27.53 19.11
C PRO B 529 47.66 -28.52 19.74
N ASP B 530 47.27 -28.32 21.00
CA ASP B 530 46.30 -29.17 21.66
C ASP B 530 44.88 -28.63 21.61
N HIS B 531 44.65 -27.44 20.99
CA HIS B 531 43.27 -26.96 20.78
C HIS B 531 42.67 -27.64 19.54
N PRO B 532 41.37 -27.95 19.56
CA PRO B 532 40.78 -28.65 18.40
C PRO B 532 40.98 -27.93 17.08
N ALA B 533 41.03 -26.59 17.09
CA ALA B 533 41.22 -25.86 15.83
C ALA B 533 42.52 -26.20 15.12
N ALA B 534 43.52 -26.71 15.86
CA ALA B 534 44.80 -27.04 15.25
C ALA B 534 44.67 -28.12 14.19
N LYS B 535 43.58 -28.89 14.23
CA LYS B 535 43.37 -29.98 13.29
C LYS B 535 42.35 -29.64 12.21
N LEU B 536 41.87 -28.40 12.15
CA LEU B 536 40.76 -28.08 11.26
C LEU B 536 41.24 -27.54 9.92
N GLY B 537 42.54 -27.52 9.68
CA GLY B 537 43.05 -26.99 8.42
C GLY B 537 42.71 -25.53 8.20
N VAL B 538 42.76 -24.72 9.25
CA VAL B 538 42.54 -23.29 9.09
C VAL B 538 43.58 -22.73 8.14
N GLY B 539 44.85 -23.09 8.35
CA GLY B 539 45.96 -22.60 7.54
C GLY B 539 47.34 -23.08 7.95
N TYR B 540 48.21 -23.25 6.96
CA TYR B 540 49.56 -23.78 7.16
C TYR B 540 50.67 -22.81 6.80
N GLU B 541 50.36 -21.65 6.23
CA GLU B 541 51.37 -20.70 5.75
C GLU B 541 51.24 -19.42 6.54
N TRP B 542 52.18 -19.20 7.46
CA TRP B 542 52.20 -18.09 8.38
C TRP B 542 53.47 -17.29 8.16
N SER B 543 53.61 -16.21 8.93
CA SER B 543 54.78 -15.36 8.77
C SER B 543 55.98 -15.96 9.51
N ASP B 544 57.18 -15.48 9.17
CA ASP B 544 58.35 -15.77 9.99
C ASP B 544 58.07 -15.35 11.42
N SER B 545 58.42 -16.22 12.38
CA SER B 545 58.00 -15.98 13.75
C SER B 545 59.05 -15.23 14.57
N SER B 546 60.08 -14.65 13.93
CA SER B 546 61.11 -13.95 14.71
C SER B 546 60.52 -12.82 15.55
N ARG B 547 59.69 -11.98 14.92
CA ARG B 547 59.12 -10.85 15.66
C ARG B 547 58.28 -11.36 16.83
N ALA B 548 57.44 -12.36 16.56
CA ALA B 548 56.68 -13.02 17.62
C ALA B 548 57.57 -13.43 18.79
N ARG B 549 58.67 -14.12 18.51
N ARG B 549 58.67 -14.13 18.50
CA ARG B 549 59.51 -14.63 19.59
CA ARG B 549 59.53 -14.64 19.58
C ARG B 549 60.23 -13.50 20.33
C ARG B 549 60.22 -13.50 20.33
N ARG B 550 60.71 -12.50 19.58
CA ARG B 550 61.42 -11.38 20.20
C ARG B 550 60.52 -10.61 21.18
N LEU B 551 59.30 -10.28 20.75
CA LEU B 551 58.41 -9.49 21.60
C LEU B 551 57.92 -10.29 22.80
N LYS B 552 57.68 -11.58 22.61
CA LYS B 552 57.25 -12.39 23.74
C LYS B 552 58.36 -12.48 24.77
N SER B 553 59.62 -12.50 24.33
CA SER B 553 60.72 -12.46 25.29
C SER B 553 60.80 -11.12 25.99
N LEU B 554 60.65 -10.03 25.23
CA LEU B 554 60.73 -8.69 25.81
C LEU B 554 59.64 -8.48 26.84
N VAL B 555 58.40 -8.83 26.50
CA VAL B 555 57.29 -8.62 27.42
C VAL B 555 57.43 -9.53 28.64
N ALA B 556 57.86 -10.77 28.43
CA ALA B 556 58.06 -11.68 29.55
C ALA B 556 59.15 -11.17 30.48
N ALA B 557 60.14 -10.48 29.93
CA ALA B 557 61.22 -9.97 30.75
C ALA B 557 60.80 -8.74 31.54
N ALA B 558 59.57 -8.26 31.37
CA ALA B 558 59.09 -7.03 32.01
C ALA B 558 57.87 -7.30 32.88
N PRO B 559 58.03 -7.70 34.14
CA PRO B 559 56.84 -7.90 35.02
C PRO B 559 55.94 -6.68 35.09
N VAL B 560 56.50 -5.48 35.17
CA VAL B 560 55.75 -4.23 35.12
C VAL B 560 56.34 -3.37 34.03
N SER B 561 55.49 -2.88 33.12
CA SER B 561 55.97 -2.06 32.04
C SER B 561 55.10 -0.82 31.87
N SER B 562 55.67 0.19 31.24
CA SER B 562 55.05 1.48 30.99
C SER B 562 54.68 1.64 29.52
N LEU B 563 53.99 2.75 29.22
CA LEU B 563 53.74 3.06 27.81
C LEU B 563 55.05 3.33 27.08
N ARG B 564 56.00 4.02 27.72
CA ARG B 564 57.29 4.22 27.07
C ARG B 564 57.98 2.89 26.77
N ASP B 565 57.78 1.88 27.62
CA ASP B 565 58.34 0.56 27.33
C ASP B 565 57.74 -0.03 26.07
N SER B 566 56.41 0.06 25.93
CA SER B 566 55.78 -0.50 24.74
C SER B 566 56.22 0.23 23.47
N ILE B 567 56.40 1.54 23.55
CA ILE B 567 56.90 2.32 22.43
C ILE B 567 58.29 1.83 22.04
N ALA B 568 59.15 1.58 23.03
CA ALA B 568 60.49 1.05 22.75
C ALA B 568 60.43 -0.30 22.05
N TRP B 569 59.50 -1.16 22.46
CA TRP B 569 59.38 -2.47 21.83
C TRP B 569 58.93 -2.36 20.37
N GLN B 570 58.03 -1.42 20.08
CA GLN B 570 57.69 -1.13 18.69
C GLN B 570 58.90 -0.63 17.91
N ASN B 571 59.92 -0.11 18.60
CA ASN B 571 61.14 0.39 17.99
C ASN B 571 62.30 -0.60 18.06
N ASP B 572 62.07 -1.84 18.49
CA ASP B 572 63.14 -2.81 18.66
C ASP B 572 63.72 -3.21 17.31
N THR B 573 65.05 -3.26 17.22
CA THR B 573 65.77 -3.57 15.99
C THR B 573 66.67 -4.80 16.15
N VAL B 574 66.38 -5.66 17.13
CA VAL B 574 67.11 -6.91 17.26
C VAL B 574 66.58 -7.90 16.23
N SER B 575 67.49 -8.48 15.46
CA SER B 575 67.16 -9.46 14.43
C SER B 575 67.54 -10.84 14.94
N LEU B 576 66.54 -11.66 15.27
CA LEU B 576 66.86 -13.04 15.62
C LEU B 576 67.49 -13.79 14.46
N PRO B 577 67.09 -13.60 13.19
CA PRO B 577 67.89 -14.19 12.10
C PRO B 577 69.37 -13.79 12.13
N ALA B 578 69.69 -12.54 12.47
CA ALA B 578 71.10 -12.13 12.57
C ALA B 578 71.82 -12.91 13.65
N GLN B 579 71.22 -12.99 14.84
CA GLN B 579 71.86 -13.69 15.96
C GLN B 579 72.04 -15.17 15.65
N ARG B 580 71.05 -15.79 15.00
CA ARG B 580 71.17 -17.20 14.66
C ARG B 580 72.27 -17.43 13.64
N THR B 581 72.38 -16.54 12.65
CA THR B 581 73.46 -16.63 11.66
C THR B 581 74.82 -16.33 12.29
N LEU B 582 74.89 -15.33 13.16
CA LEU B 582 76.13 -15.06 13.88
C LEU B 582 76.58 -16.27 14.69
N ALA B 583 75.63 -16.94 15.36
CA ALA B 583 75.98 -18.13 16.13
C ALA B 583 76.53 -19.25 15.22
N VAL B 584 75.99 -19.39 14.01
CA VAL B 584 76.51 -20.41 13.10
C VAL B 584 77.90 -20.04 12.62
N MET B 585 78.13 -18.76 12.31
CA MET B 585 79.43 -18.29 11.86
C MET B 585 80.52 -18.63 12.86
N ARG B 586 80.21 -18.55 14.15
CA ARG B 586 81.21 -18.88 15.15
C ARG B 586 81.48 -20.40 15.25
N THR B 587 80.91 -21.25 14.38
CA THR B 587 81.25 -22.66 14.35
C THR B 587 81.85 -23.07 13.01
N VAL B 588 82.18 -22.10 12.16
CA VAL B 588 82.74 -22.42 10.86
C VAL B 588 84.12 -23.05 11.06
N GLY B 589 84.36 -24.18 10.38
CA GLY B 589 85.59 -24.91 10.59
C GLY B 589 86.73 -24.34 9.76
N ASN B 590 87.87 -24.11 10.41
CA ASN B 590 89.09 -23.65 9.74
C ASN B 590 89.76 -24.83 9.03
N ALA B 591 89.01 -25.41 8.10
CA ALA B 591 89.49 -26.55 7.34
C ALA B 591 88.87 -26.48 5.95
N GLY B 592 89.30 -27.37 5.09
CA GLY B 592 88.72 -27.49 3.76
C GLY B 592 88.83 -26.19 2.97
N ALA B 593 87.89 -26.00 2.04
CA ALA B 593 87.84 -24.77 1.26
C ALA B 593 87.66 -23.54 2.13
N ALA B 594 87.07 -23.70 3.33
CA ALA B 594 86.89 -22.57 4.23
C ALA B 594 88.24 -22.00 4.68
N ALA B 595 89.20 -22.88 4.98
CA ALA B 595 90.50 -22.41 5.44
C ALA B 595 91.16 -21.53 4.39
N SER B 596 91.02 -21.90 3.11
CA SER B 596 91.54 -21.08 2.04
C SER B 596 90.84 -19.72 1.99
N LEU B 597 89.51 -19.72 2.15
CA LEU B 597 88.73 -18.47 2.19
C LEU B 597 89.09 -17.62 3.40
N LEU B 598 89.45 -18.23 4.53
CA LEU B 598 89.84 -17.49 5.72
C LEU B 598 91.18 -16.75 5.56
N GLN B 599 91.92 -17.01 4.48
CA GLN B 599 93.14 -16.27 4.19
C GLN B 599 92.90 -15.02 3.34
N ASP B 600 91.69 -14.88 2.81
CA ASP B 600 91.34 -13.73 1.99
C ASP B 600 91.15 -12.51 2.87
N PRO B 601 91.83 -11.39 2.58
CA PRO B 601 91.61 -10.18 3.41
C PRO B 601 90.16 -9.74 3.42
N GLN B 602 89.49 -9.79 2.27
CA GLN B 602 88.09 -9.40 2.20
C GLN B 602 87.23 -10.25 3.12
N VAL B 603 87.45 -11.57 3.10
CA VAL B 603 86.75 -12.46 4.00
C VAL B 603 87.06 -12.12 5.45
N GLN B 604 88.32 -11.88 5.76
CA GLN B 604 88.70 -11.55 7.12
C GLN B 604 88.05 -10.24 7.56
N ARG B 605 88.01 -9.25 6.68
CA ARG B 605 87.40 -7.98 7.03
C ARG B 605 85.91 -8.14 7.35
N ALA B 606 85.23 -9.02 6.60
CA ALA B 606 83.81 -9.26 6.83
C ALA B 606 83.58 -10.03 8.11
N VAL B 607 84.40 -11.06 8.38
CA VAL B 607 84.30 -11.79 9.63
C VAL B 607 84.58 -10.86 10.81
N ALA B 608 85.55 -9.96 10.66
CA ALA B 608 85.86 -9.04 11.76
C ALA B 608 84.66 -8.13 12.08
N LEU B 609 83.95 -7.65 11.06
CA LEU B 609 82.81 -6.78 11.29
C LEU B 609 81.71 -7.51 12.07
N LEU B 610 81.39 -8.74 11.65
CA LEU B 610 80.35 -9.50 12.29
C LEU B 610 80.75 -10.01 13.67
N ARG B 611 82.05 -10.09 13.96
CA ARG B 611 82.46 -10.74 15.21
C ARG B 611 82.01 -9.95 16.43
N GLY B 612 82.13 -8.62 16.38
CA GLY B 612 81.76 -7.84 17.55
C GLY B 612 80.34 -7.29 17.52
N TRP B 613 79.48 -7.87 16.69
CA TRP B 613 78.12 -7.38 16.51
C TRP B 613 77.11 -8.23 17.28
N ASP B 614 76.11 -7.55 17.85
CA ASP B 614 75.09 -8.22 18.65
C ASP B 614 73.84 -8.54 17.84
N GLY B 615 73.85 -8.32 16.53
CA GLY B 615 72.67 -8.57 15.73
C GLY B 615 71.61 -7.48 15.80
N ASN B 616 71.94 -6.32 16.36
CA ASN B 616 71.00 -5.21 16.44
C ASN B 616 71.12 -4.42 15.13
N VAL B 617 70.05 -4.40 14.35
CA VAL B 617 70.09 -3.81 13.03
C VAL B 617 69.92 -2.30 13.14
N ARG B 618 70.90 -1.64 13.75
CA ARG B 618 70.87 -0.20 13.94
C ARG B 618 71.25 0.54 12.67
N ALA B 619 70.64 1.72 12.50
CA ALA B 619 70.93 2.55 11.34
C ALA B 619 72.39 2.99 11.30
N ASP B 620 73.04 3.15 12.45
CA ASP B 620 74.40 3.64 12.47
C ASP B 620 75.43 2.51 12.49
N SER B 621 75.01 1.29 12.18
CA SER B 621 75.85 0.12 12.27
C SER B 621 76.32 -0.28 10.87
N VAL B 622 77.63 -0.37 10.69
CA VAL B 622 78.21 -0.94 9.46
C VAL B 622 78.02 -2.46 9.45
N PRO B 623 78.28 -3.19 10.55
CA PRO B 623 77.96 -4.64 10.54
C PRO B 623 76.54 -4.96 10.12
N ALA B 624 75.57 -4.13 10.51
CA ALA B 624 74.20 -4.35 10.10
C ALA B 624 74.06 -4.23 8.59
N ALA B 625 74.72 -3.26 7.98
CA ALA B 625 74.65 -3.14 6.54
C ALA B 625 75.22 -4.39 5.88
N LEU B 626 76.39 -4.85 6.36
CA LEU B 626 76.98 -6.08 5.83
C LEU B 626 76.01 -7.24 5.95
N PHE B 627 75.36 -7.37 7.10
CA PHE B 627 74.49 -8.54 7.31
C PHE B 627 73.26 -8.48 6.42
N GLU B 628 72.64 -7.31 6.29
CA GLU B 628 71.42 -7.22 5.51
C GLU B 628 71.68 -7.48 4.03
N ILE B 629 72.77 -6.89 3.50
CA ILE B 629 73.23 -7.22 2.15
C ILE B 629 73.42 -8.73 2.03
N TRP B 630 74.16 -9.30 2.98
CA TRP B 630 74.46 -10.73 2.94
C TRP B 630 73.17 -11.57 3.01
N PHE B 631 72.33 -11.31 4.00
CA PHE B 631 71.22 -12.21 4.28
C PHE B 631 70.11 -12.09 3.25
N SER B 632 69.98 -10.96 2.59
CA SER B 632 68.91 -10.79 1.63
C SER B 632 69.34 -11.14 0.22
N ASN B 633 70.56 -10.77 -0.19
CA ASN B 633 70.97 -10.87 -1.59
C ASN B 633 72.10 -11.88 -1.86
N HIS B 634 72.63 -12.58 -0.83
CA HIS B 634 73.78 -13.45 -1.09
C HIS B 634 73.73 -14.81 -0.38
N LEU B 635 73.68 -14.81 0.94
CA LEU B 635 73.80 -16.05 1.70
C LEU B 635 72.71 -17.05 1.32
N ARG B 636 71.44 -16.62 1.38
CA ARG B 636 70.33 -17.56 1.25
C ARG B 636 70.25 -18.16 -0.15
N GLN B 637 70.39 -17.33 -1.19
CA GLN B 637 70.46 -17.86 -2.55
C GLN B 637 71.61 -18.85 -2.69
N ALA B 638 72.74 -18.58 -2.02
CA ALA B 638 73.90 -19.47 -2.11
C ALA B 638 73.63 -20.81 -1.45
N VAL B 639 72.98 -20.80 -0.28
CA VAL B 639 72.62 -22.06 0.39
C VAL B 639 71.62 -22.85 -0.44
N VAL B 640 70.64 -22.17 -1.04
CA VAL B 640 69.64 -22.88 -1.81
C VAL B 640 70.29 -23.53 -3.02
N ARG B 641 71.09 -22.78 -3.78
CA ARG B 641 71.79 -23.35 -4.92
C ARG B 641 72.70 -24.50 -4.51
N ALA B 642 73.28 -24.42 -3.32
CA ALA B 642 74.16 -25.50 -2.85
C ALA B 642 73.38 -26.75 -2.46
N ALA B 643 72.12 -26.60 -2.05
CA ALA B 643 71.34 -27.73 -1.60
C ALA B 643 70.47 -28.36 -2.68
N LEU B 644 70.20 -27.64 -3.77
CA LEU B 644 69.25 -28.09 -4.77
C LEU B 644 69.82 -28.07 -6.18
N PRO B 645 69.29 -28.90 -7.07
CA PRO B 645 69.60 -28.76 -8.49
C PRO B 645 69.14 -27.41 -9.04
N GLU B 646 69.67 -27.05 -10.22
CA GLU B 646 69.56 -25.70 -10.76
C GLU B 646 68.11 -25.25 -10.97
N ASP B 647 67.27 -26.11 -11.56
CA ASP B 647 65.90 -25.72 -11.85
C ASP B 647 65.14 -25.38 -10.57
N ALA B 648 65.26 -26.24 -9.56
CA ALA B 648 64.62 -25.98 -8.27
C ALA B 648 65.21 -24.75 -7.59
N ALA B 649 66.54 -24.62 -7.58
CA ALA B 649 67.18 -23.49 -6.94
C ALA B 649 66.75 -22.17 -7.58
N LYS B 650 66.59 -22.14 -8.91
CA LYS B 650 66.15 -20.91 -9.54
C LYS B 650 64.74 -20.53 -9.09
N LEU B 651 63.85 -21.51 -8.95
CA LEU B 651 62.49 -21.24 -8.52
C LEU B 651 62.43 -20.83 -7.05
N VAL B 652 63.25 -21.46 -6.21
CA VAL B 652 63.26 -21.18 -4.79
C VAL B 652 63.96 -19.84 -4.48
N GLY B 653 65.00 -19.49 -5.25
CA GLY B 653 65.70 -18.23 -5.01
C GLY B 653 66.32 -18.21 -3.62
N ALA B 654 66.00 -17.18 -2.84
CA ALA B 654 66.45 -17.09 -1.46
C ALA B 654 65.61 -17.93 -0.51
N GLY B 655 64.55 -18.55 -1.01
CA GLY B 655 63.76 -19.44 -0.19
C GLY B 655 63.18 -18.80 1.06
N ASP B 656 62.79 -19.66 1.99
CA ASP B 656 62.21 -19.27 3.25
C ASP B 656 63.32 -19.03 4.27
N ALA B 657 63.35 -17.83 4.86
CA ALA B 657 64.44 -17.46 5.76
C ALA B 657 64.54 -18.42 6.93
N ALA B 658 63.41 -18.75 7.54
CA ALA B 658 63.41 -19.69 8.66
C ALA B 658 63.90 -21.06 8.24
N ARG B 659 63.55 -21.50 7.03
CA ARG B 659 63.94 -22.83 6.59
C ARG B 659 65.42 -22.89 6.23
N VAL B 660 65.98 -21.84 5.60
CA VAL B 660 67.43 -21.92 5.30
C VAL B 660 68.24 -21.76 6.58
N LEU B 661 67.75 -21.00 7.56
CA LEU B 661 68.44 -20.98 8.86
C LEU B 661 68.47 -22.37 9.48
N ALA B 662 67.41 -23.16 9.30
CA ALA B 662 67.43 -24.51 9.86
C ALA B 662 68.51 -25.36 9.22
N VAL B 663 68.69 -25.24 7.90
CA VAL B 663 69.78 -26.01 7.27
C VAL B 663 71.13 -25.47 7.68
N LEU B 664 71.29 -24.14 7.78
CA LEU B 664 72.58 -23.62 8.24
C LEU B 664 72.92 -24.15 9.62
N GLU B 665 71.91 -24.28 10.50
CA GLU B 665 72.16 -24.73 11.88
C GLU B 665 72.31 -26.24 11.98
N GLN B 666 71.74 -26.99 11.04
CA GLN B 666 71.87 -28.46 11.00
C GLN B 666 71.94 -28.89 9.53
N PRO B 667 73.12 -28.73 8.90
CA PRO B 667 73.21 -28.95 7.45
C PRO B 667 73.14 -30.41 7.02
N ASP B 668 73.14 -31.34 7.97
CA ASP B 668 73.30 -32.77 7.73
C ASP B 668 72.85 -33.28 6.38
N THR B 669 71.55 -33.30 6.12
CA THR B 669 71.01 -34.00 4.95
C THR B 669 71.00 -33.17 3.68
N TRP B 670 71.55 -31.97 3.71
CA TRP B 670 71.54 -31.09 2.55
C TRP B 670 72.90 -30.94 1.90
N MET B 671 73.95 -30.90 2.72
CA MET B 671 75.32 -30.70 2.30
C MET B 671 76.28 -31.01 3.46
N PRO B 672 77.53 -31.38 3.17
CA PRO B 672 78.51 -31.56 4.25
C PRO B 672 78.76 -30.26 4.99
N THR B 673 79.09 -30.38 6.27
CA THR B 673 79.37 -29.18 7.07
C THR B 673 80.43 -28.31 6.39
N ALA B 674 81.42 -28.95 5.77
CA ALA B 674 82.47 -28.18 5.10
C ALA B 674 81.89 -27.38 3.94
N ARG B 675 80.95 -27.97 3.19
CA ARG B 675 80.31 -27.22 2.12
C ARG B 675 79.51 -26.05 2.68
N ARG B 676 78.79 -26.28 3.78
CA ARG B 676 78.10 -25.21 4.50
C ARG B 676 79.05 -24.07 4.83
N ASP B 677 80.18 -24.39 5.44
CA ASP B 677 81.16 -23.35 5.77
C ASP B 677 81.61 -22.62 4.52
N GLU B 678 81.86 -23.35 3.43
CA GLU B 678 82.34 -22.71 2.21
C GLU B 678 81.29 -21.75 1.62
N VAL B 679 80.02 -22.17 1.62
CA VAL B 679 78.96 -21.32 1.08
C VAL B 679 78.83 -20.05 1.91
N MET B 680 78.88 -20.17 3.24
CA MET B 680 78.75 -18.98 4.09
C MET B 680 79.86 -17.97 3.80
N LEU B 681 81.11 -18.42 3.78
CA LEU B 681 82.21 -17.50 3.57
C LEU B 681 82.28 -16.98 2.14
N THR B 682 81.92 -17.80 1.15
CA THR B 682 81.94 -17.35 -0.24
C THR B 682 80.90 -16.26 -0.46
N SER B 683 79.67 -16.48 0.03
CA SER B 683 78.64 -15.45 -0.06
C SER B 683 78.95 -14.26 0.85
N LEU B 684 79.61 -14.50 1.99
CA LEU B 684 79.99 -13.38 2.85
C LEU B 684 81.01 -12.50 2.13
N LYS B 685 81.94 -13.11 1.39
CA LYS B 685 82.87 -12.34 0.59
C LYS B 685 82.15 -11.49 -0.45
N ALA B 686 81.16 -12.07 -1.13
CA ALA B 686 80.43 -11.31 -2.14
C ALA B 686 79.67 -10.14 -1.52
N ALA B 687 79.13 -10.33 -0.31
CA ALA B 687 78.45 -9.22 0.36
C ALA B 687 79.43 -8.13 0.75
N MET B 688 80.60 -8.53 1.25
CA MET B 688 81.62 -7.55 1.58
C MET B 688 81.98 -6.72 0.35
N ALA B 689 82.06 -7.35 -0.83
CA ALA B 689 82.38 -6.62 -2.05
C ALA B 689 81.28 -5.61 -2.42
N GLU B 690 80.01 -6.00 -2.27
CA GLU B 690 78.91 -5.06 -2.54
C GLU B 690 78.94 -3.90 -1.56
N LEU B 691 79.17 -4.18 -0.28
CA LEU B 691 79.22 -3.12 0.73
C LEU B 691 80.33 -2.13 0.41
N GLU B 692 81.47 -2.62 -0.07
CA GLU B 692 82.54 -1.71 -0.48
C GLU B 692 82.12 -0.90 -1.69
N ARG B 693 81.40 -1.53 -2.64
CA ARG B 693 81.00 -0.82 -3.84
C ARG B 693 79.92 0.20 -3.57
N ARG B 694 79.08 -0.03 -2.56
CA ARG B 694 78.01 0.91 -2.22
C ARG B 694 78.48 2.01 -1.28
N SER B 695 79.70 1.93 -0.78
CA SER B 695 80.33 2.88 0.14
C SER B 695 81.12 3.94 -0.64
N PRO B 696 81.28 5.14 -0.08
CA PRO B 696 82.11 6.14 -0.79
C PRO B 696 83.54 5.69 -1.06
N SER B 697 84.19 5.06 -0.09
CA SER B 697 85.50 4.45 -0.27
C SER B 697 85.54 3.16 0.54
N PRO B 698 86.37 2.20 0.16
CA PRO B 698 86.48 0.96 0.95
C PRO B 698 87.05 1.19 2.33
N GLU B 699 87.44 2.43 2.64
CA GLU B 699 87.86 2.80 4.00
C GLU B 699 86.77 3.52 4.78
N LYS B 700 85.76 4.04 4.10
CA LYS B 700 84.59 4.68 4.70
C LYS B 700 83.36 3.83 4.34
N LEU B 701 83.17 2.76 5.09
CA LEU B 701 82.05 1.87 4.78
C LEU B 701 80.73 2.50 5.23
N ALA B 702 79.69 2.24 4.45
CA ALA B 702 78.37 2.76 4.75
C ALA B 702 77.76 2.08 5.96
N THR B 703 77.12 2.87 6.83
CA THR B 703 76.22 2.30 7.82
C THR B 703 74.96 1.77 7.15
N TRP B 704 74.23 0.92 7.88
CA TRP B 704 72.96 0.39 7.36
C TRP B 704 71.99 1.51 6.99
N GLY B 705 71.87 2.52 7.86
CA GLY B 705 71.00 3.63 7.55
C GLY B 705 71.41 4.40 6.31
N THR B 706 72.70 4.38 5.97
CA THR B 706 73.13 5.02 4.73
C THR B 706 72.52 4.37 3.51
N LEU B 707 72.32 3.05 3.56
CA LEU B 707 71.68 2.32 2.47
C LEU B 707 70.16 2.26 2.64
N HIS B 708 69.69 2.10 3.88
CA HIS B 708 68.28 1.78 4.19
C HIS B 708 67.50 3.09 4.28
N ARG B 709 67.09 3.61 3.12
CA ARG B 709 66.51 4.94 3.04
C ARG B 709 64.99 4.89 3.16
N ALA B 710 64.45 5.73 4.04
CA ALA B 710 63.01 5.79 4.31
C ALA B 710 62.41 6.86 3.42
N ILE B 711 62.07 6.49 2.19
CA ILE B 711 61.46 7.40 1.25
C ILE B 711 60.03 6.94 0.99
N PHE B 712 59.09 7.82 1.20
CA PHE B 712 57.68 7.52 1.05
C PHE B 712 57.29 7.98 -0.35
N ARG B 713 56.99 7.00 -1.21
CA ARG B 713 56.81 7.24 -2.63
C ARG B 713 55.35 7.49 -2.97
N HIS B 714 55.15 8.49 -3.81
CA HIS B 714 53.85 8.84 -4.38
C HIS B 714 53.63 8.00 -5.65
N PRO B 715 52.41 7.53 -5.89
CA PRO B 715 52.16 6.67 -7.06
C PRO B 715 52.54 7.30 -8.39
N LEU B 716 52.57 8.63 -8.50
CA LEU B 716 52.88 9.30 -9.75
C LEU B 716 54.36 9.68 -9.85
N ALA B 717 55.19 9.22 -8.90
CA ALA B 717 56.59 9.67 -8.83
C ALA B 717 57.34 9.37 -10.12
N ASN B 718 57.03 8.28 -10.80
CA ASN B 718 57.80 7.88 -11.96
C ASN B 718 57.37 8.54 -13.26
N ILE B 719 56.28 9.32 -13.27
CA ILE B 719 55.81 9.92 -14.50
C ILE B 719 55.78 11.43 -14.44
N VAL B 720 56.32 12.04 -13.40
CA VAL B 720 56.43 13.48 -13.30
C VAL B 720 57.91 13.84 -13.35
N ASP B 721 58.19 15.14 -13.48
CA ASP B 721 59.59 15.56 -13.51
C ASP B 721 60.18 15.53 -12.10
N ASP B 722 61.49 15.79 -12.02
CA ASP B 722 62.15 15.71 -10.72
C ASP B 722 61.66 16.81 -9.79
N ALA B 723 61.30 17.98 -10.33
CA ALA B 723 60.82 19.04 -9.45
C ALA B 723 59.48 18.65 -8.83
N THR B 724 58.58 18.06 -9.62
CA THR B 724 57.31 17.57 -9.07
C THR B 724 57.53 16.36 -8.18
N ARG B 725 58.41 15.44 -8.59
CA ARG B 725 58.68 14.27 -7.77
C ARG B 725 59.27 14.64 -6.42
N ALA B 726 60.06 15.73 -6.35
CA ALA B 726 60.58 16.16 -5.06
C ALA B 726 59.46 16.59 -4.12
N GLN B 727 58.38 17.13 -4.67
CA GLN B 727 57.28 17.57 -3.82
C GLN B 727 56.37 16.39 -3.45
N TYR B 728 56.22 15.42 -4.35
CA TYR B 728 55.31 14.29 -4.12
C TYR B 728 55.90 13.23 -3.18
N ASN B 729 57.19 12.95 -3.30
CA ASN B 729 57.84 11.96 -2.44
C ASN B 729 58.32 12.61 -1.15
N VAL B 730 58.42 11.79 -0.09
CA VAL B 730 58.82 12.28 1.22
C VAL B 730 60.04 11.49 1.67
N ASP B 731 61.16 12.19 1.85
CA ASP B 731 62.44 11.60 2.24
C ASP B 731 62.66 11.84 3.72
N ALA B 732 62.63 10.78 4.52
CA ALA B 732 62.85 10.87 5.95
C ALA B 732 64.25 10.45 6.39
N GLY B 733 65.15 10.19 5.44
CA GLY B 733 66.52 9.81 5.75
C GLY B 733 66.69 8.32 6.00
N GLY B 734 67.81 7.97 6.61
CA GLY B 734 68.10 6.57 6.87
C GLY B 734 67.38 6.07 8.10
N ILE B 735 67.12 4.77 8.12
CA ILE B 735 66.43 4.11 9.23
C ILE B 735 67.09 2.76 9.48
N GLY B 736 66.88 2.24 10.68
CA GLY B 736 67.33 0.90 11.02
C GLY B 736 66.24 -0.14 10.82
N GLY B 737 66.55 -1.36 11.25
CA GLY B 737 65.61 -2.46 11.23
C GLY B 737 65.63 -3.21 9.92
N SER B 738 64.86 -4.29 9.89
CA SER B 738 64.68 -5.10 8.69
C SER B 738 63.26 -5.65 8.69
N ALA B 739 62.98 -6.60 7.80
CA ALA B 739 61.67 -7.28 7.82
C ALA B 739 61.45 -8.13 9.07
N PHE B 740 62.53 -8.56 9.74
CA PHE B 740 62.44 -9.53 10.83
C PHE B 740 62.53 -8.92 12.23
N THR B 741 62.72 -7.57 12.32
CA THR B 741 62.75 -6.87 13.60
C THR B 741 61.36 -6.35 13.96
N PRO B 742 61.03 -6.28 15.26
CA PRO B 742 59.70 -5.75 15.65
C PRO B 742 59.42 -4.40 15.03
N MET B 743 60.41 -3.51 15.05
CA MET B 743 60.33 -2.32 14.23
C MET B 743 60.58 -2.78 12.80
N ASN B 744 59.50 -3.23 12.17
CA ASN B 744 59.58 -3.80 10.81
C ASN B 744 59.86 -2.68 9.81
N THR B 745 61.01 -2.73 9.16
CA THR B 745 61.30 -1.83 8.04
C THR B 745 61.75 -2.67 6.84
N SER B 746 60.80 -3.39 6.26
CA SER B 746 61.08 -4.23 5.10
C SER B 746 61.57 -3.36 3.95
N TYR B 747 62.40 -3.96 3.09
CA TYR B 747 63.03 -3.20 2.01
C TYR B 747 63.08 -4.02 0.73
N ARG B 748 63.30 -3.31 -0.38
CA ARG B 748 63.48 -3.94 -1.68
C ARG B 748 64.96 -4.28 -1.87
N ASN B 749 65.22 -5.39 -2.57
CA ASN B 749 66.57 -5.92 -2.64
C ASN B 749 67.50 -5.14 -3.57
N SER B 750 66.96 -4.32 -4.48
CA SER B 750 67.82 -3.63 -5.44
C SER B 750 68.73 -2.62 -4.75
N ASP B 751 68.17 -1.82 -3.84
CA ASP B 751 68.94 -0.75 -3.23
C ASP B 751 68.65 -0.61 -1.74
N TYR B 752 67.92 -1.55 -1.14
CA TYR B 752 67.61 -1.60 0.28
C TYR B 752 66.71 -0.46 0.75
N HIS B 753 66.08 0.27 -0.17
CA HIS B 753 65.15 1.31 0.26
C HIS B 753 63.90 0.71 0.89
N LEU B 754 63.35 1.44 1.85
CA LEU B 754 62.17 1.02 2.60
C LEU B 754 60.98 0.78 1.67
N THR B 755 60.27 -0.31 1.91
CA THR B 755 59.06 -0.62 1.15
C THR B 755 57.84 -0.87 2.03
N ALA B 756 58.04 -1.41 3.23
CA ALA B 756 56.91 -1.81 4.05
C ALA B 756 57.32 -1.81 5.52
N GLY B 757 56.30 -1.80 6.38
CA GLY B 757 56.42 -1.83 7.83
C GLY B 757 55.33 -0.99 8.47
N ALA B 758 55.48 -0.71 9.76
CA ALA B 758 54.51 0.11 10.45
C ALA B 758 54.62 1.54 9.96
N SER B 759 53.49 2.09 9.54
CA SER B 759 53.37 3.52 9.35
C SER B 759 52.58 4.04 10.56
N PHE B 760 51.31 3.69 10.64
CA PHE B 760 50.56 3.93 11.87
C PHE B 760 51.04 3.00 12.98
N ARG B 761 51.30 3.58 14.16
CA ARG B 761 51.56 2.85 15.39
C ARG B 761 50.70 3.44 16.49
N MET B 762 50.29 2.61 17.46
CA MET B 762 49.63 3.17 18.62
C MET B 762 49.95 2.35 19.87
N VAL B 763 50.04 3.06 21.00
CA VAL B 763 50.18 2.48 22.33
C VAL B 763 49.17 3.19 23.22
N LEU B 764 48.21 2.45 23.75
CA LEU B 764 47.07 3.05 24.45
C LEU B 764 47.18 2.80 25.94
N ASP B 765 46.94 3.86 26.71
CA ASP B 765 46.57 3.78 28.13
C ASP B 765 45.08 3.50 28.14
N VAL B 766 44.71 2.25 28.43
CA VAL B 766 43.32 1.82 28.29
C VAL B 766 42.58 2.30 29.54
N GLY B 767 41.92 3.44 29.43
CA GLY B 767 41.20 4.00 30.56
C GLY B 767 41.56 5.44 30.86
N ASN B 768 42.82 5.82 30.72
CA ASN B 768 43.26 7.22 30.84
C ASN B 768 43.61 7.67 29.43
N TRP B 769 42.56 7.98 28.66
CA TRP B 769 42.66 7.91 27.20
C TRP B 769 43.60 8.98 26.65
N ASP B 770 43.62 10.17 27.23
CA ASP B 770 44.44 11.24 26.68
C ASP B 770 45.93 10.95 26.76
N GLN B 771 46.33 9.93 27.51
CA GLN B 771 47.73 9.56 27.60
C GLN B 771 48.15 8.62 26.47
N GLY B 772 47.22 8.23 25.59
CA GLY B 772 47.57 7.38 24.49
C GLY B 772 48.48 8.09 23.52
N ARG B 773 49.36 7.31 22.88
CA ARG B 773 50.37 7.80 21.96
C ARG B 773 50.19 7.13 20.62
N VAL B 774 50.34 7.90 19.54
CA VAL B 774 50.17 7.40 18.18
C VAL B 774 51.22 8.05 17.29
N VAL B 775 51.42 7.45 16.11
CA VAL B 775 52.13 8.12 15.03
C VAL B 775 51.55 7.62 13.71
N ASN B 776 51.84 8.37 12.65
CA ASN B 776 51.52 8.01 11.28
C ASN B 776 52.68 8.52 10.40
N THR B 777 52.77 8.04 9.14
CA THR B 777 53.84 8.55 8.29
C THR B 777 53.53 8.35 6.82
N PRO B 778 53.86 9.33 5.95
CA PRO B 778 54.53 10.62 6.23
C PRO B 778 53.65 11.73 6.82
N GLY B 779 52.34 11.59 6.75
CA GLY B 779 51.48 12.64 7.29
C GLY B 779 50.02 12.27 7.19
N GLN B 780 49.20 13.13 7.77
CA GLN B 780 47.75 12.91 7.73
C GLN B 780 47.14 13.44 6.44
N SER B 781 47.72 14.47 5.83
CA SER B 781 47.19 15.04 4.60
C SER B 781 47.77 14.36 3.36
N GLY B 782 46.92 14.20 2.35
CA GLY B 782 47.39 13.74 1.06
C GLY B 782 47.71 14.86 0.10
N ASP B 783 47.60 16.11 0.56
CA ASP B 783 47.82 17.28 -0.29
C ASP B 783 49.29 17.70 -0.20
N PRO B 784 50.08 17.56 -1.26
CA PRO B 784 51.51 17.93 -1.17
C PRO B 784 51.76 19.38 -0.79
N GLY B 785 50.79 20.27 -0.97
CA GLY B 785 50.96 21.64 -0.52
C GLY B 785 50.70 21.88 0.95
N ASN B 786 50.26 20.85 1.67
CA ASN B 786 49.90 20.97 3.08
C ASN B 786 51.04 20.54 3.97
N SER B 787 51.24 21.25 5.09
CA SER B 787 52.32 20.89 5.99
C SER B 787 52.09 19.50 6.61
N HIS B 788 50.84 19.06 6.74
CA HIS B 788 50.55 17.73 7.23
C HIS B 788 50.78 16.63 6.20
N TYR B 789 51.24 16.99 4.99
CA TYR B 789 51.64 15.97 4.04
C TYR B 789 52.89 15.24 4.51
N ARG B 790 53.75 15.92 5.29
CA ARG B 790 55.07 15.36 5.59
C ARG B 790 55.53 15.68 6.99
N ASP B 791 54.70 16.28 7.84
CA ASP B 791 55.18 16.65 9.16
C ASP B 791 55.35 15.47 10.11
N LEU B 792 54.76 14.32 9.82
CA LEU B 792 54.86 13.19 10.74
C LEU B 792 56.06 12.27 10.45
N ALA B 793 56.59 12.30 9.23
CA ALA B 793 57.77 11.49 8.90
C ALA B 793 58.98 11.71 9.84
N PRO B 794 59.36 12.94 10.21
CA PRO B 794 60.51 13.09 11.13
C PRO B 794 60.26 12.48 12.50
N ILE B 795 59.01 12.60 12.99
CA ILE B 795 58.60 11.97 14.25
C ILE B 795 58.66 10.45 14.13
N TRP B 796 58.03 9.93 13.08
CA TRP B 796 58.04 8.49 12.82
C TRP B 796 59.46 7.95 12.75
N ALA B 797 60.37 8.69 12.08
CA ALA B 797 61.72 8.18 11.83
C ALA B 797 62.54 8.05 13.12
N LYS B 798 62.23 8.86 14.14
CA LYS B 798 62.90 8.79 15.43
C LYS B 798 62.21 7.84 16.41
N GLY B 799 61.22 7.08 15.95
CA GLY B 799 60.50 6.25 16.88
C GLY B 799 59.73 7.03 17.92
N GLN B 800 59.32 8.25 17.59
CA GLN B 800 58.55 9.08 18.50
C GLN B 800 57.08 9.08 18.08
N THR B 801 56.27 9.70 18.93
CA THR B 801 54.81 9.70 18.79
C THR B 801 54.29 11.08 19.16
N PHE B 802 53.00 11.28 18.93
CA PHE B 802 52.26 12.43 19.43
C PHE B 802 51.03 11.92 20.17
N PRO B 803 50.41 12.74 21.02
CA PRO B 803 49.28 12.25 21.82
C PRO B 803 48.05 12.07 20.95
N LEU B 804 47.33 10.98 21.21
CA LEU B 804 46.03 10.73 20.59
C LEU B 804 44.97 11.38 21.46
N VAL B 805 44.81 12.70 21.30
CA VAL B 805 43.96 13.47 22.20
C VAL B 805 42.49 13.07 22.03
N TYR B 806 41.80 12.91 23.16
CA TYR B 806 40.50 12.26 23.13
C TYR B 806 39.42 13.09 23.83
N SER B 807 39.68 13.57 25.05
CA SER B 807 38.70 14.42 25.72
C SER B 807 38.57 15.76 25.00
N ARG B 808 37.39 16.37 25.15
CA ARG B 808 37.12 17.64 24.47
C ARG B 808 38.13 18.71 24.89
N LYS B 809 38.66 18.59 26.11
CA LYS B 809 39.63 19.56 26.63
C LYS B 809 41.00 19.38 26.00
N ALA B 810 41.46 18.13 25.90
CA ALA B 810 42.73 17.83 25.24
C ALA B 810 42.70 18.15 23.76
N VAL B 811 41.56 17.89 23.10
CA VAL B 811 41.42 18.17 21.67
C VAL B 811 41.47 19.68 21.41
N GLU B 812 40.67 20.44 22.16
CA GLU B 812 40.67 21.89 22.00
C GLU B 812 42.07 22.48 22.20
N ARG B 813 42.76 22.06 23.27
CA ARG B 813 44.08 22.64 23.53
C ARG B 813 45.03 22.40 22.35
N ALA B 814 44.89 21.27 21.67
CA ALA B 814 45.75 20.90 20.56
C ALA B 814 45.19 21.33 19.22
N ALA B 815 44.02 21.97 19.20
CA ALA B 815 43.36 22.28 17.94
C ALA B 815 44.11 23.37 17.18
N GLU B 816 44.23 23.21 15.87
CA GLU B 816 44.82 24.24 15.04
C GLU B 816 43.83 24.80 14.05
N LYS B 817 42.74 24.10 13.75
CA LYS B 817 41.76 24.56 12.76
C LYS B 817 40.39 24.00 13.11
N ARG B 818 39.34 24.77 12.82
CA ARG B 818 37.96 24.34 13.00
C ARG B 818 37.25 24.37 11.66
N ILE B 819 36.45 23.34 11.37
CA ILE B 819 35.62 23.28 10.18
C ILE B 819 34.18 23.12 10.61
N GLU B 820 33.29 23.90 10.01
CA GLU B 820 31.87 23.90 10.36
C GLU B 820 31.06 23.46 9.15
N LEU B 821 30.17 22.51 9.38
CA LEU B 821 29.31 21.96 8.35
C LEU B 821 27.87 22.34 8.67
N THR B 822 27.19 22.95 7.71
CA THR B 822 25.81 23.40 7.90
C THR B 822 24.90 22.65 6.94
N PRO B 823 23.85 21.98 7.43
CA PRO B 823 22.94 21.28 6.53
C PRO B 823 22.34 22.23 5.48
N ARG B 824 22.06 21.69 4.30
CA ARG B 824 21.37 22.44 3.24
C ARG B 824 20.56 21.53 2.32
N PRO C 35 -28.39 33.34 82.46
CA PRO C 35 -27.56 32.13 82.42
C PRO C 35 -26.46 32.25 81.37
N THR C 36 -25.56 31.27 81.31
CA THR C 36 -24.39 31.37 80.46
C THR C 36 -23.94 29.97 80.05
N ASP C 37 -23.83 29.76 78.74
CA ASP C 37 -23.27 28.54 78.18
C ASP C 37 -21.83 28.78 77.79
N ARG C 38 -20.98 27.78 78.00
CA ARG C 38 -19.57 27.92 77.74
C ARG C 38 -19.15 26.79 76.84
N TYR C 39 -18.50 27.11 75.72
CA TYR C 39 -18.06 26.10 74.78
C TYR C 39 -16.61 26.33 74.39
N ALA C 40 -15.93 25.22 74.12
CA ALA C 40 -14.61 25.24 73.50
C ALA C 40 -14.77 25.62 72.03
N ALA C 41 -13.79 26.38 71.54
CA ALA C 41 -13.84 26.88 70.17
C ALA C 41 -12.47 26.66 69.56
N PRO C 42 -12.15 25.43 69.16
CA PRO C 42 -10.88 25.17 68.47
C PRO C 42 -10.84 25.93 67.15
N GLY C 43 -9.74 26.63 66.92
CA GLY C 43 -9.58 27.52 65.79
C GLY C 43 -9.91 28.97 66.10
N LEU C 44 -10.63 29.22 67.18
CA LEU C 44 -10.90 30.60 67.55
C LEU C 44 -9.62 31.21 68.11
N GLU C 45 -9.34 32.45 67.71
CA GLU C 45 -8.09 33.07 68.14
C GLU C 45 -8.18 33.61 69.56
N LYS C 46 -9.23 34.35 69.89
CA LYS C 46 -9.37 34.99 71.18
C LYS C 46 -10.76 34.71 71.76
N PRO C 47 -10.95 34.90 73.07
CA PRO C 47 -12.29 34.74 73.64
C PRO C 47 -13.32 35.61 72.95
N ALA C 48 -14.52 35.05 72.80
CA ALA C 48 -15.64 35.71 72.18
C ALA C 48 -16.89 35.46 73.02
N SER C 49 -17.79 36.45 73.02
CA SER C 49 -19.05 36.41 73.75
C SER C 49 -20.21 36.63 72.78
N ILE C 50 -21.31 35.93 72.99
CA ILE C 50 -22.51 36.19 72.20
C ILE C 50 -23.64 36.44 73.17
N LEU C 51 -24.32 37.56 73.00
CA LEU C 51 -25.53 37.86 73.75
C LEU C 51 -26.72 37.71 72.81
N ILE C 52 -27.62 36.78 73.15
CA ILE C 52 -28.86 36.57 72.41
C ILE C 52 -29.94 37.45 73.03
N ASP C 53 -30.53 38.36 72.25
CA ASP C 53 -31.55 39.19 72.88
C ASP C 53 -32.87 38.42 72.99
N ARG C 54 -33.90 39.08 73.53
CA ARG C 54 -35.16 38.42 73.87
C ARG C 54 -35.98 38.07 72.64
N TRP C 55 -35.56 38.51 71.46
CA TRP C 55 -36.22 38.11 70.22
C TRP C 55 -35.43 37.07 69.46
N GLY C 56 -34.33 36.55 70.04
CA GLY C 56 -33.53 35.52 69.41
C GLY C 56 -32.44 36.03 68.48
N VAL C 57 -32.17 37.33 68.47
CA VAL C 57 -31.13 37.91 67.62
C VAL C 57 -29.79 37.75 68.34
N PRO C 58 -28.80 37.08 67.74
CA PRO C 58 -27.47 36.98 68.37
C PRO C 58 -26.60 38.20 68.11
N HIS C 59 -25.96 38.71 69.16
CA HIS C 59 -25.03 39.83 69.09
C HIS C 59 -23.65 39.34 69.48
N ILE C 60 -22.74 39.34 68.51
CA ILE C 60 -21.45 38.66 68.61
C ILE C 60 -20.36 39.68 68.90
N TYR C 61 -19.57 39.43 69.95
CA TYR C 61 -18.45 40.27 70.35
C TYR C 61 -17.20 39.41 70.30
N ALA C 62 -16.37 39.64 69.29
CA ALA C 62 -15.15 38.90 69.08
C ALA C 62 -13.94 39.80 69.28
N GLY C 63 -12.79 39.18 69.49
CA GLY C 63 -11.60 39.95 69.79
C GLY C 63 -10.73 40.26 68.60
N THR C 64 -10.97 39.56 67.49
CA THR C 64 -10.29 39.82 66.23
C THR C 64 -11.34 39.85 65.11
N LEU C 65 -10.92 40.41 63.99
CA LEU C 65 -11.80 40.55 62.83
C LEU C 65 -12.37 39.21 62.39
N TYR C 66 -11.50 38.24 62.13
CA TYR C 66 -12.00 36.99 61.57
C TYR C 66 -12.65 36.09 62.62
N ASP C 67 -12.33 36.30 63.91
CA ASP C 67 -13.04 35.58 64.99
C ASP C 67 -14.53 35.88 64.95
N ALA C 68 -14.91 37.08 64.50
CA ALA C 68 -16.34 37.43 64.45
C ALA C 68 -17.09 36.49 63.50
N PHE C 69 -16.44 36.09 62.41
CA PHE C 69 -17.07 35.19 61.45
C PHE C 69 -17.00 33.75 61.93
N TYR C 70 -15.97 33.42 62.73
CA TYR C 70 -15.98 32.15 63.44
C TYR C 70 -17.19 32.04 64.33
N ALA C 71 -17.40 33.04 65.19
CA ALA C 71 -18.54 32.99 66.11
C ALA C 71 -19.85 33.02 65.35
N GLN C 72 -19.90 33.74 64.22
CA GLN C 72 -21.14 33.74 63.44
C GLN C 72 -21.46 32.36 62.91
N GLY C 73 -20.44 31.66 62.38
CA GLY C 73 -20.67 30.29 61.94
C GLY C 73 -21.13 29.39 63.06
N PHE C 74 -20.47 29.50 64.23
CA PHE C 74 -20.85 28.70 65.39
C PHE C 74 -22.31 28.95 65.76
N ILE C 75 -22.72 30.22 65.78
CA ILE C 75 -24.06 30.60 66.20
C ILE C 75 -25.09 30.25 65.13
N ALA C 76 -24.74 30.42 63.86
CA ALA C 76 -25.64 29.99 62.77
C ALA C 76 -25.87 28.49 62.84
N ALA C 77 -24.85 27.73 63.22
CA ALA C 77 -25.02 26.30 63.36
C ALA C 77 -25.92 25.98 64.56
N ARG C 78 -25.74 26.70 65.67
CA ARG C 78 -26.55 26.48 66.86
C ARG C 78 -28.03 26.67 66.56
N ASP C 79 -28.38 27.69 65.77
CA ASP C 79 -29.76 28.00 65.47
C ASP C 79 -30.26 27.30 64.21
N ARG C 80 -29.42 27.07 63.21
CA ARG C 80 -29.94 26.63 61.91
C ARG C 80 -29.13 25.48 61.30
N LEU C 81 -28.50 24.63 62.14
CA LEU C 81 -27.56 23.64 61.62
C LEU C 81 -28.23 22.75 60.56
N TRP C 82 -29.44 22.25 60.84
CA TRP C 82 -30.07 21.35 59.88
C TRP C 82 -30.31 22.07 58.55
N GLN C 83 -30.84 23.30 58.61
CA GLN C 83 -31.11 24.08 57.41
C GLN C 83 -29.84 24.32 56.61
N ILE C 84 -28.78 24.79 57.27
CA ILE C 84 -27.57 25.12 56.52
C ILE C 84 -26.87 23.85 56.06
N ASP C 85 -26.90 22.78 56.85
CA ASP C 85 -26.40 21.50 56.38
C ASP C 85 -27.21 21.02 55.16
N LEU C 86 -28.53 21.25 55.19
CA LEU C 86 -29.37 20.81 54.07
C LEU C 86 -29.04 21.60 52.80
N TRP C 87 -28.87 22.92 52.93
CA TRP C 87 -28.47 23.72 51.77
C TRP C 87 -27.16 23.20 51.17
N ARG C 88 -26.17 22.93 52.02
CA ARG C 88 -24.88 22.43 51.53
C ARG C 88 -25.02 21.04 50.89
N LYS C 89 -25.75 20.15 51.55
CA LYS C 89 -25.95 18.79 51.04
C LYS C 89 -26.62 18.81 49.66
N ARG C 90 -27.64 19.64 49.50
CA ARG C 90 -28.28 19.79 48.19
C ARG C 90 -27.31 20.40 47.19
N GLY C 91 -26.56 21.42 47.60
CA GLY C 91 -25.70 22.12 46.67
C GLY C 91 -24.56 21.26 46.14
N LEU C 92 -23.98 20.42 46.99
CA LEU C 92 -22.88 19.57 46.57
C LEU C 92 -23.37 18.25 45.96
N GLY C 93 -24.67 18.03 45.85
CA GLY C 93 -25.18 16.81 45.26
C GLY C 93 -24.88 15.59 46.11
N GLU C 94 -25.18 15.70 47.41
CA GLU C 94 -25.01 14.61 48.36
C GLU C 94 -26.33 14.20 49.00
N MET C 95 -27.46 14.52 48.36
CA MET C 95 -28.77 14.19 48.94
C MET C 95 -28.99 12.69 48.98
N ALA C 96 -28.66 12.00 47.89
CA ALA C 96 -29.01 10.58 47.77
C ALA C 96 -28.25 9.74 48.79
N ARG C 97 -27.04 10.19 49.17
CA ARG C 97 -26.26 9.49 50.19
C ARG C 97 -27.11 9.13 51.41
N ASP C 98 -28.11 9.96 51.75
CA ASP C 98 -28.94 9.71 52.93
C ASP C 98 -30.42 9.54 52.62
N PHE C 99 -30.89 9.98 51.46
CA PHE C 99 -32.32 9.95 51.17
C PHE C 99 -32.66 8.98 50.06
N GLY C 100 -31.69 8.29 49.48
CA GLY C 100 -31.95 7.18 48.60
C GLY C 100 -31.91 7.49 47.10
N PRO C 101 -32.25 6.47 46.30
CA PRO C 101 -32.03 6.55 44.84
C PRO C 101 -32.93 7.56 44.14
N ALA C 102 -34.04 7.96 44.75
CA ALA C 102 -34.91 8.97 44.14
C ALA C 102 -34.19 10.32 43.96
N TYR C 103 -33.07 10.53 44.65
CA TYR C 103 -32.38 11.82 44.65
C TYR C 103 -31.13 11.81 43.76
N VAL C 104 -30.87 10.73 43.01
CA VAL C 104 -29.62 10.63 42.25
C VAL C 104 -29.59 11.66 41.13
N ASP C 105 -30.64 11.72 40.30
CA ASP C 105 -30.65 12.66 39.18
C ASP C 105 -30.49 14.09 39.70
N GLY C 106 -31.11 14.41 40.83
CA GLY C 106 -30.95 15.73 41.41
C GLY C 106 -29.53 15.99 41.87
N ASP C 107 -28.89 14.98 42.46
CA ASP C 107 -27.49 15.13 42.85
C ASP C 107 -26.61 15.36 41.65
N ARG C 108 -26.83 14.59 40.58
CA ARG C 108 -26.04 14.73 39.37
C ARG C 108 -26.16 16.13 38.78
N MET C 109 -27.39 16.62 38.64
CA MET C 109 -27.61 17.95 38.07
C MET C 109 -27.10 19.07 38.98
N ALA C 110 -27.14 18.88 40.30
CA ALA C 110 -26.57 19.88 41.20
C ALA C 110 -25.08 20.03 41.00
N ARG C 111 -24.36 18.91 40.80
CA ARG C 111 -22.93 19.02 40.53
C ARG C 111 -22.65 19.66 39.18
N ALA C 112 -23.56 19.49 38.22
CA ALA C 112 -23.35 20.13 36.92
C ALA C 112 -23.39 21.66 37.01
N VAL C 113 -23.98 22.22 38.07
CA VAL C 113 -24.08 23.68 38.15
C VAL C 113 -23.35 24.20 39.38
N LEU C 114 -22.35 23.45 39.85
CA LEU C 114 -21.38 24.00 40.77
C LEU C 114 -20.38 24.85 40.00
N TYR C 115 -19.79 25.82 40.69
CA TYR C 115 -18.71 26.59 40.08
C TYR C 115 -17.50 25.69 39.82
N ARG C 116 -17.01 25.68 38.57
CA ARG C 116 -15.80 24.95 38.24
C ARG C 116 -14.78 25.82 37.53
N GLY C 117 -14.83 27.13 37.72
CA GLY C 117 -13.86 28.03 37.13
C GLY C 117 -12.62 28.19 38.00
N ASP C 118 -11.85 29.21 37.67
CA ASP C 118 -10.59 29.50 38.35
C ASP C 118 -10.84 29.88 39.81
N MET C 119 -10.23 29.13 40.73
CA MET C 119 -10.45 29.41 42.16
C MET C 119 -9.62 30.60 42.66
N TYR C 120 -8.43 30.82 42.11
CA TYR C 120 -7.65 32.01 42.47
C TYR C 120 -8.46 33.29 42.21
N ARG C 121 -9.07 33.40 41.03
CA ARG C 121 -9.94 34.53 40.69
C ARG C 121 -11.20 34.55 41.54
N GLU C 122 -11.79 33.37 41.78
CA GLU C 122 -13.01 33.28 42.57
C GLU C 122 -12.85 33.90 43.95
N TRP C 123 -11.77 33.57 44.66
CA TRP C 123 -11.61 34.10 46.02
C TRP C 123 -11.54 35.63 46.01
N LEU C 124 -10.90 36.21 44.98
CA LEU C 124 -10.70 37.64 44.86
C LEU C 124 -11.91 38.36 44.28
N ALA C 125 -12.96 37.65 43.89
CA ALA C 125 -14.06 38.33 43.22
C ALA C 125 -14.88 39.18 44.19
N TYR C 126 -14.85 38.86 45.48
CA TYR C 126 -15.78 39.45 46.43
C TYR C 126 -15.16 40.54 47.29
N GLY C 127 -13.90 40.88 47.05
CA GLY C 127 -13.12 41.72 47.92
C GLY C 127 -11.79 41.05 48.18
N SER C 128 -11.01 41.60 49.10
CA SER C 128 -9.63 41.14 49.19
C SER C 128 -9.40 40.10 50.27
N ASP C 129 -10.35 39.89 51.21
CA ASP C 129 -10.11 38.90 52.25
C ASP C 129 -11.26 37.90 52.36
N ALA C 130 -11.99 37.64 51.26
CA ALA C 130 -13.12 36.72 51.36
C ALA C 130 -12.70 35.34 51.82
N LYS C 131 -11.49 34.89 51.44
CA LYS C 131 -11.09 33.53 51.78
C LYS C 131 -10.86 33.37 53.28
N ARG C 132 -10.19 34.32 53.93
CA ARG C 132 -10.04 34.26 55.38
C ARG C 132 -11.41 34.31 56.06
N VAL C 133 -12.32 35.14 55.54
CA VAL C 133 -13.66 35.18 56.10
C VAL C 133 -14.33 33.82 55.97
N ALA C 134 -14.28 33.23 54.77
CA ALA C 134 -14.92 31.93 54.58
C ALA C 134 -14.29 30.87 55.48
N GLU C 135 -12.96 30.92 55.65
CA GLU C 135 -12.27 29.90 56.44
C GLU C 135 -12.65 30.01 57.91
N ALA C 136 -12.82 31.23 58.43
CA ALA C 136 -13.24 31.40 59.81
C ALA C 136 -14.67 30.93 60.02
N PHE C 137 -15.57 31.24 59.07
CA PHE C 137 -16.98 30.88 59.22
C PHE C 137 -17.15 29.37 59.31
N VAL C 138 -16.49 28.63 58.40
CA VAL C 138 -16.68 27.18 58.40
C VAL C 138 -15.93 26.54 59.56
N ALA C 139 -14.85 27.17 60.06
CA ALA C 139 -14.24 26.68 61.29
C ALA C 139 -15.23 26.79 62.46
N GLY C 140 -16.02 27.86 62.49
CA GLY C 140 -17.06 27.98 63.50
C GLY C 140 -18.16 26.94 63.33
N VAL C 141 -18.66 26.78 62.10
CA VAL C 141 -19.65 25.74 61.84
C VAL C 141 -19.11 24.37 62.26
N ASN C 142 -17.87 24.05 61.86
CA ASN C 142 -17.31 22.74 62.16
C ASN C 142 -17.16 22.51 63.66
N ALA C 143 -16.83 23.56 64.42
CA ALA C 143 -16.78 23.43 65.87
C ALA C 143 -18.14 23.03 66.44
N TYR C 144 -19.21 23.61 65.91
CA TYR C 144 -20.53 23.25 66.40
C TYR C 144 -20.90 21.85 65.97
N VAL C 145 -20.48 21.45 64.77
CA VAL C 145 -20.73 20.08 64.34
C VAL C 145 -20.04 19.09 65.27
N ALA C 146 -18.76 19.34 65.59
CA ALA C 146 -18.05 18.48 66.54
C ALA C 146 -18.76 18.44 67.87
N LEU C 147 -19.29 19.57 68.32
CA LEU C 147 -20.01 19.62 69.59
C LEU C 147 -21.25 18.73 69.57
N THR C 148 -21.97 18.68 68.45
CA THR C 148 -23.12 17.78 68.37
C THR C 148 -22.70 16.31 68.40
N GLU C 149 -21.49 15.99 67.90
CA GLU C 149 -21.01 14.61 67.93
C GLU C 149 -20.60 14.18 69.33
N ALA C 150 -20.03 15.12 70.11
CA ALA C 150 -19.63 14.84 71.48
C ALA C 150 -20.81 14.88 72.45
N GLN C 151 -21.81 15.70 72.16
CA GLN C 151 -22.98 15.85 73.01
C GLN C 151 -24.20 15.67 72.12
N PRO C 152 -24.56 14.42 71.79
CA PRO C 152 -25.66 14.20 70.84
C PRO C 152 -27.00 14.77 71.28
N GLU C 153 -27.14 15.23 72.54
CA GLU C 153 -28.39 15.90 72.89
C GLU C 153 -28.58 17.20 72.16
N LEU C 154 -27.50 17.75 71.58
CA LEU C 154 -27.56 18.96 70.75
C LEU C 154 -27.81 18.66 69.27
N LEU C 155 -27.93 17.39 68.87
CA LEU C 155 -28.23 17.06 67.47
C LEU C 155 -29.64 17.52 67.10
N PRO C 156 -29.80 18.37 66.08
CA PRO C 156 -31.17 18.76 65.66
C PRO C 156 -32.02 17.53 65.33
N ARG C 157 -33.31 17.65 65.62
N ARG C 157 -33.32 17.64 65.64
CA ARG C 157 -34.19 16.48 65.59
CA ARG C 157 -34.21 16.49 65.60
C ARG C 157 -34.46 15.98 64.18
C ARG C 157 -34.46 15.98 64.18
N GLU C 158 -34.27 16.82 63.15
CA GLU C 158 -34.47 16.33 61.79
C GLU C 158 -33.41 15.28 61.45
N PHE C 159 -32.19 15.45 61.99
CA PHE C 159 -31.16 14.44 61.76
C PHE C 159 -31.56 13.12 62.38
N LYS C 160 -32.10 13.16 63.60
CA LYS C 160 -32.61 11.95 64.24
C LYS C 160 -33.73 11.34 63.41
N GLN C 161 -34.67 12.17 62.97
CA GLN C 161 -35.81 11.72 62.17
C GLN C 161 -35.38 10.98 60.91
N LEU C 162 -34.38 11.52 60.19
CA LEU C 162 -33.97 10.97 58.90
C LEU C 162 -32.76 10.04 58.99
N GLY C 163 -32.15 9.91 60.15
CA GLY C 163 -31.06 8.95 60.34
C GLY C 163 -29.73 9.31 59.74
N TYR C 164 -29.28 10.56 59.89
CA TYR C 164 -27.95 10.97 59.47
C TYR C 164 -27.46 12.10 60.37
N LYS C 165 -26.26 12.57 60.08
CA LYS C 165 -25.57 13.56 60.91
C LYS C 165 -25.10 14.74 60.06
N PRO C 166 -24.90 15.91 60.66
CA PRO C 166 -24.36 17.03 59.89
C PRO C 166 -22.94 16.73 59.43
N SER C 167 -22.57 17.33 58.30
CA SER C 167 -21.24 17.18 57.72
C SER C 167 -20.32 18.28 58.22
N ARG C 168 -19.02 18.06 58.04
CA ARG C 168 -18.05 19.14 58.15
C ARG C 168 -17.96 19.91 56.82
N TRP C 169 -17.65 21.20 56.92
CA TRP C 169 -17.61 22.10 55.78
C TRP C 169 -16.18 22.44 55.39
N ARG C 170 -15.98 22.72 54.10
CA ARG C 170 -14.78 23.36 53.58
C ARG C 170 -15.11 24.79 53.15
N ALA C 171 -14.15 25.69 53.31
CA ALA C 171 -14.37 27.10 52.93
C ALA C 171 -14.85 27.22 51.48
N GLU C 172 -14.34 26.37 50.59
CA GLU C 172 -14.73 26.54 49.18
C GLU C 172 -16.22 26.24 48.96
N ASP C 173 -16.86 25.47 49.85
CA ASP C 173 -18.30 25.26 49.74
C ASP C 173 -19.06 26.56 49.71
N ILE C 174 -18.58 27.55 50.45
CA ILE C 174 -19.26 28.84 50.55
C ILE C 174 -19.45 29.47 49.18
N VAL C 175 -18.43 29.40 48.32
CA VAL C 175 -18.49 30.11 47.05
C VAL C 175 -18.84 29.22 45.86
N ARG C 176 -18.70 27.90 45.98
CA ARG C 176 -18.94 27.05 44.80
C ARG C 176 -20.42 26.75 44.58
N ILE C 177 -21.24 26.86 45.62
CA ILE C 177 -22.67 26.59 45.50
C ILE C 177 -23.34 27.85 44.97
N ARG C 178 -24.06 27.72 43.83
CA ARG C 178 -24.54 28.84 43.02
C ARG C 178 -26.04 28.78 42.76
N HIS C 179 -26.59 27.56 42.69
CA HIS C 179 -27.88 27.37 42.05
C HIS C 179 -29.07 27.88 42.85
N HIS C 180 -28.89 28.31 44.10
CA HIS C 180 -29.98 28.90 44.89
C HIS C 180 -30.17 30.38 44.61
N GLY C 181 -29.33 30.99 43.76
CA GLY C 181 -29.46 32.41 43.48
C GLY C 181 -30.62 32.69 42.53
N LEU C 182 -31.42 33.70 42.86
CA LEU C 182 -32.52 34.12 42.00
C LEU C 182 -31.97 34.59 40.66
N THR C 183 -32.59 34.12 39.57
CA THR C 183 -32.03 34.39 38.26
C THR C 183 -33.10 34.22 37.19
N LEU C 184 -32.73 34.59 35.96
CA LEU C 184 -33.57 34.49 34.76
C LEU C 184 -32.65 34.71 33.57
N ASN C 185 -33.08 34.30 32.35
CA ASN C 185 -34.44 33.82 32.05
C ASN C 185 -34.50 32.52 31.23
N PHE C 186 -33.74 31.52 31.65
CA PHE C 186 -33.85 30.21 31.00
C PHE C 186 -35.30 29.78 30.90
N THR C 187 -36.04 29.91 32.01
CA THR C 187 -37.43 29.46 32.01
C THR C 187 -38.27 30.27 31.04
N GLY C 188 -38.09 31.59 31.02
CA GLY C 188 -38.82 32.41 30.09
C GLY C 188 -38.51 32.07 28.64
N GLU C 189 -37.24 31.83 28.32
CA GLU C 189 -36.87 31.49 26.95
C GLU C 189 -37.57 30.23 26.47
N VAL C 190 -37.62 29.21 27.33
CA VAL C 190 -38.24 27.94 26.99
C VAL C 190 -39.72 28.12 26.75
N ASP C 191 -40.40 28.88 27.65
CA ASP C 191 -41.83 29.10 27.49
C ASP C 191 -42.15 29.88 26.22
N ARG C 192 -41.37 30.93 25.96
CA ARG C 192 -41.62 31.76 24.78
C ARG C 192 -41.37 30.97 23.50
N ALA C 193 -40.30 30.18 23.46
CA ALA C 193 -40.05 29.35 22.29
C ALA C 193 -41.13 28.28 22.12
N THR C 194 -41.58 27.66 23.23
CA THR C 194 -42.66 26.68 23.14
C THR C 194 -43.94 27.32 22.62
N LEU C 195 -44.22 28.53 23.06
CA LEU C 195 -45.40 29.23 22.57
C LEU C 195 -45.28 29.50 21.07
N TYR C 196 -44.12 29.99 20.64
CA TYR C 196 -43.89 30.28 19.22
C TYR C 196 -44.00 29.02 18.37
N CYS C 197 -43.57 27.88 18.90
CA CYS C 197 -43.73 26.61 18.18
C CYS C 197 -45.20 26.20 18.11
N GLN C 198 -45.89 26.17 19.26
CA GLN C 198 -47.25 25.62 19.34
C GLN C 198 -48.34 26.59 18.90
N ALA C 199 -48.10 27.91 18.99
CA ALA C 199 -49.12 28.91 18.67
C ALA C 199 -49.07 29.39 17.22
N LYS C 200 -48.04 29.00 16.47
CA LYS C 200 -47.93 29.24 15.03
C LYS C 200 -48.03 30.73 14.76
N GLU C 201 -49.01 31.19 13.98
CA GLU C 201 -49.14 32.59 13.57
C GLU C 201 -49.59 33.48 14.72
N GLN C 202 -50.21 32.93 15.74
CA GLN C 202 -50.69 33.71 16.88
C GLN C 202 -49.65 33.88 17.98
N ALA C 203 -48.40 33.54 17.72
CA ALA C 203 -47.37 33.50 18.75
C ALA C 203 -47.13 34.88 19.37
N ALA C 204 -46.92 35.89 18.52
CA ALA C 204 -46.57 37.22 19.02
C ALA C 204 -47.69 37.77 19.89
N ARG C 205 -48.93 37.59 19.46
CA ARG C 205 -50.07 38.08 20.23
C ARG C 205 -50.23 37.29 21.52
N ALA C 206 -50.17 35.96 21.45
CA ALA C 206 -50.24 35.16 22.68
C ALA C 206 -49.13 35.50 23.65
N ASP C 207 -47.92 35.74 23.15
CA ASP C 207 -46.80 36.06 24.01
C ASP C 207 -46.95 37.44 24.62
N TRP C 208 -47.61 38.34 23.90
CA TRP C 208 -47.88 39.67 24.42
C TRP C 208 -48.77 39.57 25.65
N LEU C 209 -49.74 38.65 25.65
CA LEU C 209 -50.58 38.36 26.80
C LEU C 209 -49.87 37.56 27.87
N ARG C 210 -48.91 36.72 27.46
CA ARG C 210 -48.23 35.82 28.40
C ARG C 210 -47.29 36.60 29.32
N ARG C 211 -46.58 37.60 28.81
CA ARG C 211 -45.47 38.18 29.58
C ARG C 211 -45.23 39.62 29.18
N GLU C 212 -45.37 40.53 30.16
CA GLU C 212 -45.09 41.95 29.93
C GLU C 212 -43.60 42.18 29.75
N LEU C 213 -43.26 42.98 28.76
CA LEU C 213 -41.89 43.43 28.55
C LEU C 213 -41.83 44.92 28.85
N ASP C 214 -40.72 45.34 29.45
CA ASP C 214 -40.44 46.73 29.75
C ASP C 214 -38.96 46.97 29.50
N PRO C 215 -38.59 47.73 28.47
CA PRO C 215 -39.47 48.40 27.50
C PRO C 215 -40.20 47.39 26.60
N PRO C 216 -41.39 47.76 26.11
CA PRO C 216 -42.23 46.77 25.40
C PRO C 216 -41.79 46.55 23.96
N ILE C 217 -40.59 45.98 23.81
CA ILE C 217 -40.02 45.71 22.50
C ILE C 217 -40.78 44.56 21.88
N THR C 218 -40.60 44.34 20.59
CA THR C 218 -41.10 43.10 20.02
C THR C 218 -39.95 42.10 19.94
N PRO C 219 -40.03 40.96 20.64
CA PRO C 219 -38.94 39.98 20.58
C PRO C 219 -38.66 39.52 19.15
N THR C 220 -37.39 39.15 18.92
CA THR C 220 -36.93 38.69 17.62
C THR C 220 -36.49 37.23 17.73
N LEU C 221 -37.24 36.35 17.11
CA LEU C 221 -36.87 34.95 17.01
C LEU C 221 -35.52 34.84 16.27
N PRO C 222 -34.47 34.33 16.91
CA PRO C 222 -33.14 34.36 16.29
C PRO C 222 -33.05 33.52 15.03
N GLU C 223 -32.35 34.07 14.03
CA GLU C 223 -32.06 33.32 12.83
C GLU C 223 -31.24 32.08 13.20
N GLY C 224 -31.71 30.92 12.74
CA GLY C 224 -31.08 29.66 13.06
C GLY C 224 -31.80 28.89 14.14
N LEU C 225 -32.73 29.52 14.85
CA LEU C 225 -33.48 28.84 15.89
C LEU C 225 -34.76 28.27 15.31
N ASP C 226 -34.93 26.96 15.46
CA ASP C 226 -36.21 26.33 15.25
C ASP C 226 -36.92 26.30 16.60
N PRO C 227 -37.97 27.10 16.81
CA PRO C 227 -38.67 27.10 18.11
C PRO C 227 -39.12 25.74 18.54
N CYS C 228 -39.38 24.84 17.58
CA CYS C 228 -39.89 23.51 17.93
C CYS C 228 -38.81 22.58 18.43
N ALA C 229 -37.53 22.92 18.24
CA ALA C 229 -36.44 22.13 18.80
C ALA C 229 -36.09 22.59 20.22
N VAL C 230 -37.11 22.91 21.02
CA VAL C 230 -36.95 23.30 22.42
C VAL C 230 -37.93 22.45 23.22
N PRO C 231 -37.55 21.24 23.62
CA PRO C 231 -38.48 20.35 24.34
C PRO C 231 -38.73 20.81 25.77
N ALA C 232 -39.88 21.44 26.00
CA ALA C 232 -40.11 22.18 27.24
C ALA C 232 -40.07 21.27 28.47
N ALA C 233 -40.83 20.16 28.43
CA ALA C 233 -40.92 19.29 29.60
C ALA C 233 -39.55 18.74 29.99
N ALA C 234 -38.78 18.25 29.02
CA ALA C 234 -37.47 17.72 29.36
C ALA C 234 -36.53 18.81 29.89
N LEU C 235 -36.56 19.99 29.27
CA LEU C 235 -35.66 21.06 29.70
C LEU C 235 -36.04 21.56 31.09
N LYS C 236 -37.33 21.73 31.35
CA LYS C 236 -37.77 22.22 32.65
C LYS C 236 -37.47 21.21 33.74
N LYS C 237 -37.61 19.91 33.43
CA LYS C 237 -37.29 18.87 34.40
C LYS C 237 -35.83 18.90 34.78
N ALA C 238 -34.93 19.05 33.79
CA ALA C 238 -33.50 19.09 34.07
C ALA C 238 -33.11 20.34 34.85
N TYR C 239 -33.69 21.49 34.51
CA TYR C 239 -33.36 22.74 35.21
C TYR C 239 -33.82 22.70 36.67
N THR C 240 -35.05 22.21 36.89
CA THR C 240 -35.53 22.06 38.26
C THR C 240 -34.61 21.13 39.07
N LEU C 241 -34.20 20.00 38.48
CA LEU C 241 -33.24 19.10 39.13
C LEU C 241 -31.94 19.82 39.47
N ALA C 242 -31.54 20.78 38.64
CA ALA C 242 -30.29 21.51 38.85
C ALA C 242 -30.40 22.62 39.88
N THR C 243 -31.59 23.23 40.02
CA THR C 243 -31.70 24.47 40.78
C THR C 243 -32.68 24.43 41.95
N ALA C 244 -33.70 23.58 41.93
CA ALA C 244 -34.76 23.66 42.92
C ALA C 244 -34.24 23.34 44.33
N ALA C 245 -34.87 23.96 45.33
CA ALA C 245 -34.50 23.65 46.70
C ALA C 245 -34.83 22.20 47.03
N ALA C 246 -34.13 21.68 48.03
CA ALA C 246 -34.40 20.35 48.55
C ALA C 246 -35.89 20.19 48.85
N ASN C 247 -36.44 19.06 48.43
CA ASN C 247 -37.86 18.78 48.66
C ASN C 247 -38.00 17.31 49.04
N PHE C 248 -39.02 17.02 49.83
CA PHE C 248 -39.25 15.70 50.41
C PHE C 248 -40.67 15.27 50.06
N PRO C 249 -40.88 14.77 48.85
CA PRO C 249 -42.23 14.37 48.46
C PRO C 249 -42.63 13.03 49.04
N LYS C 250 -43.95 12.89 49.24
CA LYS C 250 -44.52 11.67 49.81
C LYS C 250 -44.11 10.44 49.00
N GLU C 251 -44.04 10.57 47.67
CA GLU C 251 -43.75 9.43 46.80
C GLU C 251 -42.43 8.74 47.13
N ALA C 252 -41.43 9.49 47.60
CA ALA C 252 -40.13 8.93 47.95
C ALA C 252 -39.99 8.61 49.43
N TRP C 253 -41.06 8.80 50.22
CA TRP C 253 -41.00 8.59 51.65
C TRP C 253 -42.24 7.87 52.18
N SER C 282 -39.97 42.40 46.19
CA SER C 282 -39.29 43.16 47.24
C SER C 282 -39.56 44.64 47.11
N ASN C 283 -39.61 45.33 48.25
CA ASN C 283 -39.61 46.77 48.28
C ASN C 283 -38.40 47.26 49.06
N ASN C 284 -37.89 48.42 48.66
CA ASN C 284 -37.03 49.18 49.54
C ASN C 284 -37.26 50.65 49.24
N TRP C 285 -36.82 51.51 50.16
CA TRP C 285 -36.81 52.93 49.87
C TRP C 285 -35.89 53.60 50.86
N VAL C 286 -35.40 54.76 50.47
CA VAL C 286 -34.61 55.60 51.35
C VAL C 286 -35.15 57.04 51.25
N ILE C 287 -35.23 57.71 52.39
CA ILE C 287 -35.82 59.04 52.48
C ILE C 287 -34.82 59.96 53.18
N ALA C 288 -34.58 61.12 52.59
CA ALA C 288 -33.61 62.07 53.10
C ALA C 288 -34.10 62.77 54.39
N GLY C 289 -33.14 63.30 55.15
CA GLY C 289 -33.47 63.94 56.41
C GLY C 289 -34.37 65.16 56.27
N SER C 290 -34.32 65.84 55.13
CA SER C 290 -35.22 66.96 54.89
C SER C 290 -36.67 66.53 54.78
N ARG C 291 -36.91 65.22 54.63
CA ARG C 291 -38.24 64.67 54.41
C ARG C 291 -38.66 63.70 55.51
N THR C 292 -37.98 63.71 56.66
CA THR C 292 -38.38 62.82 57.75
C THR C 292 -38.67 63.58 59.04
N SER C 293 -39.53 62.96 59.86
CA SER C 293 -39.86 63.50 61.17
C SER C 293 -38.65 63.52 62.11
N THR C 294 -37.64 62.70 61.85
CA THR C 294 -36.45 62.68 62.69
C THR C 294 -35.39 63.69 62.27
N GLY C 295 -35.42 64.16 61.02
CA GLY C 295 -34.31 64.93 60.47
C GLY C 295 -33.16 64.10 59.93
N ARG C 296 -33.19 62.78 60.11
CA ARG C 296 -32.19 61.83 59.64
C ARG C 296 -32.79 60.94 58.56
N PRO C 297 -31.96 60.31 57.73
CA PRO C 297 -32.51 59.42 56.70
C PRO C 297 -33.27 58.25 57.33
N ILE C 298 -34.24 57.74 56.58
CA ILE C 298 -34.92 56.49 56.90
C ILE C 298 -34.70 55.57 55.70
N LEU C 299 -34.29 54.34 55.98
CA LEU C 299 -34.08 53.31 54.97
C LEU C 299 -34.92 52.11 55.35
N ALA C 300 -35.74 51.63 54.41
CA ALA C 300 -36.61 50.49 54.64
C ALA C 300 -36.37 49.44 53.55
N ASN C 301 -36.52 48.17 53.94
CA ASN C 301 -36.33 47.05 53.02
C ASN C 301 -37.19 45.92 53.54
N ASP C 302 -38.06 45.40 52.69
CA ASP C 302 -38.76 44.14 52.97
C ASP C 302 -38.61 43.31 51.71
N PRO C 303 -37.58 42.47 51.63
CA PRO C 303 -37.47 41.52 50.52
C PRO C 303 -38.67 40.57 50.49
N HIS C 304 -39.05 40.14 49.28
CA HIS C 304 -40.17 39.20 49.09
C HIS C 304 -39.62 37.88 48.58
N ARG C 305 -39.67 36.84 49.42
CA ARG C 305 -39.08 35.55 49.12
C ARG C 305 -40.03 34.47 49.60
N ALA C 306 -39.72 33.24 49.22
CA ALA C 306 -40.51 32.10 49.71
C ALA C 306 -40.54 32.09 51.23
N HIS C 307 -41.70 31.77 51.77
CA HIS C 307 -41.88 31.57 53.19
C HIS C 307 -41.61 30.11 53.52
N GLY C 308 -41.19 29.88 54.76
CA GLY C 308 -40.90 28.53 55.22
C GLY C 308 -40.52 28.57 56.70
N ALA C 309 -40.48 27.39 57.29
CA ALA C 309 -39.98 27.18 58.64
C ALA C 309 -38.83 26.20 58.54
N PRO C 310 -37.59 26.59 58.89
CA PRO C 310 -37.23 27.96 59.29
C PRO C 310 -37.14 28.92 58.11
N SER C 311 -37.03 30.21 58.43
CA SER C 311 -37.10 31.27 57.45
C SER C 311 -35.87 31.28 56.53
N LEU C 312 -36.03 31.95 55.40
CA LEU C 312 -34.93 32.06 54.43
C LEU C 312 -33.76 32.84 54.99
N ARG C 313 -34.03 33.93 55.70
CA ARG C 313 -33.00 34.79 56.24
C ARG C 313 -32.96 34.77 57.76
N TYR C 314 -31.85 35.26 58.28
CA TYR C 314 -31.49 35.15 59.69
C TYR C 314 -30.84 36.46 60.12
N VAL C 315 -31.28 37.01 61.24
CA VAL C 315 -30.77 38.29 61.73
C VAL C 315 -29.65 38.02 62.73
N SER C 316 -28.52 38.73 62.56
CA SER C 316 -27.39 38.63 63.49
C SER C 316 -26.65 39.97 63.52
N HIS C 317 -25.67 40.05 64.44
CA HIS C 317 -24.93 41.28 64.77
C HIS C 317 -23.47 40.91 65.06
N LEU C 318 -22.55 41.54 64.33
CA LEU C 318 -21.14 41.16 64.29
C LEU C 318 -20.29 42.31 64.80
N ASN C 319 -19.51 42.07 65.87
N ASN C 319 -19.52 42.06 65.86
CA ASN C 319 -18.69 43.12 66.47
CA ASN C 319 -18.66 43.07 66.47
C ASN C 319 -17.28 42.58 66.73
C ASN C 319 -17.26 42.53 66.65
N ALA C 320 -16.27 43.31 66.22
CA ALA C 320 -14.85 42.95 66.34
C ALA C 320 -14.05 44.20 65.96
N PRO C 321 -12.71 44.20 66.12
CA PRO C 321 -11.93 45.33 65.58
C PRO C 321 -12.26 45.58 64.12
N GLY C 322 -12.75 46.79 63.82
CA GLY C 322 -13.05 47.14 62.45
C GLY C 322 -14.35 46.60 61.87
N LEU C 323 -15.25 46.08 62.70
CA LEU C 323 -16.48 45.48 62.19
C LEU C 323 -17.60 45.74 63.18
N SER C 324 -18.72 46.25 62.68
CA SER C 324 -19.85 46.57 63.56
C SER C 324 -21.17 46.52 62.80
N VAL C 325 -21.49 45.39 62.17
CA VAL C 325 -22.58 45.32 61.20
C VAL C 325 -23.71 44.47 61.78
N ILE C 326 -24.94 44.90 61.55
CA ILE C 326 -26.14 44.21 62.04
C ILE C 326 -27.12 44.11 60.88
N GLY C 327 -27.87 43.03 60.85
CA GLY C 327 -28.85 42.90 59.79
C GLY C 327 -29.15 41.44 59.48
N ALA C 328 -29.39 41.16 58.21
CA ALA C 328 -29.88 39.85 57.82
C ALA C 328 -29.10 39.29 56.66
N GLY C 329 -29.18 37.96 56.52
CA GLY C 329 -28.69 37.21 55.38
C GLY C 329 -29.18 35.78 55.49
N GLU C 330 -28.91 35.00 54.45
CA GLU C 330 -29.17 33.57 54.53
C GLU C 330 -28.17 32.94 55.50
N PRO C 331 -28.63 32.04 56.38
CA PRO C 331 -27.80 31.66 57.53
C PRO C 331 -26.55 30.89 57.18
N PHE C 332 -26.46 30.33 55.97
CA PHE C 332 -25.23 29.66 55.55
C PHE C 332 -24.18 30.63 55.01
N LEU C 333 -24.50 31.90 54.85
CA LEU C 333 -23.47 32.74 54.21
C LEU C 333 -22.74 33.61 55.23
N PRO C 334 -21.41 33.70 55.18
CA PRO C 334 -20.71 34.59 56.12
C PRO C 334 -21.10 36.05 55.89
N GLY C 335 -21.16 36.80 56.98
CA GLY C 335 -21.39 38.23 56.91
C GLY C 335 -22.86 38.63 57.01
N ILE C 336 -23.09 39.89 56.67
CA ILE C 336 -24.42 40.50 56.64
C ILE C 336 -24.54 41.20 55.29
N SER C 337 -25.66 40.99 54.60
CA SER C 337 -25.84 41.58 53.29
C SER C 337 -26.94 42.63 53.25
N ILE C 338 -27.81 42.67 54.25
CA ILE C 338 -28.86 43.68 54.38
C ILE C 338 -28.84 44.21 55.79
N GLY C 339 -28.74 45.55 55.96
CA GLY C 339 -28.72 46.12 57.30
C GLY C 339 -27.95 47.42 57.43
N HIS C 340 -27.09 47.54 58.45
CA HIS C 340 -26.25 48.74 58.62
C HIS C 340 -25.01 48.40 59.43
N ASN C 341 -24.02 49.29 59.38
CA ASN C 341 -22.81 49.08 60.18
C ASN C 341 -22.52 50.25 61.12
N GLY C 342 -23.53 51.00 61.53
CA GLY C 342 -23.26 52.12 62.39
C GLY C 342 -22.78 53.36 61.68
N THR C 343 -22.48 53.28 60.40
CA THR C 343 -22.26 54.46 59.58
C THR C 343 -23.18 54.52 58.37
N ILE C 344 -23.24 53.44 57.56
CA ILE C 344 -24.09 53.35 56.38
C ILE C 344 -25.15 52.26 56.58
N ALA C 345 -26.20 52.34 55.75
CA ALA C 345 -27.27 51.35 55.70
C ALA C 345 -27.55 51.00 54.23
N PHE C 346 -28.03 49.79 54.00
CA PHE C 346 -28.23 49.27 52.65
C PHE C 346 -29.33 48.22 52.68
N GLY C 347 -30.16 48.18 51.62
CA GLY C 347 -31.18 47.16 51.42
C GLY C 347 -31.37 46.94 49.93
N LEU C 348 -32.10 45.87 49.57
CA LEU C 348 -32.11 45.46 48.18
C LEU C 348 -33.46 44.99 47.65
N THR C 349 -33.66 45.14 46.33
CA THR C 349 -34.73 44.51 45.56
C THR C 349 -34.16 43.99 44.25
N ARG C 350 -34.78 42.94 43.71
CA ARG C 350 -34.24 42.33 42.49
C ARG C 350 -34.23 43.33 41.34
N PHE C 351 -33.14 43.32 40.60
CA PHE C 351 -32.93 44.07 39.36
C PHE C 351 -32.55 43.03 38.29
N TYR C 352 -33.32 42.96 37.21
CA TYR C 352 -33.39 41.72 36.44
C TYR C 352 -32.49 41.76 35.18
N MET C 353 -31.17 41.76 35.37
CA MET C 353 -30.35 41.56 34.18
C MET C 353 -30.45 40.11 33.71
N ASP C 354 -30.52 39.94 32.39
CA ASP C 354 -30.70 38.60 31.83
C ASP C 354 -29.38 37.84 31.97
N GLN C 355 -29.37 36.85 32.85
CA GLN C 355 -28.13 36.14 33.20
C GLN C 355 -28.16 34.66 32.83
N GLU C 356 -29.11 34.24 31.99
CA GLU C 356 -29.21 32.85 31.51
C GLU C 356 -29.66 32.84 30.06
N ASP C 357 -28.93 32.15 29.20
CA ASP C 357 -29.41 31.87 27.84
C ASP C 357 -29.39 30.36 27.62
N LEU C 358 -30.39 29.86 26.91
CA LEU C 358 -30.42 28.48 26.46
C LEU C 358 -29.78 28.37 25.08
N TYR C 359 -28.80 27.48 24.96
CA TYR C 359 -28.07 27.24 23.71
C TYR C 359 -28.46 25.87 23.15
N VAL C 360 -28.74 25.81 21.85
CA VAL C 360 -29.24 24.60 21.21
C VAL C 360 -28.21 24.14 20.19
N TYR C 361 -27.84 22.86 20.27
CA TYR C 361 -26.73 22.34 19.48
C TYR C 361 -27.19 21.23 18.56
N GLU C 362 -26.49 21.09 17.43
CA GLU C 362 -26.59 19.90 16.58
C GLU C 362 -25.39 19.00 16.82
N THR C 363 -25.64 17.71 17.05
CA THR C 363 -24.57 16.77 17.40
C THR C 363 -24.28 15.80 16.26
N ASP C 364 -23.04 15.33 16.22
CA ASP C 364 -22.56 14.40 15.20
C ASP C 364 -23.23 13.05 15.35
N PRO C 365 -23.89 12.53 14.31
CA PRO C 365 -24.47 11.18 14.44
C PRO C 365 -23.42 10.12 14.71
N ALA C 366 -22.19 10.35 14.26
CA ALA C 366 -21.07 9.45 14.53
C ALA C 366 -20.39 9.72 15.86
N GLN C 367 -20.64 10.87 16.50
CA GLN C 367 -19.99 11.20 17.77
C GLN C 367 -20.96 12.10 18.51
N PRO C 368 -21.88 11.50 19.27
CA PRO C 368 -22.93 12.29 19.92
C PRO C 368 -22.42 13.25 20.98
N LYS C 369 -21.19 13.09 21.48
CA LYS C 369 -20.58 14.05 22.40
C LYS C 369 -19.87 15.18 21.69
N SER C 370 -20.14 15.37 20.39
CA SER C 370 -19.57 16.46 19.63
C SER C 370 -20.69 17.31 19.05
N TYR C 371 -20.52 18.62 19.09
CA TYR C 371 -21.53 19.54 18.58
C TYR C 371 -20.92 20.41 17.49
N ARG C 372 -21.78 20.86 16.59
CA ARG C 372 -21.38 21.70 15.48
C ARG C 372 -21.04 23.09 16.01
N TYR C 373 -19.81 23.54 15.75
CA TYR C 373 -19.39 24.86 16.23
C TYR C 373 -18.45 25.49 15.21
N ARG C 374 -18.92 26.55 14.54
CA ARG C 374 -18.12 27.29 13.57
C ARG C 374 -17.48 26.36 12.54
N GLY C 375 -18.31 25.50 11.93
CA GLY C 375 -17.85 24.65 10.86
C GLY C 375 -17.05 23.43 11.27
N ARG C 376 -16.88 23.19 12.56
CA ARG C 376 -16.15 22.03 13.06
C ARG C 376 -17.04 21.21 13.97
N TRP C 377 -16.66 19.95 14.18
CA TRP C 377 -17.23 19.15 15.25
C TRP C 377 -16.39 19.42 16.49
N GLU C 378 -17.02 19.99 17.53
CA GLU C 378 -16.29 20.33 18.75
C GLU C 378 -16.70 19.36 19.85
N PRO C 379 -15.76 18.70 20.51
CA PRO C 379 -16.17 17.71 21.53
C PRO C 379 -16.58 18.38 22.83
N MET C 380 -17.63 17.85 23.43
CA MET C 380 -17.99 18.24 24.80
C MET C 380 -16.89 17.81 25.78
N GLU C 381 -16.76 18.56 26.88
CA GLU C 381 -15.96 18.12 28.01
C GLU C 381 -16.83 17.25 28.91
N THR C 382 -16.36 16.05 29.23
CA THR C 382 -17.11 15.11 30.05
C THR C 382 -16.37 14.85 31.36
N ILE C 383 -17.06 15.03 32.48
CA ILE C 383 -16.50 14.69 33.78
C ILE C 383 -17.31 13.53 34.34
N THR C 384 -16.69 12.79 35.26
CA THR C 384 -17.30 11.65 35.92
C THR C 384 -17.49 11.99 37.39
N GLU C 385 -18.66 11.67 37.91
CA GLU C 385 -18.95 11.94 39.31
C GLU C 385 -19.38 10.65 39.98
N LYS C 386 -19.04 10.52 41.25
CA LYS C 386 -19.44 9.39 42.06
C LYS C 386 -20.52 9.83 43.05
N ILE C 387 -21.69 9.20 42.96
CA ILE C 387 -22.85 9.58 43.77
C ILE C 387 -23.19 8.41 44.69
N THR C 388 -23.01 8.63 45.99
CA THR C 388 -23.36 7.66 47.01
C THR C 388 -24.86 7.64 47.21
N VAL C 389 -25.41 6.44 47.38
CA VAL C 389 -26.84 6.24 47.52
C VAL C 389 -27.07 5.38 48.76
N ARG C 390 -27.90 5.86 49.70
CA ARG C 390 -28.25 5.07 50.86
C ARG C 390 -28.92 3.78 50.45
N GLY C 391 -28.41 2.66 50.98
CA GLY C 391 -28.93 1.35 50.65
C GLY C 391 -28.26 0.72 49.46
N GLU C 392 -27.28 1.39 48.87
CA GLU C 392 -26.47 0.82 47.80
C GLU C 392 -25.01 0.90 48.20
N ALA C 393 -24.30 -0.24 48.07
CA ALA C 393 -22.94 -0.32 48.60
C ALA C 393 -21.94 0.44 47.74
N GLU C 394 -22.14 0.45 46.43
CA GLU C 394 -21.18 1.17 45.60
C GLU C 394 -21.79 2.47 45.11
N PRO C 395 -21.02 3.55 45.10
CA PRO C 395 -21.53 4.80 44.53
C PRO C 395 -21.85 4.62 43.05
N ARG C 396 -22.89 5.32 42.62
CA ARG C 396 -23.17 5.39 41.20
C ARG C 396 -22.08 6.15 40.48
N THR C 397 -21.73 5.70 39.29
CA THR C 397 -20.88 6.44 38.39
C THR C 397 -21.78 7.11 37.35
N VAL C 398 -21.75 8.44 37.30
CA VAL C 398 -22.48 9.20 36.30
C VAL C 398 -21.49 10.11 35.58
N THR C 399 -21.88 10.58 34.40
CA THR C 399 -21.10 11.57 33.67
C THR C 399 -21.93 12.82 33.45
N ILE C 400 -21.24 13.94 33.31
CA ILE C 400 -21.83 15.23 33.02
C ILE C 400 -21.09 15.81 31.83
N ASP C 401 -21.84 16.26 30.82
CA ASP C 401 -21.25 16.85 29.63
C ASP C 401 -21.38 18.36 29.69
N PHE C 402 -20.34 19.04 29.19
CA PHE C 402 -20.30 20.48 29.06
C PHE C 402 -19.94 20.83 27.63
N THR C 403 -20.64 21.82 27.07
CA THR C 403 -20.17 22.47 25.87
C THR C 403 -19.28 23.62 26.30
N ARG C 404 -18.75 24.38 25.34
CA ARG C 404 -17.94 25.53 25.72
C ARG C 404 -18.77 26.58 26.45
N HIS C 405 -20.09 26.50 26.37
CA HIS C 405 -20.96 27.53 26.93
C HIS C 405 -21.50 27.16 28.30
N GLY C 406 -21.47 25.89 28.67
CA GLY C 406 -21.97 25.48 29.96
C GLY C 406 -22.42 24.04 29.96
N PRO C 407 -23.02 23.61 31.07
CA PRO C 407 -23.42 22.21 31.21
C PRO C 407 -24.59 21.87 30.29
N VAL C 408 -24.55 20.65 29.77
CA VAL C 408 -25.62 20.12 28.94
C VAL C 408 -26.74 19.63 29.86
N LEU C 409 -27.93 20.19 29.70
CA LEU C 409 -29.08 19.77 30.50
C LEU C 409 -29.79 18.57 29.91
N HIS C 410 -29.72 18.44 28.60
CA HIS C 410 -30.55 17.46 27.92
C HIS C 410 -29.96 17.22 26.54
N ALA C 411 -30.05 15.97 26.10
CA ALA C 411 -29.57 15.58 24.79
C ALA C 411 -30.56 14.60 24.22
N ASP C 412 -30.73 14.65 22.91
CA ASP C 412 -31.59 13.71 22.19
C ASP C 412 -30.83 13.22 20.97
N ASP C 413 -30.32 11.99 21.05
CA ASP C 413 -29.57 11.42 19.94
C ASP C 413 -30.47 11.04 18.78
N ALA C 414 -31.78 10.92 19.01
CA ALA C 414 -32.71 10.68 17.92
C ALA C 414 -32.68 11.81 16.90
N SER C 415 -32.80 13.05 17.39
CA SER C 415 -32.74 14.24 16.54
C SER C 415 -31.36 14.85 16.44
N HIS C 416 -30.34 14.23 17.04
CA HIS C 416 -28.97 14.73 17.02
C HIS C 416 -28.90 16.16 17.54
N ARG C 417 -29.55 16.38 18.70
CA ARG C 417 -29.66 17.68 19.34
C ARG C 417 -29.21 17.57 20.79
N ALA C 418 -28.61 18.66 21.29
CA ALA C 418 -28.28 18.83 22.70
C ALA C 418 -28.56 20.27 23.10
N TRP C 419 -28.80 20.46 24.41
CA TRP C 419 -29.15 21.76 24.97
C TRP C 419 -28.27 22.05 26.18
N ALA C 420 -27.69 23.25 26.23
CA ALA C 420 -26.81 23.62 27.34
C ALA C 420 -27.26 24.94 27.97
N LEU C 421 -27.02 25.05 29.27
CA LEU C 421 -27.32 26.29 29.97
C LEU C 421 -26.07 27.16 29.95
N ARG C 422 -26.16 28.31 29.32
CA ARG C 422 -25.11 29.32 29.45
C ARG C 422 -25.54 30.23 30.57
N ALA C 423 -25.02 30.01 31.77
CA ALA C 423 -25.48 30.70 32.97
C ALA C 423 -24.39 31.64 33.45
N ALA C 424 -24.66 32.95 33.46
CA ALA C 424 -23.68 33.87 34.02
C ALA C 424 -23.38 33.51 35.47
N TRP C 425 -24.32 32.89 36.18
CA TRP C 425 -24.10 32.55 37.59
C TRP C 425 -23.20 31.33 37.78
N LEU C 426 -22.72 30.73 36.72
CA LEU C 426 -21.63 29.77 36.77
C LEU C 426 -20.25 30.38 36.56
N ASP C 427 -20.18 31.67 36.26
CA ASP C 427 -18.90 32.33 36.09
C ASP C 427 -18.37 32.81 37.46
N THR C 428 -17.17 33.36 37.43
CA THR C 428 -16.50 33.86 38.63
C THR C 428 -17.34 34.94 39.30
N GLY C 429 -17.41 34.87 40.63
CA GLY C 429 -17.99 35.93 41.44
C GLY C 429 -19.47 35.86 41.69
N MET C 430 -20.13 34.73 41.40
CA MET C 430 -21.58 34.71 41.41
C MET C 430 -22.16 33.94 42.61
N ALA C 431 -21.41 33.77 43.67
CA ALA C 431 -22.01 33.30 44.91
C ALA C 431 -23.03 34.34 45.35
N PRO C 432 -24.32 33.99 45.49
CA PRO C 432 -25.34 35.00 45.79
C PRO C 432 -25.02 35.77 47.08
N TYR C 433 -25.15 37.09 47.02
CA TYR C 433 -25.01 38.05 48.14
C TYR C 433 -23.59 38.16 48.71
N PHE C 434 -22.63 37.37 48.25
CA PHE C 434 -21.31 37.35 48.87
C PHE C 434 -20.47 38.57 48.50
N GLY C 435 -20.85 39.34 47.49
CA GLY C 435 -20.18 40.60 47.25
C GLY C 435 -20.30 41.57 48.42
N SER C 436 -21.22 41.31 49.35
CA SER C 436 -21.33 42.12 50.55
C SER C 436 -20.06 42.08 51.40
N MET C 437 -19.15 41.12 51.14
CA MET C 437 -17.83 41.14 51.77
C MET C 437 -17.17 42.51 51.64
N ASP C 438 -17.39 43.18 50.52
CA ASP C 438 -16.72 44.43 50.24
C ASP C 438 -17.50 45.65 50.70
N TYR C 439 -18.71 45.49 51.25
CA TYR C 439 -19.39 46.67 51.78
C TYR C 439 -19.86 46.56 53.23
N MET C 440 -19.76 45.40 53.87
CA MET C 440 -20.04 45.32 55.31
C MET C 440 -19.24 46.37 56.09
N ARG C 441 -18.05 46.74 55.60
CA ARG C 441 -17.18 47.65 56.31
C ARG C 441 -17.04 49.01 55.62
N ALA C 442 -17.86 49.27 54.61
CA ALA C 442 -17.79 50.55 53.91
C ALA C 442 -18.36 51.67 54.77
N THR C 443 -17.72 52.84 54.69
CA THR C 443 -18.10 53.93 55.58
C THR C 443 -18.61 55.16 54.85
N ASN C 444 -18.72 55.12 53.52
CA ASN C 444 -19.17 56.26 52.75
C ASN C 444 -19.62 55.79 51.37
N TRP C 445 -20.10 56.74 50.57
CA TRP C 445 -20.71 56.43 49.28
C TRP C 445 -19.69 55.94 48.26
N ASP C 446 -18.49 56.55 48.21
CA ASP C 446 -17.49 56.09 47.26
C ASP C 446 -17.15 54.62 47.50
N GLN C 447 -17.02 54.22 48.77
CA GLN C 447 -16.67 52.83 49.09
C GLN C 447 -17.81 51.87 48.78
N PHE C 448 -19.05 52.29 49.08
CA PHE C 448 -20.22 51.46 48.80
C PHE C 448 -20.46 51.31 47.30
N ARG C 449 -20.35 52.41 46.57
CA ARG C 449 -20.42 52.37 45.12
C ARG C 449 -19.31 51.50 44.54
N ALA C 450 -18.12 51.56 45.13
CA ALA C 450 -17.02 50.73 44.66
C ALA C 450 -17.33 49.25 44.88
N ALA C 451 -17.89 48.93 46.04
CA ALA C 451 -18.26 47.55 46.33
C ALA C 451 -19.24 47.01 45.30
N MET C 452 -20.19 47.83 44.88
CA MET C 452 -21.18 47.39 43.91
C MET C 452 -20.58 47.20 42.53
N ASN C 453 -19.39 47.77 42.25
CA ASN C 453 -18.68 47.47 41.00
C ASN C 453 -18.48 45.96 40.83
N ARG C 454 -18.23 45.26 41.93
CA ARG C 454 -17.98 43.83 41.82
C ARG C 454 -19.17 42.98 42.26
N TRP C 455 -20.34 43.58 42.48
CA TRP C 455 -21.50 42.79 42.88
C TRP C 455 -21.93 41.85 41.74
N GLY C 456 -22.01 40.55 42.03
CA GLY C 456 -22.26 39.54 41.02
C GLY C 456 -23.70 39.08 40.91
N ALA C 457 -24.20 38.41 41.94
CA ALA C 457 -25.51 37.78 41.94
C ALA C 457 -26.17 37.99 43.29
N PRO C 458 -27.51 38.08 43.33
CA PRO C 458 -28.39 38.25 42.19
C PRO C 458 -28.30 39.68 41.71
N GLY C 459 -28.88 40.02 40.56
CA GLY C 459 -29.05 41.43 40.23
C GLY C 459 -29.89 42.12 41.28
N GLU C 460 -29.44 43.27 41.80
CA GLU C 460 -30.14 43.93 42.89
C GLU C 460 -30.10 45.44 42.73
N ASN C 461 -31.22 46.09 43.05
CA ASN C 461 -31.25 47.50 43.43
C ASN C 461 -30.75 47.64 44.87
N GLN C 462 -29.67 48.39 45.08
CA GLN C 462 -29.29 48.72 46.45
C GLN C 462 -29.75 50.13 46.75
N VAL C 463 -30.44 50.31 47.88
CA VAL C 463 -30.63 51.66 48.41
C VAL C 463 -29.57 51.85 49.47
N TYR C 464 -29.13 53.10 49.62
CA TYR C 464 -28.02 53.45 50.47
C TYR C 464 -28.40 54.66 51.30
N ALA C 465 -27.95 54.70 52.55
CA ALA C 465 -28.08 55.90 53.37
C ALA C 465 -26.93 55.92 54.35
N ASP C 466 -26.56 57.12 54.82
CA ASP C 466 -25.54 57.18 55.87
C ASP C 466 -25.90 58.22 56.92
N ARG C 467 -25.22 58.14 58.05
CA ARG C 467 -25.53 59.00 59.17
C ARG C 467 -25.11 60.44 58.91
N ASN C 468 -24.38 60.69 57.83
CA ASN C 468 -24.09 62.05 57.40
C ASN C 468 -25.22 62.64 56.57
N GLY C 469 -26.33 61.90 56.42
CA GLY C 469 -27.53 62.39 55.77
C GLY C 469 -27.61 62.11 54.29
N ASN C 470 -26.64 61.40 53.71
CA ASN C 470 -26.68 61.09 52.29
C ASN C 470 -27.59 59.90 52.01
N ILE C 471 -28.22 59.92 50.83
CA ILE C 471 -29.03 58.80 50.37
C ILE C 471 -28.63 58.50 48.94
N GLY C 472 -28.84 57.26 48.51
CA GLY C 472 -28.46 56.93 47.14
C GLY C 472 -29.08 55.64 46.68
N TRP C 473 -28.88 55.36 45.39
CA TRP C 473 -29.38 54.14 44.75
C TRP C 473 -28.37 53.66 43.71
N ILE C 474 -28.08 52.37 43.72
CA ILE C 474 -27.20 51.81 42.70
C ILE C 474 -27.57 50.36 42.41
N PRO C 475 -27.95 50.03 41.18
CA PRO C 475 -28.16 48.63 40.81
C PRO C 475 -26.83 47.98 40.42
N GLY C 476 -26.73 46.67 40.64
CA GLY C 476 -25.52 45.96 40.28
C GLY C 476 -25.81 44.50 40.04
N GLY C 477 -24.88 43.85 39.38
CA GLY C 477 -24.97 42.46 38.96
C GLY C 477 -24.21 42.25 37.66
N LEU C 478 -23.73 41.02 37.47
CA LEU C 478 -23.02 40.67 36.25
C LEU C 478 -23.95 40.84 35.04
N THR C 479 -23.57 41.72 34.10
CA THR C 479 -24.47 42.16 33.04
C THR C 479 -23.92 41.71 31.69
N VAL C 480 -24.63 40.81 31.03
CA VAL C 480 -24.21 40.20 29.77
C VAL C 480 -24.43 41.16 28.61
N ILE C 481 -23.45 41.23 27.70
CA ILE C 481 -23.56 41.99 26.46
C ILE C 481 -23.86 41.01 25.33
N ARG C 482 -25.05 41.18 24.71
CA ARG C 482 -25.46 40.36 23.58
C ARG C 482 -25.51 41.23 22.33
N PRO C 483 -24.52 41.14 21.44
CA PRO C 483 -24.47 42.07 20.31
C PRO C 483 -25.63 41.90 19.33
N ASN C 484 -26.15 40.68 19.17
CA ASN C 484 -27.02 40.40 18.04
C ASN C 484 -28.24 39.56 18.40
N TRP C 485 -28.69 39.56 19.65
CA TRP C 485 -30.00 39.03 19.97
C TRP C 485 -30.45 39.59 21.29
N ASP C 486 -31.76 39.52 21.53
CA ASP C 486 -32.37 40.18 22.68
C ASP C 486 -32.48 39.27 23.90
N GLY C 487 -31.98 38.03 23.82
CA GLY C 487 -31.95 37.15 24.98
C GLY C 487 -33.30 36.63 25.45
N LEU C 488 -34.37 36.87 24.68
CA LEU C 488 -35.72 36.40 25.05
C LEU C 488 -36.06 35.03 24.45
N PHE C 489 -35.22 34.50 23.57
CA PHE C 489 -35.33 33.17 22.97
C PHE C 489 -34.02 32.42 23.18
N PRO C 490 -34.07 31.08 23.11
CA PRO C 490 -32.83 30.31 23.00
C PRO C 490 -32.13 30.62 21.67
N VAL C 491 -30.81 30.37 21.62
CA VAL C 491 -30.03 30.59 20.41
C VAL C 491 -29.37 29.29 19.92
N PRO C 492 -29.12 29.16 18.61
CA PRO C 492 -28.27 28.05 18.15
C PRO C 492 -26.89 28.24 18.73
N GLY C 493 -26.28 27.13 19.16
CA GLY C 493 -25.02 27.25 19.87
C GLY C 493 -23.78 27.05 19.02
N ASP C 494 -23.93 27.14 17.69
CA ASP C 494 -22.83 26.87 16.77
C ASP C 494 -21.91 28.08 16.54
N GLY C 495 -22.05 29.14 17.34
CA GLY C 495 -21.17 30.28 17.25
C GLY C 495 -21.76 31.53 16.64
N ARG C 496 -22.95 31.45 16.03
CA ARG C 496 -23.55 32.67 15.49
C ARG C 496 -24.01 33.62 16.60
N TYR C 497 -24.15 33.13 17.83
CA TYR C 497 -24.60 33.95 18.96
C TYR C 497 -23.67 33.73 20.15
N GLU C 498 -22.88 34.77 20.47
CA GLU C 498 -21.87 34.69 21.53
C GLU C 498 -21.92 35.96 22.38
N TRP C 499 -21.88 35.79 23.70
CA TRP C 499 -21.70 36.92 24.60
C TRP C 499 -20.41 37.66 24.25
N ALA C 500 -20.45 38.98 24.34
CA ALA C 500 -19.29 39.81 24.07
C ALA C 500 -18.72 40.42 25.33
N GLY C 501 -18.80 39.72 26.44
CA GLY C 501 -18.29 40.24 27.68
C GLY C 501 -19.37 40.85 28.56
N TYR C 502 -18.91 41.63 29.53
CA TYR C 502 -19.76 42.11 30.61
C TYR C 502 -19.65 43.62 30.71
N ARG C 503 -20.75 44.26 31.11
CA ARG C 503 -20.71 45.70 31.32
C ARG C 503 -19.95 46.05 32.58
N ASN C 504 -19.24 47.17 32.55
CA ASN C 504 -18.81 47.81 33.78
C ASN C 504 -20.01 48.42 34.47
N MET C 505 -19.99 48.41 35.81
CA MET C 505 -21.16 48.87 36.56
C MET C 505 -21.37 50.37 36.44
N ASP C 506 -20.32 51.12 36.09
CA ASP C 506 -20.54 52.53 35.82
C ASP C 506 -21.34 52.74 34.54
N GLU C 507 -21.70 51.68 33.84
CA GLU C 507 -22.59 51.86 32.70
C GLU C 507 -24.05 51.81 33.08
N LEU C 508 -24.38 51.43 34.32
CA LEU C 508 -25.75 51.41 34.78
C LEU C 508 -26.10 52.74 35.43
N PRO C 509 -27.39 53.10 35.47
CA PRO C 509 -27.79 54.35 36.14
C PRO C 509 -27.60 54.26 37.66
N TRP C 510 -27.61 55.42 38.29
CA TRP C 510 -27.51 55.52 39.74
C TRP C 510 -28.07 56.88 40.15
N ALA C 511 -28.22 57.07 41.46
CA ALA C 511 -28.68 58.33 42.00
C ALA C 511 -28.01 58.58 43.34
N TYR C 512 -27.69 59.84 43.61
CA TYR C 512 -27.08 60.23 44.88
C TYR C 512 -27.66 61.58 45.25
N ASN C 513 -28.25 61.66 46.44
CA ASN C 513 -28.93 62.84 46.97
C ASN C 513 -29.81 63.51 45.89
N PRO C 514 -30.80 62.79 45.34
CA PRO C 514 -31.65 63.38 44.30
C PRO C 514 -32.49 64.51 44.86
N SER C 515 -32.86 65.45 43.98
CA SER C 515 -33.59 66.62 44.44
C SER C 515 -34.95 66.26 45.02
N THR C 516 -35.51 65.10 44.64
CA THR C 516 -36.78 64.68 45.22
C THR C 516 -36.66 64.27 46.68
N GLY C 517 -35.44 63.99 47.16
CA GLY C 517 -35.27 63.61 48.55
C GLY C 517 -35.75 62.21 48.89
N HIS C 518 -36.02 61.37 47.90
CA HIS C 518 -36.41 59.99 48.21
C HIS C 518 -36.15 59.11 47.00
N ILE C 519 -35.96 57.82 47.27
CA ILE C 519 -35.83 56.79 46.23
C ILE C 519 -36.66 55.59 46.66
N VAL C 520 -37.46 55.05 45.74
CA VAL C 520 -38.19 53.82 45.97
C VAL C 520 -37.86 52.88 44.84
N THR C 521 -37.55 51.61 45.16
CA THR C 521 -37.44 50.60 44.12
C THR C 521 -38.26 49.38 44.52
N ALA C 522 -38.85 48.71 43.52
CA ALA C 522 -39.68 47.56 43.80
C ALA C 522 -39.78 46.59 42.63
N ASN C 523 -38.65 46.23 42.03
CA ASN C 523 -38.52 45.21 40.98
C ASN C 523 -39.04 45.64 39.62
N GLU C 524 -39.42 46.91 39.46
CA GLU C 524 -39.83 47.42 38.17
C GLU C 524 -38.59 47.86 37.39
N ASN C 525 -38.77 47.99 36.08
CA ASN C 525 -37.68 48.53 35.28
C ASN C 525 -37.52 50.00 35.60
N ASN C 526 -36.49 50.33 36.36
CA ASN C 526 -36.23 51.71 36.77
C ASN C 526 -35.01 52.26 36.06
N ILE C 527 -34.71 51.74 34.86
CA ILE C 527 -33.71 52.38 34.01
C ILE C 527 -34.37 53.56 33.32
N PRO C 528 -33.89 54.79 33.51
CA PRO C 528 -34.48 55.94 32.82
C PRO C 528 -34.45 55.73 31.32
N PRO C 529 -35.56 56.00 30.62
CA PRO C 529 -35.60 55.73 29.18
C PRO C 529 -34.61 56.56 28.40
N ASP C 530 -34.19 57.71 28.92
CA ASP C 530 -33.19 58.55 28.28
C ASP C 530 -31.75 58.29 28.77
N HIS C 531 -31.56 57.30 29.67
CA HIS C 531 -30.22 56.90 30.09
C HIS C 531 -29.62 55.94 29.05
N PRO C 532 -28.31 56.00 28.82
CA PRO C 532 -27.72 55.12 27.81
C PRO C 532 -28.02 53.64 28.04
N ALA C 533 -28.09 53.20 29.30
CA ALA C 533 -28.34 51.80 29.61
C ALA C 533 -29.67 51.30 29.04
N ALA C 534 -30.61 52.19 28.75
CA ALA C 534 -31.90 51.76 28.22
C ALA C 534 -31.76 51.04 26.89
N LYS C 535 -30.67 51.27 26.18
CA LYS C 535 -30.41 50.69 24.86
C LYS C 535 -29.43 49.52 24.90
N LEU C 536 -28.99 49.09 26.07
CA LEU C 536 -27.92 48.09 26.17
C LEU C 536 -28.44 46.67 26.35
N GLY C 537 -29.76 46.44 26.31
CA GLY C 537 -30.29 45.11 26.47
C GLY C 537 -29.94 44.49 27.82
N VAL C 538 -30.04 45.29 28.89
CA VAL C 538 -29.77 44.79 30.24
C VAL C 538 -30.75 43.67 30.57
N GLY C 539 -32.04 43.91 30.29
CA GLY C 539 -33.10 42.94 30.55
C GLY C 539 -34.46 43.52 30.21
N TYR C 540 -35.37 42.70 29.69
CA TYR C 540 -36.69 43.15 29.26
C TYR C 540 -37.83 42.60 30.11
N GLU C 541 -37.54 41.71 31.06
CA GLU C 541 -38.57 41.02 31.85
C GLU C 541 -38.43 41.46 33.31
N TRP C 542 -39.40 42.23 33.79
CA TRP C 542 -39.39 42.76 35.15
C TRP C 542 -40.66 42.32 35.88
N SER C 543 -40.76 42.69 37.15
CA SER C 543 -41.94 42.31 37.92
C SER C 543 -43.11 43.23 37.58
N ASP C 544 -44.31 42.79 37.94
CA ASP C 544 -45.44 43.70 37.91
C ASP C 544 -45.10 44.95 38.72
N SER C 545 -45.46 46.12 38.20
CA SER C 545 -45.01 47.38 38.79
C SER C 545 -46.02 48.03 39.75
N SER C 546 -47.07 47.29 40.16
CA SER C 546 -48.07 47.86 41.07
C SER C 546 -47.45 48.30 42.39
N ARG C 547 -46.71 47.40 43.04
CA ARG C 547 -46.06 47.75 44.30
C ARG C 547 -45.23 49.03 44.16
N ALA C 548 -44.48 49.14 43.04
CA ALA C 548 -43.68 50.33 42.79
C ALA C 548 -44.54 51.59 42.70
N ARG C 549 -45.59 51.54 41.87
CA ARG C 549 -46.40 52.73 41.66
C ARG C 549 -47.12 53.09 42.95
N ARG C 550 -47.60 52.09 43.68
CA ARG C 550 -48.30 52.33 44.94
C ARG C 550 -47.38 53.01 45.95
N LEU C 551 -46.19 52.44 46.15
CA LEU C 551 -45.26 52.99 47.15
C LEU C 551 -44.74 54.35 46.71
N LYS C 552 -44.52 54.56 45.42
CA LYS C 552 -44.08 55.88 44.98
C LYS C 552 -45.17 56.92 45.25
N SER C 553 -46.45 56.57 45.02
CA SER C 553 -47.53 57.49 45.38
C SER C 553 -47.56 57.77 46.87
N LEU C 554 -47.36 56.74 47.69
CA LEU C 554 -47.41 56.91 49.15
C LEU C 554 -46.29 57.80 49.63
N VAL C 555 -45.07 57.56 49.13
CA VAL C 555 -43.92 58.35 49.57
C VAL C 555 -44.05 59.78 49.08
N ALA C 556 -44.51 59.98 47.84
CA ALA C 556 -44.68 61.35 47.35
C ALA C 556 -45.76 62.08 48.14
N ALA C 557 -46.80 61.36 48.58
CA ALA C 557 -47.89 61.97 49.29
C ALA C 557 -47.57 62.32 50.74
N ALA C 558 -46.34 62.04 51.20
CA ALA C 558 -45.93 62.26 52.59
C ALA C 558 -44.74 63.20 52.62
N PRO C 559 -44.97 64.52 52.62
CA PRO C 559 -43.86 65.47 52.62
C PRO C 559 -42.83 65.21 53.71
N VAL C 560 -43.30 64.94 54.92
CA VAL C 560 -42.47 64.53 56.07
C VAL C 560 -43.07 63.23 56.61
N SER C 561 -42.25 62.19 56.76
CA SER C 561 -42.75 60.90 57.24
C SER C 561 -41.85 60.37 58.35
N SER C 562 -42.42 59.50 59.18
CA SER C 562 -41.78 58.93 60.34
C SER C 562 -41.44 57.46 60.11
N LEU C 563 -40.75 56.87 61.09
CA LEU C 563 -40.48 55.44 61.04
C LEU C 563 -41.78 54.63 61.02
N ARG C 564 -42.75 55.03 61.85
CA ARG C 564 -44.05 54.37 61.86
C ARG C 564 -44.75 54.47 60.51
N ASP C 565 -44.55 55.57 59.78
CA ASP C 565 -45.14 55.67 58.44
C ASP C 565 -44.54 54.61 57.51
N SER C 566 -43.21 54.43 57.55
CA SER C 566 -42.56 53.44 56.71
C SER C 566 -43.05 52.04 57.06
N ILE C 567 -43.27 51.77 58.35
CA ILE C 567 -43.84 50.49 58.77
C ILE C 567 -45.23 50.30 58.18
N ALA C 568 -46.07 51.35 58.23
CA ALA C 568 -47.39 51.26 57.61
C ALA C 568 -47.30 50.96 56.11
N TRP C 569 -46.34 51.59 55.41
CA TRP C 569 -46.23 51.35 53.97
C TRP C 569 -45.83 49.91 53.70
N GLN C 570 -44.96 49.34 54.53
CA GLN C 570 -44.66 47.91 54.45
C GLN C 570 -45.87 47.05 54.72
N ASN C 571 -46.88 47.59 55.41
CA ASN C 571 -48.10 46.86 55.72
C ASN C 571 -49.25 47.22 54.77
N ASP C 572 -48.99 47.99 53.71
CA ASP C 572 -50.07 48.49 52.86
C ASP C 572 -50.68 47.37 52.03
N THR C 573 -52.02 47.37 51.96
CA THR C 573 -52.72 46.30 51.26
C THR C 573 -53.60 46.82 50.12
N VAL C 574 -53.34 48.00 49.58
CA VAL C 574 -54.10 48.45 48.42
C VAL C 574 -53.59 47.72 47.19
N SER C 575 -54.51 47.10 46.44
CA SER C 575 -54.20 46.39 45.21
C SER C 575 -54.60 47.25 44.02
N LEU C 576 -53.60 47.79 43.32
CA LEU C 576 -53.89 48.53 42.09
C LEU C 576 -54.52 47.63 41.03
N PRO C 577 -54.16 46.35 40.88
CA PRO C 577 -54.98 45.47 40.02
C PRO C 577 -56.46 45.46 40.40
N ALA C 578 -56.78 45.44 41.70
CA ALA C 578 -58.19 45.50 42.08
C ALA C 578 -58.82 46.81 41.64
N GLN C 579 -58.21 47.94 41.98
CA GLN C 579 -58.82 49.22 41.66
C GLN C 579 -59.03 49.37 40.15
N ARG C 580 -58.08 48.89 39.35
CA ARG C 580 -58.22 48.95 37.88
C ARG C 580 -59.34 48.04 37.37
N THR C 581 -59.49 46.84 37.93
CA THR C 581 -60.57 45.96 37.52
C THR C 581 -61.93 46.56 37.91
N LEU C 582 -62.02 47.11 39.13
CA LEU C 582 -63.26 47.76 39.58
C LEU C 582 -63.64 48.92 38.68
N ALA C 583 -62.67 49.74 38.28
CA ALA C 583 -62.97 50.87 37.40
C ALA C 583 -63.50 50.40 36.05
N VAL C 584 -62.98 49.28 35.54
CA VAL C 584 -63.51 48.70 34.29
C VAL C 584 -64.92 48.17 34.49
N MET C 585 -65.17 47.53 35.63
CA MET C 585 -66.49 46.99 35.96
C MET C 585 -67.56 48.07 35.87
N ARG C 586 -67.20 49.31 36.24
CA ARG C 586 -68.09 50.46 36.22
C ARG C 586 -68.37 50.98 34.81
N THR C 587 -67.84 50.31 33.77
CA THR C 587 -68.11 50.64 32.37
C THR C 587 -68.79 49.49 31.65
N VAL C 588 -69.16 48.43 32.35
CA VAL C 588 -69.80 47.30 31.70
C VAL C 588 -71.17 47.75 31.17
N GLY C 589 -71.44 47.45 29.91
CA GLY C 589 -72.67 47.90 29.29
C GLY C 589 -73.82 46.97 29.61
N ASN C 590 -74.91 47.55 30.13
CA ASN C 590 -76.14 46.80 30.39
C ASN C 590 -76.89 46.57 29.09
N ALA C 591 -76.22 45.88 28.18
CA ALA C 591 -76.79 45.50 26.89
C ALA C 591 -76.18 44.17 26.52
N GLY C 592 -76.70 43.58 25.44
CA GLY C 592 -76.11 42.34 24.94
C GLY C 592 -76.11 41.23 25.97
N ALA C 593 -75.13 40.33 25.84
CA ALA C 593 -75.01 39.21 26.76
C ALA C 593 -74.80 39.65 28.21
N ALA C 594 -74.21 40.83 28.42
CA ALA C 594 -74.04 41.34 29.78
C ALA C 594 -75.39 41.63 30.43
N ALA C 595 -76.35 42.13 29.64
CA ALA C 595 -77.65 42.47 30.19
C ALA C 595 -78.31 41.25 30.81
N SER C 596 -78.22 40.10 30.17
CA SER C 596 -78.78 38.88 30.76
C SER C 596 -78.06 38.50 32.04
N LEU C 597 -76.73 38.58 32.04
CA LEU C 597 -75.97 38.24 33.23
C LEU C 597 -76.25 39.18 34.38
N LEU C 598 -76.50 40.46 34.08
CA LEU C 598 -76.80 41.46 35.11
C LEU C 598 -78.13 41.21 35.79
N GLN C 599 -78.95 40.31 35.25
CA GLN C 599 -80.18 39.86 35.89
C GLN C 599 -79.97 38.59 36.72
N ASP C 600 -78.78 37.97 36.62
CA ASP C 600 -78.50 36.78 37.42
C ASP C 600 -78.25 37.18 38.88
N PRO C 601 -78.96 36.58 39.84
CA PRO C 601 -78.78 36.96 41.24
C PRO C 601 -77.37 36.78 41.74
N GLN C 602 -76.70 35.68 41.35
CA GLN C 602 -75.33 35.47 41.80
C GLN C 602 -74.41 36.58 41.29
N VAL C 603 -74.59 36.97 40.03
CA VAL C 603 -73.82 38.08 39.49
C VAL C 603 -74.13 39.37 40.25
N GLN C 604 -75.42 39.61 40.55
CA GLN C 604 -75.83 40.83 41.23
C GLN C 604 -75.23 40.91 42.63
N ARG C 605 -75.28 39.81 43.38
CA ARG C 605 -74.72 39.78 44.71
C ARG C 605 -73.22 40.05 44.68
N ALA C 606 -72.51 39.50 43.69
CA ALA C 606 -71.07 39.72 43.60
C ALA C 606 -70.77 41.15 43.21
N VAL C 607 -71.55 41.71 42.28
CA VAL C 607 -71.41 43.11 41.92
C VAL C 607 -71.68 43.98 43.14
N ALA C 608 -72.67 43.60 43.95
CA ALA C 608 -73.01 44.34 45.14
C ALA C 608 -71.85 44.38 46.15
N LEU C 609 -71.13 43.27 46.30
CA LEU C 609 -69.93 43.26 47.17
C LEU C 609 -68.82 44.14 46.60
N LEU C 610 -68.58 44.09 45.29
CA LEU C 610 -67.55 44.90 44.66
C LEU C 610 -67.90 46.38 44.57
N ARG C 611 -69.18 46.76 44.66
CA ARG C 611 -69.54 48.14 44.38
C ARG C 611 -68.95 49.11 45.41
N GLY C 612 -69.00 48.77 46.68
CA GLY C 612 -68.51 49.68 47.70
C GLY C 612 -67.08 49.44 48.16
N TRP C 613 -66.29 48.72 47.38
CA TRP C 613 -64.95 48.36 47.80
C TRP C 613 -63.91 49.27 47.16
N ASP C 614 -62.90 49.63 47.94
CA ASP C 614 -61.83 50.53 47.50
C ASP C 614 -60.61 49.77 47.02
N GLY C 615 -60.71 48.44 46.91
CA GLY C 615 -59.57 47.67 46.47
C GLY C 615 -58.51 47.42 47.52
N ASN C 616 -58.81 47.68 48.80
CA ASN C 616 -57.90 47.38 49.90
C ASN C 616 -58.13 45.93 50.32
N VAL C 617 -57.12 45.10 50.12
CA VAL C 617 -57.21 43.65 50.32
C VAL C 617 -57.01 43.32 51.80
N ARG C 618 -57.95 43.75 52.63
CA ARG C 618 -57.83 43.52 54.06
C ARG C 618 -58.23 42.10 54.45
N ALA C 619 -57.61 41.60 55.51
CA ALA C 619 -57.92 40.27 56.00
C ALA C 619 -59.38 40.14 56.43
N ASP C 620 -60.00 41.23 56.86
CA ASP C 620 -61.38 41.20 57.33
C ASP C 620 -62.37 41.61 56.25
N SER C 621 -61.93 41.62 54.99
CA SER C 621 -62.75 42.09 53.87
C SER C 621 -63.31 40.91 53.08
N VAL C 622 -64.63 40.85 52.99
CA VAL C 622 -65.31 39.89 52.11
C VAL C 622 -65.17 40.29 50.64
N PRO C 623 -65.37 41.56 50.25
CA PRO C 623 -65.08 41.91 48.85
C PRO C 623 -63.67 41.52 48.42
N ALA C 624 -62.70 41.64 49.33
CA ALA C 624 -61.34 41.24 49.00
C ALA C 624 -61.26 39.75 48.69
N ALA C 625 -61.95 38.92 49.49
CA ALA C 625 -61.94 37.49 49.22
C ALA C 625 -62.52 37.18 47.83
N LEU C 626 -63.68 37.77 47.53
CA LEU C 626 -64.26 37.60 46.20
C LEU C 626 -63.25 38.00 45.13
N PHE C 627 -62.59 39.15 45.31
CA PHE C 627 -61.73 39.64 44.23
C PHE C 627 -60.52 38.74 44.02
N GLU C 628 -59.89 38.27 45.10
CA GLU C 628 -58.70 37.45 44.92
C GLU C 628 -59.05 36.12 44.25
N ILE C 629 -60.17 35.51 44.68
CA ILE C 629 -60.68 34.33 43.97
C ILE C 629 -60.85 34.65 42.49
N TRP C 630 -61.55 35.74 42.19
CA TRP C 630 -61.84 36.12 40.81
C TRP C 630 -60.57 36.37 40.01
N PHE C 631 -59.67 37.21 40.53
CA PHE C 631 -58.53 37.67 39.74
C PHE C 631 -57.45 36.61 39.56
N SER C 632 -57.39 35.61 40.44
N SER C 632 -57.40 35.62 40.45
CA SER C 632 -56.37 34.58 40.32
CA SER C 632 -56.38 34.58 40.37
C SER C 632 -56.86 33.32 39.64
C SER C 632 -56.86 33.32 39.67
N ASN C 633 -58.13 32.96 39.81
CA ASN C 633 -58.62 31.67 39.34
C ASN C 633 -59.75 31.74 38.32
N HIS C 634 -60.22 32.92 37.93
CA HIS C 634 -61.37 32.96 37.03
C HIS C 634 -61.21 34.00 35.93
N LEU C 635 -61.06 35.26 36.30
CA LEU C 635 -61.07 36.36 35.34
C LEU C 635 -59.96 36.23 34.32
N ARG C 636 -58.72 36.12 34.79
CA ARG C 636 -57.59 36.24 33.88
C ARG C 636 -57.59 35.10 32.88
N GLN C 637 -57.82 33.86 33.34
CA GLN C 637 -57.93 32.73 32.43
C GLN C 637 -59.08 32.92 31.44
N ALA C 638 -60.19 33.48 31.90
CA ALA C 638 -61.34 33.66 31.01
C ALA C 638 -61.04 34.64 29.90
N VAL C 639 -60.38 35.75 30.25
CA VAL C 639 -59.98 36.76 29.27
C VAL C 639 -59.00 36.19 28.27
N VAL C 640 -58.08 35.34 28.73
CA VAL C 640 -57.08 34.73 27.84
C VAL C 640 -57.76 33.78 26.86
N ARG C 641 -58.64 32.89 27.37
CA ARG C 641 -59.37 31.97 26.52
C ARG C 641 -60.26 32.70 25.52
N ALA C 642 -60.84 33.84 25.92
CA ALA C 642 -61.67 34.63 25.02
C ALA C 642 -60.84 35.33 23.96
N ALA C 643 -59.56 35.58 24.21
CA ALA C 643 -58.73 36.33 23.27
C ALA C 643 -57.91 35.44 22.34
N LEU C 644 -57.67 34.19 22.72
CA LEU C 644 -56.74 33.32 22.01
C LEU C 644 -57.39 31.98 21.67
N PRO C 645 -56.89 31.32 20.62
CA PRO C 645 -57.24 29.91 20.38
C PRO C 645 -56.76 28.99 21.49
N GLU C 646 -57.28 27.77 21.47
CA GLU C 646 -57.13 26.85 22.61
C GLU C 646 -55.68 26.51 22.90
N ASP C 647 -54.89 26.20 21.86
CA ASP C 647 -53.53 25.74 22.11
C ASP C 647 -52.72 26.81 22.83
N ALA C 648 -52.74 28.04 22.31
CA ALA C 648 -52.02 29.13 22.94
C ALA C 648 -52.62 29.49 24.31
N ALA C 649 -53.96 29.54 24.40
CA ALA C 649 -54.58 29.91 25.68
C ALA C 649 -54.20 28.92 26.77
N LYS C 650 -54.06 27.64 26.43
CA LYS C 650 -53.66 26.65 27.44
C LYS C 650 -52.25 26.92 27.95
N LEU C 651 -51.34 27.29 27.05
CA LEU C 651 -49.97 27.62 27.46
C LEU C 651 -49.94 28.93 28.24
N VAL C 652 -50.76 29.90 27.85
CA VAL C 652 -50.74 31.20 28.50
C VAL C 652 -51.40 31.12 29.88
N GLY C 653 -52.45 30.31 30.03
CA GLY C 653 -53.09 30.17 31.33
C GLY C 653 -53.70 31.47 31.83
N ALA C 654 -53.30 31.92 33.01
CA ALA C 654 -53.73 33.23 33.48
C ALA C 654 -52.91 34.36 32.90
N GLY C 655 -51.87 34.05 32.13
CA GLY C 655 -51.09 35.09 31.49
C GLY C 655 -50.50 36.11 32.47
N ASP C 656 -50.09 37.24 31.91
CA ASP C 656 -49.47 38.34 32.64
C ASP C 656 -50.55 39.28 33.17
N ALA C 657 -50.57 39.52 34.49
CA ALA C 657 -51.64 40.32 35.10
C ALA C 657 -51.73 41.70 34.46
N ALA C 658 -50.60 42.37 34.27
CA ALA C 658 -50.63 43.71 33.68
C ALA C 658 -51.15 43.67 32.25
N ARG C 659 -50.74 42.67 31.49
CA ARG C 659 -51.15 42.62 30.09
C ARG C 659 -52.62 42.26 29.98
N VAL C 660 -53.11 41.40 30.87
CA VAL C 660 -54.53 41.07 30.87
C VAL C 660 -55.35 42.28 31.27
N LEU C 661 -54.86 43.07 32.24
CA LEU C 661 -55.56 44.29 32.64
C LEU C 661 -55.65 45.28 31.49
N ALA C 662 -54.57 45.43 30.72
CA ALA C 662 -54.60 46.33 29.56
C ALA C 662 -55.65 45.86 28.54
N VAL C 663 -55.85 44.55 28.44
CA VAL C 663 -56.91 44.01 27.58
C VAL C 663 -58.29 44.37 28.13
N LEU C 664 -58.47 44.26 29.45
CA LEU C 664 -59.74 44.63 30.05
C LEU C 664 -60.00 46.12 29.87
N GLU C 665 -58.95 46.95 29.96
CA GLU C 665 -59.11 48.40 29.88
C GLU C 665 -59.23 48.92 28.44
N GLN C 666 -58.69 48.20 27.47
CA GLN C 666 -58.74 48.57 26.06
C GLN C 666 -58.91 47.29 25.25
N PRO C 667 -60.14 46.74 25.20
CA PRO C 667 -60.35 45.45 24.52
C PRO C 667 -60.31 45.50 23.00
N ASP C 668 -60.19 46.68 22.41
CA ASP C 668 -60.32 46.95 20.98
C ASP C 668 -59.98 45.78 20.07
N THR C 669 -58.69 45.42 20.03
CA THR C 669 -58.19 44.48 19.05
C THR C 669 -58.22 43.03 19.51
N TRP C 670 -58.77 42.74 20.68
CA TRP C 670 -58.82 41.39 21.20
C TRP C 670 -60.21 40.79 21.19
N MET C 671 -61.23 41.60 21.45
CA MET C 671 -62.60 41.10 21.50
C MET C 671 -63.53 42.30 21.49
N PRO C 672 -64.76 42.12 21.03
CA PRO C 672 -65.73 43.21 21.12
C PRO C 672 -65.93 43.60 22.58
N THR C 673 -66.22 44.88 22.80
CA THR C 673 -66.40 45.33 24.19
C THR C 673 -67.47 44.51 24.89
N ALA C 674 -68.52 44.11 24.16
CA ALA C 674 -69.60 43.36 24.78
C ALA C 674 -69.12 42.01 25.27
N ARG C 675 -68.22 41.37 24.51
CA ARG C 675 -67.61 40.11 24.95
C ARG C 675 -66.76 40.33 26.19
N ARG C 676 -65.99 41.41 26.21
CA ARG C 676 -65.24 41.78 27.40
C ARG C 676 -66.15 41.81 28.60
N ASP C 677 -67.28 42.52 28.47
CA ASP C 677 -68.24 42.62 29.56
C ASP C 677 -68.74 41.25 29.95
N GLU C 678 -69.05 40.42 28.95
CA GLU C 678 -69.60 39.09 29.22
C GLU C 678 -68.60 38.21 29.97
N VAL C 679 -67.32 38.24 29.55
CA VAL C 679 -66.31 37.42 30.21
C VAL C 679 -66.19 37.82 31.68
N MET C 680 -66.17 39.14 31.95
CA MET C 680 -66.03 39.62 33.33
C MET C 680 -67.17 39.11 34.19
N LEU C 681 -68.42 39.30 33.73
CA LEU C 681 -69.56 38.90 34.53
C LEU C 681 -69.65 37.39 34.65
N THR C 682 -69.28 36.66 33.59
CA THR C 682 -69.36 35.21 33.64
C THR C 682 -68.37 34.62 34.63
N SER C 683 -67.12 35.07 34.58
CA SER C 683 -66.10 34.57 35.49
C SER C 683 -66.32 35.06 36.92
N LEU C 684 -66.87 36.28 37.07
CA LEU C 684 -67.24 36.77 38.40
C LEU C 684 -68.33 35.90 39.01
N LYS C 685 -69.28 35.44 38.19
CA LYS C 685 -70.30 34.54 38.71
C LYS C 685 -69.66 33.27 39.25
N ALA C 686 -68.72 32.70 38.49
CA ALA C 686 -68.03 31.50 38.96
C ALA C 686 -67.20 31.76 40.21
N ALA C 687 -66.63 32.96 40.33
CA ALA C 687 -65.87 33.32 41.51
C ALA C 687 -66.77 33.42 42.74
N MET C 688 -67.96 34.01 42.57
CA MET C 688 -68.94 34.06 43.64
C MET C 688 -69.33 32.66 44.10
N ALA C 689 -69.52 31.73 43.17
CA ALA C 689 -69.85 30.36 43.57
C ALA C 689 -68.72 29.74 44.39
N GLU C 690 -67.47 29.97 43.97
CA GLU C 690 -66.34 29.44 44.75
C GLU C 690 -66.31 30.07 46.14
N LEU C 691 -66.54 31.39 46.21
CA LEU C 691 -66.59 32.04 47.51
C LEU C 691 -67.68 31.42 48.39
N GLU C 692 -68.83 31.09 47.78
CA GLU C 692 -69.91 30.47 48.56
C GLU C 692 -69.52 29.07 49.00
N ARG C 693 -68.80 28.33 48.15
N ARG C 693 -68.79 28.34 48.17
CA ARG C 693 -68.36 26.99 48.51
CA ARG C 693 -68.37 26.99 48.52
C ARG C 693 -67.35 27.00 49.65
C ARG C 693 -67.33 26.99 49.63
N ARG C 694 -66.48 28.01 49.69
CA ARG C 694 -65.44 28.08 50.69
C ARG C 694 -65.91 28.78 51.96
N SER C 695 -67.16 29.29 51.97
CA SER C 695 -67.67 29.98 53.14
C SER C 695 -68.37 29.01 54.09
N PRO C 696 -68.34 29.28 55.40
CA PRO C 696 -69.03 28.38 56.34
C PRO C 696 -70.53 28.28 56.12
N SER C 697 -71.20 29.41 55.94
CA SER C 697 -72.63 29.43 55.65
C SER C 697 -72.91 30.53 54.63
N PRO C 698 -73.98 30.39 53.84
CA PRO C 698 -74.31 31.45 52.87
C PRO C 698 -74.71 32.77 53.50
N GLU C 699 -74.85 32.84 54.83
CA GLU C 699 -75.12 34.10 55.50
C GLU C 699 -73.87 34.75 56.08
N LYS C 700 -72.80 33.99 56.29
CA LYS C 700 -71.51 34.51 56.73
C LYS C 700 -70.48 34.14 55.67
N LEU C 701 -70.33 34.97 54.64
CA LEU C 701 -69.32 34.70 53.63
C LEU C 701 -67.93 34.89 54.22
N ALA C 702 -66.97 34.14 53.71
CA ALA C 702 -65.61 34.19 54.23
C ALA C 702 -64.95 35.53 53.88
N THR C 703 -64.32 36.14 54.88
CA THR C 703 -63.41 37.23 54.62
C THR C 703 -62.14 36.70 53.96
N TRP C 704 -61.36 37.63 53.37
CA TRP C 704 -60.11 37.24 52.72
C TRP C 704 -59.19 36.48 53.67
N GLY C 705 -59.02 36.98 54.89
CA GLY C 705 -58.19 36.31 55.88
C GLY C 705 -58.69 34.94 56.27
N THR C 706 -59.98 34.69 56.13
CA THR C 706 -60.50 33.34 56.38
C THR C 706 -59.89 32.34 55.41
N LEU C 707 -59.67 32.76 54.15
CA LEU C 707 -59.05 31.88 53.14
C LEU C 707 -57.54 31.97 53.13
N HIS C 708 -57.00 33.19 53.30
CA HIS C 708 -55.59 33.51 53.09
C HIS C 708 -54.82 33.21 54.36
N ARG C 709 -54.41 31.95 54.51
CA ARG C 709 -53.81 31.48 55.76
C ARG C 709 -52.28 31.60 55.69
N ALA C 710 -51.69 32.18 56.75
CA ALA C 710 -50.24 32.35 56.85
C ALA C 710 -49.67 31.17 57.63
N ILE C 711 -49.37 30.09 56.92
CA ILE C 711 -48.77 28.90 57.49
C ILE C 711 -47.35 28.75 56.95
N PHE C 712 -46.38 28.70 57.86
CA PHE C 712 -44.97 28.58 57.50
C PHE C 712 -44.61 27.10 57.54
N ARG C 713 -44.31 26.55 56.37
CA ARG C 713 -44.17 25.12 56.20
C ARG C 713 -42.72 24.69 56.31
N HIS C 714 -42.50 23.59 56.99
CA HIS C 714 -41.25 22.89 57.18
C HIS C 714 -41.04 21.92 56.03
N PRO C 715 -39.79 21.76 55.56
CA PRO C 715 -39.56 20.89 54.39
C PRO C 715 -40.03 19.46 54.58
N LEU C 716 -40.11 18.98 55.81
CA LEU C 716 -40.49 17.59 56.07
C LEU C 716 -41.97 17.45 56.38
N ALA C 717 -42.75 18.52 56.25
CA ALA C 717 -44.15 18.49 56.69
C ALA C 717 -44.95 17.36 56.04
N ASN C 718 -44.62 16.98 54.81
CA ASN C 718 -45.41 15.98 54.11
C ASN C 718 -45.01 14.56 54.47
N ILE C 719 -43.92 14.37 55.23
CA ILE C 719 -43.44 13.03 55.52
C ILE C 719 -43.39 12.73 57.01
N VAL C 720 -43.98 13.59 57.84
CA VAL C 720 -44.09 13.33 59.27
C VAL C 720 -45.56 13.13 59.63
N ASP C 721 -45.80 12.68 60.87
CA ASP C 721 -47.16 12.44 61.33
C ASP C 721 -47.84 13.76 61.71
N ASP C 722 -49.12 13.65 62.09
CA ASP C 722 -49.92 14.84 62.34
C ASP C 722 -49.41 15.61 63.56
N ALA C 723 -48.98 14.92 64.61
CA ALA C 723 -48.47 15.61 65.79
C ALA C 723 -47.12 16.25 65.50
N THR C 724 -46.27 15.56 64.74
CA THR C 724 -44.97 16.14 64.40
C THR C 724 -45.12 17.34 63.48
N ARG C 725 -46.04 17.25 62.51
CA ARG C 725 -46.30 18.39 61.63
C ARG C 725 -46.81 19.59 62.41
N ALA C 726 -47.56 19.36 63.49
CA ALA C 726 -48.03 20.49 64.27
C ALA C 726 -46.88 21.26 64.91
N GLN C 727 -45.77 20.57 65.22
CA GLN C 727 -44.58 21.19 65.78
C GLN C 727 -43.70 21.78 64.69
N TYR C 728 -43.60 21.12 63.54
CA TYR C 728 -42.69 21.60 62.50
C TYR C 728 -43.25 22.83 61.79
N ASN C 729 -44.56 22.86 61.54
CA ASN C 729 -45.21 23.99 60.87
C ASN C 729 -45.67 25.05 61.88
N VAL C 730 -45.73 26.30 61.43
CA VAL C 730 -46.12 27.44 62.26
C VAL C 730 -47.31 28.10 61.60
N ASP C 731 -48.45 28.09 62.30
CA ASP C 731 -49.69 28.68 61.82
C ASP C 731 -49.84 30.04 62.50
N ALA C 732 -49.76 31.09 61.69
CA ALA C 732 -49.95 32.46 62.16
C ALA C 732 -51.33 33.03 61.82
N GLY C 733 -52.25 32.20 61.34
CA GLY C 733 -53.63 32.63 61.12
C GLY C 733 -53.86 33.30 59.78
N GLY C 734 -54.96 34.06 59.71
CA GLY C 734 -55.33 34.73 58.48
C GLY C 734 -54.60 36.05 58.33
N ILE C 735 -54.36 36.42 57.05
CA ILE C 735 -53.65 37.66 56.71
C ILE C 735 -54.27 38.28 55.48
N GLY C 736 -53.99 39.58 55.34
CA GLY C 736 -54.41 40.33 54.18
C GLY C 736 -53.32 40.38 53.14
N GLY C 737 -53.57 41.15 52.08
CA GLY C 737 -52.60 41.35 51.02
C GLY C 737 -52.69 40.29 49.93
N SER C 738 -51.92 40.52 48.88
CA SER C 738 -51.81 39.61 47.74
C SER C 738 -50.37 39.70 47.23
N ALA C 739 -50.11 39.16 46.03
CA ALA C 739 -48.79 39.35 45.42
C ALA C 739 -48.56 40.79 44.98
N PHE C 740 -49.63 41.56 44.79
CA PHE C 740 -49.54 42.89 44.17
C PHE C 740 -49.59 44.03 45.16
N THR C 741 -49.79 43.76 46.40
CA THR C 741 -49.82 44.80 47.42
C THR C 741 -48.44 44.98 48.04
N PRO C 742 -48.07 46.21 48.45
CA PRO C 742 -46.73 46.40 49.06
C PRO C 742 -46.45 45.40 50.15
N MET C 743 -47.40 45.15 51.05
CA MET C 743 -47.33 44.00 51.94
C MET C 743 -47.62 42.75 51.11
N ASN C 744 -46.57 42.25 50.47
CA ASN C 744 -46.66 41.13 49.55
C ASN C 744 -46.95 39.88 50.35
N THR C 745 -48.14 39.29 50.15
CA THR C 745 -48.47 37.98 50.71
C THR C 745 -48.99 37.10 49.56
N SER C 746 -48.06 36.70 48.69
CA SER C 746 -48.37 35.80 47.57
C SER C 746 -48.93 34.50 48.09
N TYR C 747 -49.76 33.84 47.27
CA TYR C 747 -50.43 32.62 47.68
C TYR C 747 -50.49 31.62 46.54
N ARG C 748 -50.74 30.37 46.90
CA ARG C 748 -50.99 29.34 45.91
C ARG C 748 -52.47 29.31 45.57
N ASN C 749 -52.78 28.97 44.33
CA ASN C 749 -54.15 29.13 43.84
C ASN C 749 -55.09 28.04 44.32
N SER C 750 -54.58 26.90 44.77
CA SER C 750 -55.44 25.80 45.19
C SER C 750 -56.28 26.19 46.41
N ASP C 751 -55.68 26.90 47.40
CA ASP C 751 -56.38 27.21 48.63
C ASP C 751 -56.06 28.58 49.22
N TYR C 752 -55.34 29.45 48.50
CA TYR C 752 -55.02 30.83 48.90
C TYR C 752 -54.10 30.91 50.11
N HIS C 753 -53.46 29.80 50.50
CA HIS C 753 -52.49 29.85 51.58
C HIS C 753 -51.22 30.55 51.14
N LEU C 754 -50.61 31.26 52.09
CA LEU C 754 -49.39 32.02 51.86
C LEU C 754 -48.24 31.16 51.36
N THR C 755 -47.52 31.66 50.37
CA THR C 755 -46.32 31.01 49.86
C THR C 755 -45.09 31.89 49.88
N ALA C 756 -45.24 33.21 49.69
CA ALA C 756 -44.07 34.06 49.57
C ALA C 756 -44.43 35.50 49.91
N GLY C 757 -43.39 36.29 50.17
CA GLY C 757 -43.50 37.68 50.55
C GLY C 757 -42.43 38.04 51.55
N ALA C 758 -42.62 39.19 52.21
CA ALA C 758 -41.65 39.62 53.21
C ALA C 758 -41.76 38.75 54.46
N SER C 759 -40.63 38.16 54.85
CA SER C 759 -40.49 37.54 56.15
C SER C 759 -39.66 38.50 57.01
N PHE C 760 -38.39 38.67 56.65
CA PHE C 760 -37.58 39.73 57.21
C PHE C 760 -38.03 41.07 56.65
N ARG C 761 -38.26 42.05 57.55
CA ARG C 761 -38.51 43.43 57.18
C ARG C 761 -37.65 44.28 58.11
N MET C 762 -37.23 45.46 57.65
CA MET C 762 -36.54 46.38 58.53
C MET C 762 -36.87 47.80 58.13
N VAL C 763 -36.96 48.68 59.12
CA VAL C 763 -37.07 50.11 58.92
C VAL C 763 -36.07 50.77 59.86
N LEU C 764 -35.10 51.50 59.30
CA LEU C 764 -33.96 51.99 60.07
C LEU C 764 -33.99 53.51 60.22
N ASP C 765 -33.79 53.97 61.45
CA ASP C 765 -33.42 55.35 61.76
C ASP C 765 -31.92 55.46 61.52
N VAL C 766 -31.53 56.09 60.41
CA VAL C 766 -30.14 56.05 59.98
C VAL C 766 -29.37 57.11 60.76
N GLY C 767 -28.70 56.67 61.81
CA GLY C 767 -27.95 57.57 62.66
C GLY C 767 -28.30 57.37 64.12
N ASN C 768 -29.56 57.12 64.43
CA ASN C 768 -29.97 56.81 65.79
C ASN C 768 -30.31 55.32 65.81
N TRP C 769 -29.26 54.48 65.84
CA TRP C 769 -29.38 53.11 65.37
C TRP C 769 -30.32 52.28 66.23
N ASP C 770 -30.35 52.52 67.56
CA ASP C 770 -31.22 51.74 68.44
C ASP C 770 -32.71 51.95 68.18
N GLN C 771 -33.10 52.97 67.40
CA GLN C 771 -34.50 53.17 67.02
C GLN C 771 -34.92 52.36 65.79
N GLY C 772 -34.02 51.58 65.20
CA GLY C 772 -34.40 50.77 64.06
C GLY C 772 -35.32 49.62 64.46
N ARG C 773 -36.20 49.25 63.53
CA ARG C 773 -37.22 48.24 63.74
C ARG C 773 -37.07 47.13 62.71
N VAL C 774 -37.29 45.88 63.14
CA VAL C 774 -37.18 44.71 62.29
C VAL C 774 -38.23 43.69 62.69
N VAL C 775 -38.44 42.73 61.81
CA VAL C 775 -39.17 41.50 62.16
C VAL C 775 -38.59 40.38 61.32
N ASN C 776 -38.86 39.16 61.74
CA ASN C 776 -38.54 37.96 60.97
C ASN C 776 -39.70 37.00 61.22
N THR C 777 -39.84 35.94 60.41
CA THR C 777 -40.94 35.00 60.70
C THR C 777 -40.68 33.65 60.08
N PRO C 778 -41.02 32.54 60.76
CA PRO C 778 -41.69 32.47 62.07
C PRO C 778 -40.79 32.65 63.29
N GLY C 779 -39.47 32.56 63.14
CA GLY C 779 -38.60 32.76 64.29
C GLY C 779 -37.13 32.72 63.91
N GLN C 780 -36.30 33.03 64.90
CA GLN C 780 -34.87 33.02 64.68
C GLN C 780 -34.27 31.62 64.81
N SER C 781 -34.90 30.74 65.60
CA SER C 781 -34.39 29.39 65.78
C SER C 781 -34.95 28.44 64.74
N GLY C 782 -34.12 27.49 64.30
CA GLY C 782 -34.56 26.39 63.47
C GLY C 782 -34.91 25.14 64.24
N ASP C 783 -34.85 25.20 65.58
CA ASP C 783 -35.12 24.05 66.43
C ASP C 783 -36.60 24.09 66.81
N PRO C 784 -37.43 23.18 66.29
CA PRO C 784 -38.87 23.24 66.61
C PRO C 784 -39.17 23.13 68.09
N GLY C 785 -38.25 22.61 68.91
CA GLY C 785 -38.49 22.59 70.34
C GLY C 785 -38.17 23.90 71.04
N ASN C 786 -37.57 24.87 70.34
CA ASN C 786 -37.20 26.14 70.94
C ASN C 786 -38.32 27.14 70.74
N SER C 787 -38.57 27.96 71.77
CA SER C 787 -39.62 28.96 71.68
C SER C 787 -39.33 30.00 70.60
N HIS C 788 -38.06 30.24 70.27
CA HIS C 788 -37.72 31.15 69.18
C HIS C 788 -37.95 30.54 67.80
N TYR C 789 -38.46 29.31 67.73
CA TYR C 789 -38.83 28.77 66.44
C TYR C 789 -40.05 29.48 65.89
N ARG C 790 -40.91 30.01 66.76
CA ARG C 790 -42.24 30.44 66.33
C ARG C 790 -42.72 31.69 67.05
N ASP C 791 -41.91 32.32 67.89
CA ASP C 791 -42.38 33.46 68.67
C ASP C 791 -42.51 34.75 67.86
N LEU C 792 -41.86 34.85 66.70
CA LEU C 792 -41.95 36.09 65.93
C LEU C 792 -43.11 36.09 64.96
N ALA C 793 -43.62 34.91 64.58
CA ALA C 793 -44.75 34.86 63.67
C ALA C 793 -45.95 35.70 64.13
N PRO C 794 -46.37 35.69 65.40
CA PRO C 794 -47.50 36.57 65.77
C PRO C 794 -47.17 38.05 65.64
N ILE C 795 -45.91 38.44 65.88
CA ILE C 795 -45.54 39.84 65.67
C ILE C 795 -45.65 40.18 64.20
N TRP C 796 -45.02 39.35 63.36
CA TRP C 796 -45.05 39.55 61.92
C TRP C 796 -46.48 39.68 61.42
N ALA C 797 -47.38 38.82 61.93
CA ALA C 797 -48.74 38.73 61.41
C ALA C 797 -49.56 39.98 61.68
N LYS C 798 -49.24 40.71 62.75
CA LYS C 798 -49.88 41.98 63.06
C LYS C 798 -49.17 43.17 62.43
N GLY C 799 -48.21 42.95 61.55
CA GLY C 799 -47.48 44.05 60.97
C GLY C 799 -46.67 44.83 61.98
N GLN C 800 -46.24 44.19 63.06
CA GLN C 800 -45.48 44.86 64.10
C GLN C 800 -44.00 44.51 63.96
N THR C 801 -43.18 45.17 64.77
CA THR C 801 -41.74 45.01 64.71
C THR C 801 -41.21 44.97 66.14
N PHE C 802 -39.95 44.61 66.28
CA PHE C 802 -39.23 44.69 67.54
C PHE C 802 -37.94 45.46 67.29
N PRO C 803 -37.28 45.95 68.35
CA PRO C 803 -36.08 46.76 68.15
C PRO C 803 -34.90 45.94 67.64
N LEU C 804 -34.16 46.53 66.70
CA LEU C 804 -32.88 46.02 66.23
C LEU C 804 -31.79 46.67 67.08
N VAL C 805 -31.61 46.13 68.29
CA VAL C 805 -30.71 46.76 69.25
C VAL C 805 -29.27 46.65 68.79
N TYR C 806 -28.53 47.74 68.94
CA TYR C 806 -27.22 47.86 68.32
C TYR C 806 -26.14 48.31 69.31
N SER C 807 -26.40 49.37 70.08
CA SER C 807 -25.45 49.83 71.08
C SER C 807 -25.33 48.80 72.20
N ARG C 808 -24.12 48.69 72.77
CA ARG C 808 -23.84 47.69 73.79
C ARG C 808 -24.83 47.77 74.95
N LYS C 809 -25.17 48.98 75.40
CA LYS C 809 -26.13 49.10 76.48
C LYS C 809 -27.51 48.60 76.08
N ALA C 810 -27.95 48.90 74.85
CA ALA C 810 -29.24 48.40 74.39
C ALA C 810 -29.25 46.88 74.27
N VAL C 811 -28.14 46.31 73.78
CA VAL C 811 -28.04 44.87 73.63
C VAL C 811 -28.08 44.18 74.99
N GLU C 812 -27.36 44.72 75.96
N GLU C 812 -27.36 44.72 75.97
CA GLU C 812 -27.36 44.11 77.29
CA GLU C 812 -27.37 44.10 77.29
C GLU C 812 -28.73 44.26 77.95
C GLU C 812 -28.71 44.28 77.99
N ARG C 813 -29.39 45.39 77.74
CA ARG C 813 -30.73 45.59 78.29
C ARG C 813 -31.71 44.55 77.76
N ALA C 814 -31.55 44.16 76.49
CA ALA C 814 -32.43 43.20 75.87
C ALA C 814 -31.92 41.78 75.95
N ALA C 815 -30.77 41.56 76.59
CA ALA C 815 -30.14 40.25 76.55
C ALA C 815 -30.94 39.23 77.35
N GLU C 816 -31.03 38.02 76.82
CA GLU C 816 -31.67 36.93 77.53
C GLU C 816 -30.75 35.74 77.77
N LYS C 817 -29.65 35.60 77.02
CA LYS C 817 -28.76 34.46 77.14
C LYS C 817 -27.36 34.90 76.73
N ARG C 818 -26.35 34.37 77.41
CA ARG C 818 -24.95 34.62 77.09
C ARG C 818 -24.25 33.31 76.76
N ILE C 819 -23.43 33.34 75.71
CA ILE C 819 -22.60 32.20 75.29
C ILE C 819 -21.16 32.68 75.26
N GLU C 820 -20.27 31.94 75.94
CA GLU C 820 -18.84 32.25 75.96
C GLU C 820 -18.11 31.24 75.11
N LEU C 821 -17.29 31.73 74.20
CA LEU C 821 -16.46 30.91 73.35
C LEU C 821 -15.01 31.02 73.81
N THR C 822 -14.38 29.88 74.08
CA THR C 822 -13.02 29.88 74.56
C THR C 822 -12.09 29.15 73.60
N PRO C 823 -11.03 29.80 73.13
CA PRO C 823 -10.06 29.12 72.28
C PRO C 823 -9.50 27.88 72.96
N ARG C 824 -9.15 26.90 72.15
CA ARG C 824 -8.53 25.66 72.61
C ARG C 824 -7.61 25.07 71.55
N PRO D 35 4.95 82.71 45.08
CA PRO D 35 3.93 83.08 44.09
C PRO D 35 2.87 81.99 43.94
N THR D 36 1.90 82.20 43.04
CA THR D 36 0.77 81.29 42.85
C THR D 36 0.47 81.16 41.36
N ASP D 37 0.42 79.93 40.88
CA ASP D 37 -0.06 79.67 39.53
C ASP D 37 -1.50 79.19 39.62
N ARG D 38 -2.32 79.61 38.65
CA ARG D 38 -3.74 79.33 38.67
C ARG D 38 -4.15 78.71 37.35
N TYR D 39 -4.81 77.56 37.41
CA TYR D 39 -5.23 76.88 36.20
C TYR D 39 -6.69 76.46 36.33
N ALA D 40 -7.35 76.47 35.18
CA ALA D 40 -8.66 75.85 35.03
C ALA D 40 -8.49 74.34 34.95
N ALA D 41 -9.42 73.62 35.57
CA ALA D 41 -9.34 72.17 35.71
C ALA D 41 -10.67 71.55 35.29
N PRO D 42 -10.94 71.45 33.99
CA PRO D 42 -12.18 70.81 33.56
C PRO D 42 -12.21 69.34 33.98
N GLY D 43 -13.32 68.93 34.58
CA GLY D 43 -13.43 67.59 35.13
C GLY D 43 -13.11 67.48 36.60
N LEU D 44 -12.48 68.50 37.19
CA LEU D 44 -12.20 68.51 38.61
C LEU D 44 -13.47 68.84 39.37
N GLU D 45 -13.71 68.13 40.48
CA GLU D 45 -14.98 68.35 41.17
C GLU D 45 -14.92 69.57 42.09
N LYS D 46 -13.86 69.71 42.87
CA LYS D 46 -13.75 70.81 43.81
C LYS D 46 -12.38 71.45 43.70
N PRO D 47 -12.23 72.68 44.19
CA PRO D 47 -10.91 73.32 44.17
C PRO D 47 -9.84 72.46 44.83
N ALA D 48 -8.67 72.46 44.21
CA ALA D 48 -7.53 71.71 44.73
C ALA D 48 -6.31 72.62 44.74
N SER D 49 -5.45 72.39 45.72
CA SER D 49 -4.21 73.14 45.89
C SER D 49 -3.03 72.18 45.91
N ILE D 50 -1.92 72.58 45.31
CA ILE D 50 -0.68 71.81 45.30
C ILE D 50 0.43 72.71 45.79
N LEU D 51 1.14 72.26 46.81
CA LEU D 51 2.36 72.91 47.30
C LEU D 51 3.54 72.07 46.85
N ILE D 52 4.42 72.66 46.05
CA ILE D 52 5.67 72.02 45.68
C ILE D 52 6.76 72.48 46.65
N ASP D 53 7.40 71.52 47.30
CA ASP D 53 8.40 71.95 48.28
C ASP D 53 9.71 72.28 47.60
N ARG D 54 10.71 72.68 48.38
N ARG D 54 10.67 72.66 48.45
CA ARG D 54 11.95 73.16 47.78
CA ARG D 54 12.02 73.07 48.06
C ARG D 54 12.80 72.03 47.21
C ARG D 54 12.71 72.05 47.19
N TRP D 55 12.39 70.78 47.40
CA TRP D 55 13.08 69.68 46.73
C TRP D 55 12.31 69.15 45.53
N GLY D 56 11.23 69.84 45.14
CA GLY D 56 10.45 69.47 43.98
C GLY D 56 9.36 68.45 44.23
N VAL D 57 9.06 68.14 45.48
CA VAL D 57 8.02 67.16 45.81
C VAL D 57 6.67 67.87 45.82
N PRO D 58 5.71 67.47 44.99
CA PRO D 58 4.38 68.09 45.03
C PRO D 58 3.53 67.47 46.13
N HIS D 59 2.84 68.33 46.88
CA HIS D 59 1.96 67.91 47.95
C HIS D 59 0.56 68.34 47.57
N ILE D 60 -0.30 67.38 47.27
CA ILE D 60 -1.58 67.63 46.64
C ILE D 60 -2.69 67.60 47.70
N TYR D 61 -3.50 68.67 47.74
CA TYR D 61 -4.60 68.78 48.69
C TYR D 61 -5.89 68.92 47.91
N ALA D 62 -6.73 67.89 47.97
CA ALA D 62 -7.96 67.85 47.19
C ALA D 62 -9.17 67.82 48.10
N GLY D 63 -10.32 68.15 47.52
CA GLY D 63 -11.56 68.22 48.29
C GLY D 63 -12.44 66.98 48.22
N THR D 64 -12.17 66.09 47.27
CA THR D 64 -12.83 64.78 47.16
C THR D 64 -11.76 63.74 46.90
N LEU D 65 -12.11 62.47 47.17
CA LEU D 65 -11.16 61.38 47.01
C LEU D 65 -10.56 61.34 45.60
N TYR D 66 -11.41 61.31 44.56
CA TYR D 66 -10.88 61.13 43.21
C TYR D 66 -10.26 62.42 42.64
N ASP D 67 -10.61 63.58 43.18
CA ASP D 67 -9.93 64.82 42.80
C ASP D 67 -8.43 64.73 43.07
N ALA D 68 -8.01 63.99 44.10
CA ALA D 68 -6.60 63.86 44.41
C ALA D 68 -5.84 63.21 43.25
N PHE D 69 -6.46 62.25 42.57
CA PHE D 69 -5.79 61.59 41.46
C PHE D 69 -5.84 62.42 40.20
N TYR D 70 -6.92 63.19 40.01
CA TYR D 70 -6.94 64.21 38.96
C TYR D 70 -5.75 65.14 39.13
N ALA D 71 -5.58 65.67 40.34
CA ALA D 71 -4.48 66.59 40.56
C ALA D 71 -3.13 65.90 40.41
N GLN D 72 -3.01 64.63 40.82
CA GLN D 72 -1.74 63.95 40.63
C GLN D 72 -1.39 63.80 39.14
N GLY D 73 -2.38 63.42 38.32
CA GLY D 73 -2.15 63.37 36.89
C GLY D 73 -1.78 64.72 36.31
N PHE D 74 -2.50 65.78 36.72
CA PHE D 74 -2.15 67.12 36.28
C PHE D 74 -0.70 67.45 36.63
N ILE D 75 -0.30 67.18 37.88
CA ILE D 75 1.02 67.55 38.35
C ILE D 75 2.09 66.65 37.74
N ALA D 76 1.80 65.34 37.60
CA ALA D 76 2.76 64.46 36.93
C ALA D 76 3.04 64.93 35.51
N ALA D 77 2.01 65.41 34.80
CA ALA D 77 2.24 65.97 33.47
C ALA D 77 3.02 67.28 33.57
N ARG D 78 2.73 68.11 34.56
CA ARG D 78 3.49 69.34 34.69
C ARG D 78 4.97 69.06 34.80
N ASP D 79 5.34 68.03 35.57
CA ASP D 79 6.74 67.69 35.80
C ASP D 79 7.31 66.72 34.75
N ARG D 80 6.50 65.78 34.23
CA ARG D 80 7.06 64.67 33.47
C ARG D 80 6.26 64.35 32.21
N LEU D 81 5.60 65.34 31.60
CA LEU D 81 4.69 65.04 30.49
C LEU D 81 5.37 64.29 29.34
N TRP D 82 6.57 64.72 28.94
CA TRP D 82 7.21 64.06 27.79
C TRP D 82 7.50 62.59 28.09
N GLN D 83 8.05 62.33 29.27
CA GLN D 83 8.36 60.96 29.70
C GLN D 83 7.12 60.08 29.76
N ILE D 84 6.05 60.57 30.39
CA ILE D 84 4.86 59.72 30.53
C ILE D 84 4.16 59.59 29.18
N ASP D 85 4.17 60.65 28.39
CA ASP D 85 3.63 60.54 27.03
C ASP D 85 4.42 59.54 26.22
N LEU D 86 5.74 59.51 26.41
CA LEU D 86 6.57 58.57 25.66
C LEU D 86 6.28 57.14 26.08
N TRP D 87 6.16 56.88 27.38
CA TRP D 87 5.80 55.54 27.86
C TRP D 87 4.51 55.07 27.20
N ARG D 88 3.48 55.92 27.21
CA ARG D 88 2.19 55.55 26.62
C ARG D 88 2.32 55.32 25.12
N LYS D 89 3.05 56.20 24.43
CA LYS D 89 3.25 56.08 22.98
C LYS D 89 3.95 54.77 22.64
N ARG D 90 5.01 54.44 23.38
CA ARG D 90 5.68 53.17 23.18
C ARG D 90 4.75 52.00 23.52
N GLY D 91 4.01 52.11 24.62
CA GLY D 91 3.15 51.00 25.04
C GLY D 91 2.01 50.70 24.08
N LEU D 92 1.40 51.73 23.50
CA LEU D 92 0.30 51.52 22.59
C LEU D 92 0.75 51.29 21.14
N GLY D 93 2.05 51.25 20.88
CA GLY D 93 2.54 51.05 19.54
C GLY D 93 2.21 52.19 18.61
N GLU D 94 2.49 53.42 19.06
CA GLU D 94 2.29 54.63 18.28
C GLU D 94 3.60 55.39 18.03
N MET D 95 4.75 54.72 18.14
CA MET D 95 6.02 55.41 17.94
C MET D 95 6.18 55.90 16.51
N ALA D 96 5.86 55.04 15.54
CA ALA D 96 6.12 55.35 14.13
C ALA D 96 5.29 56.54 13.66
N ARG D 97 4.11 56.76 14.25
CA ARG D 97 3.26 57.90 13.92
C ARG D 97 4.04 59.21 13.92
N ASP D 98 5.03 59.34 14.80
CA ASP D 98 5.80 60.57 14.91
C ASP D 98 7.28 60.40 14.65
N PHE D 99 7.81 59.18 14.70
CA PHE D 99 9.24 58.94 14.56
C PHE D 99 9.61 58.18 13.31
N GLY D 100 8.65 57.79 12.47
CA GLY D 100 9.00 57.29 11.17
C GLY D 100 9.08 55.77 11.07
N PRO D 101 9.49 55.28 9.89
CA PRO D 101 9.36 53.84 9.60
C PRO D 101 10.28 52.92 10.38
N ALA D 102 11.37 53.43 10.97
CA ALA D 102 12.24 52.56 11.75
C ALA D 102 11.52 51.94 12.95
N TYR D 103 10.38 52.50 13.37
CA TYR D 103 9.72 52.06 14.59
C TYR D 103 8.49 51.19 14.35
N VAL D 104 8.24 50.80 13.10
CA VAL D 104 7.01 50.06 12.79
C VAL D 104 7.04 48.68 13.42
N ASP D 105 8.15 47.96 13.28
CA ASP D 105 8.25 46.63 13.88
C ASP D 105 8.05 46.70 15.39
N GLY D 106 8.59 47.73 16.04
CA GLY D 106 8.41 47.88 17.47
C GLY D 106 6.98 48.18 17.85
N ASP D 107 6.30 49.03 17.07
CA ASP D 107 4.89 49.32 17.29
C ASP D 107 4.03 48.07 17.16
N ARG D 108 4.29 47.26 16.15
CA ARG D 108 3.55 46.02 15.98
C ARG D 108 3.76 45.07 17.16
N MET D 109 5.01 44.85 17.55
CA MET D 109 5.28 43.91 18.64
C MET D 109 4.74 44.44 19.97
N ALA D 110 4.71 45.77 20.16
CA ALA D 110 4.11 46.33 21.37
C ALA D 110 2.62 46.01 21.44
N ARG D 111 1.94 46.11 20.31
CA ARG D 111 0.52 45.78 20.30
C ARG D 111 0.29 44.29 20.54
N ALA D 112 1.25 43.44 20.16
CA ALA D 112 1.17 42.00 20.42
C ALA D 112 1.19 41.66 21.90
N VAL D 113 1.69 42.56 22.75
CA VAL D 113 1.79 42.30 24.17
C VAL D 113 1.02 43.34 25.03
N LEU D 114 0.00 44.00 24.46
CA LEU D 114 -0.98 44.70 25.27
C LEU D 114 -1.95 43.71 25.91
N TYR D 115 -2.55 44.11 27.03
CA TYR D 115 -3.60 43.27 27.61
C TYR D 115 -4.78 43.18 26.63
N ARG D 116 -5.19 41.95 26.32
CA ARG D 116 -6.29 41.71 25.38
C ARG D 116 -7.44 40.93 26.00
N GLY D 117 -7.50 40.86 27.33
CA GLY D 117 -8.46 40.02 28.02
C GLY D 117 -9.73 40.78 28.39
N ASP D 118 -10.50 40.15 29.26
CA ASP D 118 -11.76 40.72 29.74
C ASP D 118 -11.50 42.02 30.50
N MET D 119 -12.08 43.12 30.03
CA MET D 119 -11.83 44.40 30.68
C MET D 119 -12.66 44.57 31.93
N TYR D 120 -13.87 43.98 31.96
CA TYR D 120 -14.65 44.01 33.20
C TYR D 120 -13.85 43.42 34.35
N ARG D 121 -13.25 42.24 34.13
CA ARG D 121 -12.41 41.64 35.19
C ARG D 121 -11.17 42.48 35.46
N GLU D 122 -10.57 43.03 34.41
CA GLU D 122 -9.34 43.81 34.57
C GLU D 122 -9.52 44.95 35.56
N TRP D 123 -10.59 45.75 35.40
CA TRP D 123 -10.77 46.90 36.29
C TRP D 123 -10.88 46.48 37.75
N LEU D 124 -11.52 45.34 38.01
CA LEU D 124 -11.76 44.86 39.36
C LEU D 124 -10.58 44.11 39.96
N ALA D 125 -9.49 43.89 39.20
CA ALA D 125 -8.35 43.10 39.69
C ALA D 125 -7.56 43.83 40.76
N TYR D 126 -7.59 45.16 40.76
CA TYR D 126 -6.71 45.97 41.58
C TYR D 126 -7.39 46.47 42.85
N GLY D 127 -8.63 46.06 43.09
CA GLY D 127 -9.45 46.62 44.12
C GLY D 127 -10.78 47.00 43.52
N SER D 128 -11.59 47.73 44.28
CA SER D 128 -12.96 47.96 43.82
C SER D 128 -13.16 49.30 43.11
N ASP D 129 -12.22 50.26 43.21
CA ASP D 129 -12.44 51.56 42.56
C ASP D 129 -11.28 51.97 41.65
N ALA D 130 -10.57 50.99 41.06
CA ALA D 130 -9.44 51.34 40.19
C ALA D 130 -9.89 52.15 38.97
N LYS D 131 -11.09 51.90 38.44
CA LYS D 131 -11.51 52.60 37.23
C LYS D 131 -11.77 54.08 37.50
N ARG D 132 -12.44 54.42 38.61
CA ARG D 132 -12.59 55.83 38.94
C ARG D 132 -11.23 56.49 39.18
N VAL D 133 -10.30 55.78 39.82
CA VAL D 133 -8.97 56.34 40.05
C VAL D 133 -8.30 56.66 38.72
N ALA D 134 -8.28 55.68 37.80
CA ALA D 134 -7.64 55.87 36.50
C ALA D 134 -8.33 57.00 35.74
N GLU D 135 -9.66 57.02 35.77
CA GLU D 135 -10.39 58.02 35.00
C GLU D 135 -10.09 59.42 35.49
N ALA D 136 -10.06 59.63 36.81
CA ALA D 136 -9.68 60.93 37.33
C ALA D 136 -8.26 61.26 36.93
N PHE D 137 -7.35 60.29 37.06
CA PHE D 137 -5.94 60.55 36.75
C PHE D 137 -5.76 61.00 35.30
N VAL D 138 -6.39 60.30 34.36
CA VAL D 138 -6.22 60.70 32.97
C VAL D 138 -7.02 61.97 32.66
N ALA D 139 -8.10 62.26 33.41
CA ALA D 139 -8.72 63.57 33.26
C ALA D 139 -7.74 64.68 33.62
N GLY D 140 -6.92 64.46 34.67
CA GLY D 140 -5.90 65.45 35.03
C GLY D 140 -4.81 65.56 33.98
N VAL D 141 -4.28 64.43 33.53
CA VAL D 141 -3.28 64.45 32.45
C VAL D 141 -3.83 65.22 31.26
N ASN D 142 -5.06 64.90 30.86
CA ASN D 142 -5.62 65.52 29.66
C ASN D 142 -5.82 67.02 29.85
N ALA D 143 -6.21 67.45 31.05
CA ALA D 143 -6.29 68.89 31.31
C ALA D 143 -4.93 69.54 31.08
N TYR D 144 -3.84 68.89 31.51
CA TYR D 144 -2.54 69.50 31.28
C TYR D 144 -2.19 69.48 29.80
N VAL D 145 -2.57 68.41 29.09
CA VAL D 145 -2.32 68.37 27.66
C VAL D 145 -3.04 69.51 26.96
N ALA D 146 -4.33 69.71 27.31
CA ALA D 146 -5.10 70.81 26.76
C ALA D 146 -4.44 72.15 27.08
N LEU D 147 -3.88 72.27 28.28
CA LEU D 147 -3.18 73.50 28.62
C LEU D 147 -1.95 73.72 27.74
N THR D 148 -1.20 72.65 27.42
CA THR D 148 -0.06 72.80 26.52
C THR D 148 -0.49 73.17 25.11
N GLU D 149 -1.71 72.78 24.70
CA GLU D 149 -2.24 73.18 23.41
C GLU D 149 -2.64 74.65 23.38
N ALA D 150 -3.21 75.16 24.49
CA ALA D 150 -3.61 76.55 24.56
C ALA D 150 -2.44 77.48 24.86
N GLN D 151 -1.43 77.00 25.61
CA GLN D 151 -0.27 77.80 25.97
C GLN D 151 0.98 77.01 25.60
N PRO D 152 1.33 76.98 24.30
CA PRO D 152 2.46 76.15 23.85
C PRO D 152 3.82 76.51 24.46
N GLU D 153 3.94 77.63 25.19
CA GLU D 153 5.17 77.86 25.93
C GLU D 153 5.32 76.85 27.07
N LEU D 154 4.25 76.18 27.45
CA LEU D 154 4.32 75.13 28.45
C LEU D 154 4.65 73.77 27.85
N LEU D 155 4.79 73.68 26.53
CA LEU D 155 5.13 72.43 25.88
C LEU D 155 6.57 72.03 26.21
N PRO D 156 6.82 70.82 26.72
CA PRO D 156 8.20 70.40 26.96
C PRO D 156 9.04 70.46 25.68
N ARG D 157 10.32 70.81 25.85
CA ARG D 157 11.20 71.06 24.71
C ARG D 157 11.46 69.83 23.87
N GLU D 158 11.32 68.61 24.42
CA GLU D 158 11.48 67.41 23.61
C GLU D 158 10.44 67.35 22.49
N PHE D 159 9.22 67.83 22.74
CA PHE D 159 8.18 67.85 21.72
C PHE D 159 8.54 68.78 20.57
N LYS D 160 9.06 69.97 20.90
CA LYS D 160 9.52 70.91 19.87
C LYS D 160 10.67 70.31 19.08
N GLN D 161 11.66 69.77 19.79
CA GLN D 161 12.83 69.18 19.15
C GLN D 161 12.42 68.14 18.12
N LEU D 162 11.47 67.27 18.45
CA LEU D 162 11.14 66.15 17.57
C LEU D 162 9.91 66.42 16.68
N GLY D 163 9.23 67.54 16.87
CA GLY D 163 8.15 67.93 15.99
C GLY D 163 6.84 67.18 16.15
N TYR D 164 6.38 66.96 17.38
CA TYR D 164 5.05 66.39 17.60
C TYR D 164 4.52 66.92 18.94
N LYS D 165 3.31 66.49 19.26
CA LYS D 165 2.56 66.99 20.39
C LYS D 165 2.18 65.85 21.30
N PRO D 166 1.99 66.12 22.59
CA PRO D 166 1.50 65.07 23.50
C PRO D 166 0.09 64.68 23.16
N SER D 167 -0.24 63.41 23.44
CA SER D 167 -1.57 62.86 23.19
C SER D 167 -2.46 62.98 24.43
N ARG D 168 -3.76 62.90 24.17
CA ARG D 168 -4.70 62.69 25.24
C ARG D 168 -4.78 61.20 25.53
N TRP D 169 -5.07 60.89 26.78
CA TRP D 169 -5.08 59.53 27.31
C TRP D 169 -6.50 59.02 27.46
N ARG D 170 -6.66 57.70 27.39
CA ARG D 170 -7.85 57.02 27.90
C ARG D 170 -7.48 56.25 29.17
N ALA D 171 -8.47 56.10 30.06
CA ALA D 171 -8.22 55.48 31.35
C ALA D 171 -7.70 54.07 31.16
N GLU D 172 -8.18 53.36 30.14
CA GLU D 172 -7.77 51.98 29.93
C GLU D 172 -6.30 51.85 29.57
N ASP D 173 -5.68 52.92 29.04
CA ASP D 173 -4.25 52.89 28.74
C ASP D 173 -3.44 52.55 30.00
N ILE D 174 -3.92 53.00 31.16
CA ILE D 174 -3.21 52.81 32.43
C ILE D 174 -3.03 51.32 32.72
N VAL D 175 -4.04 50.51 32.40
CA VAL D 175 -3.96 49.10 32.75
C VAL D 175 -3.58 48.17 31.59
N ARG D 176 -3.79 48.57 30.35
CA ARG D 176 -3.51 47.64 29.24
C ARG D 176 -2.03 47.57 28.88
N ILE D 177 -1.24 48.57 29.24
CA ILE D 177 0.20 48.57 28.96
C ILE D 177 0.91 47.77 30.04
N ARG D 178 1.64 46.73 29.64
CA ARG D 178 2.15 45.70 30.53
C ARG D 178 3.66 45.49 30.40
N HIS D 179 4.19 45.77 29.20
CA HIS D 179 5.49 45.21 28.84
C HIS D 179 6.66 45.85 29.55
N HIS D 180 6.45 46.93 30.30
CA HIS D 180 7.50 47.57 31.07
C HIS D 180 7.71 46.94 32.44
N GLY D 181 6.90 45.94 32.80
CA GLY D 181 7.03 45.32 34.11
C GLY D 181 8.22 44.37 34.15
N LEU D 182 8.95 44.42 35.27
CA LEU D 182 10.06 43.48 35.48
C LEU D 182 9.53 42.05 35.52
N THR D 183 10.22 41.15 34.79
CA THR D 183 9.70 39.79 34.65
C THR D 183 10.80 38.84 34.21
N LEU D 184 10.46 37.55 34.21
CA LEU D 184 11.35 36.46 33.84
C LEU D 184 10.49 35.20 33.68
N ASN D 185 10.99 34.17 33.00
CA ASN D 185 12.39 34.03 32.56
C ASN D 185 12.53 33.59 31.10
N PHE D 186 11.83 34.28 30.20
CA PHE D 186 12.00 34.04 28.78
C PHE D 186 13.46 34.09 28.37
N THR D 187 14.17 35.11 28.84
CA THR D 187 15.58 35.28 28.47
C THR D 187 16.44 34.14 28.99
N GLY D 188 16.20 33.73 30.23
CA GLY D 188 16.94 32.60 30.79
C GLY D 188 16.63 31.30 30.07
N GLU D 189 15.35 31.06 29.75
CA GLU D 189 14.98 29.85 29.02
C GLU D 189 15.71 29.80 27.69
N VAL D 190 15.78 30.93 26.98
CA VAL D 190 16.42 30.92 25.67
C VAL D 190 17.91 30.64 25.85
N ASP D 191 18.54 31.32 26.80
CA ASP D 191 19.98 31.13 27.03
C ASP D 191 20.28 29.71 27.48
N ARG D 192 19.47 29.17 28.39
CA ARG D 192 19.69 27.81 28.86
C ARG D 192 19.51 26.79 27.75
N ALA D 193 18.48 26.97 26.91
CA ALA D 193 18.31 26.08 25.78
C ALA D 193 19.47 26.20 24.80
N THR D 194 19.95 27.42 24.55
CA THR D 194 21.07 27.61 23.63
C THR D 194 22.33 26.91 24.14
N LEU D 195 22.59 27.03 25.44
CA LEU D 195 23.71 26.33 26.04
C LEU D 195 23.55 24.82 25.94
N TYR D 196 22.35 24.31 26.25
CA TYR D 196 22.10 22.88 26.13
C TYR D 196 22.30 22.40 24.70
N CYS D 197 21.93 23.22 23.72
CA CYS D 197 22.17 22.85 22.34
C CYS D 197 23.67 22.80 22.03
N GLN D 198 24.38 23.87 22.35
CA GLN D 198 25.77 23.97 21.91
C GLN D 198 26.72 23.17 22.79
N ALA D 199 26.39 22.96 24.07
CA ALA D 199 27.30 22.26 24.98
C ALA D 199 27.01 20.77 25.11
N LYS D 200 25.87 20.30 24.63
CA LYS D 200 25.54 18.88 24.56
C LYS D 200 25.77 18.13 25.89
N GLU D 201 26.70 17.16 25.91
CA GLU D 201 26.82 16.31 27.08
C GLU D 201 27.32 17.06 28.31
N GLN D 202 28.04 18.17 28.12
CA GLN D 202 28.53 18.99 29.22
C GLN D 202 27.54 20.11 29.59
N ALA D 203 26.28 20.00 29.17
CA ALA D 203 25.33 21.09 29.36
C ALA D 203 25.16 21.44 30.84
N ALA D 204 24.90 20.42 31.66
CA ALA D 204 24.62 20.67 33.07
C ALA D 204 25.79 21.35 33.76
N ARG D 205 27.03 20.89 33.50
CA ARG D 205 28.22 21.55 34.04
C ARG D 205 28.28 23.00 33.58
N ALA D 206 28.11 23.24 32.28
CA ALA D 206 28.26 24.61 31.77
C ALA D 206 27.15 25.51 32.33
N ASP D 207 25.92 25.01 32.41
CA ASP D 207 24.83 25.82 32.93
C ASP D 207 24.97 26.06 34.42
N TRP D 208 25.65 25.17 35.16
CA TRP D 208 25.87 25.42 36.57
C TRP D 208 26.73 26.67 36.78
N LEU D 209 27.73 26.87 35.92
CA LEU D 209 28.55 28.08 35.97
C LEU D 209 27.81 29.30 35.44
N ARG D 210 26.89 29.09 34.50
CA ARG D 210 26.20 30.20 33.85
C ARG D 210 25.22 30.90 34.79
N ARG D 211 24.51 30.15 35.65
CA ARG D 211 23.41 30.73 36.41
C ARG D 211 23.18 30.00 37.74
N GLU D 212 23.33 30.72 38.84
CA GLU D 212 23.01 30.17 40.16
C GLU D 212 21.52 29.92 40.29
N LEU D 213 21.16 28.76 40.84
CA LEU D 213 19.78 28.45 41.18
C LEU D 213 19.63 28.36 42.68
N ASP D 214 18.48 28.80 43.19
CA ASP D 214 18.25 28.66 44.62
C ASP D 214 16.77 28.30 44.79
N PRO D 215 16.45 27.08 45.26
CA PRO D 215 17.36 25.98 45.61
C PRO D 215 18.11 25.37 44.43
N PRO D 216 19.28 24.82 44.71
CA PRO D 216 20.17 24.37 43.61
C PRO D 216 19.72 23.01 43.08
N ILE D 217 18.56 22.99 42.45
CA ILE D 217 18.05 21.75 41.86
C ILE D 217 18.82 21.44 40.60
N THR D 218 18.60 20.24 40.06
CA THR D 218 19.09 19.93 38.75
C THR D 218 18.01 20.27 37.72
N PRO D 219 18.24 21.22 36.82
CA PRO D 219 17.26 21.47 35.77
C PRO D 219 16.99 20.19 34.99
N THR D 220 15.76 20.09 34.49
CA THR D 220 15.29 18.95 33.69
C THR D 220 14.94 19.45 32.30
N LEU D 221 15.70 19.04 31.30
CA LEU D 221 15.33 19.32 29.92
C LEU D 221 14.00 18.66 29.60
N PRO D 222 12.95 19.42 29.25
CA PRO D 222 11.62 18.82 29.08
C PRO D 222 11.63 17.79 27.95
N GLU D 223 10.97 16.67 28.18
CA GLU D 223 10.77 15.69 27.12
C GLU D 223 9.94 16.27 25.99
N GLY D 224 10.48 16.19 24.77
CA GLY D 224 9.87 16.74 23.58
C GLY D 224 10.49 18.04 23.07
N LEU D 225 11.37 18.67 23.85
CA LEU D 225 12.00 19.91 23.43
C LEU D 225 13.32 19.61 22.74
N ASP D 226 13.47 20.10 21.53
CA ASP D 226 14.79 20.12 20.91
C ASP D 226 15.41 21.45 21.27
N PRO D 227 16.35 21.47 22.23
CA PRO D 227 16.99 22.74 22.62
C PRO D 227 17.57 23.50 21.44
N CYS D 228 17.94 22.80 20.37
CA CYS D 228 18.51 23.48 19.21
C CYS D 228 17.44 24.16 18.37
N ALA D 229 16.17 23.85 18.61
CA ALA D 229 15.08 24.54 17.94
C ALA D 229 14.68 25.80 18.70
N VAL D 230 15.63 26.52 19.25
CA VAL D 230 15.33 27.76 19.96
C VAL D 230 16.29 28.82 19.40
N PRO D 231 15.92 29.49 18.33
CA PRO D 231 16.86 30.44 17.71
C PRO D 231 17.03 31.72 18.51
N ALA D 232 18.11 31.80 19.28
CA ALA D 232 18.24 32.83 20.31
C ALA D 232 18.22 34.24 19.71
N ALA D 233 18.99 34.47 18.65
CA ALA D 233 19.07 35.81 18.07
C ALA D 233 17.71 36.28 17.57
N ALA D 234 17.00 35.42 16.84
CA ALA D 234 15.70 35.82 16.31
C ALA D 234 14.70 36.06 17.43
N LEU D 235 14.70 35.20 18.46
CA LEU D 235 13.72 35.35 19.55
C LEU D 235 14.00 36.58 20.41
N LYS D 236 15.27 36.83 20.75
CA LYS D 236 15.63 37.97 21.58
C LYS D 236 15.32 39.28 20.85
N LYS D 237 15.48 39.31 19.53
CA LYS D 237 15.10 40.48 18.76
C LYS D 237 13.60 40.74 18.82
N ALA D 238 12.79 39.69 18.70
CA ALA D 238 11.35 39.86 18.77
C ALA D 238 10.90 40.25 20.17
N TYR D 239 11.49 39.66 21.21
CA TYR D 239 11.13 40.01 22.59
C TYR D 239 11.53 41.44 22.92
N THR D 240 12.73 41.86 22.50
CA THR D 240 13.17 43.24 22.68
C THR D 240 12.24 44.22 22.00
N LEU D 241 11.85 43.93 20.74
CA LEU D 241 10.90 44.80 20.04
C LEU D 241 9.59 44.91 20.81
N ALA D 242 9.17 43.83 21.48
CA ALA D 242 7.90 43.83 22.21
C ALA D 242 8.00 44.52 23.56
N THR D 243 9.16 44.52 24.22
CA THR D 243 9.22 44.92 25.62
C THR D 243 10.17 46.07 25.94
N ALA D 244 11.23 46.28 25.17
CA ALA D 244 12.26 47.24 25.58
C ALA D 244 11.70 48.66 25.59
N ALA D 245 12.26 49.50 26.47
CA ALA D 245 11.84 50.90 26.49
C ALA D 245 12.18 51.57 25.15
N ALA D 246 11.43 52.63 24.85
CA ALA D 246 11.71 53.44 23.67
C ALA D 246 13.18 53.83 23.61
N ASN D 247 13.80 53.68 22.44
CA ASN D 247 15.19 54.11 22.31
C ASN D 247 15.35 54.86 21.00
N PHE D 248 16.32 55.76 20.97
CA PHE D 248 16.52 56.67 19.84
C PHE D 248 17.96 56.54 19.37
N PRO D 249 18.26 55.51 18.57
CA PRO D 249 19.61 55.36 18.04
C PRO D 249 19.83 56.30 16.87
N LYS D 250 21.10 56.63 16.62
CA LYS D 250 21.41 57.51 15.49
C LYS D 250 20.81 56.97 14.19
N GLU D 251 20.91 55.65 13.98
CA GLU D 251 20.49 54.97 12.75
C GLU D 251 19.03 55.23 12.38
N ALA D 252 18.17 55.51 13.36
CA ALA D 252 16.77 55.79 13.07
C ALA D 252 16.51 57.27 12.86
N TRP D 253 17.56 58.08 12.84
CA TRP D 253 17.46 59.52 12.74
C TRP D 253 18.51 60.11 11.80
N SER D 282 17.42 45.53 44.51
CA SER D 282 16.74 46.33 45.54
C SER D 282 17.01 45.80 46.93
N ASN D 283 17.06 46.71 47.89
CA ASN D 283 17.04 46.36 49.31
C ASN D 283 15.82 46.99 49.98
N ASN D 284 15.29 46.27 50.97
CA ASN D 284 14.47 46.92 51.96
C ASN D 284 14.68 46.23 53.31
N TRP D 285 14.24 46.91 54.37
CA TRP D 285 14.22 46.30 55.69
C TRP D 285 13.27 47.06 56.60
N VAL D 286 12.80 46.38 57.63
CA VAL D 286 11.98 46.98 58.68
C VAL D 286 12.52 46.47 60.01
N ILE D 287 12.58 47.37 60.99
CA ILE D 287 13.19 47.10 62.30
C ILE D 287 12.20 47.49 63.39
N ALA D 288 12.01 46.60 64.35
CA ALA D 288 11.06 46.86 65.43
C ALA D 288 11.60 47.97 66.35
N GLY D 289 10.67 48.66 67.02
CA GLY D 289 11.03 49.83 67.80
C GLY D 289 11.92 49.55 69.00
N SER D 290 11.84 48.35 69.58
CA SER D 290 12.75 48.02 70.66
C SER D 290 14.19 47.96 70.17
N ARG D 291 14.37 47.94 68.85
CA ARG D 291 15.70 47.88 68.26
C ARG D 291 16.04 49.17 67.53
N THR D 292 15.31 50.25 67.78
CA THR D 292 15.64 51.54 67.19
C THR D 292 15.88 52.58 68.26
N SER D 293 16.70 53.57 67.90
CA SER D 293 16.96 54.70 68.78
C SER D 293 15.72 55.54 69.00
N THR D 294 14.69 55.39 68.16
CA THR D 294 13.44 56.13 68.29
C THR D 294 12.42 55.47 69.21
N GLY D 295 12.52 54.16 69.46
CA GLY D 295 11.44 53.44 70.11
C GLY D 295 10.31 53.05 69.17
N ARG D 296 10.31 53.56 67.93
CA ARG D 296 9.33 53.29 66.88
C ARG D 296 9.97 52.50 65.74
N PRO D 297 9.15 51.84 64.91
CA PRO D 297 9.73 51.08 63.78
C PRO D 297 10.44 52.00 62.81
N ILE D 298 11.42 51.43 62.11
CA ILE D 298 12.10 52.07 60.99
C ILE D 298 11.90 51.18 59.76
N LEU D 299 11.48 51.78 58.64
CA LEU D 299 11.32 51.04 57.38
C LEU D 299 12.10 51.75 56.29
N ALA D 300 12.96 51.01 55.60
CA ALA D 300 13.83 51.52 54.57
C ALA D 300 13.61 50.75 53.28
N ASN D 301 13.78 51.44 52.15
CA ASN D 301 13.64 50.83 50.84
C ASN D 301 14.52 51.62 49.87
N ASP D 302 15.41 50.92 49.15
CA ASP D 302 16.09 51.54 48.01
C ASP D 302 15.96 50.56 46.85
N PRO D 303 14.93 50.74 46.01
CA PRO D 303 14.85 49.94 44.77
C PRO D 303 16.04 50.20 43.87
N HIS D 304 16.45 49.15 43.14
CA HIS D 304 17.57 49.24 42.21
C HIS D 304 17.03 49.03 40.80
N ARG D 305 17.02 50.11 40.02
CA ARG D 305 16.42 50.17 38.71
C ARG D 305 17.37 50.95 37.79
N ALA D 306 17.08 50.90 36.49
CA ALA D 306 17.85 51.66 35.51
C ALA D 306 17.89 53.14 35.88
N HIS D 307 19.04 53.76 35.73
CA HIS D 307 19.18 55.19 35.98
C HIS D 307 18.88 55.96 34.70
N GLY D 308 18.43 57.20 34.85
CA GLY D 308 18.15 58.01 33.68
C GLY D 308 17.74 59.40 34.08
N ALA D 309 17.69 60.28 33.10
CA ALA D 309 17.15 61.63 33.24
C ALA D 309 16.05 61.77 32.20
N PRO D 310 14.77 61.93 32.60
CA PRO D 310 14.36 61.94 34.01
C PRO D 310 14.33 60.55 34.64
N SER D 311 14.21 60.51 35.96
CA SER D 311 14.32 59.29 36.73
C SER D 311 13.12 58.37 36.52
N LEU D 312 13.30 57.11 36.91
CA LEU D 312 12.24 56.11 36.77
C LEU D 312 11.06 56.42 37.68
N ARG D 313 11.33 56.80 38.91
CA ARG D 313 10.26 57.03 39.86
C ARG D 313 10.19 58.51 40.24
N TYR D 314 9.06 58.87 40.82
CA TYR D 314 8.67 60.25 41.09
C TYR D 314 8.02 60.27 42.46
N VAL D 315 8.42 61.22 43.29
CA VAL D 315 7.92 61.33 44.65
C VAL D 315 6.71 62.25 44.64
N SER D 316 5.60 61.83 45.26
CA SER D 316 4.48 62.77 45.41
C SER D 316 3.69 62.42 46.66
N HIS D 317 2.70 63.27 46.95
CA HIS D 317 1.94 63.23 48.19
C HIS D 317 0.50 63.59 47.89
N LEU D 318 -0.44 62.72 48.27
CA LEU D 318 -1.85 62.89 47.92
C LEU D 318 -2.67 62.99 49.21
N ASN D 319 -3.41 64.10 49.34
CA ASN D 319 -4.28 64.35 50.48
C ASN D 319 -5.68 64.64 49.98
N ALA D 320 -6.67 63.97 50.58
CA ALA D 320 -8.09 64.15 50.29
C ALA D 320 -8.89 63.42 51.37
N PRO D 321 -10.21 63.60 51.45
CA PRO D 321 -10.99 62.78 52.37
C PRO D 321 -10.72 61.29 52.16
N GLY D 322 -10.24 60.63 53.22
CA GLY D 322 -9.91 59.21 53.18
C GLY D 322 -8.59 58.85 52.53
N LEU D 323 -7.72 59.82 52.26
CA LEU D 323 -6.48 59.56 51.54
C LEU D 323 -5.39 60.47 52.10
N SER D 324 -4.23 59.88 52.36
CA SER D 324 -3.12 60.66 52.92
C SER D 324 -1.82 59.90 52.72
N VAL D 325 -1.43 59.68 51.46
CA VAL D 325 -0.37 58.77 51.12
C VAL D 325 0.77 59.55 50.46
N ILE D 326 2.00 59.20 50.81
CA ILE D 326 3.18 59.89 50.29
C ILE D 326 4.20 58.83 49.92
N GLY D 327 5.00 59.12 48.91
CA GLY D 327 6.04 58.20 48.52
C GLY D 327 6.33 58.32 47.03
N ALA D 328 6.64 57.18 46.39
CA ALA D 328 7.10 57.17 45.01
C ALA D 328 6.33 56.16 44.17
N GLY D 329 6.42 56.35 42.87
CA GLY D 329 5.94 55.41 41.87
C GLY D 329 6.41 55.89 40.51
N GLU D 330 6.16 55.10 39.48
CA GLU D 330 6.41 55.62 38.14
C GLU D 330 5.39 56.71 37.84
N PRO D 331 5.81 57.82 37.23
CA PRO D 331 4.94 59.01 37.20
C PRO D 331 3.70 58.86 36.33
N PHE D 332 3.63 57.86 35.44
CA PHE D 332 2.42 57.63 34.66
C PHE D 332 1.38 56.80 35.41
N LEU D 333 1.68 56.35 36.63
CA LEU D 333 0.74 55.45 37.30
C LEU D 333 0.01 56.22 38.39
N PRO D 334 -1.32 56.12 38.45
CA PRO D 334 -2.04 56.78 39.53
C PRO D 334 -1.65 56.18 40.86
N GLY D 335 -1.61 57.03 41.89
CA GLY D 335 -1.39 56.58 43.25
C GLY D 335 0.07 56.57 43.65
N ILE D 336 0.31 55.90 44.77
CA ILE D 336 1.65 55.73 45.35
C ILE D 336 1.82 54.25 45.69
N SER D 337 2.95 53.67 45.29
CA SER D 337 3.20 52.24 45.53
C SER D 337 4.32 51.94 46.53
N ILE D 338 5.14 52.91 46.89
CA ILE D 338 6.18 52.79 47.91
C ILE D 338 6.05 54.01 48.83
N GLY D 339 5.94 53.80 50.13
CA GLY D 339 5.86 54.97 51.01
C GLY D 339 5.08 54.66 52.28
N HIS D 340 4.22 55.60 52.66
CA HIS D 340 3.41 55.42 53.86
C HIS D 340 2.16 56.27 53.71
N ASN D 341 1.15 55.97 54.55
CA ASN D 341 -0.07 56.77 54.55
C ASN D 341 -0.37 57.37 55.92
N GLY D 342 0.61 57.52 56.78
CA GLY D 342 0.33 58.06 58.09
C GLY D 342 -0.21 57.07 59.10
N THR D 343 -0.58 55.87 58.68
CA THR D 343 -0.80 54.75 59.59
C THR D 343 0.16 53.61 59.31
N ILE D 344 0.25 53.14 58.06
CA ILE D 344 1.19 52.08 57.68
C ILE D 344 2.25 52.62 56.70
N ALA D 345 3.33 51.84 56.57
CA ALA D 345 4.46 52.07 55.67
C ALA D 345 4.80 50.77 54.97
N PHE D 346 5.30 50.87 53.73
CA PHE D 346 5.55 49.70 52.90
C PHE D 346 6.65 50.01 51.87
N GLY D 347 7.50 49.00 51.59
CA GLY D 347 8.52 49.08 50.56
C GLY D 347 8.74 47.71 49.94
N LEU D 348 9.42 47.68 48.78
CA LEU D 348 9.45 46.46 47.98
C LEU D 348 10.82 46.19 47.40
N THR D 349 11.10 44.89 47.20
CA THR D 349 12.21 44.37 46.41
C THR D 349 11.67 43.21 45.59
N ARG D 350 12.28 42.96 44.43
CA ARG D 350 11.78 41.92 43.53
C ARG D 350 11.83 40.54 44.19
N PHE D 351 10.74 39.79 43.99
CA PHE D 351 10.55 38.39 44.38
C PHE D 351 10.22 37.61 43.12
N TYR D 352 11.03 36.60 42.79
CA TYR D 352 11.10 36.14 41.39
C TYR D 352 10.25 34.90 41.13
N MET D 353 8.94 35.05 41.18
CA MET D 353 8.12 33.97 40.64
C MET D 353 8.25 33.95 39.12
N ASP D 354 8.35 32.75 38.57
CA ASP D 354 8.54 32.56 37.14
C ASP D 354 7.23 32.83 36.43
N GLN D 355 7.19 33.93 35.66
CA GLN D 355 5.95 34.37 35.02
C GLN D 355 6.00 34.38 33.49
N GLU D 356 6.99 33.73 32.87
CA GLU D 356 7.10 33.63 31.42
C GLU D 356 7.60 32.25 31.04
N ASP D 357 6.91 31.59 30.10
CA ASP D 357 7.39 30.36 29.46
C ASP D 357 7.42 30.57 27.95
N LEU D 358 8.46 30.04 27.30
CA LEU D 358 8.54 30.03 25.85
C LEU D 358 7.98 28.70 25.37
N TYR D 359 7.01 28.78 24.45
CA TYR D 359 6.35 27.61 23.89
C TYR D 359 6.79 27.41 22.42
N VAL D 360 7.04 26.16 22.04
CA VAL D 360 7.57 25.81 20.71
C VAL D 360 6.56 24.91 19.99
N TYR D 361 6.23 25.25 18.74
CA TYR D 361 5.18 24.59 17.97
C TYR D 361 5.67 24.09 16.62
N GLU D 362 5.01 23.06 16.09
CA GLU D 362 5.19 22.66 14.70
C GLU D 362 4.03 23.20 13.87
N THR D 363 4.33 23.78 12.71
CA THR D 363 3.30 24.38 11.86
C THR D 363 3.06 23.49 10.64
N ASP D 364 1.84 23.59 10.11
CA ASP D 364 1.41 22.82 8.94
C ASP D 364 2.18 23.29 7.70
N PRO D 365 2.86 22.39 6.98
CA PRO D 365 3.53 22.84 5.74
C PRO D 365 2.55 23.40 4.74
N ALA D 366 1.29 22.99 4.81
CA ALA D 366 0.20 23.50 3.99
C ALA D 366 -0.46 24.74 4.60
N GLN D 367 -0.20 25.04 5.88
CA GLN D 367 -0.85 26.15 6.54
C GLN D 367 -0.04 26.67 7.72
N PRO D 368 0.89 27.60 7.53
CA PRO D 368 1.76 28.04 8.64
C PRO D 368 1.03 28.71 9.79
N LYS D 369 -0.25 29.09 9.64
CA LYS D 369 -1.01 29.66 10.73
C LYS D 369 -1.73 28.62 11.59
N SER D 370 -1.40 27.34 11.42
CA SER D 370 -1.92 26.25 12.25
C SER D 370 -0.76 25.51 12.88
N TYR D 371 -0.92 25.13 14.13
CA TYR D 371 0.12 24.43 14.86
C TYR D 371 -0.45 23.11 15.37
N ARG D 372 0.44 22.13 15.56
CA ARG D 372 0.03 20.83 16.07
C ARG D 372 -0.31 20.94 17.55
N TYR D 373 -1.49 20.47 17.92
CA TYR D 373 -1.89 20.48 19.33
C TYR D 373 -2.63 19.19 19.57
N ARG D 374 -2.01 18.32 20.36
CA ARG D 374 -2.54 16.98 20.62
C ARG D 374 -2.79 16.24 19.29
N GLY D 375 -1.84 16.34 18.37
CA GLY D 375 -1.96 15.61 17.14
C GLY D 375 -2.93 16.18 16.13
N ARG D 376 -3.54 17.33 16.42
CA ARG D 376 -4.51 17.96 15.54
C ARG D 376 -3.97 19.30 15.10
N TRP D 377 -4.47 19.79 13.98
CA TRP D 377 -4.14 21.14 13.51
C TRP D 377 -5.08 22.15 14.13
N GLU D 378 -4.52 23.05 14.94
CA GLU D 378 -5.23 24.13 15.62
C GLU D 378 -4.84 25.46 14.98
N PRO D 379 -5.80 26.28 14.56
CA PRO D 379 -5.44 27.52 13.88
C PRO D 379 -5.07 28.61 14.87
N MET D 380 -4.04 29.37 14.51
CA MET D 380 -3.74 30.59 15.25
C MET D 380 -4.86 31.60 15.09
N GLU D 381 -5.03 32.45 16.10
CA GLU D 381 -5.86 33.64 15.98
C GLU D 381 -5.02 34.76 15.39
N THR D 382 -5.50 35.39 14.32
CA THR D 382 -4.76 36.49 13.69
C THR D 382 -5.58 37.78 13.79
N ILE D 383 -4.96 38.83 14.31
CA ILE D 383 -5.60 40.13 14.36
C ILE D 383 -4.83 41.09 13.44
N THR D 384 -5.55 42.13 12.99
CA THR D 384 -5.04 43.10 12.03
C THR D 384 -4.90 44.45 12.73
N GLU D 385 -3.75 45.09 12.54
CA GLU D 385 -3.48 46.40 13.14
C GLU D 385 -3.10 47.41 12.07
N LYS D 386 -3.48 48.67 12.31
CA LYS D 386 -3.14 49.79 11.44
C LYS D 386 -2.12 50.63 12.17
N ILE D 387 -0.94 50.80 11.58
CA ILE D 387 0.16 51.52 12.22
C ILE D 387 0.44 52.76 11.38
N THR D 388 0.19 53.92 11.95
CA THR D 388 0.48 55.17 11.26
C THR D 388 1.98 55.45 11.28
N VAL D 389 2.49 55.97 10.16
CA VAL D 389 3.91 56.22 10.00
C VAL D 389 4.08 57.68 9.56
N ARG D 390 4.88 58.43 10.32
CA ARG D 390 5.25 59.78 9.90
C ARG D 390 5.85 59.72 8.51
N GLY D 391 5.30 60.52 7.61
CA GLY D 391 5.76 60.59 6.24
C GLY D 391 5.09 59.64 5.28
N GLU D 392 4.11 58.85 5.74
CA GLU D 392 3.33 57.97 4.88
C GLU D 392 1.86 58.34 4.99
N ALA D 393 1.21 58.50 3.84
CA ALA D 393 -0.17 59.00 3.85
C ALA D 393 -1.14 57.94 4.35
N GLU D 394 -0.87 56.67 4.07
CA GLU D 394 -1.75 55.59 4.48
C GLU D 394 -1.12 54.78 5.62
N PRO D 395 -1.91 54.37 6.61
CA PRO D 395 -1.37 53.49 7.65
C PRO D 395 -0.94 52.17 7.08
N ARG D 396 0.11 51.61 7.66
CA ARG D 396 0.48 50.23 7.37
C ARG D 396 -0.56 49.28 7.95
N THR D 397 -0.86 48.21 7.21
CA THR D 397 -1.64 47.08 7.72
C THR D 397 -0.68 45.95 8.05
N VAL D 398 -0.66 45.51 9.30
CA VAL D 398 0.16 44.39 9.74
C VAL D 398 -0.76 43.38 10.41
N THR D 399 -0.27 42.15 10.56
CA THR D 399 -1.02 41.16 11.32
C THR D 399 -0.18 40.67 12.50
N ILE D 400 -0.88 40.18 13.52
CA ILE D 400 -0.26 39.58 14.70
C ILE D 400 -0.95 38.25 14.95
N ASP D 401 -0.15 37.20 15.10
CA ASP D 401 -0.66 35.87 15.38
C ASP D 401 -0.56 35.49 16.86
N PHE D 402 -1.57 34.76 17.35
CA PHE D 402 -1.65 34.22 18.69
C PHE D 402 -1.92 32.74 18.65
N THR D 403 -1.24 31.98 19.50
CA THR D 403 -1.70 30.62 19.78
C THR D 403 -2.65 30.67 20.97
N ARG D 404 -3.12 29.49 21.38
CA ARG D 404 -3.91 29.42 22.60
C ARG D 404 -3.11 29.86 23.82
N HIS D 405 -1.78 29.90 23.72
CA HIS D 405 -0.93 30.22 24.86
C HIS D 405 -0.46 31.66 24.91
N GLY D 406 -0.47 32.38 23.80
CA GLY D 406 -0.03 33.76 23.78
C GLY D 406 0.46 34.20 22.41
N PRO D 407 1.00 35.41 22.34
CA PRO D 407 1.45 35.93 21.03
C PRO D 407 2.65 35.18 20.47
N VAL D 408 2.62 34.98 19.17
CA VAL D 408 3.72 34.39 18.41
C VAL D 408 4.81 35.45 18.29
N LEU D 409 6.01 35.14 18.78
CA LEU D 409 7.10 36.10 18.69
C LEU D 409 7.87 35.99 17.39
N HIS D 410 7.93 34.79 16.82
CA HIS D 410 8.78 34.50 15.68
C HIS D 410 8.28 33.22 15.02
N ALA D 411 8.46 33.14 13.71
CA ALA D 411 8.10 31.97 12.93
C ALA D 411 9.13 31.71 11.85
N ASP D 412 9.37 30.44 11.57
CA ASP D 412 10.28 30.02 10.49
C ASP D 412 9.58 28.94 9.69
N ASP D 413 9.05 29.31 8.51
CA ASP D 413 8.32 28.35 7.70
C ASP D 413 9.24 27.33 7.06
N ALA D 414 10.54 27.60 6.98
CA ALA D 414 11.48 26.62 6.45
C ALA D 414 11.50 25.35 7.30
N SER D 415 11.67 25.50 8.61
CA SER D 415 11.67 24.37 9.53
C SER D 415 10.30 24.05 10.08
N HIS D 416 9.26 24.76 9.63
CA HIS D 416 7.89 24.54 10.08
C HIS D 416 7.80 24.65 11.60
N ARG D 417 8.33 25.75 12.13
CA ARG D 417 8.35 26.03 13.55
C ARG D 417 7.80 27.42 13.83
N ALA D 418 7.19 27.57 15.00
CA ALA D 418 6.77 28.85 15.52
C ALA D 418 7.02 28.88 17.03
N TRP D 419 7.20 30.08 17.57
CA TRP D 419 7.49 30.27 19.00
C TRP D 419 6.56 31.34 19.56
N ALA D 420 5.92 31.04 20.72
CA ALA D 420 5.01 31.98 21.38
C ALA D 420 5.40 32.20 22.84
N LEU D 421 5.15 33.41 23.32
CA LEU D 421 5.41 33.74 24.72
C LEU D 421 4.15 33.51 25.55
N ARG D 422 4.22 32.59 26.50
CA ARG D 422 3.14 32.45 27.49
C ARG D 422 3.52 33.31 28.69
N ALA D 423 2.93 34.50 28.78
CA ALA D 423 3.30 35.50 29.76
C ALA D 423 2.15 35.69 30.74
N ALA D 424 2.40 35.35 32.01
CA ALA D 424 1.39 35.66 33.03
C ALA D 424 1.10 37.15 33.04
N TRP D 425 2.08 37.96 32.65
CA TRP D 425 1.86 39.39 32.68
C TRP D 425 0.95 39.89 31.56
N LEU D 426 0.46 38.97 30.69
CA LEU D 426 -0.64 39.26 29.78
C LEU D 426 -2.00 38.88 30.33
N ASP D 427 -2.07 38.20 31.46
CA ASP D 427 -3.36 37.85 32.05
C ASP D 427 -3.92 39.01 32.89
N THR D 428 -5.12 38.82 33.42
CA THR D 428 -5.81 39.85 34.18
C THR D 428 -5.02 40.26 35.43
N GLY D 429 -4.99 41.56 35.70
CA GLY D 429 -4.45 42.08 36.95
C GLY D 429 -2.97 42.38 37.00
N MET D 430 -2.29 42.46 35.84
CA MET D 430 -0.84 42.49 35.81
C MET D 430 -0.26 43.85 35.39
N ALA D 431 -1.03 44.91 35.47
CA ALA D 431 -0.46 46.25 35.31
C ALA D 431 0.53 46.48 36.45
N PRO D 432 1.80 46.74 36.15
CA PRO D 432 2.82 46.82 37.23
C PRO D 432 2.48 47.83 38.33
N TYR D 433 2.59 47.36 39.58
CA TYR D 433 2.45 48.11 40.83
C TYR D 433 1.03 48.61 41.06
N PHE D 434 0.11 48.38 40.14
CA PHE D 434 -1.23 48.92 40.29
C PHE D 434 -2.02 48.16 41.35
N GLY D 435 -1.54 47.02 41.84
CA GLY D 435 -2.16 46.46 43.04
C GLY D 435 -2.10 47.39 44.23
N SER D 436 -1.25 48.42 44.19
CA SER D 436 -1.21 49.43 45.26
C SER D 436 -2.53 50.17 45.42
N MET D 437 -3.42 50.09 44.43
CA MET D 437 -4.77 50.62 44.60
C MET D 437 -5.40 50.15 45.91
N ASP D 438 -5.15 48.91 46.28
CA ASP D 438 -5.83 48.32 47.40
C ASP D 438 -5.09 48.48 48.74
N TYR D 439 -3.86 49.02 48.76
CA TYR D 439 -3.22 49.28 50.06
C TYR D 439 -2.80 50.72 50.33
N MET D 440 -2.91 51.63 49.37
CA MET D 440 -2.58 53.01 49.72
C MET D 440 -3.48 53.56 50.84
N ARG D 441 -4.69 53.01 51.01
CA ARG D 441 -5.63 53.41 52.06
C ARG D 441 -5.77 52.36 53.16
N ALA D 442 -4.92 51.33 53.16
CA ALA D 442 -4.96 50.31 54.21
C ALA D 442 -4.43 50.83 55.54
N THR D 443 -5.05 50.41 56.65
CA THR D 443 -4.69 50.94 57.96
C THR D 443 -4.18 49.90 58.97
N ASN D 444 -4.04 48.63 58.60
CA ASN D 444 -3.50 47.61 59.51
C ASN D 444 -3.02 46.41 58.70
N TRP D 445 -2.53 45.39 59.41
CA TRP D 445 -1.92 44.23 58.77
C TRP D 445 -2.94 43.37 58.04
N ASP D 446 -4.14 43.19 58.61
CA ASP D 446 -5.16 42.41 57.91
C ASP D 446 -5.53 43.02 56.56
N GLN D 447 -5.65 44.34 56.51
CA GLN D 447 -5.96 45.02 55.25
C GLN D 447 -4.78 45.00 54.28
N PHE D 448 -3.56 45.16 54.80
CA PHE D 448 -2.38 45.07 53.93
C PHE D 448 -2.18 43.66 53.42
N ARG D 449 -2.29 42.67 54.30
CA ARG D 449 -2.20 41.29 53.86
C ARG D 449 -3.28 40.96 52.84
N ALA D 450 -4.51 41.46 53.05
CA ALA D 450 -5.55 41.16 52.08
C ALA D 450 -5.24 41.80 50.72
N ALA D 451 -4.75 43.03 50.72
CA ALA D 451 -4.37 43.69 49.48
C ALA D 451 -3.32 42.88 48.73
N MET D 452 -2.35 42.32 49.47
CA MET D 452 -1.34 41.56 48.76
C MET D 452 -1.91 40.28 48.15
N ASN D 453 -3.09 39.83 48.60
CA ASN D 453 -3.75 38.69 47.95
C ASN D 453 -3.96 38.93 46.47
N ARG D 454 -4.27 40.16 46.08
CA ARG D 454 -4.54 40.41 44.68
C ARG D 454 -3.37 41.08 43.96
N TRP D 455 -2.19 41.13 44.60
CA TRP D 455 -1.02 41.74 43.98
C TRP D 455 -0.54 40.91 42.80
N GLY D 456 -0.41 41.54 41.63
CA GLY D 456 -0.11 40.84 40.40
C GLY D 456 1.33 40.88 39.93
N ALA D 457 1.80 42.07 39.54
CA ALA D 457 3.10 42.28 38.91
C ALA D 457 3.69 43.60 39.39
N PRO D 458 5.03 43.70 39.49
CA PRO D 458 5.96 42.56 39.40
C PRO D 458 5.91 41.69 40.65
N GLY D 459 6.56 40.53 40.64
CA GLY D 459 6.73 39.81 41.89
C GLY D 459 7.48 40.67 42.90
N GLU D 460 6.99 40.82 44.14
CA GLU D 460 7.63 41.72 45.11
C GLU D 460 7.58 41.17 46.54
N ASN D 461 8.70 41.34 47.26
CA ASN D 461 8.69 41.37 48.72
C ASN D 461 8.16 42.71 49.19
N GLN D 462 7.08 42.73 49.96
CA GLN D 462 6.70 43.95 50.66
C GLN D 462 7.16 43.84 52.11
N VAL D 463 7.84 44.86 52.59
CA VAL D 463 8.00 44.99 54.04
C VAL D 463 6.96 45.99 54.51
N TYR D 464 6.48 45.79 55.74
CA TYR D 464 5.35 46.50 56.32
C TYR D 464 5.74 47.01 57.72
N ALA D 465 5.24 48.18 58.07
CA ALA D 465 5.34 48.68 59.44
C ALA D 465 4.14 49.59 59.69
N ASP D 466 3.76 49.72 60.96
CA ASP D 466 2.68 50.64 61.28
C ASP D 466 2.98 51.41 62.56
N ARG D 467 2.24 52.50 62.75
CA ARG D 467 2.47 53.39 63.88
C ARG D 467 2.09 52.74 65.21
N ASN D 468 1.50 51.55 65.20
CA ASN D 468 1.34 50.81 66.44
C ASN D 468 2.55 49.96 66.81
N GLY D 469 3.64 50.03 66.03
CA GLY D 469 4.84 49.29 66.34
C GLY D 469 4.94 47.93 65.66
N ASN D 470 3.98 47.56 64.84
CA ASN D 470 4.04 46.28 64.16
C ASN D 470 4.99 46.34 62.97
N ILE D 471 5.61 45.20 62.66
CA ILE D 471 6.42 45.06 61.45
C ILE D 471 6.02 43.74 60.78
N GLY D 472 6.25 43.63 59.46
CA GLY D 472 5.91 42.41 58.77
C GLY D 472 6.55 42.30 57.39
N TRP D 473 6.36 41.15 56.77
CA TRP D 473 6.90 40.88 55.43
C TRP D 473 5.94 39.97 54.69
N ILE D 474 5.63 40.30 53.44
CA ILE D 474 4.75 39.46 52.64
C ILE D 474 5.14 39.55 51.17
N PRO D 475 5.50 38.45 50.52
CA PRO D 475 5.77 38.48 49.08
C PRO D 475 4.47 38.28 48.34
N GLY D 476 4.42 38.80 47.11
CA GLY D 476 3.21 38.60 46.33
C GLY D 476 3.47 38.70 44.85
N GLY D 477 2.52 38.19 44.09
CA GLY D 477 2.63 38.19 42.65
C GLY D 477 1.91 36.99 42.06
N LEU D 478 1.43 37.15 40.83
CA LEU D 478 0.74 36.05 40.18
C LEU D 478 1.69 34.87 40.05
N THR D 479 1.32 33.74 40.68
CA THR D 479 2.23 32.61 40.84
C THR D 479 1.70 31.37 40.09
N VAL D 480 2.44 30.98 39.03
CA VAL D 480 2.06 29.91 38.10
C VAL D 480 2.26 28.53 38.72
N ILE D 481 1.33 27.61 38.43
CA ILE D 481 1.48 26.20 38.79
C ILE D 481 1.86 25.43 37.54
N ARG D 482 3.05 24.83 37.56
CA ARG D 482 3.54 24.00 36.47
C ARG D 482 3.62 22.58 37.01
N PRO D 483 2.69 21.68 36.62
CA PRO D 483 2.65 20.34 37.23
C PRO D 483 3.85 19.46 36.88
N ASN D 484 4.44 19.61 35.69
CA ASN D 484 5.39 18.61 35.21
C ASN D 484 6.59 19.22 34.51
N TRP D 485 6.92 20.47 34.79
CA TRP D 485 8.20 20.98 34.30
C TRP D 485 8.63 22.12 35.23
N ASP D 486 9.93 22.42 35.20
CA ASP D 486 10.52 23.29 36.21
C ASP D 486 10.61 24.75 35.78
N GLY D 487 10.10 25.08 34.60
CA GLY D 487 10.04 26.42 34.08
C GLY D 487 11.37 27.01 33.66
N LEU D 488 12.45 26.20 33.65
CA LEU D 488 13.78 26.70 33.30
C LEU D 488 14.15 26.50 31.83
N PHE D 489 13.34 25.77 31.06
CA PHE D 489 13.52 25.57 29.63
C PHE D 489 12.24 25.93 28.90
N PRO D 490 12.32 26.22 27.60
CA PRO D 490 11.11 26.24 26.78
C PRO D 490 10.43 24.87 26.77
N VAL D 491 9.15 24.87 26.44
CA VAL D 491 8.43 23.59 26.34
C VAL D 491 7.76 23.46 24.98
N PRO D 492 7.57 22.24 24.47
CA PRO D 492 6.71 22.06 23.30
C PRO D 492 5.29 22.45 23.66
N GLY D 493 4.63 23.14 22.72
CA GLY D 493 3.31 23.67 22.97
C GLY D 493 2.16 22.81 22.47
N ASP D 494 2.38 21.51 22.33
CA ASP D 494 1.37 20.60 21.81
C ASP D 494 0.42 20.08 22.86
N GLY D 495 0.45 20.62 24.09
CA GLY D 495 -0.46 20.18 25.13
C GLY D 495 0.15 19.31 26.21
N ARG D 496 1.40 18.87 26.06
CA ARG D 496 2.03 18.10 27.11
C ARG D 496 2.40 18.97 28.31
N TYR D 497 2.55 20.28 28.13
CA TYR D 497 2.97 21.19 29.21
C TYR D 497 1.99 22.35 29.26
N GLU D 498 1.11 22.34 30.26
CA GLU D 498 0.07 23.35 30.42
C GLU D 498 0.06 23.83 31.87
N TRP D 499 0.05 25.15 32.06
CA TRP D 499 -0.15 25.72 33.40
C TRP D 499 -1.42 25.16 34.01
N ALA D 500 -1.39 24.90 35.31
CA ALA D 500 -2.53 24.40 36.05
C ALA D 500 -3.12 25.45 36.98
N GLY D 501 -3.09 26.70 36.57
CA GLY D 501 -3.66 27.74 37.38
C GLY D 501 -2.63 28.49 38.21
N TYR D 502 -3.14 29.19 39.20
CA TYR D 502 -2.38 30.15 39.99
C TYR D 502 -2.52 29.83 41.47
N ARG D 503 -1.44 30.03 42.22
CA ARG D 503 -1.48 29.84 43.66
C ARG D 503 -2.25 30.96 44.36
N ASN D 504 -2.97 30.61 45.44
CA ASN D 504 -3.46 31.63 46.35
C ASN D 504 -2.29 32.19 47.17
N MET D 505 -2.32 33.49 47.44
CA MET D 505 -1.18 34.10 48.11
C MET D 505 -1.01 33.60 49.54
N ASP D 506 -2.04 32.99 50.12
CA ASP D 506 -1.86 32.40 51.46
C ASP D 506 -1.01 31.14 51.43
N GLU D 507 -0.60 30.69 50.22
CA GLU D 507 0.30 29.56 50.08
C GLU D 507 1.76 29.99 50.14
N LEU D 508 2.02 31.31 50.10
CA LEU D 508 3.38 31.81 50.21
C LEU D 508 3.69 32.15 51.67
N PRO D 509 4.98 32.13 52.05
CA PRO D 509 5.33 32.47 53.42
C PRO D 509 5.15 33.96 53.71
N TRP D 510 5.13 34.28 55.01
CA TRP D 510 5.04 35.66 55.46
C TRP D 510 5.53 35.71 56.91
N ALA D 511 5.72 36.93 57.41
CA ALA D 511 6.16 37.14 58.77
C ALA D 511 5.49 38.38 59.33
N TYR D 512 5.15 38.33 60.62
CA TYR D 512 4.52 39.43 61.30
C TYR D 512 5.11 39.48 62.70
N ASN D 513 5.72 40.60 63.06
CA ASN D 513 6.42 40.80 64.34
C ASN D 513 7.29 39.59 64.66
N PRO D 514 8.25 39.25 63.80
CA PRO D 514 9.10 38.07 64.04
C PRO D 514 10.01 38.25 65.24
N SER D 515 10.47 37.10 65.76
CA SER D 515 11.17 37.10 67.05
C SER D 515 12.42 37.98 67.03
N THR D 516 13.20 37.93 65.93
CA THR D 516 14.44 38.72 65.85
C THR D 516 14.22 40.23 65.78
N GLY D 517 12.98 40.69 65.53
CA GLY D 517 12.68 42.11 65.54
C GLY D 517 13.12 42.90 64.33
N HIS D 518 13.45 42.23 63.23
CA HIS D 518 13.82 42.92 62.00
C HIS D 518 13.58 41.97 60.84
N ILE D 519 13.41 42.56 59.66
CA ILE D 519 13.28 41.81 58.41
C ILE D 519 14.10 42.53 57.35
N VAL D 520 14.93 41.78 56.61
CA VAL D 520 15.70 42.30 55.47
C VAL D 520 15.38 41.44 54.25
N THR D 521 15.09 42.08 53.11
CA THR D 521 15.02 41.37 51.83
C THR D 521 15.82 42.11 50.78
N ALA D 522 16.43 41.35 49.87
CA ALA D 522 17.27 41.95 48.85
C ALA D 522 17.41 41.07 47.63
N ASN D 523 16.29 40.52 47.15
CA ASN D 523 16.16 39.74 45.91
C ASN D 523 16.73 38.33 46.01
N GLU D 524 17.12 37.88 47.20
CA GLU D 524 17.58 36.51 47.37
C GLU D 524 16.38 35.61 47.60
N ASN D 525 16.55 34.29 47.39
CA ASN D 525 15.46 33.36 47.69
C ASN D 525 15.30 33.29 49.20
N ASN D 526 14.24 33.93 49.70
CA ASN D 526 13.96 33.98 51.13
C ASN D 526 12.71 33.16 51.48
N ILE D 527 12.38 32.15 50.66
CA ILE D 527 11.38 31.15 51.03
C ILE D 527 12.03 30.15 51.98
N PRO D 528 11.55 30.01 53.21
CA PRO D 528 12.18 29.05 54.16
C PRO D 528 12.18 27.66 53.58
N PRO D 529 13.31 26.95 53.62
CA PRO D 529 13.36 25.62 52.97
C PRO D 529 12.41 24.61 53.58
N ASP D 530 11.96 24.81 54.83
CA ASP D 530 11.00 23.92 55.48
C ASP D 530 9.56 24.37 55.30
N HIS D 531 9.35 25.46 54.64
CA HIS D 531 8.01 25.94 54.37
C HIS D 531 7.45 25.22 53.14
N PRO D 532 6.16 24.89 53.12
CA PRO D 532 5.60 24.13 51.98
C PRO D 532 5.80 24.79 50.65
N ALA D 533 5.83 26.13 50.62
CA ALA D 533 6.02 26.85 49.37
C ALA D 533 7.35 26.50 48.72
N ALA D 534 8.31 25.99 49.50
CA ALA D 534 9.61 25.64 48.94
C ALA D 534 9.52 24.53 47.91
N LYS D 535 8.45 23.73 47.92
CA LYS D 535 8.25 22.61 46.99
C LYS D 535 7.30 22.95 45.84
N LEU D 536 6.86 24.20 45.72
CA LEU D 536 5.80 24.54 44.76
C LEU D 536 6.32 25.11 43.45
N GLY D 537 7.62 25.17 43.25
CA GLY D 537 8.15 25.71 42.00
C GLY D 537 7.78 27.16 41.76
N VAL D 538 7.84 28.00 42.81
CA VAL D 538 7.58 29.43 42.67
C VAL D 538 8.61 30.07 41.76
N GLY D 539 9.89 29.74 41.97
CA GLY D 539 10.97 30.25 41.13
C GLY D 539 12.32 29.80 41.65
N TYR D 540 13.25 29.54 40.75
CA TYR D 540 14.58 29.06 41.09
C TYR D 540 15.67 30.04 40.72
N GLU D 541 15.33 31.18 40.09
CA GLU D 541 16.33 32.13 39.61
C GLU D 541 16.19 33.45 40.37
N TRP D 542 17.16 33.73 41.25
CA TRP D 542 17.17 34.87 42.13
C TRP D 542 18.43 35.71 41.90
N SER D 543 18.55 36.81 42.63
CA SER D 543 19.74 37.64 42.48
C SER D 543 20.89 37.08 43.29
N ASP D 544 22.10 37.56 42.97
CA ASP D 544 23.25 37.34 43.83
C ASP D 544 22.89 37.78 45.24
N SER D 545 23.28 36.98 46.23
CA SER D 545 22.79 37.18 47.58
C SER D 545 23.73 38.01 48.44
N SER D 546 24.76 38.65 47.84
CA SER D 546 25.74 39.40 48.61
C SER D 546 25.11 40.56 49.38
N ARG D 547 24.25 41.33 48.69
CA ARG D 547 23.62 42.45 49.37
C ARG D 547 22.78 41.98 50.55
N ALA D 548 22.09 40.84 50.39
CA ALA D 548 21.26 40.30 51.46
C ALA D 548 22.12 39.84 52.62
N ARG D 549 23.21 39.11 52.33
CA ARG D 549 24.09 38.63 53.40
C ARG D 549 24.76 39.80 54.11
N ARG D 550 25.24 40.78 53.36
CA ARG D 550 25.89 41.95 53.95
C ARG D 550 24.91 42.74 54.82
N LEU D 551 23.72 43.05 54.29
CA LEU D 551 22.78 43.85 55.06
C LEU D 551 22.26 43.10 56.27
N LYS D 552 22.07 41.78 56.14
CA LYS D 552 21.60 41.04 57.31
C LYS D 552 22.66 41.02 58.39
N SER D 553 23.94 40.95 58.00
CA SER D 553 25.00 41.06 59.00
C SER D 553 25.01 42.44 59.65
N LEU D 554 24.86 43.50 58.84
CA LEU D 554 24.86 44.84 59.39
C LEU D 554 23.69 45.04 60.36
N VAL D 555 22.49 44.58 60.01
CA VAL D 555 21.33 44.77 60.88
C VAL D 555 21.44 43.88 62.12
N ALA D 556 21.91 42.64 61.95
CA ALA D 556 22.06 41.75 63.10
C ALA D 556 23.12 42.25 64.07
N ALA D 557 24.17 42.90 63.57
CA ALA D 557 25.25 43.39 64.43
C ALA D 557 24.91 44.69 65.15
N ALA D 558 23.73 45.26 64.93
CA ALA D 558 23.35 46.54 65.52
C ALA D 558 22.08 46.35 66.33
N PRO D 559 22.19 45.96 67.61
CA PRO D 559 20.98 45.77 68.42
C PRO D 559 20.06 46.98 68.44
N VAL D 560 20.59 48.20 68.55
CA VAL D 560 19.80 49.43 68.45
C VAL D 560 20.40 50.30 67.36
N SER D 561 19.55 50.76 66.43
CA SER D 561 20.01 51.57 65.32
C SER D 561 19.10 52.77 65.10
N SER D 562 19.66 53.79 64.43
CA SER D 562 18.99 55.05 64.14
C SER D 562 18.65 55.14 62.66
N LEU D 563 17.96 56.22 62.30
CA LEU D 563 17.69 56.50 60.90
C LEU D 563 18.99 56.74 60.14
N ARG D 564 19.91 57.49 60.75
CA ARG D 564 21.22 57.69 60.13
C ARG D 564 21.95 56.37 59.91
N ASP D 565 21.75 55.39 60.79
CA ASP D 565 22.36 54.08 60.59
C ASP D 565 21.83 53.40 59.34
N SER D 566 20.50 53.46 59.13
CA SER D 566 19.89 52.86 57.94
C SER D 566 20.29 53.60 56.66
N ILE D 567 20.40 54.93 56.75
CA ILE D 567 20.92 55.70 55.62
C ILE D 567 22.34 55.24 55.30
N ALA D 568 23.15 55.02 56.34
CA ALA D 568 24.50 54.51 56.12
C ALA D 568 24.47 53.14 55.44
N TRP D 569 23.56 52.27 55.86
CA TRP D 569 23.52 50.95 55.24
C TRP D 569 23.13 51.02 53.78
N GLN D 570 22.22 51.94 53.43
CA GLN D 570 21.88 52.18 52.02
C GLN D 570 23.08 52.66 51.23
N ASN D 571 24.08 53.26 51.88
CA ASN D 571 25.28 53.74 51.25
C ASN D 571 26.46 52.78 51.40
N ASP D 572 26.23 51.56 51.91
CA ASP D 572 27.34 50.66 52.19
C ASP D 572 27.98 50.14 50.91
N THR D 573 29.31 50.17 50.85
CA THR D 573 30.02 49.81 49.63
C THR D 573 30.98 48.63 49.85
N VAL D 574 30.76 47.80 50.86
CA VAL D 574 31.56 46.58 51.04
C VAL D 574 31.09 45.54 50.05
N SER D 575 32.03 45.01 49.28
CA SER D 575 31.75 44.00 48.27
C SER D 575 32.14 42.64 48.83
N LEU D 576 31.15 41.82 49.16
CA LEU D 576 31.46 40.44 49.52
C LEU D 576 32.15 39.68 48.39
N PRO D 577 31.82 39.88 47.11
CA PRO D 577 32.67 39.29 46.06
C PRO D 577 34.13 39.72 46.17
N ALA D 578 34.40 40.97 46.52
CA ALA D 578 35.80 41.42 46.68
C ALA D 578 36.48 40.67 47.81
N GLN D 579 35.82 40.62 48.97
CA GLN D 579 36.44 39.96 50.12
C GLN D 579 36.69 38.49 49.85
N ARG D 580 35.74 37.81 49.18
CA ARG D 580 35.92 36.41 48.86
C ARG D 580 37.05 36.21 47.86
N THR D 581 37.15 37.09 46.86
CA THR D 581 38.25 36.99 45.90
C THR D 581 39.59 37.28 46.56
N LEU D 582 39.63 38.26 47.46
CA LEU D 582 40.87 38.50 48.19
C LEU D 582 41.25 37.28 49.04
N ALA D 583 40.27 36.60 49.63
CA ALA D 583 40.55 35.41 50.43
C ALA D 583 41.22 34.31 49.62
N VAL D 584 40.78 34.11 48.39
CA VAL D 584 41.40 33.12 47.54
C VAL D 584 42.79 33.57 47.15
N MET D 585 42.95 34.88 46.89
CA MET D 585 44.24 35.44 46.51
C MET D 585 45.33 35.12 47.52
N ARG D 586 44.96 35.13 48.79
CA ARG D 586 45.77 34.89 49.97
C ARG D 586 46.19 33.44 50.12
N THR D 587 45.80 32.59 49.17
CA THR D 587 46.21 31.20 49.13
C THR D 587 46.89 30.80 47.82
N VAL D 588 47.19 31.76 46.95
CA VAL D 588 47.81 31.43 45.67
C VAL D 588 49.22 30.89 45.92
N GLY D 589 49.55 29.77 45.29
CA GLY D 589 50.82 29.11 45.53
C GLY D 589 51.96 29.71 44.70
N ASN D 590 53.04 30.08 45.38
CA ASN D 590 54.24 30.59 44.71
C ASN D 590 55.04 29.43 44.12
N ALA D 591 54.38 28.70 43.24
CA ALA D 591 54.95 27.55 42.53
C ALA D 591 54.28 27.47 41.16
N GLY D 592 54.76 26.54 40.36
CA GLY D 592 54.16 26.27 39.06
C GLY D 592 54.22 27.48 38.15
N ALA D 593 53.25 27.54 37.23
CA ALA D 593 53.17 28.68 36.32
C ALA D 593 52.99 29.99 37.07
N ALA D 594 52.40 29.92 38.28
CA ALA D 594 52.18 31.11 39.09
C ALA D 594 53.48 31.76 39.55
N ALA D 595 54.48 30.94 39.91
CA ALA D 595 55.74 31.49 40.40
C ALA D 595 56.38 32.42 39.38
N SER D 596 56.32 32.06 38.10
CA SER D 596 56.84 32.94 37.05
C SER D 596 56.03 34.22 36.97
N LEU D 597 54.70 34.13 37.04
CA LEU D 597 53.87 35.32 37.01
C LEU D 597 54.13 36.20 38.22
N LEU D 598 54.43 35.60 39.38
CA LEU D 598 54.78 36.41 40.53
C LEU D 598 56.11 37.14 40.35
N GLN D 599 56.87 36.83 39.30
CA GLN D 599 58.07 37.56 38.95
C GLN D 599 57.80 38.70 37.97
N ASP D 600 56.59 38.80 37.45
CA ASP D 600 56.22 39.87 36.55
C ASP D 600 56.01 41.17 37.34
N PRO D 601 56.65 42.28 36.97
CA PRO D 601 56.43 43.54 37.72
C PRO D 601 54.97 43.97 37.71
N GLN D 602 54.30 43.87 36.56
CA GLN D 602 52.89 44.26 36.47
C GLN D 602 52.05 43.43 37.43
N VAL D 603 52.29 42.12 37.48
CA VAL D 603 51.60 41.27 38.43
C VAL D 603 51.90 41.70 39.84
N GLN D 604 53.17 41.99 40.13
CA GLN D 604 53.57 42.40 41.47
C GLN D 604 52.90 43.71 41.86
N ARG D 605 52.83 44.66 40.93
CA ARG D 605 52.16 45.91 41.22
C ARG D 605 50.69 45.69 41.55
N ALA D 606 50.03 44.79 40.83
CA ALA D 606 48.61 44.54 41.09
C ALA D 606 48.40 43.80 42.41
N VAL D 607 49.22 42.79 42.71
CA VAL D 607 49.11 42.08 43.99
C VAL D 607 49.34 43.03 45.16
N ALA D 608 50.32 43.92 45.02
CA ALA D 608 50.57 44.91 46.08
C ALA D 608 49.36 45.79 46.31
N LEU D 609 48.66 46.16 45.22
CA LEU D 609 47.47 46.98 45.36
C LEU D 609 46.36 46.25 46.10
N LEU D 610 46.13 44.98 45.75
CA LEU D 610 45.06 44.21 46.39
C LEU D 610 45.41 43.79 47.81
N ARG D 611 46.70 43.75 48.16
CA ARG D 611 47.10 43.17 49.43
C ARG D 611 46.56 43.98 50.60
N GLY D 612 46.59 45.31 50.49
CA GLY D 612 46.14 46.17 51.56
C GLY D 612 44.70 46.66 51.48
N TRP D 613 43.86 45.99 50.71
CA TRP D 613 42.47 46.41 50.52
C TRP D 613 41.49 45.53 51.31
N ASP D 614 40.46 46.18 51.86
CA ASP D 614 39.42 45.54 52.67
C ASP D 614 38.14 45.19 51.89
N GLY D 615 38.14 45.36 50.56
CA GLY D 615 36.95 45.08 49.79
C GLY D 615 35.91 46.18 49.79
N ASN D 616 36.24 47.37 50.28
CA ASN D 616 35.33 48.49 50.28
C ASN D 616 35.48 49.23 48.95
N VAL D 617 34.43 49.20 48.12
CA VAL D 617 34.49 49.74 46.76
C VAL D 617 34.27 51.25 46.82
N ARG D 618 35.23 51.97 47.39
CA ARG D 618 35.12 53.42 47.54
C ARG D 618 35.49 54.15 46.25
N ALA D 619 34.87 55.32 46.06
CA ALA D 619 35.17 56.13 44.88
C ALA D 619 36.63 56.56 44.85
N ASP D 620 37.25 56.71 46.04
CA ASP D 620 38.63 57.17 46.11
C ASP D 620 39.63 56.01 46.22
N SER D 621 39.22 54.78 45.94
CA SER D 621 40.10 53.62 46.09
C SER D 621 40.61 53.17 44.73
N VAL D 622 41.94 53.16 44.58
CA VAL D 622 42.57 52.59 43.39
C VAL D 622 42.47 51.07 43.46
N PRO D 623 42.70 50.40 44.60
CA PRO D 623 42.40 48.96 44.65
C PRO D 623 40.99 48.63 44.18
N ALA D 624 40.01 49.49 44.44
CA ALA D 624 38.65 49.21 43.96
C ALA D 624 38.58 49.22 42.43
N ALA D 625 39.27 50.18 41.80
CA ALA D 625 39.26 50.23 40.35
C ALA D 625 39.88 48.97 39.76
N LEU D 626 41.02 48.56 40.30
CA LEU D 626 41.64 47.31 39.85
C LEU D 626 40.67 46.16 40.01
N PHE D 627 40.03 46.07 41.18
CA PHE D 627 39.19 44.90 41.42
C PHE D 627 38.00 44.87 40.47
N GLU D 628 37.36 46.01 40.25
CA GLU D 628 36.17 46.04 39.40
C GLU D 628 36.51 45.72 37.94
N ILE D 629 37.59 46.33 37.42
CA ILE D 629 38.07 45.95 36.08
C ILE D 629 38.31 44.45 36.01
N TRP D 630 39.04 43.93 36.99
CA TRP D 630 39.38 42.52 37.03
C TRP D 630 38.13 41.65 37.09
N PHE D 631 37.24 41.92 38.05
CA PHE D 631 36.14 41.02 38.33
C PHE D 631 35.04 41.10 37.27
N SER D 632 34.94 42.22 36.56
CA SER D 632 33.94 42.37 35.52
C SER D 632 34.45 41.92 34.14
N ASN D 633 35.69 42.26 33.79
CA ASN D 633 36.14 42.13 32.41
C ASN D 633 37.28 41.14 32.19
N HIS D 634 37.77 40.47 33.23
CA HIS D 634 38.94 39.60 33.06
C HIS D 634 38.88 38.27 33.83
N LEU D 635 38.76 38.34 35.16
CA LEU D 635 38.89 37.16 36.02
C LEU D 635 37.88 36.10 35.65
N ARG D 636 36.60 36.46 35.66
CA ARG D 636 35.53 35.48 35.56
C ARG D 636 35.51 34.83 34.19
N GLN D 637 35.68 35.62 33.13
CA GLN D 637 35.79 35.01 31.79
C GLN D 637 36.97 34.04 31.72
N ALA D 638 38.09 34.37 32.37
CA ALA D 638 39.23 33.47 32.35
C ALA D 638 38.95 32.20 33.14
N VAL D 639 38.31 32.35 34.30
CA VAL D 639 37.97 31.17 35.08
C VAL D 639 37.04 30.26 34.28
N VAL D 640 36.05 30.85 33.61
CA VAL D 640 35.09 30.08 32.84
C VAL D 640 35.80 29.35 31.70
N ARG D 641 36.62 30.09 30.93
CA ARG D 641 37.37 29.47 29.83
C ARG D 641 38.24 28.33 30.33
N ALA D 642 38.81 28.47 31.51
CA ALA D 642 39.64 27.40 32.06
C ALA D 642 38.83 26.20 32.51
N ALA D 643 37.54 26.37 32.81
CA ALA D 643 36.74 25.29 33.34
C ALA D 643 35.88 24.57 32.30
N LEU D 644 35.58 25.19 31.17
CA LEU D 644 34.62 24.66 30.22
C LEU D 644 35.22 24.56 28.83
N PRO D 645 34.64 23.69 27.99
CA PRO D 645 35.02 23.70 26.57
C PRO D 645 34.71 25.06 25.96
N GLU D 646 35.42 25.36 24.87
CA GLU D 646 35.43 26.74 24.38
C GLU D 646 34.02 27.21 24.00
N ASP D 647 33.24 26.35 23.34
CA ASP D 647 31.91 26.74 22.86
C ASP D 647 30.99 27.13 24.01
N ALA D 648 30.95 26.30 25.07
CA ALA D 648 30.17 26.66 26.25
C ALA D 648 30.73 27.90 26.93
N ALA D 649 32.06 28.03 26.99
CA ALA D 649 32.69 29.19 27.62
C ALA D 649 32.30 30.48 26.91
N LYS D 650 32.21 30.45 25.57
CA LYS D 650 31.82 31.64 24.84
C LYS D 650 30.40 32.06 25.18
N LEU D 651 29.50 31.09 25.37
CA LEU D 651 28.14 31.44 25.74
C LEU D 651 28.04 31.92 27.19
N VAL D 652 28.79 31.28 28.10
CA VAL D 652 28.69 31.66 29.50
C VAL D 652 29.35 33.01 29.75
N GLY D 653 30.40 33.35 28.99
CA GLY D 653 31.07 34.62 29.17
C GLY D 653 31.70 34.69 30.56
N ALA D 654 31.31 35.70 31.34
CA ALA D 654 31.72 35.80 32.73
C ALA D 654 30.83 35.00 33.65
N GLY D 655 29.74 34.42 33.13
CA GLY D 655 28.89 33.56 33.91
C GLY D 655 28.27 34.17 35.16
N ASP D 656 27.88 33.28 36.06
CA ASP D 656 27.27 33.65 37.33
C ASP D 656 28.35 33.93 38.37
N ALA D 657 28.33 35.14 38.94
CA ALA D 657 29.38 35.56 39.86
C ALA D 657 29.47 34.66 41.07
N ALA D 658 28.33 34.34 41.70
CA ALA D 658 28.36 33.48 42.87
C ALA D 658 28.90 32.09 42.53
N ARG D 659 28.55 31.56 41.35
CA ARG D 659 29.02 30.25 40.94
C ARG D 659 30.52 30.27 40.57
N VAL D 660 31.01 31.36 39.98
CA VAL D 660 32.43 31.44 39.69
C VAL D 660 33.24 31.55 40.99
N LEU D 661 32.73 32.29 41.97
CA LEU D 661 33.41 32.41 43.26
C LEU D 661 33.57 31.07 43.92
N ALA D 662 32.56 30.19 43.80
CA ALA D 662 32.64 28.85 44.38
C ALA D 662 33.73 28.02 43.71
N VAL D 663 33.93 28.21 42.41
CA VAL D 663 35.01 27.51 41.71
C VAL D 663 36.35 28.00 42.21
N LEU D 664 36.51 29.33 42.33
CA LEU D 664 37.76 29.88 42.85
C LEU D 664 38.01 29.41 44.27
N GLU D 665 36.95 29.28 45.07
CA GLU D 665 37.15 28.88 46.45
C GLU D 665 37.37 27.39 46.59
N GLN D 666 36.85 26.59 45.66
CA GLN D 666 37.02 25.14 45.67
C GLN D 666 37.15 24.66 44.23
N PRO D 667 38.34 24.75 43.65
CA PRO D 667 38.52 24.41 42.22
C PRO D 667 38.50 22.92 41.93
N ASP D 668 38.55 22.06 42.95
CA ASP D 668 38.78 20.61 42.87
C ASP D 668 38.33 19.97 41.56
N THR D 669 37.03 19.95 41.31
CA THR D 669 36.47 19.22 40.18
C THR D 669 36.45 20.02 38.89
N TRP D 670 37.00 21.24 38.89
CA TRP D 670 37.01 22.09 37.71
C TRP D 670 38.39 22.25 37.10
N MET D 671 39.42 22.34 37.92
CA MET D 671 40.79 22.55 37.45
C MET D 671 41.75 22.34 38.63
N PRO D 672 43.01 22.03 38.35
CA PRO D 672 44.01 21.95 39.43
C PRO D 672 44.19 23.30 40.11
N THR D 673 44.47 23.24 41.42
CA THR D 673 44.72 24.46 42.19
C THR D 673 45.76 25.35 41.53
N ALA D 674 46.79 24.73 40.93
CA ALA D 674 47.82 25.50 40.25
C ALA D 674 47.25 26.21 39.02
N ARG D 675 46.36 25.54 38.28
CA ARG D 675 45.70 26.18 37.15
C ARG D 675 44.84 27.35 37.61
N ARG D 676 44.10 27.17 38.70
CA ARG D 676 43.33 28.26 39.31
C ARG D 676 44.22 29.47 39.61
N ASP D 677 45.35 29.24 40.29
CA ASP D 677 46.26 30.32 40.63
C ASP D 677 46.77 31.04 39.39
N GLU D 678 47.12 30.26 38.36
CA GLU D 678 47.64 30.86 37.13
C GLU D 678 46.57 31.73 36.48
N VAL D 679 45.33 31.24 36.47
CA VAL D 679 44.23 32.00 35.90
C VAL D 679 44.02 33.31 36.66
N MET D 680 44.06 33.25 37.99
CA MET D 680 43.85 34.46 38.78
C MET D 680 44.92 35.51 38.46
N LEU D 681 46.20 35.09 38.46
CA LEU D 681 47.30 36.02 38.25
C LEU D 681 47.36 36.50 36.80
N THR D 682 47.08 35.62 35.85
CA THR D 682 47.13 36.04 34.45
C THR D 682 46.05 37.07 34.15
N SER D 683 44.82 36.81 34.61
CA SER D 683 43.74 37.76 34.40
C SER D 683 43.97 39.04 35.19
N LEU D 684 44.62 38.93 36.35
CA LEU D 684 44.96 40.12 37.12
C LEU D 684 45.94 41.00 36.35
N LYS D 685 46.91 40.40 35.66
CA LYS D 685 47.85 41.19 34.88
C LYS D 685 47.13 41.95 33.79
N ALA D 686 46.19 41.30 33.11
CA ALA D 686 45.44 41.98 32.06
C ALA D 686 44.59 43.10 32.64
N ALA D 687 44.06 42.90 33.86
CA ALA D 687 43.29 43.97 34.49
C ALA D 687 44.19 45.13 34.90
N MET D 688 45.34 44.83 35.52
CA MET D 688 46.31 45.88 35.82
C MET D 688 46.70 46.64 34.56
N ALA D 689 46.87 45.94 33.44
CA ALA D 689 47.23 46.61 32.19
C ALA D 689 46.10 47.55 31.73
N GLU D 690 44.85 47.09 31.84
CA GLU D 690 43.74 47.98 31.48
C GLU D 690 43.70 49.21 32.39
N LEU D 691 43.88 49.01 33.69
CA LEU D 691 43.89 50.13 34.62
C LEU D 691 44.96 51.15 34.22
N GLU D 692 46.15 50.67 33.83
CA GLU D 692 47.21 51.57 33.43
C GLU D 692 46.82 52.33 32.17
N ARG D 693 46.23 51.64 31.20
CA ARG D 693 45.78 52.32 29.98
C ARG D 693 44.70 53.35 30.27
N ARG D 694 43.84 53.10 31.26
CA ARG D 694 42.76 54.03 31.58
C ARG D 694 43.19 55.16 32.53
N SER D 695 44.43 55.12 33.04
CA SER D 695 44.93 56.14 33.96
C SER D 695 45.67 57.25 33.21
N PRO D 696 45.71 58.46 33.78
CA PRO D 696 46.44 59.55 33.12
C PRO D 696 47.91 59.24 32.87
N SER D 697 48.57 58.60 33.83
CA SER D 697 49.93 58.10 33.69
C SER D 697 50.02 56.77 34.41
N PRO D 698 50.95 55.90 34.00
CA PRO D 698 51.12 54.64 34.75
C PRO D 698 51.64 54.84 36.17
N GLU D 699 51.93 56.08 36.56
CA GLU D 699 52.28 56.41 37.94
C GLU D 699 51.11 57.02 38.70
N LYS D 700 50.10 57.54 38.01
CA LYS D 700 48.92 58.14 38.62
C LYS D 700 47.74 57.26 38.23
N LEU D 701 47.55 56.19 38.98
CA LEU D 701 46.48 55.23 38.68
C LEU D 701 45.11 55.83 39.00
N ALA D 702 44.12 55.44 38.21
CA ALA D 702 42.76 55.94 38.40
C ALA D 702 42.13 55.34 39.65
N THR D 703 41.52 56.19 40.49
CA THR D 703 40.64 55.62 41.50
C THR D 703 39.38 55.07 40.82
N TRP D 704 38.63 54.24 41.57
CA TRP D 704 37.38 53.71 41.04
C TRP D 704 36.45 54.84 40.60
N GLY D 705 36.30 55.88 41.42
CA GLY D 705 35.40 56.98 41.07
C GLY D 705 35.78 57.72 39.81
N THR D 706 37.08 57.74 39.46
CA THR D 706 37.52 58.35 38.20
C THR D 706 36.96 57.62 37.00
N LEU D 707 36.81 56.30 37.10
CA LEU D 707 36.22 55.51 36.03
C LEU D 707 34.71 55.44 36.16
N HIS D 708 34.23 55.30 37.40
CA HIS D 708 32.83 54.98 37.70
C HIS D 708 32.06 56.30 37.82
N ARG D 709 31.66 56.83 36.66
CA ARG D 709 31.03 58.15 36.57
C ARG D 709 29.52 58.02 36.63
N ALA D 710 28.88 58.87 37.43
CA ALA D 710 27.43 58.87 37.60
C ALA D 710 26.82 59.87 36.64
N ILE D 711 26.53 59.41 35.42
CA ILE D 711 25.90 60.24 34.40
C ILE D 711 24.49 59.69 34.15
N PHE D 712 23.51 60.56 34.32
CA PHE D 712 22.11 60.22 34.13
C PHE D 712 21.76 60.62 32.71
N ARG D 713 21.51 59.63 31.87
CA ARG D 713 21.41 59.84 30.44
C ARG D 713 19.95 60.07 30.03
N HIS D 714 19.73 61.09 29.19
CA HIS D 714 18.44 61.42 28.61
C HIS D 714 18.20 60.54 27.38
N PRO D 715 16.96 60.09 27.15
CA PRO D 715 16.72 59.18 26.01
C PRO D 715 17.16 59.76 24.65
N LEU D 716 17.22 61.08 24.50
CA LEU D 716 17.56 61.71 23.23
C LEU D 716 19.04 62.09 23.15
N ALA D 717 19.85 61.67 24.12
CA ALA D 717 21.23 62.12 24.21
C ALA D 717 22.03 61.85 22.94
N ASN D 718 21.76 60.74 22.26
CA ASN D 718 22.57 60.34 21.13
C ASN D 718 22.14 60.97 19.81
N ILE D 719 21.03 61.70 19.78
CA ILE D 719 20.59 62.33 18.55
C ILE D 719 20.51 63.84 18.66
N VAL D 720 21.06 64.42 19.73
CA VAL D 720 21.14 65.88 19.87
C VAL D 720 22.62 66.29 19.86
N ASP D 721 22.85 67.60 19.75
CA ASP D 721 24.21 68.14 19.71
C ASP D 721 24.83 68.19 21.09
N ASP D 722 26.09 68.65 21.13
CA ASP D 722 26.87 68.67 22.37
C ASP D 722 26.28 69.64 23.39
N ALA D 723 25.81 70.79 22.94
CA ALA D 723 25.26 71.78 23.87
C ALA D 723 23.96 71.29 24.48
N THR D 724 23.13 70.62 23.68
CA THR D 724 21.88 70.09 24.19
C THR D 724 22.11 68.88 25.09
N ARG D 725 23.05 68.01 24.71
CA ARG D 725 23.34 66.84 25.53
C ARG D 725 23.87 67.26 26.90
N ALA D 726 24.62 68.35 26.95
CA ALA D 726 25.09 68.86 28.23
C ALA D 726 23.92 69.35 29.08
N GLN D 727 22.84 69.76 28.42
CA GLN D 727 21.66 70.19 29.17
C GLN D 727 20.78 69.00 29.56
N TYR D 728 20.65 68.03 28.65
CA TYR D 728 19.72 66.91 28.83
C TYR D 728 20.26 65.86 29.79
N ASN D 729 21.57 65.59 29.76
CA ASN D 729 22.21 64.64 30.65
C ASN D 729 22.66 65.33 31.94
N VAL D 730 22.74 64.57 33.03
CA VAL D 730 23.12 65.12 34.33
C VAL D 730 24.33 64.36 34.83
N ASP D 731 25.44 65.07 34.99
CA ASP D 731 26.69 64.48 35.43
C ASP D 731 26.87 64.80 36.91
N ALA D 732 26.81 63.77 37.75
CA ALA D 732 27.00 63.97 39.18
C ALA D 732 28.39 63.55 39.62
N GLY D 733 29.27 63.24 38.68
CA GLY D 733 30.64 62.92 39.02
C GLY D 733 30.85 61.44 39.33
N GLY D 734 31.96 61.19 40.02
CA GLY D 734 32.33 59.84 40.36
C GLY D 734 31.61 59.33 41.59
N ILE D 735 31.43 58.03 41.63
CA ILE D 735 30.72 57.38 42.73
C ILE D 735 31.42 56.07 43.03
N GLY D 736 31.17 55.55 44.23
CA GLY D 736 31.60 54.24 44.61
C GLY D 736 30.53 53.19 44.40
N GLY D 737 30.80 52.00 44.90
CA GLY D 737 29.86 50.90 44.82
C GLY D 737 29.98 50.09 43.54
N SER D 738 29.24 48.99 43.52
CA SER D 738 29.15 48.12 42.34
C SER D 738 27.75 47.51 42.32
N ALA D 739 27.55 46.51 41.45
CA ALA D 739 26.26 45.82 41.45
C ALA D 739 26.05 44.99 42.70
N PHE D 740 27.13 44.59 43.36
CA PHE D 740 27.07 43.67 44.50
C PHE D 740 27.15 44.39 45.84
N THR D 741 27.30 45.73 45.84
CA THR D 741 27.28 46.40 47.12
C THR D 741 25.88 46.88 47.45
N PRO D 742 25.55 46.96 48.75
CA PRO D 742 24.22 47.46 49.15
C PRO D 742 23.85 48.79 48.50
N MET D 743 24.78 49.75 48.50
CA MET D 743 24.66 50.93 47.65
C MET D 743 24.95 50.49 46.23
N ASN D 744 23.91 49.97 45.58
CA ASN D 744 24.03 49.38 44.26
C ASN D 744 24.28 50.47 43.21
N THR D 745 25.44 50.43 42.57
CA THR D 745 25.74 51.28 41.42
C THR D 745 26.24 50.39 40.29
N SER D 746 25.32 49.63 39.70
CA SER D 746 25.67 48.77 38.58
C SER D 746 26.19 49.61 37.41
N TYR D 747 27.05 49.01 36.60
CA TYR D 747 27.70 49.75 35.51
C TYR D 747 27.82 48.88 34.26
N ARG D 748 28.03 49.56 33.12
CA ARG D 748 28.28 48.87 31.86
C ARG D 748 29.77 48.61 31.71
N ASN D 749 30.11 47.48 31.08
CA ASN D 749 31.48 46.97 31.08
C ASN D 749 32.41 47.73 30.15
N SER D 750 31.87 48.47 29.18
CA SER D 750 32.71 49.17 28.23
C SER D 750 33.54 50.26 28.91
N ASP D 751 32.93 51.03 29.84
CA ASP D 751 33.63 52.16 30.44
C ASP D 751 33.35 52.38 31.93
N TYR D 752 32.65 51.47 32.61
CA TYR D 752 32.34 51.52 34.04
C TYR D 752 31.40 52.66 34.42
N HIS D 753 30.74 53.28 33.44
CA HIS D 753 29.76 54.32 33.75
C HIS D 753 28.50 53.70 34.35
N LEU D 754 27.90 54.45 35.26
CA LEU D 754 26.70 54.01 35.98
C LEU D 754 25.57 53.66 35.03
N THR D 755 24.91 52.54 35.28
CA THR D 755 23.74 52.19 34.49
C THR D 755 22.48 51.97 35.34
N ALA D 756 22.62 51.43 36.56
CA ALA D 756 21.46 51.06 37.36
C ALA D 756 21.84 51.12 38.85
N GLY D 757 20.81 51.13 39.70
CA GLY D 757 20.93 51.16 41.14
C GLY D 757 19.83 52.00 41.75
N ALA D 758 20.00 52.35 43.04
CA ALA D 758 18.99 53.18 43.70
C ALA D 758 19.05 54.60 43.18
N SER D 759 17.90 55.10 42.72
CA SER D 759 17.70 56.51 42.48
C SER D 759 16.85 57.04 43.63
N PHE D 760 15.60 56.62 43.68
CA PHE D 760 14.78 56.85 44.85
C PHE D 760 15.26 55.97 46.01
N ARG D 761 15.48 56.57 47.17
CA ARG D 761 15.75 55.87 48.44
C ARG D 761 14.85 56.48 49.51
N MET D 762 14.48 55.70 50.52
CA MET D 762 13.77 56.28 51.64
C MET D 762 14.06 55.53 52.92
N VAL D 763 14.15 56.27 54.03
CA VAL D 763 14.25 55.69 55.36
C VAL D 763 13.22 56.40 56.22
N LEU D 764 12.27 55.65 56.76
CA LEU D 764 11.09 56.22 57.40
C LEU D 764 11.13 56.03 58.91
N ASP D 765 10.83 57.10 59.66
CA ASP D 765 10.44 57.02 61.06
C ASP D 765 8.94 56.70 61.10
N VAL D 766 8.60 55.47 61.48
CA VAL D 766 7.22 54.98 61.37
C VAL D 766 6.44 55.49 62.57
N GLY D 767 5.68 56.55 62.38
CA GLY D 767 4.89 57.09 63.47
C GLY D 767 5.15 58.56 63.68
N ASN D 768 6.42 58.96 63.52
CA ASN D 768 6.84 60.37 63.56
C ASN D 768 7.22 60.74 62.13
N TRP D 769 6.20 60.98 61.31
CA TRP D 769 6.36 60.87 59.86
C TRP D 769 7.26 61.95 59.29
N ASP D 770 7.23 63.18 59.85
CA ASP D 770 8.05 64.27 59.32
C ASP D 770 9.54 64.01 59.48
N GLN D 771 9.95 63.01 60.25
CA GLN D 771 11.37 62.67 60.40
C GLN D 771 11.87 61.74 59.30
N GLY D 772 11.00 61.33 58.38
CA GLY D 772 11.41 60.46 57.31
C GLY D 772 12.33 61.16 56.33
N ARG D 773 13.22 60.37 55.73
CA ARG D 773 14.25 60.87 54.81
C ARG D 773 14.11 60.18 53.46
N VAL D 774 14.28 60.95 52.38
CA VAL D 774 14.19 60.44 51.01
C VAL D 774 15.24 61.12 50.15
N VAL D 775 15.50 60.51 48.99
CA VAL D 775 16.21 61.18 47.91
C VAL D 775 15.69 60.60 46.60
N ASN D 776 15.94 61.32 45.52
CA ASN D 776 15.69 60.88 44.16
C ASN D 776 16.84 61.42 43.33
N THR D 777 16.97 60.97 42.08
CA THR D 777 18.05 61.52 41.24
C THR D 777 17.76 61.27 39.77
N PRO D 778 18.10 62.20 38.85
CA PRO D 778 18.75 63.49 39.15
C PRO D 778 17.84 64.59 39.68
N GLY D 779 16.53 64.41 39.59
CA GLY D 779 15.61 65.43 40.06
C GLY D 779 14.16 65.03 39.93
N GLN D 780 13.30 65.89 40.46
CA GLN D 780 11.86 65.66 40.37
C GLN D 780 11.28 66.12 39.05
N SER D 781 11.86 67.15 38.43
CA SER D 781 11.34 67.70 37.19
C SER D 781 11.93 66.99 35.97
N GLY D 782 11.11 66.82 34.94
CA GLY D 782 11.54 66.35 33.64
C GLY D 782 11.88 67.44 32.65
N ASP D 783 11.85 68.69 33.10
CA ASP D 783 12.11 69.85 32.25
C ASP D 783 13.57 70.25 32.40
N PRO D 784 14.42 70.06 31.37
CA PRO D 784 15.85 70.40 31.53
C PRO D 784 16.10 71.86 31.88
N GLY D 785 15.15 72.77 31.64
CA GLY D 785 15.28 74.16 32.03
C GLY D 785 14.94 74.47 33.47
N ASN D 786 14.41 73.49 34.20
CA ASN D 786 13.99 73.67 35.58
C ASN D 786 15.14 73.30 36.51
N SER D 787 15.30 74.04 37.61
CA SER D 787 16.35 73.70 38.57
C SER D 787 16.09 72.34 39.22
N HIS D 788 14.81 71.93 39.31
CA HIS D 788 14.49 70.60 39.84
C HIS D 788 14.79 69.49 38.85
N TYR D 789 15.38 69.80 37.69
CA TYR D 789 15.84 68.76 36.79
C TYR D 789 17.06 68.04 37.33
N ARG D 790 17.90 68.73 38.11
CA ARG D 790 19.23 68.25 38.42
C ARG D 790 19.69 68.60 39.83
N ASP D 791 18.83 69.20 40.66
CA ASP D 791 19.24 69.62 41.99
C ASP D 791 19.37 68.47 42.97
N LEU D 792 18.80 67.29 42.69
CA LEU D 792 18.90 66.19 43.64
C LEU D 792 20.12 65.29 43.40
N ALA D 793 20.65 65.26 42.17
CA ALA D 793 21.82 64.41 41.90
C ALA D 793 23.02 64.67 42.82
N PRO D 794 23.42 65.91 43.12
CA PRO D 794 24.54 66.09 44.06
C PRO D 794 24.23 65.62 45.46
N ILE D 795 22.99 65.80 45.92
CA ILE D 795 22.59 65.23 47.21
C ILE D 795 22.69 63.72 47.16
N TRP D 796 22.07 63.12 46.13
CA TRP D 796 22.12 61.68 45.94
C TRP D 796 23.55 61.17 45.95
N ALA D 797 24.45 61.90 45.26
CA ALA D 797 25.83 61.45 45.07
C ALA D 797 26.64 61.48 46.36
N LYS D 798 26.27 62.33 47.32
CA LYS D 798 26.93 62.36 48.62
C LYS D 798 26.29 61.39 49.62
N GLY D 799 25.37 60.54 49.19
CA GLY D 799 24.69 59.66 50.12
C GLY D 799 23.84 60.38 51.15
N GLN D 800 23.35 61.57 50.81
CA GLN D 800 22.54 62.39 51.69
C GLN D 800 21.08 62.33 51.29
N THR D 801 20.24 62.95 52.09
CA THR D 801 18.79 62.90 51.89
C THR D 801 18.22 64.26 52.19
N PHE D 802 16.94 64.44 51.89
CA PHE D 802 16.17 65.58 52.34
C PHE D 802 14.88 65.09 53.02
N PRO D 803 14.22 65.95 53.79
CA PRO D 803 13.06 65.48 54.56
C PRO D 803 11.85 65.13 53.69
N LEU D 804 11.18 64.02 54.03
CA LEU D 804 9.90 63.65 53.41
C LEU D 804 8.78 64.30 54.24
N VAL D 805 8.57 65.60 54.00
CA VAL D 805 7.66 66.38 54.83
C VAL D 805 6.23 65.93 54.61
N TYR D 806 5.48 65.79 55.72
CA TYR D 806 4.18 65.13 55.66
C TYR D 806 3.05 65.95 56.29
N SER D 807 3.25 66.43 57.52
CA SER D 807 2.24 67.23 58.18
C SER D 807 2.05 68.56 57.45
N ARG D 808 0.85 69.13 57.60
CA ARG D 808 0.52 70.36 56.89
C ARG D 808 1.55 71.45 57.16
N LYS D 809 1.99 71.58 58.40
CA LYS D 809 2.89 72.68 58.71
C LYS D 809 4.30 72.38 58.19
N ALA D 810 4.74 71.13 58.28
CA ALA D 810 6.03 70.80 57.69
C ALA D 810 6.01 71.03 56.19
N VAL D 811 4.90 70.68 55.53
CA VAL D 811 4.79 70.93 54.09
C VAL D 811 4.76 72.43 53.80
N GLU D 812 4.07 73.21 54.63
CA GLU D 812 4.01 74.66 54.39
C GLU D 812 5.36 75.33 54.65
N ARG D 813 6.06 74.91 55.70
CA ARG D 813 7.37 75.51 55.98
C ARG D 813 8.35 75.30 54.83
N ALA D 814 8.25 74.16 54.14
CA ALA D 814 9.16 73.84 53.04
C ALA D 814 8.65 74.24 51.67
N ALA D 815 7.44 74.82 51.57
CA ALA D 815 6.85 75.10 50.26
C ALA D 815 7.61 76.20 49.54
N GLU D 816 7.77 76.03 48.24
CA GLU D 816 8.37 77.03 47.40
C GLU D 816 7.41 77.54 46.33
N LYS D 817 6.35 76.80 46.02
CA LYS D 817 5.41 77.20 44.97
C LYS D 817 4.03 76.63 45.27
N ARG D 818 2.99 77.43 45.00
CA ARG D 818 1.61 77.01 45.19
C ARG D 818 0.87 77.08 43.86
N ILE D 819 0.10 76.03 43.58
CA ILE D 819 -0.69 75.90 42.37
C ILE D 819 -2.13 75.69 42.77
N GLU D 820 -3.03 76.48 42.19
CA GLU D 820 -4.47 76.39 42.44
C GLU D 820 -5.15 75.87 41.19
N LEU D 821 -5.95 74.80 41.36
CA LEU D 821 -6.75 74.20 40.30
C LEU D 821 -8.22 74.53 40.57
N THR D 822 -8.89 75.11 39.58
CA THR D 822 -10.29 75.53 39.72
C THR D 822 -11.17 74.74 38.78
N PRO D 823 -12.19 74.03 39.26
CA PRO D 823 -13.07 73.29 38.34
C PRO D 823 -13.69 74.23 37.32
N ARG D 824 -13.95 73.71 36.12
CA ARG D 824 -14.57 74.52 35.09
C ARG D 824 -15.43 73.68 34.17
N PRO E 35 3.82 10.99 -49.50
CA PRO E 35 3.57 11.13 -50.94
C PRO E 35 2.56 10.08 -51.41
N THR E 36 1.47 10.50 -52.05
CA THR E 36 0.32 9.64 -52.28
C THR E 36 0.00 9.57 -53.78
N ASP E 37 -0.06 8.35 -54.32
CA ASP E 37 -0.57 8.11 -55.67
C ASP E 37 -2.00 7.60 -55.56
N ARG E 38 -2.85 8.01 -56.52
CA ARG E 38 -4.28 7.66 -56.50
C ARG E 38 -4.68 7.02 -57.82
N TYR E 39 -5.40 5.90 -57.73
CA TYR E 39 -5.84 5.16 -58.88
C TYR E 39 -7.32 4.80 -58.77
N ALA E 40 -7.97 4.72 -59.94
CA ALA E 40 -9.28 4.11 -60.02
C ALA E 40 -9.14 2.60 -59.87
N ALA E 41 -10.12 1.98 -59.20
CA ALA E 41 -10.09 0.55 -58.90
C ALA E 41 -11.45 -0.06 -59.25
N PRO E 42 -11.72 -0.30 -60.52
CA PRO E 42 -12.96 -0.99 -60.90
C PRO E 42 -13.00 -2.40 -60.32
N GLY E 43 -14.11 -2.75 -59.69
CA GLY E 43 -14.27 -4.04 -59.05
C GLY E 43 -13.95 -4.02 -57.57
N LEU E 44 -13.29 -2.97 -57.09
CA LEU E 44 -13.05 -2.81 -55.66
C LEU E 44 -14.34 -2.38 -54.98
N GLU E 45 -14.63 -3.01 -53.83
CA GLU E 45 -15.89 -2.78 -53.15
C GLU E 45 -15.84 -1.48 -52.34
N LYS E 46 -14.77 -1.29 -51.56
CA LYS E 46 -14.62 -0.13 -50.70
C LYS E 46 -13.24 0.49 -50.90
N PRO E 47 -13.05 1.76 -50.50
CA PRO E 47 -11.73 2.36 -50.59
C PRO E 47 -10.67 1.51 -49.89
N ALA E 48 -9.47 1.48 -50.48
CA ALA E 48 -8.34 0.75 -49.95
C ALA E 48 -7.10 1.64 -50.00
N SER E 49 -6.24 1.46 -48.99
CA SER E 49 -4.99 2.22 -48.88
C SER E 49 -3.82 1.27 -48.73
N ILE E 50 -2.67 1.64 -49.32
CA ILE E 50 -1.48 0.81 -49.24
C ILE E 50 -0.29 1.65 -48.76
N LEU E 51 0.37 1.21 -47.68
CA LEU E 51 1.58 1.85 -47.20
C LEU E 51 2.78 1.01 -47.60
N ILE E 52 3.62 1.55 -48.48
CA ILE E 52 4.85 0.88 -48.89
C ILE E 52 6.00 1.38 -48.02
N ASP E 53 6.64 0.46 -47.32
CA ASP E 53 7.67 0.91 -46.40
C ASP E 53 8.99 1.13 -47.13
N ARG E 54 10.00 1.53 -46.37
CA ARG E 54 11.25 1.96 -46.96
C ARG E 54 12.04 0.80 -47.53
N TRP E 55 11.63 -0.44 -47.27
CA TRP E 55 12.25 -1.59 -47.90
C TRP E 55 11.42 -2.13 -49.05
N GLY E 56 10.35 -1.43 -49.41
CA GLY E 56 9.54 -1.86 -50.52
C GLY E 56 8.48 -2.87 -50.15
N VAL E 57 8.25 -3.13 -48.88
CA VAL E 57 7.18 -4.06 -48.51
C VAL E 57 5.85 -3.32 -48.56
N PRO E 58 4.86 -3.80 -49.32
CA PRO E 58 3.54 -3.16 -49.33
C PRO E 58 2.67 -3.62 -48.17
N HIS E 59 2.02 -2.67 -47.52
CA HIS E 59 1.13 -2.96 -46.40
C HIS E 59 -0.28 -2.52 -46.77
N ILE E 60 -1.19 -3.48 -46.95
CA ILE E 60 -2.48 -3.24 -47.57
C ILE E 60 -3.57 -3.15 -46.50
N TYR E 61 -4.37 -2.07 -46.54
CA TYR E 61 -5.49 -1.89 -45.63
C TYR E 61 -6.76 -1.74 -46.45
N ALA E 62 -7.61 -2.75 -46.41
CA ALA E 62 -8.84 -2.77 -47.17
C ALA E 62 -10.03 -2.74 -46.22
N GLY E 63 -11.19 -2.40 -46.76
CA GLY E 63 -12.37 -2.29 -45.94
C GLY E 63 -13.23 -3.53 -45.91
N THR E 64 -13.01 -4.43 -46.87
CA THR E 64 -13.69 -5.71 -46.85
C THR E 64 -12.66 -6.80 -47.07
N LEU E 65 -13.04 -8.01 -46.68
CA LEU E 65 -12.17 -9.17 -46.77
C LEU E 65 -11.60 -9.36 -48.18
N TYR E 66 -12.46 -9.44 -49.19
CA TYR E 66 -11.97 -9.75 -50.53
C TYR E 66 -11.31 -8.56 -51.20
N ASP E 67 -11.58 -7.34 -50.73
CA ASP E 67 -10.88 -6.16 -51.25
C ASP E 67 -9.38 -6.24 -51.01
N ALA E 68 -8.95 -6.90 -49.92
CA ALA E 68 -7.54 -7.03 -49.62
C ALA E 68 -6.81 -7.81 -50.70
N PHE E 69 -7.46 -8.81 -51.30
CA PHE E 69 -6.82 -9.58 -52.36
C PHE E 69 -6.88 -8.82 -53.69
N TYR E 70 -7.91 -8.00 -53.88
CA TYR E 70 -7.91 -7.06 -55.00
C TYR E 70 -6.70 -6.13 -54.92
N ALA E 71 -6.50 -5.50 -53.76
CA ALA E 71 -5.37 -4.59 -53.63
C ALA E 71 -4.05 -5.33 -53.76
N GLN E 72 -3.97 -6.56 -53.25
CA GLN E 72 -2.73 -7.32 -53.42
C GLN E 72 -2.46 -7.61 -54.88
N GLY E 73 -3.49 -7.99 -55.65
CA GLY E 73 -3.29 -8.18 -57.07
C GLY E 73 -2.84 -6.91 -57.78
N PHE E 74 -3.49 -5.78 -57.48
CA PHE E 74 -3.10 -4.51 -58.06
C PHE E 74 -1.64 -4.20 -57.75
N ILE E 75 -1.26 -4.36 -56.47
CA ILE E 75 0.08 -4.02 -56.01
C ILE E 75 1.10 -5.02 -56.55
N ALA E 76 0.73 -6.30 -56.63
CA ALA E 76 1.62 -7.29 -57.23
C ALA E 76 1.92 -6.96 -58.69
N ALA E 77 0.89 -6.53 -59.44
CA ALA E 77 1.12 -6.12 -60.82
C ALA E 77 1.95 -4.85 -60.89
N ARG E 78 1.72 -3.91 -59.97
CA ARG E 78 2.49 -2.67 -59.97
C ARG E 78 3.99 -2.96 -59.86
N ASP E 79 4.36 -3.93 -59.03
CA ASP E 79 5.75 -4.26 -58.79
C ASP E 79 6.29 -5.34 -59.73
N ARG E 80 5.46 -6.30 -60.13
CA ARG E 80 5.99 -7.50 -60.78
C ARG E 80 5.17 -7.90 -62.00
N LEU E 81 4.53 -6.94 -62.66
CA LEU E 81 3.58 -7.27 -63.73
C LEU E 81 4.23 -8.13 -64.81
N TRP E 82 5.42 -7.74 -65.28
CA TRP E 82 6.06 -8.53 -66.35
C TRP E 82 6.34 -9.95 -65.88
N GLN E 83 6.87 -10.09 -64.66
CA GLN E 83 7.13 -11.41 -64.09
C GLN E 83 5.87 -12.26 -64.00
N ILE E 84 4.78 -11.70 -63.46
CA ILE E 84 3.58 -12.52 -63.26
C ILE E 84 2.88 -12.73 -64.59
N ASP E 85 2.94 -11.76 -65.49
CA ASP E 85 2.44 -12.01 -66.84
C ASP E 85 3.25 -13.12 -67.52
N LEU E 86 4.56 -13.16 -67.29
CA LEU E 86 5.39 -14.17 -67.95
C LEU E 86 5.06 -15.56 -67.41
N TRP E 87 4.90 -15.68 -66.10
CA TRP E 87 4.49 -16.95 -65.51
C TRP E 87 3.20 -17.44 -66.15
N ARG E 88 2.21 -16.56 -66.25
CA ARG E 88 0.91 -16.93 -66.82
C ARG E 88 1.03 -17.31 -68.29
N LYS E 89 1.79 -16.51 -69.05
CA LYS E 89 1.95 -16.75 -70.49
C LYS E 89 2.58 -18.11 -70.73
N ARG E 90 3.63 -18.43 -69.97
CA ARG E 90 4.26 -19.75 -70.05
C ARG E 90 3.30 -20.85 -69.61
N GLY E 91 2.55 -20.60 -68.52
CA GLY E 91 1.67 -21.65 -68.01
C GLY E 91 0.57 -22.03 -68.99
N LEU E 92 0.00 -21.05 -69.67
CA LEU E 92 -1.09 -21.31 -70.61
C LEU E 92 -0.60 -21.66 -72.02
N GLY E 93 0.70 -21.74 -72.23
CA GLY E 93 1.17 -22.05 -73.57
C GLY E 93 0.85 -20.94 -74.54
N GLU E 94 1.15 -19.69 -74.15
CA GLU E 94 0.95 -18.54 -75.02
C GLU E 94 2.26 -17.84 -75.36
N MET E 95 3.39 -18.54 -75.21
CA MET E 95 4.69 -17.95 -75.47
C MET E 95 4.89 -17.61 -76.94
N ALA E 96 4.53 -18.53 -77.85
CA ALA E 96 4.84 -18.37 -79.26
C ALA E 96 4.08 -17.21 -79.89
N ARG E 97 2.91 -16.89 -79.34
CA ARG E 97 2.12 -15.75 -79.79
C ARG E 97 2.96 -14.49 -79.91
N ASP E 98 3.94 -14.31 -79.01
CA ASP E 98 4.75 -13.11 -79.02
C ASP E 98 6.24 -13.35 -79.24
N PHE E 99 6.74 -14.57 -79.02
CA PHE E 99 8.17 -14.84 -79.15
C PHE E 99 8.52 -15.76 -80.32
N GLY E 100 7.52 -16.24 -81.07
CA GLY E 100 7.77 -16.90 -82.33
C GLY E 100 7.79 -18.42 -82.31
N PRO E 101 8.12 -18.99 -83.48
CA PRO E 101 7.94 -20.44 -83.67
C PRO E 101 8.88 -21.32 -82.85
N ALA E 102 9.99 -20.78 -82.33
CA ALA E 102 10.84 -21.61 -81.49
C ALA E 102 10.11 -22.08 -80.22
N TYR E 103 9.00 -21.43 -79.85
CA TYR E 103 8.30 -21.67 -78.60
C TYR E 103 7.02 -22.50 -78.79
N VAL E 104 6.77 -23.01 -79.99
CA VAL E 104 5.53 -23.73 -80.25
C VAL E 104 5.51 -25.03 -79.47
N ASP E 105 6.59 -25.80 -79.54
CA ASP E 105 6.65 -27.07 -78.83
C ASP E 105 6.43 -26.87 -77.34
N GLY E 106 7.01 -25.82 -76.76
CA GLY E 106 6.84 -25.56 -75.34
C GLY E 106 5.41 -25.21 -74.98
N ASP E 107 4.76 -24.40 -75.83
CA ASP E 107 3.35 -24.08 -75.61
C ASP E 107 2.48 -25.34 -75.64
N ARG E 108 2.74 -26.22 -76.60
CA ARG E 108 1.97 -27.45 -76.73
C ARG E 108 2.09 -28.31 -75.46
N MET E 109 3.34 -28.52 -75.00
CA MET E 109 3.57 -29.32 -73.81
C MET E 109 3.09 -28.63 -72.52
N ALA E 110 3.11 -27.29 -72.49
CA ALA E 110 2.57 -26.59 -71.33
C ALA E 110 1.09 -26.85 -71.17
N ARG E 111 0.34 -26.82 -72.29
CA ARG E 111 -1.08 -27.13 -72.23
C ARG E 111 -1.32 -28.60 -71.91
N ALA E 112 -0.36 -29.48 -72.22
CA ALA E 112 -0.50 -30.89 -71.86
C ALA E 112 -0.53 -31.09 -70.35
N VAL E 113 0.02 -30.15 -69.58
CA VAL E 113 0.10 -30.33 -68.14
C VAL E 113 -0.64 -29.21 -67.39
N LEU E 114 -1.62 -28.56 -68.03
CA LEU E 114 -2.58 -27.74 -67.31
C LEU E 114 -3.61 -28.64 -66.62
N TYR E 115 -4.20 -28.15 -65.53
CA TYR E 115 -5.26 -28.91 -64.87
C TYR E 115 -6.44 -29.07 -65.81
N ARG E 116 -6.91 -30.31 -65.96
N ARG E 116 -6.89 -30.32 -65.97
CA ARG E 116 -8.03 -30.58 -66.85
CA ARG E 116 -7.98 -30.68 -66.88
C ARG E 116 -9.07 -31.46 -66.16
C ARG E 116 -9.16 -31.34 -66.17
N GLY E 117 -9.16 -31.36 -64.84
CA GLY E 117 -10.14 -32.09 -64.08
C GLY E 117 -11.39 -31.28 -63.80
N ASP E 118 -12.18 -31.79 -62.87
CA ASP E 118 -13.42 -31.14 -62.44
C ASP E 118 -13.11 -29.80 -61.76
N MET E 119 -13.67 -28.71 -62.31
CA MET E 119 -13.40 -27.38 -61.75
C MET E 119 -14.24 -27.10 -60.52
N TYR E 120 -15.44 -27.66 -60.43
CA TYR E 120 -16.22 -27.53 -59.20
C TYR E 120 -15.42 -28.04 -58.01
N ARG E 121 -14.84 -29.24 -58.13
CA ARG E 121 -14.01 -29.76 -57.05
C ARG E 121 -12.75 -28.92 -56.86
N GLU E 122 -12.15 -28.46 -57.97
CA GLU E 122 -10.91 -27.70 -57.87
C GLU E 122 -11.05 -26.48 -56.97
N TRP E 123 -12.09 -25.67 -57.19
CA TRP E 123 -12.24 -24.47 -56.37
C TRP E 123 -12.39 -24.82 -54.90
N LEU E 124 -13.03 -25.95 -54.58
CA LEU E 124 -13.26 -26.31 -53.18
C LEU E 124 -12.08 -27.03 -52.54
N ALA E 125 -11.00 -27.30 -53.30
CA ALA E 125 -9.89 -28.08 -52.76
C ALA E 125 -9.03 -27.30 -51.76
N TYR E 126 -9.02 -25.97 -51.83
CA TYR E 126 -8.07 -25.16 -51.07
C TYR E 126 -8.68 -24.55 -49.83
N GLY E 127 -9.95 -24.83 -49.57
CA GLY E 127 -10.72 -24.16 -48.56
C GLY E 127 -12.06 -23.80 -49.14
N SER E 128 -12.83 -23.00 -48.43
CA SER E 128 -14.19 -22.81 -48.85
C SER E 128 -14.43 -21.55 -49.66
N ASP E 129 -13.49 -20.58 -49.68
CA ASP E 129 -13.71 -19.32 -50.42
C ASP E 129 -12.57 -19.00 -51.39
N ALA E 130 -11.89 -20.01 -51.92
CA ALA E 130 -10.77 -19.75 -52.82
C ALA E 130 -11.22 -19.05 -54.11
N LYS E 131 -12.42 -19.36 -54.60
CA LYS E 131 -12.85 -18.74 -55.86
C LYS E 131 -13.09 -17.24 -55.69
N ARG E 132 -13.75 -16.84 -54.59
CA ARG E 132 -13.86 -15.42 -54.33
C ARG E 132 -12.47 -14.78 -54.18
N VAL E 133 -11.54 -15.45 -53.49
CA VAL E 133 -10.19 -14.89 -53.34
C VAL E 133 -9.54 -14.70 -54.70
N ALA E 134 -9.55 -15.75 -55.53
CA ALA E 134 -8.90 -15.66 -56.83
C ALA E 134 -9.53 -14.55 -57.67
N GLU E 135 -10.86 -14.48 -57.66
CA GLU E 135 -11.54 -13.52 -58.51
C GLU E 135 -11.20 -12.11 -58.12
N ALA E 136 -11.17 -11.83 -56.81
CA ALA E 136 -10.77 -10.50 -56.35
C ALA E 136 -9.35 -10.18 -56.77
N PHE E 137 -8.45 -11.17 -56.61
CA PHE E 137 -7.04 -10.98 -56.94
C PHE E 137 -6.86 -10.61 -58.41
N VAL E 138 -7.49 -11.36 -59.32
CA VAL E 138 -7.26 -11.06 -60.73
C VAL E 138 -8.02 -9.80 -61.15
N ALA E 139 -9.12 -9.46 -60.47
CA ALA E 139 -9.74 -8.16 -60.73
C ALA E 139 -8.77 -7.03 -60.41
N GLY E 140 -7.98 -7.19 -59.35
CA GLY E 140 -6.95 -6.20 -59.06
C GLY E 140 -5.85 -6.18 -60.11
N VAL E 141 -5.34 -7.37 -60.47
CA VAL E 141 -4.35 -7.46 -61.55
C VAL E 141 -4.89 -6.84 -62.83
N ASN E 142 -6.13 -7.19 -63.20
CA ASN E 142 -6.72 -6.67 -64.43
C ASN E 142 -6.89 -5.15 -64.37
N ALA E 143 -7.22 -4.62 -63.20
CA ALA E 143 -7.27 -3.17 -63.04
C ALA E 143 -5.92 -2.53 -63.34
N TYR E 144 -4.82 -3.16 -62.92
CA TYR E 144 -3.52 -2.57 -63.24
C TYR E 144 -3.19 -2.71 -64.72
N VAL E 145 -3.59 -3.83 -65.33
CA VAL E 145 -3.36 -4.00 -66.76
C VAL E 145 -4.15 -2.97 -67.55
N ALA E 146 -5.41 -2.74 -67.19
CA ALA E 146 -6.19 -1.69 -67.84
C ALA E 146 -5.51 -0.33 -67.71
N LEU E 147 -4.89 -0.07 -66.55
CA LEU E 147 -4.17 1.19 -66.37
C LEU E 147 -3.00 1.29 -67.33
N THR E 148 -2.28 0.18 -67.56
CA THR E 148 -1.18 0.22 -68.53
C THR E 148 -1.70 0.39 -69.96
N GLU E 149 -2.93 -0.04 -70.24
CA GLU E 149 -3.52 0.21 -71.56
C GLU E 149 -3.91 1.69 -71.72
N ALA E 150 -4.36 2.32 -70.64
CA ALA E 150 -4.69 3.73 -70.68
C ALA E 150 -3.46 4.62 -70.61
N GLN E 151 -2.43 4.19 -69.89
CA GLN E 151 -1.20 4.95 -69.73
C GLN E 151 0.00 4.06 -70.03
N PRO E 152 0.30 3.82 -71.31
CA PRO E 152 1.39 2.90 -71.67
C PRO E 152 2.78 3.34 -71.20
N GLU E 153 2.94 4.56 -70.71
CA GLU E 153 4.22 4.94 -70.10
C GLU E 153 4.46 4.18 -68.79
N LEU E 154 3.42 3.58 -68.22
CA LEU E 154 3.54 2.75 -67.03
C LEU E 154 3.87 1.31 -67.37
N LEU E 155 3.93 0.97 -68.64
CA LEU E 155 4.23 -0.39 -69.09
C LEU E 155 5.67 -0.74 -68.73
N PRO E 156 5.90 -1.86 -68.03
CA PRO E 156 7.29 -2.24 -67.74
C PRO E 156 8.13 -2.38 -69.00
N ARG E 157 9.42 -2.09 -68.87
CA ARG E 157 10.28 -1.93 -70.03
C ARG E 157 10.52 -3.24 -70.80
N GLU E 158 10.29 -4.40 -70.19
CA GLU E 158 10.41 -5.66 -70.95
C GLU E 158 9.33 -5.75 -72.02
N PHE E 159 8.13 -5.25 -71.72
CA PHE E 159 7.07 -5.20 -72.72
C PHE E 159 7.46 -4.29 -73.88
N LYS E 160 8.02 -3.13 -73.57
CA LYS E 160 8.52 -2.25 -74.62
C LYS E 160 9.62 -2.96 -75.39
N GLN E 161 10.57 -3.55 -74.67
CA GLN E 161 11.67 -4.25 -75.31
C GLN E 161 11.20 -5.32 -76.28
N LEU E 162 10.25 -6.16 -75.87
CA LEU E 162 9.90 -7.33 -76.63
C LEU E 162 8.71 -7.13 -77.54
N GLY E 163 8.04 -5.99 -77.45
CA GLY E 163 6.99 -5.67 -78.40
C GLY E 163 5.69 -6.43 -78.20
N TYR E 164 5.23 -6.56 -76.96
CA TYR E 164 3.91 -7.08 -76.67
C TYR E 164 3.41 -6.40 -75.41
N LYS E 165 2.21 -6.78 -74.99
CA LYS E 165 1.47 -6.14 -73.92
C LYS E 165 1.05 -7.19 -72.90
N PRO E 166 0.87 -6.80 -71.64
CA PRO E 166 0.36 -7.77 -70.64
C PRO E 166 -1.06 -8.20 -70.97
N SER E 167 -1.40 -9.43 -70.56
CA SER E 167 -2.72 -9.99 -70.79
C SER E 167 -3.67 -9.70 -69.63
N ARG E 168 -4.95 -9.88 -69.92
CA ARG E 168 -5.96 -9.96 -68.89
C ARG E 168 -5.95 -11.37 -68.29
N TRP E 169 -6.31 -11.47 -67.01
CA TRP E 169 -6.33 -12.74 -66.28
C TRP E 169 -7.75 -13.22 -66.05
N ARG E 170 -7.91 -14.52 -65.88
CA ARG E 170 -9.14 -15.11 -65.36
C ARG E 170 -8.80 -15.80 -64.04
N ALA E 171 -9.78 -15.86 -63.12
CA ALA E 171 -9.52 -16.52 -61.84
C ALA E 171 -9.02 -17.95 -62.02
N GLU E 172 -9.55 -18.66 -63.02
CA GLU E 172 -9.18 -20.06 -63.21
C GLU E 172 -7.71 -20.24 -63.59
N ASP E 173 -7.06 -19.20 -64.15
CA ASP E 173 -5.64 -19.26 -64.42
C ASP E 173 -4.84 -19.52 -63.15
N ILE E 174 -5.31 -18.96 -62.03
CA ILE E 174 -4.59 -19.06 -60.75
C ILE E 174 -4.38 -20.53 -60.37
N VAL E 175 -5.38 -21.37 -60.63
CA VAL E 175 -5.34 -22.76 -60.17
C VAL E 175 -5.02 -23.78 -61.26
N ARG E 176 -5.19 -23.43 -62.54
CA ARG E 176 -4.95 -24.40 -63.58
C ARG E 176 -3.47 -24.57 -63.91
N ILE E 177 -2.65 -23.56 -63.60
CA ILE E 177 -1.23 -23.64 -63.89
C ILE E 177 -0.55 -24.40 -62.75
N ARG E 178 0.14 -25.49 -63.10
CA ARG E 178 0.63 -26.44 -62.11
C ARG E 178 2.13 -26.68 -62.20
N HIS E 179 2.69 -26.55 -63.41
CA HIS E 179 3.97 -27.16 -63.74
C HIS E 179 5.18 -26.46 -63.11
N HIS E 180 4.98 -25.32 -62.45
CA HIS E 180 6.06 -24.63 -61.75
C HIS E 180 6.29 -25.15 -60.34
N GLY E 181 5.46 -26.07 -59.88
CA GLY E 181 5.61 -26.62 -58.53
C GLY E 181 6.71 -27.67 -58.45
N LEU E 182 7.51 -27.56 -57.40
CA LEU E 182 8.57 -28.52 -57.13
C LEU E 182 7.99 -29.92 -56.94
N THR E 183 8.61 -30.91 -57.59
CA THR E 183 8.04 -32.25 -57.60
C THR E 183 9.14 -33.25 -57.94
N LEU E 184 8.79 -34.53 -57.82
CA LEU E 184 9.65 -35.68 -58.08
C LEU E 184 8.72 -36.87 -58.07
N ASN E 185 9.13 -38.01 -58.66
CA ASN E 185 10.49 -38.23 -59.16
C ASN E 185 10.55 -38.80 -60.58
N PHE E 186 9.83 -38.16 -61.50
CA PHE E 186 9.96 -38.55 -62.91
C PHE E 186 11.42 -38.63 -63.33
N THR E 187 12.21 -37.58 -63.03
CA THR E 187 13.59 -37.57 -63.51
C THR E 187 14.39 -38.72 -62.89
N GLY E 188 14.19 -38.97 -61.61
CA GLY E 188 14.87 -40.08 -60.96
C GLY E 188 14.48 -41.43 -61.53
N GLU E 189 13.19 -41.61 -61.85
CA GLU E 189 12.77 -42.86 -62.46
C GLU E 189 13.50 -43.11 -63.78
N VAL E 190 13.61 -42.07 -64.62
CA VAL E 190 14.29 -42.22 -65.90
C VAL E 190 15.77 -42.51 -65.71
N ASP E 191 16.42 -41.75 -64.82
CA ASP E 191 17.85 -41.97 -64.60
C ASP E 191 18.10 -43.36 -64.05
N ARG E 192 17.28 -43.81 -63.08
CA ARG E 192 17.53 -45.11 -62.48
C ARG E 192 17.31 -46.22 -63.50
N ALA E 193 16.25 -46.13 -64.29
CA ALA E 193 16.01 -47.12 -65.33
C ALA E 193 17.14 -47.11 -66.36
N THR E 194 17.62 -45.92 -66.76
CA THR E 194 18.72 -45.86 -67.71
C THR E 194 19.98 -46.48 -67.14
N LEU E 195 20.27 -46.21 -65.87
CA LEU E 195 21.42 -46.84 -65.23
C LEU E 195 21.24 -48.35 -65.14
N TYR E 196 20.05 -48.81 -64.75
CA TYR E 196 19.81 -50.25 -64.69
C TYR E 196 19.93 -50.91 -66.07
N CYS E 197 19.54 -50.22 -67.14
CA CYS E 197 19.70 -50.75 -68.49
C CYS E 197 21.16 -50.89 -68.87
N GLN E 198 21.94 -49.80 -68.73
CA GLN E 198 23.29 -49.78 -69.24
C GLN E 198 24.29 -50.45 -68.31
N ALA E 199 24.04 -50.43 -67.01
CA ALA E 199 25.03 -50.95 -66.07
C ALA E 199 24.83 -52.43 -65.74
N LYS E 200 23.73 -53.04 -66.17
CA LYS E 200 23.54 -54.48 -66.07
C LYS E 200 23.78 -55.06 -64.68
N GLU E 201 24.80 -55.92 -64.55
CA GLU E 201 25.01 -56.63 -63.29
C GLU E 201 25.45 -55.67 -62.19
N GLN E 202 26.10 -54.56 -62.54
CA GLN E 202 26.54 -53.58 -61.56
C GLN E 202 25.50 -52.49 -61.31
N ALA E 203 24.23 -52.71 -61.68
CA ALA E 203 23.23 -51.64 -61.59
C ALA E 203 23.01 -51.18 -60.16
N ALA E 204 22.74 -52.12 -59.25
CA ALA E 204 22.43 -51.74 -57.88
C ALA E 204 23.60 -50.99 -57.26
N ARG E 205 24.82 -51.42 -57.54
CA ARG E 205 25.97 -50.78 -56.92
C ARG E 205 26.21 -49.40 -57.53
N ALA E 206 26.02 -49.27 -58.84
CA ALA E 206 26.14 -47.96 -59.45
C ALA E 206 25.03 -47.03 -58.98
N ASP E 207 23.80 -47.55 -58.85
CA ASP E 207 22.71 -46.69 -58.37
C ASP E 207 22.90 -46.35 -56.90
N TRP E 208 23.60 -47.21 -56.16
CA TRP E 208 23.91 -46.92 -54.76
C TRP E 208 24.77 -45.67 -54.65
N LEU E 209 25.76 -45.53 -55.54
CA LEU E 209 26.56 -44.31 -55.60
C LEU E 209 25.79 -43.14 -56.21
N ARG E 210 24.86 -43.43 -57.13
CA ARG E 210 24.17 -42.35 -57.86
C ARG E 210 23.20 -41.59 -56.97
N ARG E 211 22.52 -42.27 -56.04
CA ARG E 211 21.43 -41.61 -55.34
C ARG E 211 21.24 -42.23 -53.96
N GLU E 212 21.39 -41.40 -52.93
CA GLU E 212 21.11 -41.84 -51.57
C GLU E 212 19.62 -42.03 -51.36
N LEU E 213 19.27 -43.13 -50.71
CA LEU E 213 17.91 -43.41 -50.30
C LEU E 213 17.84 -43.41 -48.78
N ASP E 214 16.74 -42.86 -48.25
CA ASP E 214 16.44 -42.85 -46.83
C ASP E 214 14.95 -43.07 -46.70
N PRO E 215 14.50 -44.20 -46.15
CA PRO E 215 15.34 -45.30 -45.67
C PRO E 215 16.09 -45.99 -46.81
N PRO E 216 17.29 -46.54 -46.51
CA PRO E 216 18.20 -47.04 -47.57
C PRO E 216 17.83 -48.43 -48.05
N ILE E 217 16.68 -48.52 -48.70
CA ILE E 217 16.17 -49.78 -49.22
C ILE E 217 16.90 -50.21 -50.49
N THR E 218 16.66 -51.44 -50.92
CA THR E 218 17.07 -51.88 -52.25
C THR E 218 15.92 -51.64 -53.22
N PRO E 219 16.07 -50.75 -54.21
CA PRO E 219 15.00 -50.57 -55.21
C PRO E 219 14.66 -51.90 -55.86
N THR E 220 13.38 -52.04 -56.22
CA THR E 220 12.83 -53.24 -56.85
C THR E 220 12.38 -52.86 -58.25
N LEU E 221 13.10 -53.34 -59.25
CA LEU E 221 12.71 -53.22 -60.64
C LEU E 221 11.37 -53.93 -60.82
N PRO E 222 10.30 -53.21 -61.18
CA PRO E 222 8.98 -53.82 -61.23
C PRO E 222 8.90 -54.93 -62.28
N GLU E 223 8.23 -56.01 -61.91
CA GLU E 223 8.00 -57.11 -62.84
C GLU E 223 7.17 -56.60 -64.00
N GLY E 224 7.64 -56.85 -65.21
CA GLY E 224 7.01 -56.37 -66.42
C GLY E 224 7.70 -55.18 -67.04
N LEU E 225 8.62 -54.55 -66.33
CA LEU E 225 9.32 -53.37 -66.83
C LEU E 225 10.66 -53.78 -67.46
N ASP E 226 10.88 -53.38 -68.72
CA ASP E 226 12.20 -53.42 -69.35
C ASP E 226 12.89 -52.07 -69.15
N PRO E 227 13.89 -51.99 -68.24
CA PRO E 227 14.61 -50.72 -68.01
C PRO E 227 15.19 -50.09 -69.26
N CYS E 228 15.48 -50.89 -70.29
CA CYS E 228 16.01 -50.34 -71.53
C CYS E 228 14.93 -49.69 -72.38
N ALA E 229 13.65 -49.95 -72.09
CA ALA E 229 12.53 -49.31 -72.77
C ALA E 229 12.16 -47.98 -72.11
N VAL E 230 13.16 -47.19 -71.74
CA VAL E 230 12.97 -45.87 -71.14
C VAL E 230 13.91 -44.91 -71.89
N PRO E 231 13.49 -44.30 -73.03
CA PRO E 231 14.42 -43.47 -73.81
C PRO E 231 14.65 -42.11 -73.16
N ALA E 232 15.79 -42.00 -72.48
CA ALA E 232 16.03 -40.91 -71.53
C ALA E 232 16.03 -39.55 -72.20
N ALA E 233 16.74 -39.42 -73.32
CA ALA E 233 16.85 -38.11 -73.96
C ALA E 233 15.48 -37.62 -74.41
N ALA E 234 14.71 -38.50 -75.06
CA ALA E 234 13.39 -38.09 -75.55
C ALA E 234 12.45 -37.76 -74.40
N LEU E 235 12.47 -38.57 -73.33
CA LEU E 235 11.55 -38.36 -72.22
C LEU E 235 11.88 -37.07 -71.48
N LYS E 236 13.17 -36.80 -71.24
CA LYS E 236 13.57 -35.56 -70.55
C LYS E 236 13.28 -34.34 -71.41
N LYS E 237 13.48 -34.44 -72.73
CA LYS E 237 13.19 -33.30 -73.59
C LYS E 237 11.72 -32.92 -73.53
N ALA E 238 10.83 -33.91 -73.57
CA ALA E 238 9.39 -33.62 -73.49
C ALA E 238 9.02 -33.12 -72.10
N TYR E 239 9.62 -33.71 -71.07
CA TYR E 239 9.32 -33.28 -69.71
C TYR E 239 9.74 -31.84 -69.49
N THR E 240 10.94 -31.48 -69.94
CA THR E 240 11.41 -30.09 -69.83
C THR E 240 10.50 -29.13 -70.57
N LEU E 241 10.13 -29.46 -71.82
CA LEU E 241 9.23 -28.59 -72.58
C LEU E 241 7.93 -28.34 -71.82
N ALA E 242 7.49 -29.33 -71.03
CA ALA E 242 6.24 -29.24 -70.29
C ALA E 242 6.36 -28.47 -69.00
N THR E 243 7.54 -28.47 -68.37
CA THR E 243 7.65 -27.98 -67.00
C THR E 243 8.64 -26.84 -66.77
N ALA E 244 9.65 -26.67 -67.61
CA ALA E 244 10.69 -25.68 -67.30
C ALA E 244 10.14 -24.26 -67.38
N ALA E 245 10.73 -23.36 -66.57
CA ALA E 245 10.33 -21.97 -66.62
C ALA E 245 10.63 -21.36 -68.00
N ALA E 246 9.94 -20.27 -68.31
CA ALA E 246 10.21 -19.53 -69.54
C ALA E 246 11.71 -19.29 -69.67
N ASN E 247 12.22 -19.49 -70.89
CA ASN E 247 13.65 -19.35 -71.13
C ASN E 247 13.89 -18.55 -72.40
N PHE E 248 14.95 -17.73 -72.38
CA PHE E 248 15.28 -16.86 -73.51
C PHE E 248 16.74 -17.06 -73.84
N PRO E 249 17.07 -18.15 -74.54
CA PRO E 249 18.45 -18.35 -74.97
C PRO E 249 18.71 -17.50 -76.21
N LYS E 250 19.99 -17.12 -76.38
CA LYS E 250 20.36 -16.23 -77.47
C LYS E 250 19.90 -16.74 -78.85
N GLU E 251 19.95 -18.07 -79.06
CA GLU E 251 19.72 -18.69 -80.38
C GLU E 251 18.39 -18.30 -81.04
N ALA E 252 17.38 -18.00 -80.24
CA ALA E 252 16.10 -17.58 -80.79
C ALA E 252 16.01 -16.06 -80.93
N TRP E 253 17.11 -15.37 -80.62
CA TRP E 253 17.20 -13.90 -80.65
C TRP E 253 18.54 -13.44 -81.23
N SER E 282 16.04 -25.89 -48.23
CA SER E 282 15.38 -24.98 -47.30
C SER E 282 15.65 -25.41 -45.89
N ASN E 283 15.73 -24.45 -44.97
CA ASN E 283 15.72 -24.72 -43.54
C ASN E 283 14.51 -24.05 -42.92
N ASN E 284 14.00 -24.66 -41.83
CA ASN E 284 13.18 -23.93 -40.89
C ASN E 284 13.40 -24.48 -39.49
N TRP E 285 12.97 -23.71 -38.50
CA TRP E 285 12.97 -24.21 -37.14
C TRP E 285 12.01 -23.39 -36.29
N VAL E 286 11.55 -24.02 -35.23
CA VAL E 286 10.72 -23.38 -34.23
C VAL E 286 11.27 -23.81 -32.88
N ILE E 287 11.40 -22.85 -31.97
CA ILE E 287 12.01 -23.07 -30.67
C ILE E 287 11.05 -22.57 -29.61
N ALA E 288 10.84 -23.39 -28.58
CA ALA E 288 9.86 -23.07 -27.54
C ALA E 288 10.34 -21.90 -26.68
N GLY E 289 9.37 -21.26 -26.01
CA GLY E 289 9.65 -20.10 -25.17
C GLY E 289 10.55 -20.40 -23.98
N SER E 290 10.52 -21.65 -23.49
CA SER E 290 11.43 -22.07 -22.43
C SER E 290 12.89 -22.08 -22.89
N ARG E 291 13.13 -22.02 -24.20
CA ARG E 291 14.47 -22.08 -24.77
C ARG E 291 14.86 -20.81 -25.54
N THR E 292 14.18 -19.68 -25.32
CA THR E 292 14.54 -18.45 -26.01
C THR E 292 14.82 -17.34 -25.01
N SER E 293 15.65 -16.38 -25.42
CA SER E 293 15.98 -15.20 -24.62
C SER E 293 14.78 -14.30 -24.42
N THR E 294 13.76 -14.39 -25.28
CA THR E 294 12.57 -13.55 -25.19
C THR E 294 11.52 -14.11 -24.24
N GLY E 295 11.57 -15.40 -23.94
CA GLY E 295 10.48 -16.06 -23.27
C GLY E 295 9.35 -16.46 -24.19
N ARG E 296 9.39 -16.05 -25.46
CA ARG E 296 8.38 -16.34 -26.47
C ARG E 296 8.95 -17.26 -27.57
N PRO E 297 8.10 -17.95 -28.33
CA PRO E 297 8.64 -18.81 -29.40
C PRO E 297 9.38 -18.00 -30.44
N ILE E 298 10.35 -18.65 -31.08
CA ILE E 298 11.04 -18.11 -32.23
C ILE E 298 10.82 -19.10 -33.38
N LEU E 299 10.43 -18.58 -34.54
CA LEU E 299 10.21 -19.37 -35.74
C LEU E 299 11.03 -18.78 -36.88
N ALA E 300 11.82 -19.62 -37.56
CA ALA E 300 12.69 -19.18 -38.64
C ALA E 300 12.43 -19.99 -39.91
N ASN E 301 12.66 -19.35 -41.06
CA ASN E 301 12.50 -20.03 -42.34
C ASN E 301 13.36 -19.34 -43.38
N ASP E 302 14.21 -20.11 -44.05
CA ASP E 302 14.89 -19.64 -45.26
C ASP E 302 14.74 -20.71 -46.33
N PRO E 303 13.70 -20.59 -47.16
CA PRO E 303 13.55 -21.48 -48.32
C PRO E 303 14.75 -21.38 -49.25
N HIS E 304 15.09 -22.47 -49.91
CA HIS E 304 16.21 -22.46 -50.86
C HIS E 304 15.67 -22.70 -52.26
N ARG E 305 15.73 -21.68 -53.10
CA ARG E 305 15.14 -21.74 -54.42
C ARG E 305 16.08 -21.05 -55.39
N ALA E 306 15.79 -21.18 -56.69
CA ALA E 306 16.56 -20.50 -57.72
C ALA E 306 16.61 -19.00 -57.42
N HIS E 307 17.77 -18.40 -57.63
CA HIS E 307 17.92 -16.97 -57.50
C HIS E 307 17.65 -16.30 -58.84
N GLY E 308 17.23 -15.04 -58.79
CA GLY E 308 16.95 -14.33 -60.03
C GLY E 308 16.54 -12.91 -59.74
N ALA E 309 16.52 -12.11 -60.81
CA ALA E 309 16.00 -10.76 -60.78
C ALA E 309 14.85 -10.68 -61.79
N PRO E 310 13.60 -10.41 -61.37
CA PRO E 310 13.20 -10.27 -59.97
C PRO E 310 13.16 -11.62 -59.24
N SER E 311 13.04 -11.53 -57.91
CA SER E 311 13.12 -12.70 -57.06
C SER E 311 11.89 -13.61 -57.22
N LEU E 312 12.07 -14.85 -56.77
CA LEU E 312 10.99 -15.83 -56.83
C LEU E 312 9.81 -15.43 -55.95
N ARG E 313 10.10 -14.93 -54.74
CA ARG E 313 9.05 -14.57 -53.80
C ARG E 313 9.03 -13.07 -53.53
N TYR E 314 7.92 -12.65 -52.95
CA TYR E 314 7.53 -11.26 -52.79
C TYR E 314 6.90 -11.15 -51.42
N VAL E 315 7.32 -10.15 -50.66
CA VAL E 315 6.81 -9.92 -49.31
C VAL E 315 5.65 -8.92 -49.38
N SER E 316 4.56 -9.21 -48.67
CA SER E 316 3.45 -8.25 -48.58
C SER E 316 2.71 -8.45 -47.27
N HIS E 317 1.74 -7.55 -47.00
CA HIS E 317 1.01 -7.48 -45.74
C HIS E 317 -0.44 -7.14 -46.02
N LEU E 318 -1.37 -8.00 -45.57
CA LEU E 318 -2.78 -7.92 -45.95
C LEU E 318 -3.65 -7.68 -44.72
N ASN E 319 -4.30 -6.51 -44.65
CA ASN E 319 -5.18 -6.18 -43.53
C ASN E 319 -6.58 -5.88 -44.03
N ALA E 320 -7.57 -6.51 -43.41
CA ALA E 320 -8.99 -6.36 -43.73
C ALA E 320 -9.80 -6.95 -42.58
N PRO E 321 -11.12 -6.82 -42.56
CA PRO E 321 -11.91 -7.58 -41.57
C PRO E 321 -11.60 -9.06 -41.60
N GLY E 322 -11.10 -9.58 -40.49
CA GLY E 322 -10.77 -11.00 -40.39
C GLY E 322 -9.47 -11.43 -41.04
N LEU E 323 -8.60 -10.50 -41.44
CA LEU E 323 -7.39 -10.82 -42.17
C LEU E 323 -6.28 -9.88 -41.71
N SER E 324 -5.16 -10.44 -41.26
N SER E 324 -5.16 -10.45 -41.26
CA SER E 324 -4.03 -9.64 -40.81
CA SER E 324 -4.04 -9.68 -40.76
C SER E 324 -2.74 -10.43 -41.02
C SER E 324 -2.73 -10.44 -41.02
N VAL E 325 -2.50 -10.82 -42.26
CA VAL E 325 -1.42 -11.75 -42.61
C VAL E 325 -0.29 -10.99 -43.30
N ILE E 326 0.94 -11.35 -42.92
CA ILE E 326 2.15 -10.74 -43.45
C ILE E 326 3.13 -11.87 -43.76
N GLY E 327 3.94 -11.68 -44.78
CA GLY E 327 4.89 -12.72 -45.12
C GLY E 327 5.21 -12.72 -46.61
N ALA E 328 5.43 -13.92 -47.14
CA ALA E 328 5.92 -14.04 -48.50
C ALA E 328 5.12 -15.08 -49.28
N GLY E 329 5.21 -14.95 -50.60
CA GLY E 329 4.74 -15.93 -51.57
C GLY E 329 5.23 -15.53 -52.94
N GLU E 330 4.97 -16.40 -53.91
CA GLU E 330 5.19 -16.04 -55.30
C GLU E 330 4.17 -14.96 -55.72
N PRO E 331 4.59 -13.97 -56.51
CA PRO E 331 3.75 -12.78 -56.69
C PRO E 331 2.50 -13.01 -57.50
N PHE E 332 2.41 -14.10 -58.27
CA PHE E 332 1.19 -14.37 -59.02
C PHE E 332 0.14 -15.08 -58.17
N LEU E 333 0.45 -15.44 -56.94
CA LEU E 333 -0.51 -16.22 -56.16
C LEU E 333 -1.19 -15.36 -55.11
N PRO E 334 -2.52 -15.43 -54.99
CA PRO E 334 -3.20 -14.68 -53.93
C PRO E 334 -2.79 -15.17 -52.55
N GLY E 335 -2.73 -14.24 -51.60
CA GLY E 335 -2.48 -14.61 -50.22
C GLY E 335 -1.01 -14.60 -49.84
N ILE E 336 -0.76 -15.20 -48.68
CA ILE E 336 0.55 -15.38 -48.07
C ILE E 336 0.69 -16.85 -47.66
N SER E 337 1.83 -17.46 -47.97
CA SER E 337 2.01 -18.87 -47.60
C SER E 337 3.10 -19.13 -46.57
N ILE E 338 3.97 -18.15 -46.30
CA ILE E 338 5.02 -18.19 -45.28
C ILE E 338 4.96 -16.87 -44.51
N GLY E 339 4.87 -16.93 -43.19
CA GLY E 339 4.86 -15.71 -42.35
C GLY E 339 4.04 -15.91 -41.08
N HIS E 340 3.21 -14.90 -40.75
CA HIS E 340 2.34 -14.99 -39.59
C HIS E 340 1.11 -14.11 -39.79
N ASN E 341 0.10 -14.33 -38.95
CA ASN E 341 -1.12 -13.51 -39.01
C ASN E 341 -1.42 -12.82 -37.67
N GLY E 342 -0.41 -12.59 -36.84
CA GLY E 342 -0.61 -11.96 -35.56
C GLY E 342 -1.06 -12.88 -34.46
N THR E 343 -1.41 -14.12 -34.78
CA THR E 343 -1.65 -15.17 -33.82
C THR E 343 -0.77 -16.38 -34.04
N ILE E 344 -0.76 -16.95 -35.25
CA ILE E 344 0.06 -18.12 -35.55
C ILE E 344 1.15 -17.73 -36.54
N ALA E 345 2.19 -18.54 -36.61
CA ALA E 345 3.30 -18.33 -37.55
C ALA E 345 3.63 -19.65 -38.23
N PHE E 346 4.12 -19.57 -39.46
CA PHE E 346 4.37 -20.78 -40.24
C PHE E 346 5.49 -20.56 -41.23
N GLY E 347 6.29 -21.61 -41.44
CA GLY E 347 7.31 -21.64 -42.49
C GLY E 347 7.48 -23.07 -42.96
N LEU E 348 8.14 -23.24 -44.11
CA LEU E 348 8.11 -24.53 -44.78
C LEU E 348 9.45 -24.94 -45.36
N THR E 349 9.65 -26.26 -45.50
CA THR E 349 10.75 -26.84 -46.26
C THR E 349 10.18 -28.04 -47.02
N ARG E 350 10.79 -28.37 -48.16
CA ARG E 350 10.25 -29.45 -48.98
C ARG E 350 10.26 -30.76 -48.21
N PHE E 351 9.18 -31.52 -48.39
CA PHE E 351 9.01 -32.86 -47.84
C PHE E 351 8.65 -33.75 -49.02
N TYR E 352 9.44 -34.79 -49.27
CA TYR E 352 9.46 -35.37 -50.62
C TYR E 352 8.57 -36.60 -50.75
N MET E 353 7.25 -36.39 -50.67
CA MET E 353 6.38 -37.49 -51.08
C MET E 353 6.47 -37.65 -52.60
N ASP E 354 6.51 -38.89 -53.04
CA ASP E 354 6.73 -39.21 -54.45
C ASP E 354 5.44 -38.97 -55.23
N GLN E 355 5.44 -37.93 -56.07
CA GLN E 355 4.22 -37.48 -56.73
C GLN E 355 4.28 -37.61 -58.24
N GLU E 356 5.21 -38.37 -58.78
CA GLU E 356 5.29 -38.62 -60.22
C GLU E 356 5.73 -40.03 -60.45
N ASP E 357 5.00 -40.74 -61.33
CA ASP E 357 5.40 -42.04 -61.85
C ASP E 357 5.38 -41.97 -63.36
N LEU E 358 6.36 -42.60 -63.98
CA LEU E 358 6.38 -42.78 -65.42
C LEU E 358 5.71 -44.10 -65.76
N TYR E 359 4.73 -44.05 -66.67
CA TYR E 359 3.97 -45.22 -67.11
C TYR E 359 4.37 -45.62 -68.52
N VAL E 360 4.63 -46.91 -68.72
CA VAL E 360 5.14 -47.43 -69.98
C VAL E 360 4.10 -48.37 -70.56
N TYR E 361 3.76 -48.17 -71.83
CA TYR E 361 2.66 -48.87 -72.46
C TYR E 361 3.13 -49.62 -73.69
N GLU E 362 2.41 -50.69 -74.00
CA GLU E 362 2.51 -51.35 -75.29
C GLU E 362 1.37 -50.81 -76.13
N THR E 363 1.65 -50.45 -77.37
CA THR E 363 0.62 -49.90 -78.22
C THR E 363 0.25 -50.91 -79.31
N ASP E 364 -0.99 -50.81 -79.76
CA ASP E 364 -1.48 -51.70 -80.82
C ASP E 364 -0.74 -51.43 -82.13
N PRO E 365 -0.09 -52.43 -82.75
CA PRO E 365 0.56 -52.19 -84.05
C PRO E 365 -0.42 -51.77 -85.14
N ALA E 366 -1.68 -52.19 -85.04
CA ALA E 366 -2.66 -51.78 -86.04
C ALA E 366 -3.26 -50.42 -85.75
N GLN E 367 -3.09 -49.92 -84.53
CA GLN E 367 -3.65 -48.64 -84.13
C GLN E 367 -2.76 -48.10 -83.01
N PRO E 368 -1.69 -47.37 -83.38
CA PRO E 368 -0.68 -46.96 -82.39
C PRO E 368 -1.17 -46.01 -81.30
N LYS E 369 -2.34 -45.39 -81.46
CA LYS E 369 -2.98 -44.55 -80.45
C LYS E 369 -3.81 -45.36 -79.47
N SER E 370 -3.65 -46.67 -79.45
CA SER E 370 -4.33 -47.52 -78.49
C SER E 370 -3.28 -48.29 -77.71
N TYR E 371 -3.47 -48.36 -76.41
CA TYR E 371 -2.50 -49.01 -75.54
C TYR E 371 -3.18 -50.16 -74.80
N ARG E 372 -2.38 -51.14 -74.43
CA ARG E 372 -2.89 -52.28 -73.70
C ARG E 372 -3.22 -51.89 -72.27
N TYR E 373 -4.47 -52.10 -71.87
CA TYR E 373 -4.92 -51.83 -70.50
C TYR E 373 -5.94 -52.90 -70.13
N ARG E 374 -5.57 -53.74 -69.17
CA ARG E 374 -6.39 -54.83 -68.65
C ARG E 374 -6.95 -55.70 -69.78
N GLY E 375 -6.04 -56.13 -70.66
CA GLY E 375 -6.31 -57.06 -71.73
C GLY E 375 -7.00 -56.51 -72.96
N ARG E 376 -7.30 -55.22 -73.01
CA ARG E 376 -7.97 -54.63 -74.16
C ARG E 376 -7.08 -53.56 -74.78
N TRP E 377 -7.36 -53.20 -76.02
CA TRP E 377 -6.75 -52.04 -76.65
C TRP E 377 -7.60 -50.83 -76.29
N GLU E 378 -7.03 -49.91 -75.54
CA GLU E 378 -7.71 -48.71 -75.06
C GLU E 378 -7.21 -47.50 -75.83
N PRO E 379 -8.11 -46.70 -76.43
CA PRO E 379 -7.62 -45.57 -77.23
C PRO E 379 -7.23 -44.43 -76.31
N MET E 380 -6.15 -43.77 -76.67
CA MET E 380 -5.76 -42.53 -76.01
C MET E 380 -6.86 -41.50 -76.20
N GLU E 381 -6.96 -40.58 -75.26
CA GLU E 381 -7.74 -39.37 -75.44
C GLU E 381 -6.86 -38.38 -76.19
N THR E 382 -7.37 -37.84 -77.30
CA THR E 382 -6.63 -36.88 -78.11
C THR E 382 -7.41 -35.57 -78.16
N ILE E 383 -6.77 -34.47 -77.79
CA ILE E 383 -7.36 -33.15 -77.89
C ILE E 383 -6.58 -32.34 -78.93
N THR E 384 -7.25 -31.29 -79.42
CA THR E 384 -6.72 -30.39 -80.43
C THR E 384 -6.53 -29.01 -79.83
N GLU E 385 -5.38 -28.39 -80.08
CA GLU E 385 -5.10 -27.07 -79.55
C GLU E 385 -4.69 -26.10 -80.66
N LYS E 386 -5.05 -24.83 -80.48
CA LYS E 386 -4.71 -23.76 -81.40
C LYS E 386 -3.62 -22.90 -80.77
N ILE E 387 -2.46 -22.81 -81.43
CA ILE E 387 -1.31 -22.09 -80.90
C ILE E 387 -1.02 -20.91 -81.83
N THR E 388 -1.20 -19.70 -81.33
CA THR E 388 -0.86 -18.51 -82.11
C THR E 388 0.65 -18.32 -82.11
N VAL E 389 1.20 -17.96 -83.28
CA VAL E 389 2.63 -17.78 -83.47
C VAL E 389 2.85 -16.41 -84.08
N ARG E 390 3.73 -15.61 -83.45
CA ARG E 390 4.08 -14.32 -84.00
C ARG E 390 4.60 -14.51 -85.41
N GLY E 391 4.04 -13.74 -86.34
CA GLY E 391 4.44 -13.78 -87.73
C GLY E 391 3.70 -14.77 -88.59
N GLU E 392 2.70 -15.47 -88.05
CA GLU E 392 1.85 -16.38 -88.79
C GLU E 392 0.41 -15.94 -88.64
N ALA E 393 -0.32 -15.88 -89.77
CA ALA E 393 -1.66 -15.33 -89.77
C ALA E 393 -2.67 -16.27 -89.13
N GLU E 394 -2.49 -17.57 -89.30
CA GLU E 394 -3.38 -18.56 -88.71
C GLU E 394 -2.69 -19.27 -87.56
N PRO E 395 -3.39 -19.54 -86.46
CA PRO E 395 -2.79 -20.37 -85.41
C PRO E 395 -2.50 -21.75 -85.93
N ARG E 396 -1.39 -22.34 -85.47
CA ARG E 396 -1.15 -23.75 -85.77
C ARG E 396 -2.16 -24.61 -85.04
N THR E 397 -2.58 -25.69 -85.70
CA THR E 397 -3.39 -26.72 -85.09
C THR E 397 -2.45 -27.85 -84.68
N VAL E 398 -2.40 -28.14 -83.38
CA VAL E 398 -1.61 -29.23 -82.84
C VAL E 398 -2.52 -30.12 -82.01
N THR E 399 -2.05 -31.34 -81.75
CA THR E 399 -2.79 -32.29 -80.93
C THR E 399 -1.98 -32.74 -79.72
N ILE E 400 -2.68 -33.15 -78.67
CA ILE E 400 -2.08 -33.69 -77.45
C ILE E 400 -2.78 -35.01 -77.13
N ASP E 401 -2.00 -36.07 -76.88
CA ASP E 401 -2.57 -37.36 -76.50
C ASP E 401 -2.49 -37.57 -74.99
N PHE E 402 -3.51 -38.22 -74.42
CA PHE E 402 -3.54 -38.59 -73.02
C PHE E 402 -3.90 -40.06 -72.89
N THR E 403 -3.28 -40.75 -71.92
CA THR E 403 -3.80 -42.05 -71.46
C THR E 403 -4.76 -41.80 -70.30
N ARG E 404 -5.35 -42.87 -69.76
CA ARG E 404 -6.18 -42.69 -68.57
C ARG E 404 -5.35 -42.22 -67.38
N HIS E 405 -4.03 -42.31 -67.45
CA HIS E 405 -3.14 -41.97 -66.35
C HIS E 405 -2.52 -40.58 -66.47
N GLY E 406 -2.50 -40.00 -67.66
CA GLY E 406 -1.91 -38.69 -67.83
C GLY E 406 -1.43 -38.44 -69.25
N PRO E 407 -0.81 -37.29 -69.46
CA PRO E 407 -0.39 -36.90 -70.81
C PRO E 407 0.71 -37.81 -71.33
N VAL E 408 0.65 -38.07 -72.63
CA VAL E 408 1.68 -38.86 -73.32
C VAL E 408 2.90 -37.98 -73.56
N LEU E 409 4.05 -38.39 -73.03
CA LEU E 409 5.26 -37.61 -73.28
C LEU E 409 5.93 -38.00 -74.59
N HIS E 410 5.85 -39.27 -74.97
CA HIS E 410 6.64 -39.77 -76.09
C HIS E 410 6.07 -41.11 -76.52
N ALA E 411 6.15 -41.39 -77.82
CA ALA E 411 5.74 -42.68 -78.32
C ALA E 411 6.72 -43.10 -79.42
N ASP E 412 7.00 -44.39 -79.49
CA ASP E 412 7.87 -44.94 -80.53
C ASP E 412 7.12 -46.13 -81.14
N ASP E 413 6.56 -45.90 -82.32
CA ASP E 413 5.73 -46.90 -82.97
C ASP E 413 6.53 -48.05 -83.54
N ALA E 414 7.84 -47.86 -83.74
CA ALA E 414 8.69 -48.98 -84.17
C ALA E 414 8.67 -50.09 -83.14
N SER E 415 8.87 -49.76 -81.86
CA SER E 415 8.78 -50.77 -80.81
C SER E 415 7.38 -50.88 -80.21
N HIS E 416 6.40 -50.13 -80.73
CA HIS E 416 5.02 -50.16 -80.24
C HIS E 416 4.97 -49.85 -78.74
N ARG E 417 5.59 -48.75 -78.36
CA ARG E 417 5.60 -48.32 -76.97
C ARG E 417 5.19 -46.86 -76.90
N ALA E 418 4.57 -46.47 -75.79
CA ALA E 418 4.30 -45.08 -75.48
C ALA E 418 4.56 -44.86 -74.00
N TRP E 419 4.83 -43.62 -73.62
CA TRP E 419 5.19 -43.27 -72.26
C TRP E 419 4.37 -42.09 -71.82
N ALA E 420 3.76 -42.19 -70.64
CA ALA E 420 2.95 -41.11 -70.09
C ALA E 420 3.39 -40.78 -68.66
N LEU E 421 3.24 -39.52 -68.30
CA LEU E 421 3.53 -39.06 -66.96
C LEU E 421 2.28 -39.18 -66.11
N ARG E 422 2.34 -40.00 -65.07
CA ARG E 422 1.28 -40.03 -64.07
C ARG E 422 1.70 -39.06 -62.95
N ALA E 423 1.19 -37.84 -63.00
CA ALA E 423 1.62 -36.76 -62.14
C ALA E 423 0.52 -36.46 -61.15
N ALA E 424 0.79 -36.62 -59.86
CA ALA E 424 -0.21 -36.22 -58.88
C ALA E 424 -0.54 -34.75 -59.01
N TRP E 425 0.41 -33.94 -59.50
CA TRP E 425 0.19 -32.50 -59.57
C TRP E 425 -0.72 -32.09 -60.72
N LEU E 426 -1.20 -33.05 -61.52
CA LEU E 426 -2.30 -32.83 -62.46
C LEU E 426 -3.67 -33.12 -61.86
N ASP E 427 -3.72 -33.66 -60.64
CA ASP E 427 -4.99 -33.94 -59.98
C ASP E 427 -5.53 -32.71 -59.25
N THR E 428 -6.74 -32.83 -58.72
CA THR E 428 -7.43 -31.76 -58.02
C THR E 428 -6.60 -31.30 -56.82
N GLY E 429 -6.51 -29.99 -56.62
CA GLY E 429 -5.95 -29.44 -55.41
C GLY E 429 -4.45 -29.20 -55.40
N MET E 430 -3.80 -29.20 -56.57
CA MET E 430 -2.34 -29.19 -56.62
C MET E 430 -1.75 -27.89 -57.17
N ALA E 431 -2.50 -26.80 -57.20
CA ALA E 431 -1.88 -25.49 -57.46
C ALA E 431 -0.88 -25.21 -56.34
N PRO E 432 0.40 -24.98 -56.66
CA PRO E 432 1.42 -24.88 -55.60
C PRO E 432 1.09 -23.79 -54.58
N TYR E 433 1.20 -24.16 -53.30
CA TYR E 433 1.10 -23.32 -52.11
C TYR E 433 -0.30 -22.77 -51.87
N PHE E 434 -1.27 -23.00 -52.76
CA PHE E 434 -2.57 -22.36 -52.63
C PHE E 434 -3.39 -22.95 -51.47
N GLY E 435 -2.96 -24.07 -50.90
CA GLY E 435 -3.57 -24.54 -49.66
C GLY E 435 -3.47 -23.57 -48.50
N SER E 436 -2.57 -22.58 -48.58
CA SER E 436 -2.51 -21.52 -47.58
C SER E 436 -3.80 -20.70 -47.52
N MET E 437 -4.67 -20.81 -48.51
CA MET E 437 -6.02 -20.26 -48.40
C MET E 437 -6.67 -20.66 -47.09
N ASP E 438 -6.43 -21.88 -46.64
CA ASP E 438 -7.13 -22.37 -45.47
C ASP E 438 -6.36 -22.09 -44.17
N TYR E 439 -5.14 -21.53 -44.21
CA TYR E 439 -4.48 -21.21 -42.95
C TYR E 439 -4.04 -19.76 -42.77
N MET E 440 -4.19 -18.90 -43.79
CA MET E 440 -3.93 -17.49 -43.58
C MET E 440 -4.69 -16.93 -42.40
N ARG E 441 -5.86 -17.49 -42.09
CA ARG E 441 -6.76 -17.02 -41.04
C ARG E 441 -6.87 -17.99 -39.87
N ALA E 442 -6.04 -19.03 -39.81
CA ALA E 442 -6.11 -19.94 -38.68
C ALA E 442 -5.53 -19.27 -37.44
N THR E 443 -6.14 -19.55 -36.29
CA THR E 443 -5.75 -18.93 -35.03
C THR E 443 -5.29 -19.94 -33.99
N ASN E 444 -5.21 -21.24 -34.31
CA ASN E 444 -4.75 -22.23 -33.36
C ASN E 444 -4.33 -23.50 -34.08
N TRP E 445 -3.84 -24.48 -33.31
CA TRP E 445 -3.26 -25.70 -33.87
C TRP E 445 -4.31 -26.60 -34.50
N ASP E 446 -5.50 -26.72 -33.91
CA ASP E 446 -6.52 -27.55 -34.53
C ASP E 446 -6.84 -27.04 -35.93
N GLN E 447 -6.98 -25.73 -36.07
CA GLN E 447 -7.28 -25.15 -37.38
C GLN E 447 -6.09 -25.27 -38.33
N PHE E 448 -4.86 -25.05 -37.84
CA PHE E 448 -3.70 -25.18 -38.71
C PHE E 448 -3.51 -26.63 -39.14
N ARG E 449 -3.59 -27.56 -38.19
CA ARG E 449 -3.54 -28.97 -38.54
C ARG E 449 -4.66 -29.33 -39.51
N ALA E 450 -5.84 -28.73 -39.36
CA ALA E 450 -6.93 -29.03 -40.28
C ALA E 450 -6.60 -28.54 -41.68
N ALA E 451 -6.08 -27.31 -41.78
CA ALA E 451 -5.72 -26.78 -43.09
C ALA E 451 -4.72 -27.67 -43.82
N MET E 452 -3.75 -28.22 -43.08
CA MET E 452 -2.77 -29.09 -43.72
C MET E 452 -3.36 -30.42 -44.19
N ASN E 453 -4.54 -30.81 -43.69
CA ASN E 453 -5.22 -31.99 -44.22
C ASN E 453 -5.43 -31.88 -45.73
N ARG E 454 -5.67 -30.68 -46.23
CA ARG E 454 -5.95 -30.50 -47.65
C ARG E 454 -4.76 -29.87 -48.38
N TRP E 455 -3.60 -29.79 -47.77
CA TRP E 455 -2.43 -29.22 -48.45
C TRP E 455 -2.01 -30.13 -49.59
N GLY E 456 -1.93 -29.57 -50.79
CA GLY E 456 -1.67 -30.40 -51.95
C GLY E 456 -0.23 -30.46 -52.41
N ALA E 457 0.30 -29.32 -52.87
CA ALA E 457 1.60 -29.21 -53.49
C ALA E 457 2.25 -27.88 -53.12
N PRO E 458 3.59 -27.85 -53.03
CA PRO E 458 4.47 -29.02 -53.04
C PRO E 458 4.38 -29.77 -51.72
N GLY E 459 4.99 -30.96 -51.63
CA GLY E 459 5.17 -31.58 -50.34
C GLY E 459 5.97 -30.65 -49.45
N GLU E 460 5.52 -30.39 -48.23
CA GLU E 460 6.20 -29.41 -47.38
C GLU E 460 6.19 -29.82 -45.92
N ASN E 461 7.32 -29.61 -45.24
CA ASN E 461 7.33 -29.51 -43.79
C ASN E 461 6.79 -28.14 -43.38
N GLN E 462 5.73 -28.11 -42.58
CA GLN E 462 5.32 -26.85 -41.97
C GLN E 462 5.83 -26.83 -40.55
N VAL E 463 6.48 -25.76 -40.16
CA VAL E 463 6.69 -25.48 -38.76
C VAL E 463 5.66 -24.44 -38.34
N TYR E 464 5.22 -24.54 -37.08
CA TYR E 464 4.12 -23.76 -36.53
C TYR E 464 4.57 -23.16 -35.21
N ALA E 465 4.07 -21.96 -34.91
CA ALA E 465 4.17 -21.37 -33.56
C ALA E 465 2.98 -20.45 -33.37
N ASP E 466 2.60 -20.20 -32.12
CA ASP E 466 1.58 -19.19 -31.87
C ASP E 466 1.94 -18.35 -30.64
N ARG E 467 1.26 -17.22 -30.49
CA ARG E 467 1.55 -16.27 -29.44
C ARG E 467 1.18 -16.80 -28.07
N ASN E 468 0.48 -17.93 -28.00
CA ASN E 468 0.20 -18.63 -26.75
C ASN E 468 1.32 -19.57 -26.35
N GLY E 469 2.42 -19.60 -27.09
CA GLY E 469 3.60 -20.36 -26.71
C GLY E 469 3.69 -21.76 -27.30
N ASN E 470 2.73 -22.17 -28.12
CA ASN E 470 2.79 -23.49 -28.74
C ASN E 470 3.74 -23.48 -29.92
N ILE E 471 4.38 -24.64 -30.15
CA ILE E 471 5.18 -24.88 -31.35
C ILE E 471 4.78 -26.23 -31.92
N GLY E 472 4.94 -26.40 -33.22
CA GLY E 472 4.57 -27.68 -33.79
C GLY E 472 5.18 -27.82 -35.17
N TRP E 473 5.03 -29.03 -35.72
CA TRP E 473 5.53 -29.41 -37.04
C TRP E 473 4.55 -30.36 -37.71
N ILE E 474 4.30 -30.15 -38.99
CA ILE E 474 3.37 -31.03 -39.69
C ILE E 474 3.75 -31.12 -41.16
N PRO E 475 4.09 -32.30 -41.67
CA PRO E 475 4.27 -32.47 -43.10
C PRO E 475 2.93 -32.65 -43.79
N GLY E 476 2.86 -32.20 -45.04
CA GLY E 476 1.63 -32.34 -45.81
C GLY E 476 1.91 -32.37 -47.29
N GLY E 477 0.93 -32.84 -48.03
CA GLY E 477 1.04 -32.98 -49.48
C GLY E 477 0.26 -34.18 -49.93
N LEU E 478 -0.20 -34.13 -51.17
CA LEU E 478 -0.94 -35.25 -51.72
C LEU E 478 -0.04 -36.49 -51.74
N THR E 479 -0.41 -37.53 -51.00
CA THR E 479 0.48 -38.67 -50.78
C THR E 479 -0.14 -39.92 -51.41
N VAL E 480 0.53 -40.40 -52.45
CA VAL E 480 0.10 -41.51 -53.30
C VAL E 480 0.29 -42.85 -52.57
N ILE E 481 -0.65 -43.79 -52.75
CA ILE E 481 -0.51 -45.14 -52.23
C ILE E 481 -0.20 -46.08 -53.39
N ARG E 482 0.98 -46.71 -53.35
CA ARG E 482 1.38 -47.70 -54.34
C ARG E 482 1.42 -49.05 -53.63
N PRO E 483 0.44 -49.93 -53.82
CA PRO E 483 0.43 -51.18 -53.05
C PRO E 483 1.58 -52.10 -53.39
N ASN E 484 2.06 -52.08 -54.62
CA ASN E 484 2.94 -53.16 -55.05
C ASN E 484 4.13 -52.64 -55.86
N TRP E 485 4.54 -51.40 -55.62
CA TRP E 485 5.84 -50.95 -56.12
C TRP E 485 6.30 -49.75 -55.31
N ASP E 486 7.61 -49.50 -55.37
CA ASP E 486 8.24 -48.50 -54.49
C ASP E 486 8.37 -47.13 -55.15
N GLY E 487 7.89 -46.97 -56.38
CA GLY E 487 7.90 -45.70 -57.07
C GLY E 487 9.26 -45.20 -57.51
N LEU E 488 10.31 -46.03 -57.41
CA LEU E 488 11.66 -45.66 -57.77
C LEU E 488 12.04 -46.03 -59.20
N PHE E 489 11.18 -46.77 -59.89
CA PHE E 489 11.30 -47.13 -61.31
C PHE E 489 10.02 -46.79 -62.05
N PRO E 490 10.08 -46.63 -63.37
CA PRO E 490 8.83 -46.63 -64.15
C PRO E 490 8.14 -47.98 -64.02
N VAL E 491 6.82 -47.99 -64.23
CA VAL E 491 6.06 -49.23 -64.18
C VAL E 491 5.36 -49.39 -65.53
N PRO E 492 5.08 -50.62 -65.96
CA PRO E 492 4.20 -50.79 -67.12
C PRO E 492 2.80 -50.30 -66.80
N GLY E 493 2.18 -49.65 -67.78
CA GLY E 493 0.91 -49.00 -67.54
C GLY E 493 -0.36 -49.77 -67.88
N ASP E 494 -0.30 -51.10 -67.93
CA ASP E 494 -1.44 -51.91 -68.37
C ASP E 494 -2.43 -52.24 -67.25
N GLY E 495 -2.27 -51.64 -66.07
CA GLY E 495 -3.17 -51.87 -64.95
C GLY E 495 -2.60 -52.72 -63.84
N ARG E 496 -1.43 -53.35 -64.05
CA ARG E 496 -0.82 -54.12 -62.98
C ARG E 496 -0.27 -53.24 -61.88
N TYR E 497 -0.07 -51.94 -62.16
CA TYR E 497 0.44 -50.98 -61.17
C TYR E 497 -0.49 -49.76 -61.19
N GLU E 498 -1.31 -49.63 -60.15
CA GLU E 498 -2.31 -48.58 -60.08
C GLU E 498 -2.27 -47.94 -58.71
N TRP E 499 -2.24 -46.62 -58.67
CA TRP E 499 -2.40 -45.91 -57.41
C TRP E 499 -3.70 -46.35 -56.74
N ALA E 500 -3.64 -46.55 -55.44
CA ALA E 500 -4.79 -47.02 -54.68
C ALA E 500 -5.35 -45.89 -53.84
N GLY E 501 -5.32 -44.68 -54.39
CA GLY E 501 -5.81 -43.52 -53.67
C GLY E 501 -4.68 -42.78 -52.97
N TYR E 502 -5.08 -42.00 -51.99
CA TYR E 502 -4.21 -41.07 -51.30
C TYR E 502 -4.31 -41.29 -49.79
N ARG E 503 -3.21 -41.03 -49.09
CA ARG E 503 -3.24 -41.08 -47.62
C ARG E 503 -4.00 -39.90 -47.05
N ASN E 504 -4.71 -40.15 -45.96
CA ASN E 504 -5.14 -39.06 -45.11
C ASN E 504 -3.92 -38.53 -44.37
N MET E 505 -3.90 -37.21 -44.15
CA MET E 505 -2.71 -36.59 -43.57
C MET E 505 -2.49 -36.96 -42.11
N ASP E 506 -3.53 -37.45 -41.43
CA ASP E 506 -3.36 -37.99 -40.09
C ASP E 506 -2.56 -39.27 -40.10
N GLU E 507 -2.16 -39.76 -41.27
CA GLU E 507 -1.28 -40.90 -41.35
C GLU E 507 0.18 -40.50 -41.36
N LEU E 508 0.48 -39.23 -41.51
CA LEU E 508 1.86 -38.79 -41.45
C LEU E 508 2.22 -38.38 -40.02
N PRO E 509 3.51 -38.42 -39.65
CA PRO E 509 3.89 -37.99 -38.30
C PRO E 509 3.70 -36.51 -38.11
N TRP E 510 3.69 -36.10 -36.84
CA TRP E 510 3.61 -34.69 -36.51
C TRP E 510 4.15 -34.51 -35.10
N ALA E 511 4.32 -33.25 -34.71
CA ALA E 511 4.82 -32.90 -33.40
C ALA E 511 4.09 -31.67 -32.90
N TYR E 512 3.78 -31.69 -31.61
CA TYR E 512 3.14 -30.58 -30.94
C TYR E 512 3.73 -30.50 -29.54
N ASN E 513 4.32 -29.34 -29.21
CA ASN E 513 5.02 -29.08 -27.96
C ASN E 513 5.91 -30.27 -27.56
N PRO E 514 6.89 -30.61 -28.39
CA PRO E 514 7.77 -31.73 -28.06
C PRO E 514 8.61 -31.44 -26.83
N SER E 515 9.06 -32.52 -26.18
CA SER E 515 9.85 -32.40 -24.95
C SER E 515 11.18 -31.70 -25.17
N THR E 516 11.74 -31.83 -26.38
CA THR E 516 13.04 -31.23 -26.64
C THR E 516 12.96 -29.72 -26.75
N GLY E 517 11.76 -29.16 -26.93
CA GLY E 517 11.56 -27.73 -27.00
C GLY E 517 11.97 -27.10 -28.32
N HIS E 518 12.22 -27.89 -29.37
CA HIS E 518 12.55 -27.33 -30.67
C HIS E 518 12.22 -28.36 -31.73
N ILE E 519 12.08 -27.88 -32.96
CA ILE E 519 11.94 -28.68 -34.15
C ILE E 519 12.77 -28.03 -35.25
N VAL E 520 13.56 -28.81 -35.96
CA VAL E 520 14.29 -28.34 -37.14
C VAL E 520 13.94 -29.27 -38.28
N THR E 521 13.64 -28.70 -39.46
CA THR E 521 13.57 -29.51 -40.68
C THR E 521 14.40 -28.85 -41.76
N ALA E 522 15.00 -29.68 -42.61
CA ALA E 522 15.85 -29.20 -43.69
C ALA E 522 15.95 -30.19 -44.83
N ASN E 523 14.81 -30.72 -45.28
CA ASN E 523 14.65 -31.58 -46.47
C ASN E 523 15.15 -33.00 -46.26
N GLU E 524 15.53 -33.38 -45.03
CA GLU E 524 15.95 -34.76 -44.75
C GLU E 524 14.72 -35.63 -44.49
N ASN E 525 14.90 -36.95 -44.56
CA ASN E 525 13.78 -37.83 -44.18
C ASN E 525 13.61 -37.76 -42.67
N ASN E 526 12.58 -37.05 -42.22
CA ASN E 526 12.33 -36.90 -40.79
C ASN E 526 11.09 -37.67 -40.35
N ILE E 527 10.71 -38.72 -41.07
CA ILE E 527 9.69 -39.65 -40.59
C ILE E 527 10.37 -40.56 -39.58
N PRO E 528 9.98 -40.58 -38.31
CA PRO E 528 10.65 -41.45 -37.33
C PRO E 528 10.57 -42.90 -37.77
N PRO E 529 11.66 -43.66 -37.69
CA PRO E 529 11.65 -45.02 -38.25
C PRO E 529 10.67 -45.98 -37.58
N ASP E 530 10.23 -45.68 -36.35
CA ASP E 530 9.25 -46.44 -35.59
C ASP E 530 7.83 -45.89 -35.70
N HIS E 531 7.64 -44.79 -36.42
CA HIS E 531 6.31 -44.27 -36.68
C HIS E 531 5.70 -45.03 -37.85
N PRO E 532 4.39 -45.31 -37.81
CA PRO E 532 3.78 -46.13 -38.89
C PRO E 532 4.00 -45.61 -40.28
N ALA E 533 4.11 -44.30 -40.46
CA ALA E 533 4.33 -43.76 -41.81
C ALA E 533 5.62 -44.28 -42.45
N ALA E 534 6.58 -44.78 -41.67
CA ALA E 534 7.82 -45.28 -42.23
C ALA E 534 7.61 -46.47 -43.16
N LYS E 535 6.49 -47.18 -43.04
CA LYS E 535 6.26 -48.38 -43.82
C LYS E 535 5.32 -48.15 -44.99
N LEU E 536 4.94 -46.89 -45.23
CA LEU E 536 3.88 -46.57 -46.18
C LEU E 536 4.37 -46.16 -47.56
N GLY E 537 5.68 -46.18 -47.80
CA GLY E 537 6.18 -45.73 -49.09
C GLY E 537 5.86 -44.28 -49.42
N VAL E 538 5.98 -43.39 -48.43
CA VAL E 538 5.79 -41.96 -48.69
C VAL E 538 6.81 -41.48 -49.71
N GLY E 539 8.08 -41.81 -49.49
CA GLY E 539 9.16 -41.42 -50.39
C GLY E 539 10.54 -41.82 -49.89
N TYR E 540 11.42 -42.17 -50.84
CA TYR E 540 12.75 -42.65 -50.50
C TYR E 540 13.87 -41.70 -50.93
N GLU E 541 13.55 -40.62 -51.63
CA GLU E 541 14.56 -39.72 -52.17
C GLU E 541 14.42 -38.36 -51.50
N TRP E 542 15.37 -38.06 -50.64
CA TRP E 542 15.40 -36.84 -49.86
C TRP E 542 16.67 -36.08 -50.23
N SER E 543 16.81 -34.88 -49.69
CA SER E 543 18.01 -34.11 -49.96
C SER E 543 19.13 -34.56 -49.02
N ASP E 544 20.35 -34.14 -49.34
CA ASP E 544 21.50 -34.33 -48.45
C ASP E 544 21.21 -33.76 -47.07
N SER E 545 21.61 -34.49 -46.03
CA SER E 545 21.19 -34.17 -44.67
C SER E 545 22.21 -33.30 -43.92
N SER E 546 23.20 -32.72 -44.61
CA SER E 546 24.24 -31.94 -43.96
C SER E 546 23.65 -30.71 -43.27
N ARG E 547 22.86 -29.92 -44.00
CA ARG E 547 22.25 -28.75 -43.38
C ARG E 547 21.44 -29.15 -42.14
N ALA E 548 20.66 -30.22 -42.24
CA ALA E 548 19.85 -30.68 -41.11
C ALA E 548 20.72 -31.02 -39.89
N ARG E 549 21.80 -31.79 -40.09
CA ARG E 549 22.63 -32.20 -38.96
C ARG E 549 23.40 -31.03 -38.40
N ARG E 550 23.81 -30.09 -39.26
CA ARG E 550 24.50 -28.90 -38.77
C ARG E 550 23.56 -28.05 -37.92
N LEU E 551 22.36 -27.77 -38.45
CA LEU E 551 21.43 -26.92 -37.73
C LEU E 551 20.95 -27.57 -36.44
N LYS E 552 20.73 -28.89 -36.46
CA LYS E 552 20.34 -29.57 -35.23
C LYS E 552 21.42 -29.47 -34.16
N SER E 553 22.69 -29.58 -34.56
N SER E 553 22.68 -29.60 -34.56
CA SER E 553 23.75 -29.46 -33.58
CA SER E 553 23.76 -29.44 -33.59
C SER E 553 23.86 -28.02 -33.06
C SER E 553 23.77 -28.02 -33.05
N LEU E 554 23.62 -27.04 -33.94
CA LEU E 554 23.63 -25.64 -33.51
C LEU E 554 22.50 -25.37 -32.51
N VAL E 555 21.28 -25.83 -32.81
CA VAL E 555 20.17 -25.58 -31.91
C VAL E 555 20.38 -26.33 -30.60
N ALA E 556 20.87 -27.57 -30.66
CA ALA E 556 21.14 -28.31 -29.43
C ALA E 556 22.21 -27.63 -28.59
N ALA E 557 23.21 -27.02 -29.22
CA ALA E 557 24.28 -26.39 -28.47
C ALA E 557 23.88 -25.05 -27.87
N ALA E 558 22.65 -24.57 -28.11
CA ALA E 558 22.19 -23.28 -27.60
C ALA E 558 20.94 -23.55 -26.78
N PRO E 559 21.10 -23.94 -25.51
CA PRO E 559 19.92 -24.21 -24.67
C PRO E 559 18.93 -23.06 -24.66
N VAL E 560 19.44 -21.84 -24.57
CA VAL E 560 18.63 -20.63 -24.67
C VAL E 560 19.21 -19.79 -25.80
N SER E 561 18.37 -19.39 -26.76
CA SER E 561 18.86 -18.66 -27.92
C SER E 561 18.00 -17.44 -28.19
N SER E 562 18.56 -16.51 -28.95
CA SER E 562 17.93 -15.25 -29.31
C SER E 562 17.56 -15.22 -30.79
N LEU E 563 16.93 -14.12 -31.19
CA LEU E 563 16.66 -13.87 -32.59
C LEU E 563 17.96 -13.75 -33.38
N ARG E 564 18.94 -13.04 -32.82
CA ARG E 564 20.24 -12.91 -33.46
C ARG E 564 20.92 -14.27 -33.64
N ASP E 565 20.70 -15.21 -32.71
CA ASP E 565 21.27 -16.55 -32.90
C ASP E 565 20.67 -17.21 -34.13
N SER E 566 19.36 -17.10 -34.29
CA SER E 566 18.71 -17.71 -35.45
C SER E 566 19.18 -17.05 -36.73
N ILE E 567 19.38 -15.74 -36.71
CA ILE E 567 19.94 -15.06 -37.87
C ILE E 567 21.34 -15.59 -38.18
N ALA E 568 22.17 -15.77 -37.15
CA ALA E 568 23.51 -16.33 -37.38
C ALA E 568 23.43 -17.72 -37.98
N TRP E 569 22.48 -18.54 -37.52
CA TRP E 569 22.35 -19.89 -38.04
C TRP E 569 21.95 -19.87 -39.51
N GLN E 570 21.08 -18.94 -39.90
CA GLN E 570 20.76 -18.81 -41.32
C GLN E 570 21.97 -18.43 -42.15
N ASN E 571 22.99 -17.85 -41.52
CA ASN E 571 24.22 -17.43 -42.17
C ASN E 571 25.36 -18.43 -41.98
N ASP E 572 25.09 -19.61 -41.43
CA ASP E 572 26.18 -20.53 -41.11
C ASP E 572 26.79 -21.11 -42.39
N THR E 573 28.13 -21.14 -42.45
CA THR E 573 28.81 -21.59 -43.66
C THR E 573 29.75 -22.76 -43.41
N VAL E 574 29.55 -23.51 -42.34
CA VAL E 574 30.33 -24.72 -42.09
C VAL E 574 29.79 -25.82 -42.99
N SER E 575 30.67 -26.48 -43.73
CA SER E 575 30.32 -27.57 -44.63
C SER E 575 30.70 -28.88 -43.94
N LEU E 576 29.70 -29.64 -43.53
CA LEU E 576 30.00 -30.98 -43.03
C LEU E 576 30.66 -31.86 -44.10
N PRO E 577 30.27 -31.80 -45.40
CA PRO E 577 31.07 -32.49 -46.43
C PRO E 577 32.55 -32.09 -46.47
N ALA E 578 32.86 -30.81 -46.30
CA ALA E 578 34.25 -30.39 -46.22
C ALA E 578 34.93 -31.02 -45.01
N GLN E 579 34.30 -30.95 -43.84
CA GLN E 579 34.92 -31.50 -42.66
C GLN E 579 35.16 -33.00 -42.79
N ARG E 580 34.19 -33.74 -43.35
CA ARG E 580 34.38 -35.18 -43.48
C ARG E 580 35.51 -35.51 -44.45
N THR E 581 35.62 -34.77 -45.55
CA THR E 581 36.70 -35.00 -46.50
C THR E 581 38.06 -34.62 -45.91
N LEU E 582 38.12 -33.51 -45.16
CA LEU E 582 39.37 -33.16 -44.48
C LEU E 582 39.80 -34.25 -43.51
N ALA E 583 38.85 -34.80 -42.75
CA ALA E 583 39.19 -35.87 -41.82
C ALA E 583 39.75 -37.07 -42.56
N VAL E 584 39.22 -37.35 -43.75
CA VAL E 584 39.74 -38.45 -44.56
C VAL E 584 41.14 -38.12 -45.08
N MET E 585 41.36 -36.86 -45.53
CA MET E 585 42.67 -36.46 -46.04
C MET E 585 43.78 -36.71 -45.03
N ARG E 586 43.50 -36.51 -43.73
CA ARG E 586 44.42 -36.75 -42.63
C ARG E 586 44.65 -38.23 -42.36
N THR E 587 44.13 -39.14 -43.19
CA THR E 587 44.43 -40.57 -43.06
C THR E 587 45.10 -41.16 -44.30
N VAL E 588 45.44 -40.33 -45.29
CA VAL E 588 46.06 -40.85 -46.51
C VAL E 588 47.44 -41.39 -46.18
N GLY E 589 47.73 -42.60 -46.66
CA GLY E 589 48.99 -43.25 -46.32
C GLY E 589 50.12 -42.78 -47.22
N ASN E 590 51.24 -42.37 -46.61
CA ASN E 590 52.42 -41.96 -47.35
C ASN E 590 53.16 -43.20 -47.88
N ALA E 591 52.46 -43.94 -48.73
CA ALA E 591 52.99 -45.13 -49.37
C ALA E 591 52.40 -45.22 -50.76
N GLY E 592 52.91 -46.16 -51.55
CA GLY E 592 52.36 -46.41 -52.87
C GLY E 592 52.40 -45.19 -53.77
N ALA E 593 51.44 -45.16 -54.71
CA ALA E 593 51.35 -44.03 -55.64
C ALA E 593 51.11 -42.72 -54.93
N ALA E 594 50.51 -42.74 -53.72
CA ALA E 594 50.30 -41.51 -52.99
C ALA E 594 51.63 -40.86 -52.60
N ALA E 595 52.61 -41.68 -52.18
CA ALA E 595 53.91 -41.15 -51.78
C ALA E 595 54.57 -40.40 -52.93
N SER E 596 54.43 -40.91 -54.15
CA SER E 596 54.93 -40.20 -55.32
C SER E 596 54.20 -38.86 -55.50
N LEU E 597 52.87 -38.88 -55.40
CA LEU E 597 52.11 -37.63 -55.51
C LEU E 597 52.42 -36.69 -54.35
N LEU E 598 52.69 -37.23 -53.15
CA LEU E 598 53.00 -36.38 -52.00
C LEU E 598 54.31 -35.64 -52.13
N GLN E 599 55.14 -36.02 -53.09
CA GLN E 599 56.36 -35.30 -53.41
C GLN E 599 56.13 -34.27 -54.51
N ASP E 600 54.93 -34.23 -55.10
CA ASP E 600 54.63 -33.24 -56.12
C ASP E 600 54.45 -31.89 -55.43
N PRO E 601 55.14 -30.84 -55.88
CA PRO E 601 54.95 -29.52 -55.25
C PRO E 601 53.52 -29.01 -55.31
N GLN E 602 52.82 -29.22 -56.44
CA GLN E 602 51.45 -28.76 -56.54
C GLN E 602 50.56 -29.44 -55.51
N VAL E 603 50.70 -30.76 -55.36
CA VAL E 603 49.96 -31.47 -54.32
C VAL E 603 50.29 -30.92 -52.94
N GLN E 604 51.57 -30.65 -52.69
CA GLN E 604 51.96 -30.16 -51.37
C GLN E 604 51.31 -28.81 -51.08
N ARG E 605 51.28 -27.91 -52.06
CA ARG E 605 50.62 -26.63 -51.84
C ARG E 605 49.13 -26.81 -51.55
N ALA E 606 48.49 -27.78 -52.21
CA ALA E 606 47.07 -28.03 -52.01
C ALA E 606 46.81 -28.67 -50.64
N VAL E 607 47.63 -29.66 -50.27
CA VAL E 607 47.53 -30.27 -48.95
C VAL E 607 47.79 -29.24 -47.87
N ALA E 608 48.76 -28.34 -48.09
CA ALA E 608 49.06 -27.30 -47.11
C ALA E 608 47.84 -26.40 -46.87
N LEU E 609 47.14 -26.04 -47.95
CA LEU E 609 45.97 -25.19 -47.82
C LEU E 609 44.88 -25.87 -47.01
N LEU E 610 44.60 -27.14 -47.30
CA LEU E 610 43.55 -27.85 -46.58
C LEU E 610 43.95 -28.21 -45.15
N ARG E 611 45.24 -28.27 -44.83
CA ARG E 611 45.64 -28.77 -43.51
C ARG E 611 45.21 -27.83 -42.38
N GLY E 612 45.25 -26.52 -42.61
CA GLY E 612 44.88 -25.61 -41.55
C GLY E 612 43.45 -25.11 -41.63
N TRP E 613 42.60 -25.80 -42.39
CA TRP E 613 41.24 -25.35 -42.64
C TRP E 613 40.24 -26.10 -41.78
N ASP E 614 39.25 -25.36 -41.27
CA ASP E 614 38.21 -25.95 -40.44
C ASP E 614 36.95 -26.32 -41.22
N GLY E 615 36.97 -26.20 -42.56
CA GLY E 615 35.78 -26.50 -43.34
C GLY E 615 34.73 -25.41 -43.37
N ASN E 616 35.06 -24.21 -42.90
CA ASN E 616 34.16 -23.07 -42.93
C ASN E 616 34.28 -22.41 -44.30
N VAL E 617 33.21 -22.46 -45.09
CA VAL E 617 33.25 -22.01 -46.48
C VAL E 617 33.05 -20.50 -46.56
N ARG E 618 34.00 -19.75 -46.00
CA ARG E 618 33.92 -18.31 -45.95
C ARG E 618 34.29 -17.69 -47.30
N ALA E 619 33.70 -16.52 -47.58
CA ALA E 619 34.03 -15.78 -48.79
C ALA E 619 35.49 -15.34 -48.83
N ASP E 620 36.13 -15.14 -47.68
CA ASP E 620 37.51 -14.68 -47.66
C ASP E 620 38.50 -15.82 -47.54
N SER E 621 38.06 -17.06 -47.74
CA SER E 621 38.91 -18.22 -47.53
C SER E 621 39.44 -18.76 -48.86
N VAL E 622 40.77 -18.85 -48.95
CA VAL E 622 41.43 -19.49 -50.09
C VAL E 622 41.30 -21.02 -50.00
N PRO E 623 41.51 -21.66 -48.83
CA PRO E 623 41.20 -23.10 -48.75
C PRO E 623 39.77 -23.42 -49.18
N ALA E 624 38.81 -22.56 -48.86
CA ALA E 624 37.43 -22.83 -49.25
C ALA E 624 37.31 -22.88 -50.77
N ALA E 625 38.00 -21.98 -51.49
CA ALA E 625 37.97 -22.01 -52.95
C ALA E 625 38.54 -23.32 -53.48
N LEU E 626 39.70 -23.72 -52.97
CA LEU E 626 40.29 -24.99 -53.37
C LEU E 626 39.31 -26.15 -53.16
N PHE E 627 38.66 -26.18 -52.00
CA PHE E 627 37.81 -27.33 -51.68
C PHE E 627 36.59 -27.38 -52.58
N GLU E 628 35.94 -26.24 -52.83
CA GLU E 628 34.71 -26.27 -53.62
C GLU E 628 35.01 -26.68 -55.05
N ILE E 629 36.08 -26.13 -55.63
CA ILE E 629 36.54 -26.60 -56.93
C ILE E 629 36.73 -28.11 -56.89
N TRP E 630 37.44 -28.59 -55.87
CA TRP E 630 37.77 -30.00 -55.73
C TRP E 630 36.52 -30.88 -55.62
N PHE E 631 35.64 -30.55 -54.68
CA PHE E 631 34.50 -31.39 -54.34
C PHE E 631 33.37 -31.31 -55.38
N SER E 632 33.31 -30.25 -56.16
CA SER E 632 32.31 -30.16 -57.23
C SER E 632 32.79 -30.77 -58.54
N ASN E 633 34.05 -30.53 -58.91
CA ASN E 633 34.48 -30.73 -60.28
C ASN E 633 35.59 -31.77 -60.45
N HIS E 634 36.05 -32.40 -59.38
CA HIS E 634 37.20 -33.28 -59.51
C HIS E 634 37.10 -34.55 -58.67
N LEU E 635 37.04 -34.37 -57.34
CA LEU E 635 37.12 -35.49 -56.42
C LEU E 635 36.01 -36.52 -56.69
N ARG E 636 34.75 -36.07 -56.71
CA ARG E 636 33.63 -37.00 -56.75
C ARG E 636 33.59 -37.76 -58.07
N GLN E 637 33.74 -37.06 -59.18
CA GLN E 637 33.85 -37.72 -60.48
C GLN E 637 35.02 -38.71 -60.49
N ALA E 638 36.12 -38.36 -59.81
CA ALA E 638 37.27 -39.25 -59.76
C ALA E 638 36.98 -40.51 -58.94
N VAL E 639 36.31 -40.36 -57.80
CA VAL E 639 35.96 -41.51 -56.96
C VAL E 639 35.02 -42.44 -57.71
N VAL E 640 34.06 -41.86 -58.45
CA VAL E 640 33.08 -42.65 -59.20
C VAL E 640 33.75 -43.44 -60.32
N ARG E 641 34.61 -42.78 -61.12
CA ARG E 641 35.31 -43.48 -62.19
C ARG E 641 36.18 -44.60 -61.62
N ALA E 642 36.78 -44.37 -60.45
CA ALA E 642 37.63 -45.39 -59.87
C ALA E 642 36.83 -46.57 -59.37
N ALA E 643 35.57 -46.36 -59.00
CA ALA E 643 34.78 -47.40 -58.36
C ALA E 643 33.87 -48.15 -59.32
N LEU E 644 33.57 -47.59 -60.48
CA LEU E 644 32.62 -48.20 -61.41
C LEU E 644 33.21 -48.31 -62.79
N PRO E 645 32.72 -49.24 -63.59
CA PRO E 645 33.07 -49.25 -65.01
C PRO E 645 32.62 -47.97 -65.68
N GLU E 646 33.20 -47.74 -66.86
CA GLU E 646 33.14 -46.42 -67.51
C GLU E 646 31.72 -45.99 -67.84
N ASP E 647 30.89 -46.88 -68.40
CA ASP E 647 29.55 -46.49 -68.81
C ASP E 647 28.71 -46.09 -67.60
N ALA E 648 28.78 -46.89 -66.53
CA ALA E 648 28.07 -46.54 -65.30
C ALA E 648 28.59 -45.22 -64.74
N ALA E 649 29.93 -45.06 -64.70
CA ALA E 649 30.53 -43.86 -64.14
C ALA E 649 30.12 -42.62 -64.93
N LYS E 650 30.01 -42.75 -66.25
CA LYS E 650 29.58 -41.61 -67.06
C LYS E 650 28.15 -41.20 -66.70
N LEU E 651 27.28 -42.17 -66.46
CA LEU E 651 25.90 -41.83 -66.09
C LEU E 651 25.82 -41.27 -64.68
N VAL E 652 26.63 -41.79 -63.76
CA VAL E 652 26.59 -41.31 -62.38
C VAL E 652 27.26 -39.94 -62.26
N GLY E 653 28.30 -39.68 -63.03
CA GLY E 653 28.94 -38.38 -62.97
C GLY E 653 29.54 -38.09 -61.61
N ALA E 654 29.12 -37.00 -60.98
CA ALA E 654 29.58 -36.71 -59.63
C ALA E 654 28.79 -37.47 -58.58
N GLY E 655 27.73 -38.16 -58.99
CA GLY E 655 26.95 -38.99 -58.08
C GLY E 655 26.37 -38.21 -56.89
N ASP E 656 25.99 -38.98 -55.87
CA ASP E 656 25.39 -38.47 -54.65
C ASP E 656 26.49 -38.12 -53.64
N ALA E 657 26.50 -36.87 -53.17
CA ALA E 657 27.59 -36.43 -52.29
C ALA E 657 27.70 -37.31 -51.05
N ALA E 658 26.57 -37.62 -50.41
CA ALA E 658 26.61 -38.42 -49.20
C ALA E 658 27.14 -39.83 -49.47
N ARG E 659 26.74 -40.41 -50.61
CA ARG E 659 27.18 -41.76 -50.93
C ARG E 659 28.65 -41.79 -51.29
N VAL E 660 29.15 -40.74 -51.96
CA VAL E 660 30.57 -40.67 -52.30
C VAL E 660 31.42 -40.49 -51.05
N LEU E 661 30.95 -39.67 -50.09
CA LEU E 661 31.70 -39.53 -48.83
C LEU E 661 31.83 -40.86 -48.11
N ALA E 662 30.77 -41.68 -48.09
CA ALA E 662 30.83 -42.96 -47.41
C ALA E 662 31.88 -43.87 -48.05
N VAL E 663 32.02 -43.81 -49.38
CA VAL E 663 33.07 -44.58 -50.05
C VAL E 663 34.45 -44.04 -49.67
N LEU E 664 34.62 -42.72 -49.63
CA LEU E 664 35.90 -42.16 -49.21
C LEU E 664 36.21 -42.57 -47.77
N GLU E 665 35.19 -42.68 -46.93
CA GLU E 665 35.43 -43.04 -45.55
C GLU E 665 35.62 -44.54 -45.36
N GLN E 666 35.06 -45.37 -46.25
CA GLN E 666 35.23 -46.82 -46.20
C GLN E 666 35.35 -47.36 -47.62
N PRO E 667 36.52 -47.19 -48.24
CA PRO E 667 36.66 -47.58 -49.65
C PRO E 667 36.63 -49.09 -49.86
N ASP E 668 36.64 -49.85 -48.76
CA ASP E 668 36.84 -51.30 -48.69
C ASP E 668 36.38 -52.07 -49.92
N THR E 669 35.08 -52.17 -50.12
CA THR E 669 34.53 -53.04 -51.15
C THR E 669 34.40 -52.36 -52.50
N TRP E 670 34.89 -51.13 -52.62
CA TRP E 670 34.86 -50.38 -53.87
C TRP E 670 36.24 -50.27 -54.51
N MET E 671 37.28 -50.11 -53.71
CA MET E 671 38.64 -49.97 -54.23
C MET E 671 39.62 -50.14 -53.07
N PRO E 672 40.86 -50.54 -53.36
CA PRO E 672 41.87 -50.59 -52.30
C PRO E 672 42.10 -49.22 -51.68
N THR E 673 42.39 -49.22 -50.37
CA THR E 673 42.64 -47.98 -49.65
C THR E 673 43.72 -47.15 -50.33
N ALA E 674 44.74 -47.81 -50.89
CA ALA E 674 45.77 -47.07 -51.62
C ALA E 674 45.18 -46.43 -52.87
N ARG E 675 44.25 -47.11 -53.53
CA ARG E 675 43.60 -46.48 -54.67
C ARG E 675 42.81 -45.26 -54.22
N ARG E 676 42.09 -45.37 -53.09
CA ARG E 676 41.41 -44.23 -52.48
C ARG E 676 42.37 -43.06 -52.27
N ASP E 677 43.52 -43.33 -51.64
CA ASP E 677 44.48 -42.26 -51.40
C ASP E 677 44.96 -41.65 -52.71
N GLU E 678 45.25 -42.48 -53.71
CA GLU E 678 45.76 -41.97 -54.99
C GLU E 678 44.73 -41.07 -55.68
N VAL E 679 43.46 -41.50 -55.69
CA VAL E 679 42.41 -40.74 -56.37
C VAL E 679 42.25 -39.37 -55.74
N MET E 680 42.24 -39.32 -54.40
CA MET E 680 42.08 -38.07 -53.68
C MET E 680 43.17 -37.08 -54.06
N LEU E 681 44.43 -37.53 -54.04
CA LEU E 681 45.53 -36.62 -54.35
C LEU E 681 45.55 -36.25 -55.82
N THR E 682 45.20 -37.19 -56.69
CA THR E 682 45.22 -36.91 -58.12
C THR E 682 44.19 -35.84 -58.48
N SER E 683 42.97 -35.98 -57.99
CA SER E 683 41.96 -34.96 -58.25
C SER E 683 42.24 -33.66 -57.49
N LEU E 684 42.82 -33.75 -56.29
CA LEU E 684 43.19 -32.55 -55.55
C LEU E 684 44.24 -31.75 -56.30
N LYS E 685 45.20 -32.43 -56.94
CA LYS E 685 46.17 -31.72 -57.76
C LYS E 685 45.49 -30.98 -58.91
N ALA E 686 44.53 -31.65 -59.56
CA ALA E 686 43.81 -31.00 -60.66
C ALA E 686 42.98 -29.83 -60.18
N ALA E 687 42.44 -29.90 -58.97
CA ALA E 687 41.71 -28.75 -58.43
C ALA E 687 42.66 -27.57 -58.19
N MET E 688 43.84 -27.84 -57.60
CA MET E 688 44.85 -26.79 -57.40
C MET E 688 45.23 -26.13 -58.72
N ALA E 689 45.39 -26.92 -59.78
CA ALA E 689 45.73 -26.33 -61.08
C ALA E 689 44.59 -25.46 -61.59
N GLU E 690 43.34 -25.89 -61.39
CA GLU E 690 42.22 -25.04 -61.79
C GLU E 690 42.19 -23.74 -60.98
N LEU E 691 42.42 -23.84 -59.67
CA LEU E 691 42.44 -22.63 -58.83
C LEU E 691 43.53 -21.66 -59.27
N GLU E 692 44.71 -22.18 -59.59
CA GLU E 692 45.78 -21.33 -60.05
C GLU E 692 45.43 -20.69 -61.39
N ARG E 693 44.84 -21.47 -62.31
CA ARG E 693 44.40 -20.91 -63.57
C ARG E 693 43.36 -19.83 -63.36
N ARG E 694 42.48 -19.99 -62.38
CA ARG E 694 41.41 -19.03 -62.14
C ARG E 694 41.84 -17.87 -61.26
N SER E 695 43.07 -17.89 -60.73
CA SER E 695 43.57 -16.82 -59.88
C SER E 695 44.34 -15.80 -60.72
N PRO E 696 44.40 -14.53 -60.30
CA PRO E 696 45.17 -13.55 -61.08
C PRO E 696 46.63 -13.95 -61.27
N SER E 697 47.28 -14.45 -60.23
CA SER E 697 48.61 -15.02 -60.34
C SER E 697 48.66 -16.24 -59.43
N PRO E 698 49.50 -17.24 -59.75
CA PRO E 698 49.64 -18.38 -58.85
C PRO E 698 50.23 -18.04 -57.49
N GLU E 699 50.63 -16.79 -57.28
CA GLU E 699 51.11 -16.33 -55.97
C GLU E 699 50.04 -15.58 -55.19
N LYS E 700 49.01 -15.09 -55.86
CA LYS E 700 47.84 -14.44 -55.23
C LYS E 700 46.62 -15.30 -55.57
N LEU E 701 46.41 -16.37 -54.80
CA LEU E 701 45.32 -17.28 -55.07
C LEU E 701 43.97 -16.65 -54.75
N ALA E 702 42.96 -16.98 -55.55
CA ALA E 702 41.62 -16.42 -55.36
C ALA E 702 40.96 -16.99 -54.11
N THR E 703 40.33 -16.10 -53.35
CA THR E 703 39.45 -16.56 -52.30
C THR E 703 38.18 -17.17 -52.90
N TRP E 704 37.46 -17.94 -52.06
CA TRP E 704 36.21 -18.52 -52.51
C TRP E 704 35.26 -17.44 -53.03
N GLY E 705 35.17 -16.31 -52.31
CA GLY E 705 34.29 -15.22 -52.73
C GLY E 705 34.68 -14.58 -54.06
N THR E 706 35.97 -14.65 -54.42
CA THR E 706 36.40 -14.15 -55.71
C THR E 706 35.77 -14.93 -56.86
N LEU E 707 35.58 -16.23 -56.67
CA LEU E 707 34.96 -17.08 -57.67
C LEU E 707 33.44 -17.12 -57.52
N HIS E 708 32.95 -17.15 -56.27
CA HIS E 708 31.55 -17.40 -55.91
C HIS E 708 30.77 -16.09 -55.93
N ARG E 709 30.39 -15.67 -57.12
CA ARG E 709 29.79 -14.35 -57.29
C ARG E 709 28.28 -14.43 -57.19
N ALA E 710 27.70 -13.52 -56.42
CA ALA E 710 26.25 -13.47 -56.23
C ALA E 710 25.64 -12.52 -57.25
N ILE E 711 25.31 -13.04 -58.43
CA ILE E 711 24.68 -12.26 -59.48
C ILE E 711 23.25 -12.74 -59.65
N PHE E 712 22.31 -11.83 -59.54
CA PHE E 712 20.89 -12.14 -59.67
C PHE E 712 20.50 -11.83 -61.12
N ARG E 713 20.22 -12.88 -61.88
CA ARG E 713 20.11 -12.77 -63.32
C ARG E 713 18.65 -12.59 -63.74
N HIS E 714 18.44 -11.72 -64.69
CA HIS E 714 17.17 -11.44 -65.35
C HIS E 714 16.94 -12.45 -66.49
N PRO E 715 15.69 -12.87 -66.73
CA PRO E 715 15.46 -13.89 -67.78
C PRO E 715 15.95 -13.49 -69.16
N LEU E 716 16.07 -12.18 -69.44
CA LEU E 716 16.46 -11.66 -70.74
C LEU E 716 17.94 -11.33 -70.82
N ALA E 717 18.72 -11.66 -69.78
CA ALA E 717 20.12 -11.24 -69.72
C ALA E 717 20.91 -11.66 -70.96
N ASN E 718 20.59 -12.82 -71.53
CA ASN E 718 21.36 -13.33 -72.65
C ASN E 718 20.93 -12.77 -74.01
N ILE E 719 19.85 -11.99 -74.07
CA ILE E 719 19.37 -11.47 -75.34
C ILE E 719 19.37 -9.95 -75.39
N VAL E 720 20.00 -9.30 -74.41
CA VAL E 720 20.17 -7.85 -74.42
C VAL E 720 21.66 -7.55 -74.55
N ASP E 721 21.99 -6.27 -74.76
CA ASP E 721 23.37 -5.82 -74.85
C ASP E 721 23.97 -5.69 -73.44
N ASP E 722 25.24 -5.27 -73.38
CA ASP E 722 25.94 -5.21 -72.09
C ASP E 722 25.37 -4.11 -71.20
N ALA E 723 25.06 -2.94 -71.76
CA ALA E 723 24.55 -1.86 -70.92
C ALA E 723 23.19 -2.20 -70.36
N THR E 724 22.35 -2.85 -71.16
CA THR E 724 21.05 -3.28 -70.67
C THR E 724 21.21 -4.41 -69.65
N ARG E 725 22.11 -5.36 -69.93
CA ARG E 725 22.30 -6.45 -68.98
C ARG E 725 22.77 -5.93 -67.62
N ALA E 726 23.54 -4.83 -67.60
CA ALA E 726 23.97 -4.21 -66.34
C ALA E 726 22.80 -3.62 -65.57
N GLN E 727 21.74 -3.20 -66.25
CA GLN E 727 20.60 -2.68 -65.50
C GLN E 727 19.66 -3.81 -65.05
N TYR E 728 19.52 -4.86 -65.86
CA TYR E 728 18.62 -5.98 -65.59
C TYR E 728 19.17 -6.94 -64.54
N ASN E 729 20.47 -7.20 -64.56
CA ASN E 729 21.10 -8.05 -63.58
C ASN E 729 21.53 -7.24 -62.36
N VAL E 730 21.61 -7.91 -61.21
CA VAL E 730 22.00 -7.29 -59.96
C VAL E 730 23.19 -8.04 -59.40
N ASP E 731 24.32 -7.34 -59.27
CA ASP E 731 25.57 -7.92 -58.79
C ASP E 731 25.77 -7.50 -57.34
N ALA E 732 25.71 -8.48 -56.43
CA ALA E 732 25.95 -8.23 -55.02
C ALA E 732 27.36 -8.63 -54.61
N GLY E 733 28.23 -8.92 -55.56
CA GLY E 733 29.59 -9.23 -55.22
C GLY E 733 29.79 -10.68 -54.82
N GLY E 734 30.91 -10.92 -54.13
CA GLY E 734 31.27 -12.26 -53.71
C GLY E 734 30.60 -12.68 -52.44
N ILE E 735 30.43 -14.00 -52.27
CA ILE E 735 29.74 -14.55 -51.11
C ILE E 735 30.37 -15.88 -50.69
N GLY E 736 30.09 -16.27 -49.45
CA GLY E 736 30.49 -17.57 -48.95
C GLY E 736 29.39 -18.61 -49.11
N GLY E 737 29.66 -19.79 -48.56
CA GLY E 737 28.71 -20.90 -48.57
C GLY E 737 28.80 -21.78 -49.82
N SER E 738 28.07 -22.90 -49.74
CA SER E 738 27.90 -23.84 -50.87
C SER E 738 26.48 -24.38 -50.79
N ALA E 739 26.21 -25.44 -51.54
CA ALA E 739 24.88 -26.05 -51.45
C ALA E 739 24.65 -26.75 -50.11
N PHE E 740 25.72 -27.13 -49.42
CA PHE E 740 25.62 -27.95 -48.23
C PHE E 740 25.72 -27.16 -46.94
N THR E 741 25.95 -25.89 -47.02
CA THR E 741 25.98 -25.12 -45.79
C THR E 741 24.59 -24.58 -45.48
N PRO E 742 24.22 -24.39 -44.19
CA PRO E 742 22.88 -23.85 -43.89
C PRO E 742 22.58 -22.59 -44.67
N MET E 743 23.55 -21.67 -44.74
CA MET E 743 23.47 -20.56 -45.68
C MET E 743 23.75 -21.12 -47.07
N ASN E 744 22.69 -21.65 -47.67
CA ASN E 744 22.79 -22.33 -48.96
C ASN E 744 23.06 -21.31 -50.05
N THR E 745 24.22 -21.39 -50.67
CA THR E 745 24.53 -20.59 -51.85
C THR E 745 25.00 -21.58 -52.94
N SER E 746 24.03 -22.32 -53.47
CA SER E 746 24.33 -23.25 -54.56
C SER E 746 24.90 -22.49 -55.75
N TYR E 747 25.73 -23.18 -56.52
CA TYR E 747 26.39 -22.57 -57.66
C TYR E 747 26.43 -23.53 -58.84
N ARG E 748 26.69 -22.97 -60.01
CA ARG E 748 26.91 -23.74 -61.23
C ARG E 748 28.39 -24.07 -61.37
N ASN E 749 28.67 -25.25 -61.93
CA ASN E 749 30.02 -25.80 -61.93
C ASN E 749 30.96 -25.11 -62.93
N SER E 750 30.43 -24.37 -63.92
CA SER E 750 31.28 -23.74 -64.93
C SER E 750 32.14 -22.63 -64.33
N ASP E 751 31.55 -21.79 -63.46
CA ASP E 751 32.25 -20.62 -62.92
C ASP E 751 31.94 -20.34 -61.46
N TYR E 752 31.24 -21.23 -60.76
CA TYR E 752 30.95 -21.09 -59.33
C TYR E 752 30.05 -19.91 -59.01
N HIS E 753 29.40 -19.32 -60.01
CA HIS E 753 28.46 -18.25 -59.73
C HIS E 753 27.20 -18.80 -59.08
N LEU E 754 26.64 -18.00 -58.17
CA LEU E 754 25.44 -18.36 -57.43
C LEU E 754 24.29 -18.72 -58.37
N THR E 755 23.56 -19.78 -58.04
CA THR E 755 22.35 -20.07 -58.79
C THR E 755 21.13 -20.20 -57.87
N ALA E 756 21.31 -20.63 -56.62
CA ALA E 756 20.15 -20.91 -55.77
C ALA E 756 20.53 -20.86 -54.30
N GLY E 757 19.49 -20.77 -53.47
CA GLY E 757 19.59 -20.70 -52.04
C GLY E 757 18.51 -19.77 -51.51
N ALA E 758 18.68 -19.31 -50.27
CA ALA E 758 17.72 -18.41 -49.67
C ALA E 758 17.83 -17.02 -50.31
N SER E 759 16.69 -16.51 -50.79
CA SER E 759 16.52 -15.11 -51.14
C SER E 759 15.69 -14.48 -50.03
N PHE E 760 14.43 -14.87 -49.93
CA PHE E 760 13.63 -14.54 -48.76
C PHE E 760 14.11 -15.33 -47.54
N ARG E 761 14.36 -14.63 -46.42
CA ARG E 761 14.63 -15.23 -45.11
C ARG E 761 13.77 -14.51 -44.09
N MET E 762 13.38 -15.22 -43.02
CA MET E 762 12.68 -14.57 -41.93
C MET E 762 13.00 -15.26 -40.61
N VAL E 763 13.09 -14.45 -39.56
CA VAL E 763 13.21 -14.91 -38.18
C VAL E 763 12.18 -14.13 -37.37
N LEU E 764 11.21 -14.83 -36.81
CA LEU E 764 10.05 -14.17 -36.20
C LEU E 764 10.11 -14.28 -34.68
N ASP E 765 9.89 -13.14 -34.02
CA ASP E 765 9.55 -13.10 -32.59
C ASP E 765 8.06 -13.38 -32.48
N VAL E 766 7.71 -14.60 -32.07
CA VAL E 766 6.33 -15.07 -32.17
C VAL E 766 5.55 -14.47 -30.99
N GLY E 767 4.82 -13.38 -31.24
CA GLY E 767 4.06 -12.75 -30.18
C GLY E 767 4.40 -11.28 -30.03
N ASN E 768 5.67 -10.94 -30.25
CA ASN E 768 6.13 -9.56 -30.27
C ASN E 768 6.47 -9.24 -31.73
N TRP E 769 5.44 -9.01 -32.53
CA TRP E 769 5.56 -9.18 -33.97
C TRP E 769 6.49 -8.16 -34.62
N ASP E 770 6.49 -6.91 -34.14
CA ASP E 770 7.33 -5.90 -34.77
C ASP E 770 8.82 -6.20 -34.63
N GLN E 771 9.20 -7.17 -33.80
CA GLN E 771 10.58 -7.61 -33.68
C GLN E 771 10.97 -8.64 -34.74
N GLY E 772 10.05 -9.00 -35.63
CA GLY E 772 10.38 -9.94 -36.68
C GLY E 772 11.36 -9.34 -37.67
N ARG E 773 12.21 -10.20 -38.22
CA ARG E 773 13.26 -9.78 -39.13
C ARG E 773 13.10 -10.54 -40.43
N VAL E 774 13.33 -9.86 -41.56
CA VAL E 774 13.16 -10.45 -42.89
C VAL E 774 14.23 -9.90 -43.83
N VAL E 775 14.46 -10.60 -44.93
CA VAL E 775 15.21 -10.04 -46.06
C VAL E 775 14.65 -10.65 -47.32
N ASN E 776 14.94 -10.01 -48.44
CA ASN E 776 14.63 -10.54 -49.78
C ASN E 776 15.80 -10.12 -50.65
N THR E 777 15.92 -10.69 -51.87
CA THR E 777 17.00 -10.26 -52.78
C THR E 777 16.70 -10.67 -54.21
N PRO E 778 17.02 -9.81 -55.21
CA PRO E 778 17.67 -8.51 -55.03
C PRO E 778 16.77 -7.35 -54.57
N GLY E 779 15.45 -7.49 -54.65
CA GLY E 779 14.59 -6.39 -54.24
C GLY E 779 13.12 -6.74 -54.34
N GLN E 780 12.28 -5.81 -53.87
CA GLN E 780 10.84 -6.00 -53.94
C GLN E 780 10.27 -5.62 -55.30
N SER E 781 10.89 -4.67 -55.99
CA SER E 781 10.40 -4.21 -57.28
C SER E 781 10.99 -5.04 -58.42
N GLY E 782 10.16 -5.30 -59.43
CA GLY E 782 10.57 -5.91 -60.68
C GLY E 782 10.92 -4.92 -61.76
N ASP E 783 10.93 -3.64 -61.41
CA ASP E 783 11.19 -2.58 -62.37
C ASP E 783 12.68 -2.22 -62.28
N PRO E 784 13.49 -2.54 -63.30
CA PRO E 784 14.91 -2.20 -63.21
C PRO E 784 15.19 -0.72 -62.99
N GLY E 785 14.22 0.16 -63.27
CA GLY E 785 14.36 1.58 -62.99
C GLY E 785 14.05 2.01 -61.58
N ASN E 786 13.52 1.12 -60.73
CA ASN E 786 13.16 1.45 -59.36
C ASN E 786 14.30 1.11 -58.40
N SER E 787 14.51 1.97 -57.40
CA SER E 787 15.58 1.71 -56.44
C SER E 787 15.30 0.44 -55.65
N HIS E 788 14.04 0.05 -55.51
CA HIS E 788 13.70 -1.21 -54.86
C HIS E 788 13.93 -2.42 -55.75
N TYR E 789 14.45 -2.23 -56.96
CA TYR E 789 14.86 -3.37 -57.78
C TYR E 789 16.06 -4.08 -57.18
N ARG E 790 16.91 -3.33 -56.48
CA ARG E 790 18.22 -3.84 -56.12
C ARG E 790 18.70 -3.37 -54.75
N ASP E 791 17.90 -2.63 -53.99
CA ASP E 791 18.37 -2.12 -52.70
C ASP E 791 18.48 -3.22 -51.64
N LEU E 792 17.85 -4.37 -51.84
CA LEU E 792 17.93 -5.38 -50.78
C LEU E 792 19.12 -6.33 -50.95
N ALA E 793 19.66 -6.44 -52.16
CA ALA E 793 20.82 -7.30 -52.37
C ALA E 793 21.99 -6.99 -51.44
N PRO E 794 22.39 -5.73 -51.22
CA PRO E 794 23.50 -5.48 -50.28
C PRO E 794 23.20 -5.86 -48.84
N ILE E 795 21.95 -5.72 -48.38
CA ILE E 795 21.59 -6.21 -47.06
C ILE E 795 21.69 -7.73 -47.02
N TRP E 796 21.09 -8.39 -48.02
CA TRP E 796 21.16 -9.85 -48.12
C TRP E 796 22.60 -10.33 -48.10
N ALA E 797 23.50 -9.63 -48.83
CA ALA E 797 24.87 -10.10 -48.99
C ALA E 797 25.64 -10.09 -47.69
N LYS E 798 25.29 -9.19 -46.77
CA LYS E 798 25.92 -9.17 -45.45
C LYS E 798 25.26 -10.07 -44.43
N GLY E 799 24.29 -10.88 -44.85
CA GLY E 799 23.54 -11.68 -43.88
C GLY E 799 22.73 -10.84 -42.92
N GLN E 800 22.30 -9.66 -43.34
CA GLN E 800 21.51 -8.78 -42.49
C GLN E 800 20.05 -8.79 -42.90
N THR E 801 19.25 -8.09 -42.09
CA THR E 801 17.79 -8.12 -42.23
C THR E 801 17.26 -6.71 -42.04
N PHE E 802 15.97 -6.54 -42.33
CA PHE E 802 15.24 -5.35 -41.96
C PHE E 802 13.98 -5.78 -41.21
N PRO E 803 13.34 -4.88 -40.48
CA PRO E 803 12.17 -5.28 -39.69
C PRO E 803 10.95 -5.57 -40.55
N LEU E 804 10.22 -6.63 -40.18
CA LEU E 804 8.95 -6.97 -40.82
C LEU E 804 7.85 -6.25 -40.04
N VAL E 805 7.64 -4.97 -40.36
CA VAL E 805 6.78 -4.11 -39.55
C VAL E 805 5.33 -4.56 -39.69
N TYR E 806 4.61 -4.60 -38.56
CA TYR E 806 3.31 -5.27 -38.52
C TYR E 806 2.21 -4.40 -37.91
N SER E 807 2.45 -3.85 -36.72
CA SER E 807 1.48 -2.96 -36.12
C SER E 807 1.34 -1.70 -36.96
N ARG E 808 0.15 -1.11 -36.91
CA ARG E 808 -0.12 0.06 -37.73
C ARG E 808 0.88 1.18 -37.43
N LYS E 809 1.25 1.36 -36.16
CA LYS E 809 2.23 2.38 -35.81
C LYS E 809 3.60 2.10 -36.42
N ALA E 810 4.04 0.84 -36.38
CA ALA E 810 5.33 0.51 -37.00
C ALA E 810 5.30 0.71 -38.51
N VAL E 811 4.20 0.31 -39.15
CA VAL E 811 4.08 0.44 -40.60
C VAL E 811 4.08 1.92 -40.98
N GLU E 812 3.35 2.73 -40.22
CA GLU E 812 3.31 4.17 -40.49
C GLU E 812 4.66 4.82 -40.28
N ARG E 813 5.40 4.43 -39.23
CA ARG E 813 6.74 4.99 -39.01
C ARG E 813 7.69 4.67 -40.16
N ALA E 814 7.54 3.49 -40.78
CA ALA E 814 8.43 3.07 -41.86
C ALA E 814 7.92 3.44 -43.25
N ALA E 815 6.79 4.10 -43.36
CA ALA E 815 6.17 4.32 -44.67
C ALA E 815 6.98 5.31 -45.49
N GLU E 816 7.09 5.05 -46.79
CA GLU E 816 7.73 5.99 -47.68
C GLU E 816 6.83 6.46 -48.80
N LYS E 817 5.78 5.71 -49.14
CA LYS E 817 4.89 6.05 -50.24
C LYS E 817 3.52 5.49 -49.92
N ARG E 818 2.47 6.22 -50.30
CA ARG E 818 1.08 5.81 -50.10
C ARG E 818 0.35 5.67 -51.42
N ILE E 819 -0.49 4.63 -51.52
CA ILE E 819 -1.33 4.37 -52.69
C ILE E 819 -2.78 4.36 -52.22
N GLU E 820 -3.66 5.03 -52.97
N GLU E 820 -3.67 5.01 -52.97
CA GLU E 820 -5.07 5.13 -52.62
CA GLU E 820 -5.08 5.11 -52.60
C GLU E 820 -5.89 4.56 -53.78
C GLU E 820 -5.93 4.59 -53.74
N LEU E 821 -6.57 3.45 -53.51
CA LEU E 821 -7.45 2.83 -54.49
C LEU E 821 -8.88 3.25 -54.22
N THR E 822 -9.54 3.80 -55.23
CA THR E 822 -10.90 4.31 -55.12
C THR E 822 -11.83 3.49 -56.01
N PRO E 823 -12.90 2.91 -55.46
CA PRO E 823 -13.84 2.14 -56.29
C PRO E 823 -14.45 2.94 -57.43
N ARG E 824 -14.79 2.22 -58.49
CA ARG E 824 -15.44 2.78 -59.68
C ARG E 824 -16.40 1.78 -60.32
N THR F 36 -26.35 -36.98 -10.05
CA THR F 36 -25.19 -36.98 -10.95
C THR F 36 -24.76 -38.39 -11.32
N ASP F 37 -24.63 -38.66 -12.62
CA ASP F 37 -24.05 -39.90 -13.10
C ASP F 37 -22.61 -39.68 -13.54
N ARG F 38 -21.76 -40.69 -13.29
CA ARG F 38 -20.34 -40.64 -13.63
C ARG F 38 -19.98 -41.88 -14.43
N TYR F 39 -19.38 -41.69 -15.61
CA TYR F 39 -19.00 -42.79 -16.47
C TYR F 39 -17.55 -42.61 -16.92
N ALA F 40 -16.87 -43.73 -17.12
CA ALA F 40 -15.55 -43.72 -17.74
C ALA F 40 -15.69 -43.39 -19.22
N ALA F 41 -14.74 -42.61 -19.75
CA ALA F 41 -14.81 -42.15 -21.14
C ALA F 41 -13.48 -42.38 -21.83
N PRO F 42 -13.17 -43.62 -22.19
CA PRO F 42 -11.93 -43.90 -22.92
C PRO F 42 -11.92 -43.22 -24.28
N GLY F 43 -10.82 -42.52 -24.57
CA GLY F 43 -10.72 -41.73 -25.78
C GLY F 43 -11.05 -40.27 -25.61
N LEU F 44 -11.69 -39.90 -24.50
CA LEU F 44 -11.94 -38.50 -24.19
C LEU F 44 -10.65 -37.87 -23.68
N GLU F 45 -10.36 -36.64 -24.12
CA GLU F 45 -9.09 -36.02 -23.76
C GLU F 45 -9.14 -35.44 -22.35
N LYS F 46 -10.18 -34.67 -22.06
CA LYS F 46 -10.30 -33.94 -20.81
C LYS F 46 -11.69 -34.19 -20.22
N PRO F 47 -11.87 -33.92 -18.92
CA PRO F 47 -13.20 -34.07 -18.32
C PRO F 47 -14.28 -33.30 -19.06
N ALA F 48 -15.48 -33.89 -19.13
CA ALA F 48 -16.64 -33.27 -19.77
C ALA F 48 -17.88 -33.39 -18.89
N SER F 49 -18.76 -32.40 -18.97
CA SER F 49 -20.02 -32.43 -18.25
C SER F 49 -21.19 -32.19 -19.20
N ILE F 50 -22.30 -32.88 -18.95
CA ILE F 50 -23.52 -32.72 -19.74
C ILE F 50 -24.65 -32.42 -18.77
N LEU F 51 -25.32 -31.29 -18.97
CA LEU F 51 -26.51 -30.93 -18.23
C LEU F 51 -27.71 -31.18 -19.14
N ILE F 52 -28.60 -32.08 -18.71
CA ILE F 52 -29.84 -32.31 -19.42
C ILE F 52 -30.92 -31.45 -18.79
N ASP F 53 -31.54 -30.60 -19.60
CA ASP F 53 -32.52 -29.68 -19.07
C ASP F 53 -33.86 -30.42 -18.91
N ARG F 54 -34.88 -29.73 -18.40
CA ARG F 54 -36.07 -30.48 -18.06
C ARG F 54 -36.88 -30.93 -19.27
N TRP F 55 -36.50 -30.51 -20.47
CA TRP F 55 -37.18 -30.95 -21.68
C TRP F 55 -36.40 -32.03 -22.41
N GLY F 56 -35.33 -32.54 -21.80
CA GLY F 56 -34.53 -33.59 -22.38
C GLY F 56 -33.45 -33.11 -23.32
N VAL F 57 -33.19 -31.81 -23.36
CA VAL F 57 -32.13 -31.29 -24.22
C VAL F 57 -30.79 -31.43 -23.51
N PRO F 58 -29.82 -32.14 -24.08
CA PRO F 58 -28.47 -32.22 -23.47
C PRO F 58 -27.63 -30.99 -23.82
N HIS F 59 -26.96 -30.44 -22.80
CA HIS F 59 -26.07 -29.31 -22.98
C HIS F 59 -24.68 -29.78 -22.59
N ILE F 60 -23.80 -29.85 -23.59
CA ILE F 60 -22.52 -30.52 -23.50
C ILE F 60 -21.42 -29.48 -23.33
N TYR F 61 -20.59 -29.65 -22.28
CA TYR F 61 -19.49 -28.75 -21.98
C TYR F 61 -18.19 -29.55 -21.97
N ALA F 62 -17.35 -29.32 -22.98
CA ALA F 62 -16.10 -30.07 -23.10
C ALA F 62 -14.91 -29.13 -22.98
N GLY F 63 -13.75 -29.72 -22.69
CA GLY F 63 -12.54 -28.96 -22.49
C GLY F 63 -11.67 -28.84 -23.73
N THR F 64 -11.94 -29.64 -24.77
CA THR F 64 -11.27 -29.49 -26.07
C THR F 64 -12.34 -29.51 -27.16
N LEU F 65 -11.98 -28.99 -28.32
CA LEU F 65 -12.94 -28.91 -29.43
C LEU F 65 -13.53 -30.28 -29.75
N TYR F 66 -12.69 -31.29 -29.97
CA TYR F 66 -13.22 -32.57 -30.44
C TYR F 66 -13.86 -33.40 -29.33
N ASP F 67 -13.52 -33.11 -28.07
CA ASP F 67 -14.22 -33.77 -26.97
C ASP F 67 -15.71 -33.49 -27.01
N ALA F 68 -16.11 -32.32 -27.51
CA ALA F 68 -17.53 -32.01 -27.56
C ALA F 68 -18.26 -33.01 -28.44
N PHE F 69 -17.62 -33.45 -29.55
CA PHE F 69 -18.29 -34.40 -30.42
C PHE F 69 -18.24 -35.82 -29.84
N TYR F 70 -17.19 -36.14 -29.08
CA TYR F 70 -17.21 -37.38 -28.29
C TYR F 70 -18.42 -37.39 -27.34
N ALA F 71 -18.58 -36.33 -26.56
CA ALA F 71 -19.70 -36.28 -25.62
C ALA F 71 -21.03 -36.31 -26.36
N GLN F 72 -21.12 -35.67 -27.53
CA GLN F 72 -22.38 -35.74 -28.27
C GLN F 72 -22.68 -37.18 -28.72
N GLY F 73 -21.65 -37.90 -29.19
CA GLY F 73 -21.84 -39.30 -29.54
C GLY F 73 -22.26 -40.15 -28.35
N PHE F 74 -21.62 -39.93 -27.19
CA PHE F 74 -22.00 -40.65 -25.97
C PHE F 74 -23.46 -40.40 -25.62
N ILE F 75 -23.87 -39.12 -25.67
CA ILE F 75 -25.21 -38.69 -25.29
C ILE F 75 -26.23 -39.14 -26.32
N ALA F 76 -25.89 -39.06 -27.60
CA ALA F 76 -26.79 -39.54 -28.64
C ALA F 76 -27.09 -41.03 -28.48
N ALA F 77 -26.08 -41.82 -28.08
CA ALA F 77 -26.33 -43.24 -27.83
C ALA F 77 -27.18 -43.42 -26.57
N ARG F 78 -26.94 -42.60 -25.53
CA ARG F 78 -27.71 -42.71 -24.28
C ARG F 78 -29.19 -42.49 -24.54
N ASP F 79 -29.53 -41.54 -25.41
CA ASP F 79 -30.92 -41.22 -25.71
C ASP F 79 -31.48 -42.05 -26.87
N ARG F 80 -30.66 -42.40 -27.87
CA ARG F 80 -31.20 -42.94 -29.09
C ARG F 80 -30.38 -44.11 -29.65
N LEU F 81 -29.72 -44.91 -28.80
CA LEU F 81 -28.81 -45.91 -29.34
C LEU F 81 -29.50 -46.84 -30.32
N TRP F 82 -30.72 -47.30 -30.01
CA TRP F 82 -31.37 -48.26 -30.91
C TRP F 82 -31.60 -47.63 -32.29
N GLN F 83 -32.14 -46.41 -32.31
CA GLN F 83 -32.40 -45.70 -33.55
C GLN F 83 -31.12 -45.51 -34.38
N ILE F 84 -30.03 -45.04 -33.76
CA ILE F 84 -28.82 -44.80 -34.57
C ILE F 84 -28.13 -46.10 -34.93
N ASP F 85 -28.19 -47.11 -34.05
CA ASP F 85 -27.67 -48.41 -34.44
C ASP F 85 -28.45 -48.97 -35.62
N LEU F 86 -29.76 -48.76 -35.64
CA LEU F 86 -30.58 -49.28 -36.72
C LEU F 86 -30.31 -48.56 -38.04
N TRP F 87 -30.21 -47.22 -38.01
CA TRP F 87 -29.84 -46.47 -39.21
C TRP F 87 -28.55 -47.00 -39.80
N ARG F 88 -27.54 -47.17 -38.95
CA ARG F 88 -26.25 -47.70 -39.41
C ARG F 88 -26.40 -49.12 -39.94
N LYS F 89 -27.13 -49.98 -39.22
CA LYS F 89 -27.31 -51.37 -39.63
C LYS F 89 -27.98 -51.46 -41.01
N ARG F 90 -29.01 -50.65 -41.22
CA ARG F 90 -29.69 -50.59 -42.52
C ARG F 90 -28.75 -50.04 -43.60
N GLY F 91 -28.02 -48.98 -43.29
CA GLY F 91 -27.14 -48.38 -44.30
C GLY F 91 -26.01 -49.28 -44.75
N LEU F 92 -25.44 -50.07 -43.82
CA LEU F 92 -24.32 -50.94 -44.16
C LEU F 92 -24.74 -52.30 -44.68
N GLY F 93 -26.04 -52.54 -44.80
CA GLY F 93 -26.53 -53.82 -45.27
C GLY F 93 -26.21 -54.95 -44.32
N GLU F 94 -26.45 -54.74 -43.02
CA GLU F 94 -26.21 -55.73 -41.98
C GLU F 94 -27.51 -56.13 -41.29
N MET F 95 -28.65 -55.89 -41.94
CA MET F 95 -29.92 -56.22 -41.35
C MET F 95 -30.09 -57.72 -41.18
N ALA F 96 -29.76 -58.49 -42.22
CA ALA F 96 -30.03 -59.93 -42.22
C ALA F 96 -29.19 -60.65 -41.18
N ARG F 97 -28.01 -60.11 -40.87
CA ARG F 97 -27.18 -60.66 -39.82
C ARG F 97 -27.99 -60.94 -38.57
N ASP F 98 -28.98 -60.09 -38.27
CA ASP F 98 -29.77 -60.22 -37.07
C ASP F 98 -31.26 -60.46 -37.30
N PHE F 99 -31.79 -60.14 -38.47
CA PHE F 99 -33.23 -60.26 -38.66
C PHE F 99 -33.62 -61.34 -39.67
N GLY F 100 -32.64 -62.04 -40.25
CA GLY F 100 -32.90 -63.25 -40.99
C GLY F 100 -32.97 -63.07 -42.49
N PRO F 101 -33.32 -64.16 -43.19
CA PRO F 101 -33.13 -64.17 -44.65
C PRO F 101 -34.02 -63.21 -45.41
N ALA F 102 -35.14 -62.78 -44.84
CA ALA F 102 -36.03 -61.85 -45.53
C ALA F 102 -35.35 -60.52 -45.84
N TYR F 103 -34.22 -60.21 -45.20
CA TYR F 103 -33.58 -58.91 -45.34
C TYR F 103 -32.35 -58.93 -46.24
N VAL F 104 -32.10 -60.04 -46.94
CA VAL F 104 -30.88 -60.17 -47.74
C VAL F 104 -30.90 -59.22 -48.94
N ASP F 105 -31.98 -59.25 -49.73
CA ASP F 105 -32.06 -58.39 -50.91
C ASP F 105 -31.92 -56.92 -50.53
N GLY F 106 -32.52 -56.51 -49.42
CA GLY F 106 -32.34 -55.15 -48.96
C GLY F 106 -30.90 -54.87 -48.57
N ASP F 107 -30.24 -55.84 -47.93
CA ASP F 107 -28.82 -55.68 -47.61
C ASP F 107 -27.99 -55.52 -48.86
N ARG F 108 -28.25 -56.35 -49.88
CA ARG F 108 -27.47 -56.24 -51.11
C ARG F 108 -27.64 -54.86 -51.75
N MET F 109 -28.89 -54.39 -51.86
CA MET F 109 -29.15 -53.10 -52.49
C MET F 109 -28.63 -51.94 -51.65
N ALA F 110 -28.62 -52.09 -50.32
CA ALA F 110 -28.03 -51.04 -49.49
C ALA F 110 -26.54 -50.90 -49.76
N ARG F 111 -25.84 -52.02 -49.92
CA ARG F 111 -24.42 -51.92 -50.23
C ARG F 111 -24.19 -51.37 -51.63
N ALA F 112 -25.14 -51.60 -52.55
CA ALA F 112 -25.03 -51.06 -53.90
C ALA F 112 -25.06 -49.55 -53.92
N VAL F 113 -25.58 -48.91 -52.88
CA VAL F 113 -25.67 -47.45 -52.83
C VAL F 113 -24.89 -46.86 -51.64
N LEU F 114 -23.88 -47.58 -51.13
CA LEU F 114 -22.91 -46.97 -50.23
C LEU F 114 -21.93 -46.12 -51.04
N TYR F 115 -21.38 -45.09 -50.40
CA TYR F 115 -20.33 -44.31 -51.06
C TYR F 115 -19.14 -45.23 -51.35
N ARG F 116 -18.66 -45.23 -52.59
CA ARG F 116 -17.53 -46.09 -52.93
C ARG F 116 -16.41 -45.33 -53.65
N GLY F 117 -16.38 -44.00 -53.55
CA GLY F 117 -15.37 -43.20 -54.21
C GLY F 117 -14.13 -43.02 -53.37
N ASP F 118 -13.30 -42.07 -53.80
CA ASP F 118 -12.04 -41.76 -53.12
C ASP F 118 -12.32 -41.22 -51.70
N MET F 119 -11.81 -41.90 -50.67
CA MET F 119 -12.07 -41.49 -49.30
C MET F 119 -11.22 -40.31 -48.88
N TYR F 120 -10.02 -40.17 -49.46
CA TYR F 120 -9.23 -38.99 -49.19
C TYR F 120 -10.04 -37.74 -49.55
N ARG F 121 -10.64 -37.72 -50.74
CA ARG F 121 -11.47 -36.57 -51.12
C ARG F 121 -12.71 -36.48 -50.25
N GLU F 122 -13.31 -37.61 -49.88
CA GLU F 122 -14.54 -37.61 -49.10
C GLU F 122 -14.39 -36.85 -47.79
N TRP F 123 -13.35 -37.17 -47.01
CA TRP F 123 -13.19 -36.51 -45.71
C TRP F 123 -13.07 -35.00 -45.88
N LEU F 124 -12.43 -34.54 -46.96
CA LEU F 124 -12.19 -33.12 -47.14
C LEU F 124 -13.39 -32.37 -47.75
N ALA F 125 -14.46 -33.07 -48.12
CA ALA F 125 -15.58 -32.43 -48.82
C ALA F 125 -16.39 -31.53 -47.91
N TYR F 126 -16.36 -31.77 -46.61
CA TYR F 126 -17.29 -31.12 -45.69
C TYR F 126 -16.66 -29.96 -44.93
N GLY F 127 -15.41 -29.66 -45.20
CA GLY F 127 -14.62 -28.75 -44.41
C GLY F 127 -13.29 -29.41 -44.14
N SER F 128 -12.50 -28.82 -43.25
CA SER F 128 -11.13 -29.28 -43.13
C SER F 128 -10.88 -30.24 -41.97
N ASP F 129 -11.81 -30.38 -41.01
CA ASP F 129 -11.53 -31.27 -39.88
C ASP F 129 -12.65 -32.29 -39.66
N ALA F 130 -13.37 -32.68 -40.71
CA ALA F 130 -14.49 -33.63 -40.53
C ALA F 130 -14.04 -34.99 -40.01
N LYS F 131 -12.84 -35.45 -40.39
CA LYS F 131 -12.45 -36.79 -39.94
C LYS F 131 -12.20 -36.82 -38.42
N ARG F 132 -11.56 -35.77 -37.88
CA ARG F 132 -11.41 -35.69 -36.44
C ARG F 132 -12.77 -35.62 -35.75
N VAL F 133 -13.70 -34.83 -36.28
CA VAL F 133 -15.03 -34.76 -35.70
C VAL F 133 -15.67 -36.14 -35.73
N ALA F 134 -15.67 -36.78 -36.90
CA ALA F 134 -16.32 -38.08 -37.02
C ALA F 134 -15.67 -39.11 -36.11
N GLU F 135 -14.33 -39.12 -36.04
CA GLU F 135 -13.64 -40.08 -35.18
C GLU F 135 -14.00 -39.87 -33.70
N ALA F 136 -14.05 -38.61 -33.26
CA ALA F 136 -14.42 -38.34 -31.87
C ALA F 136 -15.85 -38.79 -31.59
N PHE F 137 -16.77 -38.50 -32.52
CA PHE F 137 -18.17 -38.84 -32.30
C PHE F 137 -18.34 -40.34 -32.14
N VAL F 138 -17.73 -41.13 -33.02
CA VAL F 138 -17.89 -42.58 -32.93
C VAL F 138 -17.12 -43.18 -31.75
N ALA F 139 -16.06 -42.52 -31.28
CA ALA F 139 -15.47 -42.95 -30.01
C ALA F 139 -16.46 -42.80 -28.86
N GLY F 140 -17.25 -41.73 -28.87
CA GLY F 140 -18.25 -41.53 -27.84
C GLY F 140 -19.37 -42.56 -27.90
N VAL F 141 -19.89 -42.81 -29.10
CA VAL F 141 -20.88 -43.87 -29.30
C VAL F 141 -20.35 -45.20 -28.82
N ASN F 142 -19.12 -45.55 -29.23
CA ASN F 142 -18.55 -46.85 -28.89
C ASN F 142 -18.32 -46.99 -27.40
N ALA F 143 -17.95 -45.90 -26.71
CA ALA F 143 -17.87 -45.97 -25.26
C ALA F 143 -19.23 -46.32 -24.67
N TYR F 144 -20.31 -45.73 -25.20
CA TYR F 144 -21.62 -46.06 -24.64
C TYR F 144 -22.02 -47.49 -24.97
N VAL F 145 -21.68 -47.98 -26.16
CA VAL F 145 -21.96 -49.37 -26.48
C VAL F 145 -21.22 -50.29 -25.51
N ALA F 146 -19.94 -50.00 -25.27
CA ALA F 146 -19.18 -50.79 -24.29
C ALA F 146 -19.87 -50.75 -22.94
N LEU F 147 -20.46 -49.61 -22.58
CA LEU F 147 -21.17 -49.51 -21.31
C LEU F 147 -22.39 -50.41 -21.25
N THR F 148 -23.14 -50.55 -22.37
CA THR F 148 -24.28 -51.45 -22.36
C THR F 148 -23.83 -52.91 -22.24
N GLU F 149 -22.60 -53.21 -22.67
CA GLU F 149 -22.03 -54.54 -22.49
C GLU F 149 -21.66 -54.80 -21.05
N ALA F 150 -21.13 -53.79 -20.35
CA ALA F 150 -20.74 -53.95 -18.95
C ALA F 150 -21.95 -53.88 -18.02
N GLN F 151 -22.98 -53.12 -18.39
CA GLN F 151 -24.18 -52.94 -17.57
C GLN F 151 -25.38 -53.22 -18.48
N PRO F 152 -25.71 -54.50 -18.67
CA PRO F 152 -26.78 -54.85 -19.63
C PRO F 152 -28.13 -54.28 -19.26
N GLU F 153 -28.29 -53.73 -18.06
CA GLU F 153 -29.52 -53.04 -17.72
C GLU F 153 -29.69 -51.75 -18.52
N LEU F 154 -28.59 -51.24 -19.10
CA LEU F 154 -28.63 -50.05 -19.93
C LEU F 154 -28.92 -50.35 -21.39
N LEU F 155 -29.02 -51.62 -21.76
CA LEU F 155 -29.34 -51.99 -23.12
C LEU F 155 -30.76 -51.55 -23.48
N PRO F 156 -30.94 -50.76 -24.54
CA PRO F 156 -32.30 -50.40 -24.96
C PRO F 156 -33.15 -51.64 -25.18
N ARG F 157 -34.41 -51.54 -24.80
CA ARG F 157 -35.28 -52.71 -24.76
C ARG F 157 -35.52 -53.31 -26.15
N GLU F 158 -35.46 -52.51 -27.20
CA GLU F 158 -35.65 -53.09 -28.53
C GLU F 158 -34.58 -54.15 -28.84
N PHE F 159 -33.35 -53.97 -28.34
CA PHE F 159 -32.34 -55.01 -28.53
C PHE F 159 -32.73 -56.29 -27.83
N LYS F 160 -33.22 -56.19 -26.58
CA LYS F 160 -33.67 -57.38 -25.86
C LYS F 160 -34.82 -58.06 -26.60
N GLN F 161 -35.82 -57.29 -27.02
CA GLN F 161 -36.96 -57.82 -27.76
C GLN F 161 -36.55 -58.64 -28.99
N LEU F 162 -35.58 -58.15 -29.77
CA LEU F 162 -35.22 -58.81 -31.03
C LEU F 162 -34.02 -59.74 -30.94
N GLY F 163 -33.34 -59.80 -29.80
CA GLY F 163 -32.25 -60.76 -29.64
C GLY F 163 -30.96 -60.42 -30.34
N TYR F 164 -30.52 -59.16 -30.27
CA TYR F 164 -29.20 -58.79 -30.78
C TYR F 164 -28.69 -57.63 -29.93
N LYS F 165 -27.49 -57.15 -30.27
CA LYS F 165 -26.71 -56.18 -29.52
C LYS F 165 -26.31 -55.01 -30.41
N PRO F 166 -26.05 -53.83 -29.82
CA PRO F 166 -25.55 -52.71 -30.64
C PRO F 166 -24.13 -52.96 -31.13
N SER F 167 -23.83 -52.41 -32.30
CA SER F 167 -22.53 -52.59 -32.91
C SER F 167 -21.56 -51.47 -32.55
N ARG F 168 -20.28 -51.77 -32.78
CA ARG F 168 -19.24 -50.76 -32.78
C ARG F 168 -19.25 -50.00 -34.10
N TRP F 169 -18.93 -48.72 -34.05
CA TRP F 169 -18.93 -47.86 -35.22
C TRP F 169 -17.51 -47.58 -35.67
N ARG F 170 -17.37 -47.26 -36.95
N ARG F 170 -17.38 -47.26 -36.96
CA ARG F 170 -16.15 -46.69 -37.48
CA ARG F 170 -16.16 -46.70 -37.52
C ARG F 170 -16.46 -45.30 -38.02
C ARG F 170 -16.46 -45.30 -38.02
N ALA F 171 -15.44 -44.42 -37.98
CA ALA F 171 -15.63 -43.04 -38.43
C ALA F 171 -16.18 -43.00 -39.84
N GLU F 172 -15.72 -43.90 -40.71
CA GLU F 172 -16.16 -43.82 -42.10
C GLU F 172 -17.64 -44.17 -42.27
N ASP F 173 -18.26 -44.90 -41.32
CA ASP F 173 -19.71 -45.15 -41.41
C ASP F 173 -20.48 -43.85 -41.49
N ILE F 174 -20.01 -42.79 -40.82
CA ILE F 174 -20.73 -41.51 -40.80
C ILE F 174 -20.92 -40.98 -42.22
N VAL F 175 -19.89 -41.09 -43.07
CA VAL F 175 -19.96 -40.44 -44.37
C VAL F 175 -20.34 -41.38 -45.52
N ARG F 176 -20.16 -42.70 -45.37
CA ARG F 176 -20.45 -43.61 -46.47
C ARG F 176 -21.95 -43.93 -46.60
N ILE F 177 -22.75 -43.72 -45.56
CA ILE F 177 -24.19 -43.98 -45.68
C ILE F 177 -24.87 -42.75 -46.28
N ARG F 178 -25.59 -42.96 -47.38
CA ARG F 178 -26.10 -41.91 -48.26
C ARG F 178 -27.61 -42.01 -48.50
N HIS F 179 -28.16 -43.22 -48.46
CA HIS F 179 -29.45 -43.49 -49.08
C HIS F 179 -30.64 -42.95 -48.30
N HIS F 180 -30.41 -42.39 -47.12
CA HIS F 180 -31.46 -41.75 -46.34
C HIS F 180 -31.66 -40.29 -46.70
N GLY F 181 -30.83 -39.72 -47.57
CA GLY F 181 -30.98 -38.31 -47.92
C GLY F 181 -32.13 -38.09 -48.88
N LEU F 182 -32.92 -37.04 -48.61
CA LEU F 182 -34.03 -36.67 -49.49
C LEU F 182 -33.49 -36.32 -50.87
N THR F 183 -34.13 -36.86 -51.92
CA THR F 183 -33.58 -36.73 -53.26
C THR F 183 -34.68 -36.96 -54.31
N LEU F 184 -34.31 -36.71 -55.58
CA LEU F 184 -35.17 -36.84 -56.75
C LEU F 184 -34.25 -36.71 -57.97
N ASN F 185 -34.70 -37.17 -59.14
CA ASN F 185 -36.06 -37.62 -59.40
C ASN F 185 -36.17 -38.95 -60.12
N PHE F 186 -35.42 -39.94 -59.63
CA PHE F 186 -35.54 -41.27 -60.20
C PHE F 186 -37.02 -41.70 -60.25
N THR F 187 -37.75 -41.52 -59.14
CA THR F 187 -39.15 -41.95 -59.09
C THR F 187 -40.00 -41.20 -60.09
N GLY F 188 -39.80 -39.87 -60.19
CA GLY F 188 -40.53 -39.09 -61.17
C GLY F 188 -40.24 -39.51 -62.61
N GLU F 189 -38.96 -39.76 -62.93
CA GLU F 189 -38.60 -40.21 -64.28
C GLU F 189 -39.31 -41.51 -64.65
N VAL F 190 -39.34 -42.46 -63.72
CA VAL F 190 -39.99 -43.75 -63.99
C VAL F 190 -41.48 -43.54 -64.19
N ASP F 191 -42.11 -42.74 -63.33
CA ASP F 191 -43.54 -42.48 -63.49
C ASP F 191 -43.82 -41.76 -64.80
N ARG F 192 -43.01 -40.75 -65.14
CA ARG F 192 -43.26 -40.01 -66.37
C ARG F 192 -43.08 -40.90 -67.61
N ALA F 193 -42.03 -41.72 -67.62
CA ALA F 193 -41.81 -42.60 -68.76
C ALA F 193 -42.93 -43.64 -68.87
N THR F 194 -43.39 -44.18 -67.75
CA THR F 194 -44.49 -45.14 -67.79
C THR F 194 -45.73 -44.50 -68.37
N LEU F 195 -46.02 -43.26 -67.98
CA LEU F 195 -47.17 -42.57 -68.52
C LEU F 195 -47.03 -42.37 -70.02
N TYR F 196 -45.86 -41.91 -70.47
CA TYR F 196 -45.67 -41.70 -71.90
C TYR F 196 -45.84 -43.00 -72.68
N CYS F 197 -45.43 -44.13 -72.10
CA CYS F 197 -45.63 -45.43 -72.73
C CYS F 197 -47.12 -45.77 -72.81
N GLN F 198 -47.81 -45.75 -71.67
CA GLN F 198 -49.17 -46.28 -71.65
C GLN F 198 -50.22 -45.28 -72.18
N ALA F 199 -49.94 -43.97 -72.11
CA ALA F 199 -50.90 -42.94 -72.52
C ALA F 199 -50.69 -42.48 -73.96
N LYS F 200 -49.56 -42.85 -74.58
CA LYS F 200 -49.29 -42.64 -75.99
C LYS F 200 -49.55 -41.19 -76.42
N GLU F 201 -50.53 -40.98 -77.30
CA GLU F 201 -50.72 -39.64 -77.86
C GLU F 201 -51.20 -38.64 -76.82
N GLN F 202 -51.87 -39.10 -75.77
CA GLN F 202 -52.36 -38.22 -74.71
C GLN F 202 -51.37 -38.04 -73.57
N ALA F 203 -50.10 -38.43 -73.76
CA ALA F 203 -49.15 -38.45 -72.65
C ALA F 203 -48.89 -37.05 -72.11
N ALA F 204 -48.58 -36.10 -73.00
CA ALA F 204 -48.23 -34.77 -72.52
C ALA F 204 -49.36 -34.18 -71.70
N ARG F 205 -50.61 -34.39 -72.14
N ARG F 205 -50.62 -34.39 -72.11
CA ARG F 205 -51.77 -33.88 -71.41
CA ARG F 205 -51.69 -33.78 -71.31
C ARG F 205 -51.90 -34.56 -70.06
C ARG F 205 -52.06 -34.59 -70.07
N ALA F 206 -51.77 -35.89 -70.03
CA ALA F 206 -51.89 -36.62 -68.77
C ALA F 206 -50.78 -36.27 -67.79
N ASP F 207 -49.55 -36.16 -68.28
CA ASP F 207 -48.42 -35.81 -67.42
C ASP F 207 -48.55 -34.37 -66.91
N TRP F 208 -49.26 -33.53 -67.65
CA TRP F 208 -49.55 -32.18 -67.19
C TRP F 208 -50.45 -32.20 -65.95
N LEU F 209 -51.45 -33.09 -65.90
CA LEU F 209 -52.23 -33.25 -64.67
C LEU F 209 -51.43 -33.97 -63.60
N ARG F 210 -50.50 -34.82 -64.00
CA ARG F 210 -49.82 -35.67 -63.03
C ARG F 210 -48.88 -34.86 -62.15
N ARG F 211 -48.18 -33.87 -62.70
CA ARG F 211 -47.07 -33.24 -61.97
C ARG F 211 -46.87 -31.80 -62.43
N GLU F 212 -47.06 -30.86 -61.52
CA GLU F 212 -46.75 -29.47 -61.85
C GLU F 212 -45.24 -29.33 -62.04
N LEU F 213 -44.86 -28.58 -63.06
CA LEU F 213 -43.49 -28.20 -63.31
C LEU F 213 -43.37 -26.70 -63.14
N ASP F 214 -42.24 -26.26 -62.58
CA ASP F 214 -41.95 -24.84 -62.40
C ASP F 214 -40.46 -24.61 -62.66
N PRO F 215 -40.09 -23.88 -63.74
CA PRO F 215 -41.00 -23.27 -64.71
C PRO F 215 -41.75 -24.31 -65.55
N PRO F 216 -42.94 -23.98 -66.03
CA PRO F 216 -43.80 -24.98 -66.71
C PRO F 216 -43.37 -25.23 -68.15
N ILE F 217 -42.20 -25.86 -68.31
CA ILE F 217 -41.70 -26.21 -69.63
C ILE F 217 -42.53 -27.35 -70.22
N THR F 218 -42.32 -27.62 -71.50
CA THR F 218 -42.76 -28.87 -72.10
C THR F 218 -41.63 -29.87 -72.00
N PRO F 219 -41.80 -30.97 -71.27
CA PRO F 219 -40.74 -31.99 -71.21
C PRO F 219 -40.43 -32.52 -72.60
N THR F 220 -39.16 -32.91 -72.78
CA THR F 220 -38.70 -33.45 -74.06
C THR F 220 -38.31 -34.91 -73.87
N LEU F 221 -39.06 -35.82 -74.49
CA LEU F 221 -38.67 -37.23 -74.51
C LEU F 221 -37.32 -37.37 -75.21
N PRO F 222 -36.27 -37.82 -74.51
CA PRO F 222 -34.95 -37.84 -75.14
C PRO F 222 -34.92 -38.78 -76.34
N GLU F 223 -34.23 -38.32 -77.39
CA GLU F 223 -34.04 -39.14 -78.59
C GLU F 223 -33.32 -40.42 -78.22
N GLY F 224 -33.88 -41.56 -78.58
CA GLY F 224 -33.24 -42.79 -78.22
C GLY F 224 -33.86 -43.47 -77.02
N LEU F 225 -34.78 -42.81 -76.32
CA LEU F 225 -35.46 -43.41 -75.19
C LEU F 225 -36.72 -44.07 -75.71
N ASP F 226 -36.84 -45.37 -75.49
CA ASP F 226 -38.13 -46.03 -75.61
C ASP F 226 -38.77 -45.98 -74.25
N PRO F 227 -39.76 -45.11 -74.03
CA PRO F 227 -40.41 -45.03 -72.71
C PRO F 227 -40.98 -46.35 -72.20
N CYS F 228 -41.30 -47.28 -73.10
CA CYS F 228 -41.85 -48.56 -72.69
C CYS F 228 -40.81 -49.54 -72.16
N ALA F 229 -39.53 -49.29 -72.37
CA ALA F 229 -38.46 -50.09 -71.78
C ALA F 229 -38.05 -49.56 -70.39
N VAL F 230 -39.03 -49.13 -69.61
CA VAL F 230 -38.84 -48.65 -68.23
C VAL F 230 -39.84 -49.40 -67.38
N PRO F 231 -39.48 -50.59 -66.91
CA PRO F 231 -40.41 -51.40 -66.11
C PRO F 231 -40.61 -50.85 -64.71
N ALA F 232 -41.75 -50.19 -64.48
CA ALA F 232 -41.94 -49.40 -63.27
C ALA F 232 -41.91 -50.28 -62.01
N ALA F 233 -42.66 -51.38 -62.03
CA ALA F 233 -42.76 -52.22 -60.84
C ALA F 233 -41.40 -52.77 -60.43
N ALA F 234 -40.65 -53.32 -61.37
CA ALA F 234 -39.33 -53.88 -61.04
C ALA F 234 -38.35 -52.79 -60.63
N LEU F 235 -38.36 -51.64 -61.30
CA LEU F 235 -37.41 -50.58 -60.98
C LEU F 235 -37.69 -49.96 -59.62
N LYS F 236 -38.97 -49.70 -59.29
CA LYS F 236 -39.33 -49.12 -58.00
C LYS F 236 -39.02 -50.08 -56.87
N LYS F 237 -39.21 -51.38 -57.10
CA LYS F 237 -38.88 -52.38 -56.09
C LYS F 237 -37.39 -52.35 -55.77
N ALA F 238 -36.53 -52.24 -56.80
CA ALA F 238 -35.10 -52.20 -56.55
C ALA F 238 -34.70 -50.90 -55.83
N TYR F 239 -35.31 -49.77 -56.20
CA TYR F 239 -34.95 -48.50 -55.56
C TYR F 239 -35.37 -48.48 -54.09
N THR F 240 -36.59 -48.95 -53.82
CA THR F 240 -37.04 -49.07 -52.44
C THR F 240 -36.12 -49.97 -51.65
N LEU F 241 -35.77 -51.15 -52.20
CA LEU F 241 -34.82 -52.00 -51.50
C LEU F 241 -33.51 -51.27 -51.20
N ALA F 242 -33.11 -50.37 -52.10
CA ALA F 242 -31.85 -49.64 -51.90
C ALA F 242 -31.96 -48.47 -50.92
N THR F 243 -33.14 -47.83 -50.83
CA THR F 243 -33.24 -46.53 -50.16
C THR F 243 -34.19 -46.47 -48.97
N ALA F 244 -35.20 -47.34 -48.89
CA ALA F 244 -36.21 -47.20 -47.85
C ALA F 244 -35.65 -47.44 -46.44
N ALA F 245 -36.25 -46.78 -45.46
CA ALA F 245 -35.84 -47.01 -44.08
C ALA F 245 -36.15 -48.45 -43.66
N ALA F 246 -35.42 -48.92 -42.66
CA ALA F 246 -35.66 -50.24 -42.09
C ALA F 246 -37.15 -50.45 -41.82
N ASN F 247 -37.65 -51.63 -42.18
CA ASN F 247 -39.06 -51.95 -42.04
C ASN F 247 -39.19 -53.33 -41.41
N PHE F 248 -40.23 -53.49 -40.59
CA PHE F 248 -40.47 -54.71 -39.81
C PHE F 248 -41.91 -55.15 -40.03
N PRO F 249 -42.22 -55.76 -41.17
CA PRO F 249 -43.60 -56.19 -41.41
C PRO F 249 -43.94 -57.48 -40.67
N LYS F 250 -45.24 -57.61 -40.39
CA LYS F 250 -45.74 -58.81 -39.72
C LYS F 250 -45.30 -60.08 -40.44
N GLU F 251 -45.28 -60.03 -41.78
CA GLU F 251 -44.98 -61.18 -42.63
C GLU F 251 -43.62 -61.82 -42.35
N ALA F 252 -42.62 -61.04 -41.92
CA ALA F 252 -41.31 -61.61 -41.62
C ALA F 252 -41.13 -61.93 -40.14
N TRP F 253 -42.14 -61.70 -39.31
CA TRP F 253 -41.99 -61.86 -37.86
C TRP F 253 -43.19 -62.57 -37.25
N SER F 282 -41.36 -28.15 -45.73
CA SER F 282 -40.68 -27.30 -44.74
C SER F 282 -40.96 -25.84 -44.98
N ASN F 283 -41.00 -25.04 -43.90
CA ASN F 283 -40.99 -23.59 -44.01
C ASN F 283 -39.77 -23.05 -43.27
N ASN F 284 -39.24 -21.91 -43.73
CA ASN F 284 -38.39 -21.07 -42.90
C ASN F 284 -38.61 -19.63 -43.32
N TRP F 285 -38.17 -18.71 -42.45
CA TRP F 285 -38.15 -17.31 -42.81
C TRP F 285 -37.23 -16.57 -41.84
N VAL F 286 -36.75 -15.42 -42.28
CA VAL F 286 -35.93 -14.56 -41.43
C VAL F 286 -36.43 -13.14 -41.66
N ILE F 287 -36.49 -12.36 -40.59
CA ILE F 287 -37.08 -11.03 -40.58
C ILE F 287 -36.09 -10.05 -39.95
N ALA F 288 -35.88 -8.92 -40.61
CA ALA F 288 -34.93 -7.94 -40.12
C ALA F 288 -35.44 -7.29 -38.84
N GLY F 289 -34.48 -6.79 -38.03
CA GLY F 289 -34.79 -6.25 -36.71
C GLY F 289 -35.71 -5.04 -36.73
N SER F 290 -35.64 -4.21 -37.76
CA SER F 290 -36.56 -3.08 -37.83
C SER F 290 -38.00 -3.53 -38.01
N ARG F 291 -38.23 -4.78 -38.39
CA ARG F 291 -39.56 -5.30 -38.62
C ARG F 291 -39.96 -6.29 -37.53
N THR F 292 -39.26 -6.27 -36.39
CA THR F 292 -39.60 -7.13 -35.27
C THR F 292 -39.84 -6.31 -34.02
N SER F 293 -40.68 -6.86 -33.14
CA SER F 293 -40.93 -6.24 -31.86
C SER F 293 -39.69 -6.21 -30.98
N THR F 294 -38.69 -7.05 -31.28
CA THR F 294 -37.48 -7.13 -30.48
C THR F 294 -36.42 -6.11 -30.91
N GLY F 295 -36.49 -5.64 -32.16
CA GLY F 295 -35.43 -4.85 -32.75
C GLY F 295 -34.30 -5.65 -33.32
N ARG F 296 -34.26 -6.95 -33.07
CA ARG F 296 -33.26 -7.88 -33.60
C ARG F 296 -33.92 -8.82 -34.60
N PRO F 297 -33.16 -9.47 -35.48
CA PRO F 297 -33.79 -10.38 -36.44
C PRO F 297 -34.49 -11.53 -35.72
N ILE F 298 -35.47 -12.10 -36.40
CA ILE F 298 -36.15 -13.33 -36.00
C ILE F 298 -35.94 -14.33 -37.13
N LEU F 299 -35.53 -15.54 -36.79
CA LEU F 299 -35.36 -16.60 -37.76
C LEU F 299 -36.14 -17.82 -37.28
N ALA F 300 -36.98 -18.38 -38.16
CA ALA F 300 -37.86 -19.48 -37.83
C ALA F 300 -37.61 -20.63 -38.79
N ASN F 301 -37.78 -21.87 -38.32
CA ASN F 301 -37.61 -23.04 -39.17
C ASN F 301 -38.46 -24.17 -38.62
N ASP F 302 -39.34 -24.73 -39.45
CA ASP F 302 -40.04 -25.96 -39.13
C ASP F 302 -39.91 -26.88 -40.34
N PRO F 303 -38.89 -27.74 -40.35
CA PRO F 303 -38.77 -28.75 -41.41
C PRO F 303 -39.97 -29.71 -41.39
N HIS F 304 -40.35 -30.20 -42.56
CA HIS F 304 -41.47 -31.16 -42.67
C HIS F 304 -40.94 -32.50 -43.16
N ARG F 305 -41.00 -33.49 -42.27
CA ARG F 305 -40.40 -34.80 -42.47
C ARG F 305 -41.36 -35.83 -41.86
N ALA F 306 -41.09 -37.11 -42.16
CA ALA F 306 -41.88 -38.19 -41.57
C ALA F 306 -41.86 -38.12 -40.05
N HIS F 307 -43.02 -38.38 -39.45
CA HIS F 307 -43.15 -38.47 -38.01
C HIS F 307 -42.87 -39.90 -37.55
N GLY F 308 -42.47 -40.04 -36.30
CA GLY F 308 -42.18 -41.36 -35.77
C GLY F 308 -41.79 -41.26 -34.31
N ALA F 309 -41.74 -42.41 -33.66
CA ALA F 309 -41.20 -42.54 -32.32
C ALA F 309 -40.05 -43.52 -32.40
N PRO F 310 -38.82 -43.11 -32.09
CA PRO F 310 -38.44 -41.74 -31.72
C PRO F 310 -38.37 -40.82 -32.96
N SER F 311 -38.26 -39.51 -32.72
CA SER F 311 -38.38 -38.52 -33.77
C SER F 311 -37.16 -38.54 -34.71
N LEU F 312 -37.35 -37.95 -35.90
CA LEU F 312 -36.29 -37.89 -36.89
C LEU F 312 -35.11 -37.04 -36.41
N ARG F 313 -35.37 -35.90 -35.78
CA ARG F 313 -34.30 -35.03 -35.34
C ARG F 313 -34.23 -34.95 -33.82
N TYR F 314 -33.09 -34.47 -33.34
CA TYR F 314 -32.68 -34.52 -31.95
C TYR F 314 -32.01 -33.19 -31.63
N VAL F 315 -32.39 -32.58 -30.53
CA VAL F 315 -31.91 -31.26 -30.15
C VAL F 315 -30.75 -31.41 -29.17
N SER F 316 -29.66 -30.70 -29.43
CA SER F 316 -28.55 -30.71 -28.49
C SER F 316 -27.78 -29.40 -28.60
N HIS F 317 -26.81 -29.26 -27.70
CA HIS F 317 -26.07 -28.01 -27.49
C HIS F 317 -24.62 -28.40 -27.19
N LEU F 318 -23.69 -27.87 -27.98
CA LEU F 318 -22.28 -28.26 -27.89
C LEU F 318 -21.46 -27.05 -27.51
N ASN F 319 -20.77 -27.14 -26.38
CA ASN F 319 -19.90 -26.08 -25.91
C ASN F 319 -18.49 -26.63 -25.68
N ALA F 320 -17.50 -25.98 -26.29
CA ALA F 320 -16.10 -26.38 -26.15
C ALA F 320 -15.26 -25.21 -26.63
N PRO F 321 -13.92 -25.26 -26.47
CA PRO F 321 -13.10 -24.20 -27.05
C PRO F 321 -13.40 -24.01 -28.54
N GLY F 322 -13.87 -22.82 -28.92
CA GLY F 322 -14.19 -22.52 -30.30
C GLY F 322 -15.50 -23.07 -30.80
N LEU F 323 -16.39 -23.52 -29.91
CA LEU F 323 -17.62 -24.18 -30.33
C LEU F 323 -18.71 -23.81 -29.33
N SER F 324 -19.84 -23.31 -29.82
CA SER F 324 -20.98 -22.97 -28.97
C SER F 324 -22.24 -23.06 -29.80
N VAL F 325 -22.53 -24.24 -30.34
CA VAL F 325 -23.62 -24.40 -31.31
C VAL F 325 -24.75 -25.16 -30.65
N ILE F 326 -25.98 -24.71 -30.89
CA ILE F 326 -27.16 -25.35 -30.32
C ILE F 326 -28.19 -25.51 -31.45
N GLY F 327 -29.00 -26.55 -31.37
CA GLY F 327 -30.00 -26.74 -32.42
C GLY F 327 -30.34 -28.21 -32.57
N ALA F 328 -30.64 -28.61 -33.83
CA ALA F 328 -31.12 -29.95 -34.09
C ALA F 328 -30.42 -30.57 -35.28
N GLY F 329 -30.48 -31.90 -35.32
CA GLY F 329 -30.03 -32.70 -36.45
C GLY F 329 -30.45 -34.14 -36.23
N GLU F 330 -30.18 -34.98 -37.23
CA GLU F 330 -30.40 -36.41 -37.02
C GLU F 330 -29.40 -36.94 -36.00
N PRO F 331 -29.84 -37.80 -35.07
CA PRO F 331 -29.00 -38.10 -33.90
C PRO F 331 -27.75 -38.92 -34.21
N PHE F 332 -27.68 -39.57 -35.38
CA PHE F 332 -26.49 -40.31 -35.76
C PHE F 332 -25.44 -39.43 -36.42
N LEU F 333 -25.71 -38.15 -36.64
CA LEU F 333 -24.76 -37.30 -37.36
C LEU F 333 -24.09 -36.35 -36.39
N PRO F 334 -22.76 -36.23 -36.44
CA PRO F 334 -22.07 -35.27 -35.57
C PRO F 334 -22.49 -33.84 -35.90
N GLY F 335 -22.49 -33.01 -34.88
CA GLY F 335 -22.69 -31.59 -35.06
C GLY F 335 -24.16 -31.21 -34.99
N ILE F 336 -24.39 -29.99 -35.45
CA ILE F 336 -25.71 -29.36 -35.53
C ILE F 336 -25.83 -28.76 -36.92
N SER F 337 -26.96 -29.01 -37.60
CA SER F 337 -27.17 -28.43 -38.92
C SER F 337 -28.27 -27.39 -38.96
N ILE F 338 -29.11 -27.30 -37.93
CA ILE F 338 -30.13 -26.28 -37.81
C ILE F 338 -30.04 -25.69 -36.41
N GLY F 339 -29.93 -24.38 -36.31
CA GLY F 339 -29.87 -23.71 -35.01
C GLY F 339 -29.08 -22.40 -35.09
N HIS F 340 -28.23 -22.17 -34.09
CA HIS F 340 -27.43 -20.95 -34.03
C HIS F 340 -26.19 -21.25 -33.21
N ASN F 341 -25.15 -20.40 -33.36
CA ASN F 341 -23.93 -20.60 -32.59
C ASN F 341 -23.57 -19.39 -31.74
N GLY F 342 -24.56 -18.59 -31.35
CA GLY F 342 -24.25 -17.42 -30.55
C GLY F 342 -23.76 -16.23 -31.34
N THR F 343 -23.43 -16.41 -32.62
CA THR F 343 -23.24 -15.29 -33.53
C THR F 343 -24.19 -15.33 -34.71
N ILE F 344 -24.29 -16.46 -35.41
CA ILE F 344 -25.19 -16.58 -36.57
C ILE F 344 -26.29 -17.60 -36.28
N ALA F 345 -27.33 -17.56 -37.13
CA ALA F 345 -28.44 -18.49 -37.07
C ALA F 345 -28.74 -19.02 -38.46
N PHE F 346 -29.26 -20.24 -38.54
CA PHE F 346 -29.49 -20.85 -39.85
C PHE F 346 -30.62 -21.87 -39.77
N GLY F 347 -31.42 -21.94 -40.83
CA GLY F 347 -32.46 -22.94 -40.98
C GLY F 347 -32.63 -23.29 -42.44
N LEU F 348 -33.34 -24.39 -42.72
CA LEU F 348 -33.34 -24.95 -44.08
C LEU F 348 -34.71 -25.42 -44.53
N THR F 349 -34.92 -25.36 -45.86
CA THR F 349 -36.01 -26.02 -46.56
C THR F 349 -35.49 -26.63 -47.86
N ARG F 350 -36.14 -27.70 -48.32
CA ARG F 350 -35.66 -28.37 -49.52
C ARG F 350 -35.70 -27.44 -50.74
N PHE F 351 -34.62 -27.52 -51.54
CA PHE F 351 -34.40 -26.84 -52.82
C PHE F 351 -34.08 -27.93 -53.86
N TYR F 352 -34.89 -28.05 -54.91
CA TYR F 352 -34.99 -29.33 -55.61
C TYR F 352 -34.10 -29.38 -56.86
N MET F 353 -32.78 -29.48 -56.61
CA MET F 353 -31.87 -29.84 -57.68
C MET F 353 -32.11 -31.28 -58.09
N ASP F 354 -32.14 -31.52 -59.40
CA ASP F 354 -32.32 -32.86 -59.93
C ASP F 354 -31.00 -33.61 -59.76
N GLN F 355 -30.98 -34.60 -58.85
CA GLN F 355 -29.75 -35.30 -58.49
C GLN F 355 -29.79 -36.79 -58.79
N GLU F 356 -30.78 -37.25 -59.56
CA GLU F 356 -30.90 -38.66 -59.96
C GLU F 356 -31.42 -38.74 -61.39
N ASP F 357 -30.73 -39.47 -62.25
CA ASP F 357 -31.21 -39.85 -63.57
C ASP F 357 -31.19 -41.37 -63.68
N LEU F 358 -32.19 -41.92 -64.36
CA LEU F 358 -32.22 -43.35 -64.69
C LEU F 358 -31.63 -43.55 -66.08
N TYR F 359 -30.63 -44.43 -66.18
CA TYR F 359 -29.94 -44.71 -67.42
C TYR F 359 -30.40 -46.09 -67.90
N VAL F 360 -30.67 -46.20 -69.20
CA VAL F 360 -31.22 -47.40 -69.81
C VAL F 360 -30.20 -47.95 -70.80
N TYR F 361 -29.88 -49.24 -70.69
CA TYR F 361 -28.79 -49.85 -71.45
C TYR F 361 -29.26 -51.00 -72.33
N GLU F 362 -28.52 -51.22 -73.42
CA GLU F 362 -28.61 -52.43 -74.20
C GLU F 362 -27.38 -53.29 -73.89
N THR F 363 -27.59 -54.57 -73.63
CA THR F 363 -26.50 -55.46 -73.23
C THR F 363 -26.17 -56.50 -74.29
N ASP F 364 -24.91 -56.91 -74.29
CA ASP F 364 -24.37 -57.89 -75.24
C ASP F 364 -25.01 -59.25 -75.03
N PRO F 365 -25.66 -59.85 -76.05
CA PRO F 365 -26.21 -61.20 -75.87
C PRO F 365 -25.15 -62.26 -75.58
N ALA F 366 -23.88 -62.02 -75.94
CA ALA F 366 -22.81 -62.94 -75.61
C ALA F 366 -22.21 -62.68 -74.22
N GLN F 367 -22.50 -61.53 -73.61
CA GLN F 367 -22.00 -61.19 -72.29
C GLN F 367 -22.92 -60.15 -71.65
N PRO F 368 -24.02 -60.57 -70.99
CA PRO F 368 -25.00 -59.59 -70.47
C PRO F 368 -24.44 -58.63 -69.45
N LYS F 369 -23.21 -58.85 -68.98
CA LYS F 369 -22.51 -57.91 -68.13
C LYS F 369 -21.77 -56.85 -68.93
N SER F 370 -22.09 -56.73 -70.22
CA SER F 370 -21.53 -55.69 -71.08
C SER F 370 -22.67 -54.90 -71.71
N TYR F 371 -22.52 -53.58 -71.78
CA TYR F 371 -23.53 -52.71 -72.35
C TYR F 371 -22.91 -51.89 -73.48
N ARG F 372 -23.77 -51.44 -74.41
CA ARG F 372 -23.34 -50.65 -75.56
C ARG F 372 -22.96 -49.23 -75.16
N TYR F 373 -21.73 -48.83 -75.47
CA TYR F 373 -21.28 -47.48 -75.14
C TYR F 373 -20.25 -46.97 -76.14
N ARG F 374 -20.63 -45.98 -76.94
CA ARG F 374 -19.72 -45.27 -77.85
C ARG F 374 -18.92 -46.21 -78.76
N GLY F 375 -19.65 -47.07 -79.48
CA GLY F 375 -19.06 -47.95 -80.46
C GLY F 375 -18.36 -49.19 -79.93
N ARG F 376 -18.35 -49.40 -78.61
CA ARG F 376 -17.75 -50.58 -77.99
C ARG F 376 -18.76 -51.24 -77.05
N TRP F 377 -18.50 -52.51 -76.71
CA TRP F 377 -19.17 -53.18 -75.61
C TRP F 377 -18.40 -52.89 -74.33
N GLU F 378 -19.02 -52.20 -73.42
CA GLU F 378 -18.24 -51.86 -72.26
C GLU F 378 -18.65 -52.75 -71.11
N PRO F 379 -17.70 -53.40 -70.46
CA PRO F 379 -18.05 -54.38 -69.43
C PRO F 379 -18.44 -53.69 -68.13
N MET F 380 -19.50 -54.20 -67.51
CA MET F 380 -19.83 -53.76 -66.17
C MET F 380 -18.72 -54.14 -65.21
N GLU F 381 -18.53 -53.31 -64.19
CA GLU F 381 -17.68 -53.68 -63.06
C GLU F 381 -18.55 -54.39 -62.04
N THR F 382 -18.14 -55.58 -61.64
CA THR F 382 -18.88 -56.42 -60.71
C THR F 382 -18.09 -56.63 -59.44
N ILE F 383 -18.72 -56.36 -58.29
CA ILE F 383 -18.10 -56.58 -57.00
C ILE F 383 -18.85 -57.69 -56.27
N THR F 384 -18.15 -58.33 -55.34
CA THR F 384 -18.68 -59.45 -54.58
C THR F 384 -18.79 -59.03 -53.11
N GLU F 385 -19.94 -59.29 -52.51
CA GLU F 385 -20.22 -58.95 -51.13
C GLU F 385 -20.63 -60.21 -50.37
N LYS F 386 -20.23 -60.26 -49.10
CA LYS F 386 -20.61 -61.34 -48.21
C LYS F 386 -21.61 -60.80 -47.20
N ILE F 387 -22.79 -61.41 -47.15
CA ILE F 387 -23.91 -60.97 -46.35
C ILE F 387 -24.21 -62.06 -45.31
N THR F 388 -23.99 -61.73 -44.04
CA THR F 388 -24.28 -62.67 -42.96
C THR F 388 -25.79 -62.76 -42.73
N VAL F 389 -26.28 -63.97 -42.48
CA VAL F 389 -27.71 -64.21 -42.32
C VAL F 389 -27.96 -65.00 -41.04
N ARG F 390 -28.85 -64.48 -40.20
CA ARG F 390 -29.30 -65.19 -39.01
C ARG F 390 -29.85 -66.55 -39.40
N GLY F 391 -29.30 -67.60 -38.80
CA GLY F 391 -29.72 -68.97 -39.08
C GLY F 391 -28.99 -69.65 -40.22
N GLU F 392 -28.03 -68.99 -40.86
CA GLU F 392 -27.24 -69.61 -41.92
C GLU F 392 -25.77 -69.59 -41.51
N ALA F 393 -25.11 -70.74 -41.62
CA ALA F 393 -23.75 -70.88 -41.12
C ALA F 393 -22.75 -70.13 -41.98
N GLU F 394 -23.00 -70.03 -43.27
CA GLU F 394 -22.10 -69.32 -44.16
C GLU F 394 -22.72 -68.02 -44.66
N PRO F 395 -21.94 -66.96 -44.80
CA PRO F 395 -22.48 -65.74 -45.41
C PRO F 395 -22.93 -65.99 -46.84
N ARG F 396 -24.00 -65.31 -47.25
CA ARG F 396 -24.35 -65.33 -48.66
C ARG F 396 -23.30 -64.60 -49.47
N THR F 397 -22.97 -65.15 -50.62
CA THR F 397 -22.16 -64.47 -51.62
C THR F 397 -23.10 -63.90 -52.66
N VAL F 398 -23.09 -62.58 -52.79
CA VAL F 398 -23.88 -61.90 -53.78
C VAL F 398 -22.93 -61.04 -54.59
N THR F 399 -23.37 -60.65 -55.78
CA THR F 399 -22.64 -59.69 -56.59
C THR F 399 -23.52 -58.48 -56.85
N ILE F 400 -22.83 -57.38 -57.12
CA ILE F 400 -23.46 -56.11 -57.46
C ILE F 400 -22.78 -55.64 -58.73
N ASP F 401 -23.57 -55.28 -59.73
CA ASP F 401 -23.05 -54.76 -60.98
C ASP F 401 -23.15 -53.24 -61.03
N PHE F 402 -22.12 -52.62 -61.59
CA PHE F 402 -22.05 -51.18 -61.84
C PHE F 402 -21.72 -50.94 -63.31
N THR F 403 -22.35 -49.93 -63.88
CA THR F 403 -21.88 -49.32 -65.11
C THR F 403 -20.94 -48.17 -64.77
N ARG F 404 -20.43 -47.47 -65.79
CA ARG F 404 -19.68 -46.25 -65.56
C ARG F 404 -20.54 -45.15 -64.92
N HIS F 405 -21.86 -45.27 -64.96
CA HIS F 405 -22.73 -44.22 -64.45
C HIS F 405 -23.23 -44.46 -63.04
N GLY F 406 -23.20 -45.70 -62.55
CA GLY F 406 -23.72 -46.02 -61.23
C GLY F 406 -24.18 -47.47 -61.11
N PRO F 407 -24.77 -47.83 -59.96
CA PRO F 407 -25.17 -49.22 -59.75
C PRO F 407 -26.35 -49.63 -60.62
N VAL F 408 -26.28 -50.87 -61.10
CA VAL F 408 -27.38 -51.47 -61.85
C VAL F 408 -28.48 -51.91 -60.88
N LEU F 409 -29.68 -51.36 -61.05
CA LEU F 409 -30.83 -51.69 -60.21
C LEU F 409 -31.57 -52.93 -60.67
N HIS F 410 -31.51 -53.21 -61.97
CA HIS F 410 -32.34 -54.22 -62.60
C HIS F 410 -31.79 -54.57 -63.96
N ALA F 411 -31.98 -55.82 -64.36
CA ALA F 411 -31.59 -56.34 -65.66
C ALA F 411 -32.66 -57.31 -66.16
N ASP F 412 -32.83 -57.36 -67.48
CA ASP F 412 -33.74 -58.30 -68.15
C ASP F 412 -32.99 -58.90 -69.33
N ASP F 413 -32.50 -60.13 -69.18
CA ASP F 413 -31.70 -60.74 -70.25
C ASP F 413 -32.55 -61.16 -71.45
N ALA F 414 -33.86 -61.26 -71.31
CA ALA F 414 -34.69 -61.51 -72.48
C ALA F 414 -34.52 -60.40 -73.51
N SER F 415 -34.71 -59.15 -73.08
CA SER F 415 -34.55 -58.00 -73.96
C SER F 415 -33.14 -57.44 -73.97
N HIS F 416 -32.21 -58.06 -73.23
CA HIS F 416 -30.82 -57.60 -73.20
C HIS F 416 -30.73 -56.13 -72.80
N ARG F 417 -31.38 -55.83 -71.69
CA ARG F 417 -31.46 -54.48 -71.15
C ARG F 417 -30.98 -54.50 -69.70
N ALA F 418 -30.38 -53.38 -69.29
CA ALA F 418 -30.08 -53.16 -67.89
C ALA F 418 -30.38 -51.70 -67.56
N TRP F 419 -30.63 -51.44 -66.29
CA TRP F 419 -30.98 -50.11 -65.79
C TRP F 419 -30.10 -49.79 -64.59
N ALA F 420 -29.47 -48.61 -64.63
CA ALA F 420 -28.61 -48.15 -63.55
C ALA F 420 -29.03 -46.76 -63.10
N LEU F 421 -28.87 -46.52 -61.81
CA LEU F 421 -29.17 -45.23 -61.21
C LEU F 421 -27.92 -44.37 -61.28
N ARG F 422 -28.00 -43.23 -61.97
CA ARG F 422 -26.92 -42.24 -61.91
C ARG F 422 -27.31 -41.24 -60.83
N ALA F 423 -26.75 -41.42 -59.64
CA ALA F 423 -27.15 -40.66 -58.47
C ALA F 423 -26.00 -39.74 -58.07
N ALA F 424 -26.25 -38.44 -58.12
CA ALA F 424 -25.25 -37.49 -57.61
C ALA F 424 -24.93 -37.79 -56.15
N TRP F 425 -25.87 -38.38 -55.42
CA TRP F 425 -25.66 -38.65 -54.00
C TRP F 425 -24.76 -39.85 -53.72
N LEU F 426 -24.28 -40.53 -54.76
CA LEU F 426 -23.18 -41.48 -54.63
C LEU F 426 -21.82 -40.83 -54.88
N ASP F 427 -21.79 -39.56 -55.26
CA ASP F 427 -20.51 -38.92 -55.47
C ASP F 427 -19.98 -38.39 -54.14
N THR F 428 -18.75 -37.89 -54.19
CA THR F 428 -18.09 -37.32 -53.03
C THR F 428 -18.88 -36.15 -52.45
N GLY F 429 -18.96 -36.10 -51.13
CA GLY F 429 -19.50 -34.96 -50.42
C GLY F 429 -20.98 -34.99 -50.15
N MET F 430 -21.64 -36.13 -50.32
CA MET F 430 -23.10 -36.15 -50.29
C MET F 430 -23.68 -36.83 -49.06
N ALA F 431 -22.92 -36.96 -47.99
CA ALA F 431 -23.51 -37.39 -46.72
C ALA F 431 -24.51 -36.32 -46.27
N PRO F 432 -25.79 -36.66 -46.08
CA PRO F 432 -26.78 -35.61 -45.82
C PRO F 432 -26.44 -34.75 -44.61
N TYR F 433 -26.50 -33.42 -44.80
CA TYR F 433 -26.35 -32.36 -43.80
C TYR F 433 -24.92 -32.24 -43.24
N PHE F 434 -23.98 -33.10 -43.63
CA PHE F 434 -22.66 -33.05 -43.02
C PHE F 434 -21.83 -31.86 -43.50
N GLY F 435 -22.26 -31.16 -44.56
CA GLY F 435 -21.64 -29.87 -44.88
C GLY F 435 -21.78 -28.85 -43.77
N SER F 436 -22.67 -29.08 -42.82
CA SER F 436 -22.75 -28.21 -41.66
C SER F 436 -21.44 -28.19 -40.87
N MET F 437 -20.55 -29.15 -41.11
CA MET F 437 -19.22 -29.09 -40.52
C MET F 437 -18.60 -27.71 -40.72
N ASP F 438 -18.85 -27.08 -41.87
CA ASP F 438 -18.15 -25.86 -42.22
C ASP F 438 -18.90 -24.59 -41.81
N TYR F 439 -20.11 -24.69 -41.26
CA TYR F 439 -20.76 -23.49 -40.74
C TYR F 439 -21.14 -23.54 -39.27
N MET F 440 -20.94 -24.67 -38.58
CA MET F 440 -21.18 -24.70 -37.12
C MET F 440 -20.40 -23.59 -36.42
N ARG F 441 -19.22 -23.24 -36.95
CA ARG F 441 -18.33 -22.27 -36.34
C ARG F 441 -18.22 -20.99 -37.13
N ALA F 442 -19.07 -20.80 -38.15
CA ALA F 442 -19.03 -19.58 -38.94
C ALA F 442 -19.57 -18.40 -38.13
N THR F 443 -18.97 -17.22 -38.33
CA THR F 443 -19.31 -16.05 -37.55
C THR F 443 -19.79 -14.86 -38.36
N ASN F 444 -19.91 -14.97 -39.68
CA ASN F 444 -20.37 -13.84 -40.49
C ASN F 444 -20.89 -14.39 -41.83
N TRP F 445 -21.35 -13.48 -42.68
CA TRP F 445 -21.99 -13.89 -43.93
C TRP F 445 -21.00 -14.51 -44.92
N ASP F 446 -19.79 -13.94 -45.03
CA ASP F 446 -18.81 -14.49 -45.97
C ASP F 446 -18.46 -15.93 -45.64
N GLN F 447 -18.32 -16.26 -44.36
CA GLN F 447 -18.00 -17.63 -43.98
C GLN F 447 -19.19 -18.56 -44.20
N PHE F 448 -20.40 -18.08 -43.91
CA PHE F 448 -21.58 -18.88 -44.14
C PHE F 448 -21.81 -19.11 -45.64
N ARG F 449 -21.72 -18.03 -46.43
CA ARG F 449 -21.78 -18.18 -47.88
C ARG F 449 -20.68 -19.11 -48.38
N ALA F 450 -19.48 -19.04 -47.79
CA ALA F 450 -18.41 -19.92 -48.23
C ALA F 450 -18.72 -21.37 -47.87
N ALA F 451 -19.26 -21.61 -46.68
CA ALA F 451 -19.62 -22.97 -46.28
C ALA F 451 -20.61 -23.59 -47.26
N MET F 452 -21.59 -22.80 -47.72
CA MET F 452 -22.59 -23.32 -48.65
C MET F 452 -22.01 -23.62 -50.02
N ASN F 453 -20.80 -23.11 -50.32
CA ASN F 453 -20.12 -23.49 -51.57
C ASN F 453 -19.95 -25.01 -51.67
N ARG F 454 -19.68 -25.67 -50.55
CA ARG F 454 -19.44 -27.09 -50.57
C ARG F 454 -20.60 -27.91 -50.06
N TRP F 455 -21.76 -27.28 -49.86
CA TRP F 455 -22.92 -28.02 -49.38
C TRP F 455 -23.37 -29.01 -50.46
N GLY F 456 -23.48 -30.28 -50.08
CA GLY F 456 -23.76 -31.34 -51.05
C GLY F 456 -25.21 -31.78 -51.12
N ALA F 457 -25.72 -32.38 -50.05
CA ALA F 457 -27.03 -32.99 -50.00
C ALA F 457 -27.66 -32.71 -48.65
N PRO F 458 -28.99 -32.60 -48.59
CA PRO F 458 -29.88 -32.49 -49.77
C PRO F 458 -29.77 -31.09 -50.33
N GLY F 459 -30.36 -30.83 -51.50
CA GLY F 459 -30.55 -29.44 -51.91
C GLY F 459 -31.35 -28.69 -50.86
N GLU F 460 -30.89 -27.51 -50.45
CA GLU F 460 -31.55 -26.80 -49.37
C GLU F 460 -31.49 -25.30 -49.57
N ASN F 461 -32.60 -24.63 -49.27
CA ASN F 461 -32.60 -23.22 -48.93
C ASN F 461 -32.04 -23.05 -47.53
N GLN F 462 -31.01 -22.24 -47.36
CA GLN F 462 -30.61 -21.79 -46.03
C GLN F 462 -31.08 -20.36 -45.85
N VAL F 463 -31.74 -20.08 -44.74
CA VAL F 463 -31.91 -18.69 -44.30
C VAL F 463 -30.86 -18.46 -43.24
N TYR F 464 -30.41 -17.22 -43.15
CA TYR F 464 -29.29 -16.80 -42.32
C TYR F 464 -29.67 -15.56 -41.54
N ALA F 465 -29.18 -15.46 -40.31
CA ALA F 465 -29.26 -14.23 -39.53
C ALA F 465 -28.07 -14.17 -38.59
N ASP F 466 -27.69 -12.96 -38.18
CA ASP F 466 -26.62 -12.85 -37.21
C ASP F 466 -26.96 -11.78 -36.19
N ARG F 467 -26.20 -11.81 -35.09
CA ARG F 467 -26.44 -10.90 -33.99
C ARG F 467 -26.09 -9.45 -34.33
N ASN F 468 -25.49 -9.20 -35.50
CA ASN F 468 -25.30 -7.83 -35.95
C ASN F 468 -26.51 -7.27 -36.69
N GLY F 469 -27.57 -8.06 -36.83
CA GLY F 469 -28.80 -7.60 -37.44
C GLY F 469 -28.94 -7.91 -38.92
N ASN F 470 -27.97 -8.62 -39.52
CA ASN F 470 -28.05 -9.00 -40.93
C ASN F 470 -28.88 -10.26 -41.11
N ILE F 471 -29.56 -10.34 -42.26
CA ILE F 471 -30.35 -11.51 -42.64
C ILE F 471 -29.99 -11.87 -44.08
N GLY F 472 -30.17 -13.15 -44.43
CA GLY F 472 -29.85 -13.58 -45.78
C GLY F 472 -30.45 -14.93 -46.15
N TRP F 473 -30.26 -15.29 -47.42
CA TRP F 473 -30.78 -16.54 -47.99
C TRP F 473 -29.80 -17.07 -49.02
N ILE F 474 -29.50 -18.36 -48.96
CA ILE F 474 -28.66 -19.00 -49.96
C ILE F 474 -29.00 -20.49 -50.15
N PRO F 475 -29.37 -20.88 -51.36
CA PRO F 475 -29.54 -22.30 -51.66
C PRO F 475 -28.24 -22.98 -52.00
N GLY F 476 -28.17 -24.27 -51.69
CA GLY F 476 -26.97 -25.03 -52.02
C GLY F 476 -27.29 -26.49 -52.21
N GLY F 477 -26.35 -27.18 -52.81
CA GLY F 477 -26.51 -28.58 -53.14
C GLY F 477 -25.75 -28.86 -54.41
N LEU F 478 -25.30 -30.10 -54.55
CA LEU F 478 -24.57 -30.51 -55.75
C LEU F 478 -25.48 -30.40 -56.97
N THR F 479 -25.07 -29.56 -57.95
CA THR F 479 -25.94 -29.22 -59.07
C THR F 479 -25.37 -29.74 -60.37
N VAL F 480 -26.08 -30.71 -60.97
CA VAL F 480 -25.69 -31.40 -62.20
C VAL F 480 -25.95 -30.52 -63.42
N ILE F 481 -25.01 -30.56 -64.39
CA ILE F 481 -25.16 -29.90 -65.68
C ILE F 481 -25.52 -30.95 -66.73
N ARG F 482 -26.70 -30.83 -67.33
CA ARG F 482 -27.18 -31.70 -68.40
C ARG F 482 -27.23 -30.86 -69.67
N PRO F 483 -26.30 -31.07 -70.60
CA PRO F 483 -26.27 -30.22 -71.80
C PRO F 483 -27.47 -30.41 -72.72
N ASN F 484 -28.04 -31.61 -72.77
CA ASN F 484 -28.97 -31.90 -73.86
C ASN F 484 -30.16 -32.72 -73.43
N TRP F 485 -30.55 -32.67 -72.15
CA TRP F 485 -31.84 -33.21 -71.78
C TRP F 485 -32.28 -32.55 -70.49
N ASP F 486 -33.57 -32.63 -70.19
CA ASP F 486 -34.16 -31.86 -69.10
C ASP F 486 -34.23 -32.62 -67.78
N GLY F 487 -33.73 -33.86 -67.76
CA GLY F 487 -33.70 -34.67 -66.56
C GLY F 487 -35.03 -35.19 -66.09
N LEU F 488 -36.11 -34.98 -66.86
CA LEU F 488 -37.45 -35.40 -66.47
C LEU F 488 -37.83 -36.77 -67.00
N PHE F 489 -37.00 -37.37 -67.85
CA PHE F 489 -37.17 -38.71 -68.38
C PHE F 489 -35.88 -39.49 -68.17
N PRO F 490 -35.95 -40.83 -68.16
CA PRO F 490 -34.72 -41.63 -68.26
C PRO F 490 -34.04 -41.38 -69.60
N VAL F 491 -32.73 -41.66 -69.64
CA VAL F 491 -31.95 -41.53 -70.88
C VAL F 491 -31.27 -42.83 -71.29
N PRO F 492 -31.03 -43.06 -72.58
CA PRO F 492 -30.16 -44.19 -72.98
C PRO F 492 -28.74 -43.99 -72.49
N GLY F 493 -28.13 -45.08 -72.03
CA GLY F 493 -26.83 -44.97 -71.41
C GLY F 493 -25.64 -45.26 -72.32
N ASP F 494 -25.86 -45.13 -73.63
CA ASP F 494 -24.83 -45.44 -74.61
C ASP F 494 -23.88 -44.30 -74.89
N GLY F 495 -23.96 -43.21 -74.13
CA GLY F 495 -23.08 -42.09 -74.34
C GLY F 495 -23.72 -40.88 -74.97
N ARG F 496 -24.98 -40.99 -75.39
CA ARG F 496 -25.63 -39.81 -75.94
C ARG F 496 -25.99 -38.78 -74.88
N TYR F 497 -26.07 -39.18 -73.59
CA TYR F 497 -26.46 -38.28 -72.52
C TYR F 497 -25.50 -38.43 -71.35
N GLU F 498 -24.68 -37.41 -71.12
CA GLU F 498 -23.64 -37.44 -70.11
C GLU F 498 -23.65 -36.15 -69.31
N TRP F 499 -23.61 -36.28 -67.98
CA TRP F 499 -23.39 -35.11 -67.15
C TRP F 499 -22.09 -34.41 -67.57
N ALA F 500 -22.14 -33.07 -67.61
CA ALA F 500 -21.01 -32.22 -67.98
C ALA F 500 -20.43 -31.50 -66.76
N GLY F 501 -20.40 -32.18 -65.62
CA GLY F 501 -19.86 -31.58 -64.40
C GLY F 501 -20.94 -30.95 -63.55
N TYR F 502 -20.48 -30.08 -62.63
CA TYR F 502 -21.31 -29.51 -61.59
C TYR F 502 -21.22 -27.99 -61.58
N ARG F 503 -22.33 -27.34 -61.24
CA ARG F 503 -22.34 -25.89 -61.08
C ARG F 503 -21.59 -25.46 -59.84
N ASN F 504 -20.87 -24.35 -59.94
CA ASN F 504 -20.39 -23.67 -58.75
C ASN F 504 -21.54 -22.96 -58.07
N MET F 505 -21.51 -22.92 -56.74
CA MET F 505 -22.64 -22.39 -56.00
C MET F 505 -22.80 -20.88 -56.21
N ASP F 506 -21.75 -20.19 -56.68
CA ASP F 506 -21.91 -18.77 -57.02
C ASP F 506 -22.75 -18.55 -58.28
N GLU F 507 -23.18 -19.62 -58.93
CA GLU F 507 -24.10 -19.51 -60.06
C GLU F 507 -25.56 -19.53 -59.62
N LEU F 508 -25.84 -19.87 -58.36
CA LEU F 508 -27.20 -19.82 -57.87
C LEU F 508 -27.49 -18.46 -57.26
N PRO F 509 -28.77 -18.07 -57.22
CA PRO F 509 -29.12 -16.76 -56.64
C PRO F 509 -28.97 -16.76 -55.12
N TRP F 510 -28.90 -15.54 -54.58
CA TRP F 510 -28.82 -15.39 -53.13
C TRP F 510 -29.34 -14.00 -52.78
N ALA F 511 -29.53 -13.77 -51.49
CA ALA F 511 -29.98 -12.46 -51.03
C ALA F 511 -29.32 -12.15 -49.70
N TYR F 512 -29.00 -10.88 -49.50
CA TYR F 512 -28.40 -10.41 -48.25
C TYR F 512 -28.98 -9.05 -47.92
N ASN F 513 -29.57 -8.91 -46.73
CA ASN F 513 -30.29 -7.71 -46.29
C ASN F 513 -31.20 -7.16 -47.41
N PRO F 514 -32.13 -7.96 -47.92
CA PRO F 514 -32.99 -7.47 -49.00
C PRO F 514 -33.88 -6.35 -48.50
N SER F 515 -34.20 -5.43 -49.42
CA SER F 515 -34.92 -4.23 -49.07
C SER F 515 -36.30 -4.51 -48.49
N THR F 516 -36.91 -5.66 -48.80
CA THR F 516 -38.20 -5.98 -48.18
C THR F 516 -38.07 -6.35 -46.72
N GLY F 517 -36.85 -6.59 -46.23
CA GLY F 517 -36.66 -6.85 -44.82
C GLY F 517 -37.10 -8.21 -44.35
N HIS F 518 -37.37 -9.14 -45.26
CA HIS F 518 -37.71 -10.50 -44.87
C HIS F 518 -37.42 -11.42 -46.03
N ILE F 519 -37.25 -12.70 -45.70
CA ILE F 519 -37.13 -13.79 -46.66
C ILE F 519 -37.97 -14.95 -46.13
N VAL F 520 -38.81 -15.52 -46.97
CA VAL F 520 -39.59 -16.72 -46.67
C VAL F 520 -39.28 -17.75 -47.75
N THR F 521 -39.00 -19.00 -47.35
CA THR F 521 -38.92 -20.09 -48.31
C THR F 521 -39.71 -21.27 -47.79
N ALA F 522 -40.33 -22.01 -48.71
CA ALA F 522 -41.17 -23.15 -48.34
C ALA F 522 -41.29 -24.16 -49.48
N ASN F 523 -40.15 -24.52 -50.10
CA ASN F 523 -40.00 -25.59 -51.09
C ASN F 523 -40.55 -25.25 -52.47
N GLU F 524 -40.96 -24.01 -52.72
CA GLU F 524 -41.40 -23.60 -54.05
C GLU F 524 -40.18 -23.22 -54.89
N ASN F 525 -40.35 -23.13 -56.20
CA ASN F 525 -39.25 -22.66 -57.06
C ASN F 525 -39.04 -21.17 -56.83
N ASN F 526 -37.96 -20.80 -56.13
CA ASN F 526 -37.70 -19.40 -55.82
C ASN F 526 -36.46 -18.85 -56.55
N ILE F 527 -36.10 -19.46 -57.67
CA ILE F 527 -35.08 -18.89 -58.56
C ILE F 527 -35.74 -17.77 -59.35
N PRO F 528 -35.27 -16.54 -59.22
CA PRO F 528 -35.89 -15.44 -59.99
C PRO F 528 -35.83 -15.71 -61.48
N PRO F 529 -36.96 -15.53 -62.17
CA PRO F 529 -37.00 -15.84 -63.60
C PRO F 529 -36.07 -14.98 -64.43
N ASP F 530 -35.66 -13.82 -63.93
CA ASP F 530 -34.69 -13.01 -64.66
C ASP F 530 -33.26 -13.25 -64.21
N HIS F 531 -33.03 -14.18 -63.23
CA HIS F 531 -31.69 -14.58 -62.82
C HIS F 531 -31.12 -15.62 -63.78
N PRO F 532 -29.81 -15.59 -64.06
CA PRO F 532 -29.24 -16.58 -65.00
C PRO F 532 -29.49 -18.04 -64.62
N ALA F 533 -29.55 -18.37 -63.34
CA ALA F 533 -29.83 -19.75 -62.92
C ALA F 533 -31.16 -20.27 -63.42
N ALA F 534 -32.10 -19.37 -63.78
CA ALA F 534 -33.39 -19.83 -64.28
C ALA F 534 -33.27 -20.63 -65.57
N LYS F 535 -32.18 -20.49 -66.31
CA LYS F 535 -31.96 -21.16 -67.59
C LYS F 535 -30.99 -22.31 -67.53
N LEU F 536 -30.53 -22.71 -66.35
CA LEU F 536 -29.46 -23.71 -66.25
C LEU F 536 -29.98 -25.10 -65.95
N GLY F 537 -31.30 -25.30 -65.89
CA GLY F 537 -31.80 -26.63 -65.57
C GLY F 537 -31.45 -27.13 -64.19
N VAL F 538 -31.54 -26.27 -63.18
CA VAL F 538 -31.31 -26.70 -61.80
C VAL F 538 -32.32 -27.77 -61.42
N GLY F 539 -33.60 -27.53 -61.75
CA GLY F 539 -34.67 -28.46 -61.42
C GLY F 539 -36.02 -27.90 -61.82
N TYR F 540 -36.93 -28.79 -62.19
CA TYR F 540 -38.24 -28.35 -62.64
C TYR F 540 -39.39 -28.83 -61.77
N GLU F 541 -39.13 -29.67 -60.76
CA GLU F 541 -40.16 -30.29 -59.93
C GLU F 541 -40.00 -29.79 -58.50
N TRP F 542 -40.92 -28.94 -58.08
CA TRP F 542 -40.89 -28.32 -56.78
C TRP F 542 -42.16 -28.71 -56.04
N SER F 543 -42.26 -28.25 -54.79
CA SER F 543 -43.46 -28.58 -54.04
C SER F 543 -44.62 -27.67 -54.46
N ASP F 544 -45.81 -28.09 -54.06
CA ASP F 544 -46.97 -27.21 -54.09
C ASP F 544 -46.65 -25.92 -53.36
N SER F 545 -47.02 -24.79 -53.95
CA SER F 545 -46.56 -23.50 -53.44
C SER F 545 -47.55 -22.85 -52.48
N SER F 546 -48.57 -23.58 -52.00
CA SER F 546 -49.58 -22.97 -51.12
C SER F 546 -48.96 -22.45 -49.82
N ARG F 547 -48.15 -23.28 -49.15
CA ARG F 547 -47.55 -22.82 -47.90
C ARG F 547 -46.73 -21.55 -48.14
N ALA F 548 -45.92 -21.54 -49.20
CA ALA F 548 -45.11 -20.37 -49.53
C ALA F 548 -45.97 -19.13 -49.72
N ARG F 549 -46.98 -19.20 -50.59
CA ARG F 549 -47.84 -18.04 -50.78
C ARG F 549 -48.52 -17.63 -49.48
N ARG F 550 -48.98 -18.60 -48.68
CA ARG F 550 -49.66 -18.23 -47.45
C ARG F 550 -48.73 -17.48 -46.51
N LEU F 551 -47.54 -18.04 -46.28
CA LEU F 551 -46.60 -17.42 -45.36
C LEU F 551 -46.10 -16.08 -45.90
N LYS F 552 -45.89 -15.98 -47.22
CA LYS F 552 -45.48 -14.69 -47.75
C LYS F 552 -46.58 -13.65 -47.56
N SER F 553 -47.84 -14.06 -47.62
CA SER F 553 -48.91 -13.11 -47.31
C SER F 553 -48.91 -12.75 -45.83
N LEU F 554 -48.81 -13.77 -44.97
CA LEU F 554 -48.80 -13.51 -43.52
C LEU F 554 -47.66 -12.58 -43.14
N VAL F 555 -46.45 -12.85 -43.63
CA VAL F 555 -45.30 -12.04 -43.27
C VAL F 555 -45.39 -10.65 -43.89
N ALA F 556 -45.82 -10.56 -45.16
CA ALA F 556 -45.96 -9.26 -45.79
C ALA F 556 -47.02 -8.43 -45.07
N ALA F 557 -48.03 -9.08 -44.50
CA ALA F 557 -49.08 -8.38 -43.79
C ALA F 557 -48.67 -7.93 -42.39
N ALA F 558 -47.46 -8.23 -41.93
CA ALA F 558 -47.03 -7.88 -40.58
C ALA F 558 -45.78 -7.01 -40.68
N PRO F 559 -45.94 -5.70 -40.84
CA PRO F 559 -44.76 -4.82 -40.88
C PRO F 559 -43.87 -5.02 -39.66
N VAL F 560 -44.46 -5.19 -38.49
CA VAL F 560 -43.73 -5.54 -37.26
C VAL F 560 -44.35 -6.83 -36.71
N SER F 561 -43.53 -7.81 -36.42
CA SER F 561 -44.03 -9.06 -35.87
C SER F 561 -43.14 -9.46 -34.70
N SER F 562 -43.69 -10.29 -33.81
CA SER F 562 -43.05 -10.74 -32.59
C SER F 562 -42.65 -12.21 -32.69
N LEU F 563 -41.94 -12.71 -31.68
CA LEU F 563 -41.63 -14.13 -31.70
C LEU F 563 -42.91 -14.96 -31.66
N ARG F 564 -43.87 -14.55 -30.82
CA ARG F 564 -45.15 -15.25 -30.76
C ARG F 564 -45.87 -15.24 -32.12
N ASP F 565 -45.73 -14.17 -32.91
CA ASP F 565 -46.34 -14.13 -34.24
C ASP F 565 -45.76 -15.21 -35.14
N SER F 566 -44.43 -15.40 -35.12
CA SER F 566 -43.82 -16.45 -35.93
C SER F 566 -44.26 -17.83 -35.48
N ILE F 567 -44.45 -17.99 -34.17
CA ILE F 567 -44.98 -19.25 -33.64
C ILE F 567 -46.39 -19.51 -34.19
N ALA F 568 -47.22 -18.47 -34.26
CA ALA F 568 -48.56 -18.61 -34.84
C ALA F 568 -48.50 -19.02 -36.30
N TRP F 569 -47.57 -18.46 -37.06
CA TRP F 569 -47.47 -18.81 -38.47
C TRP F 569 -47.12 -20.27 -38.65
N GLN F 570 -46.23 -20.79 -37.79
CA GLN F 570 -45.92 -22.21 -37.80
C GLN F 570 -47.13 -23.06 -37.45
N ASN F 571 -48.13 -22.47 -36.80
CA ASN F 571 -49.34 -23.18 -36.44
C ASN F 571 -50.49 -22.89 -37.40
N ASP F 572 -50.24 -22.17 -38.49
CA ASP F 572 -51.32 -21.71 -39.36
C ASP F 572 -51.94 -22.88 -40.12
N THR F 573 -53.27 -22.92 -40.17
CA THR F 573 -53.97 -24.03 -40.80
C THR F 573 -54.87 -23.57 -41.94
N VAL F 574 -54.63 -22.40 -42.52
CA VAL F 574 -55.43 -21.97 -43.66
C VAL F 574 -54.99 -22.78 -44.87
N SER F 575 -55.95 -23.41 -45.56
CA SER F 575 -55.66 -24.22 -46.72
C SER F 575 -56.03 -23.42 -47.96
N LEU F 576 -55.04 -22.94 -48.69
CA LEU F 576 -55.32 -22.26 -49.96
C LEU F 576 -55.99 -23.18 -50.98
N PRO F 577 -55.63 -24.49 -51.09
CA PRO F 577 -56.47 -25.37 -51.91
C PRO F 577 -57.94 -25.37 -51.51
N ALA F 578 -58.24 -25.36 -50.21
CA ALA F 578 -59.64 -25.35 -49.79
C ALA F 578 -60.33 -24.07 -50.25
N GLN F 579 -59.70 -22.92 -50.01
CA GLN F 579 -60.33 -21.66 -50.40
C GLN F 579 -60.57 -21.63 -51.90
N ARG F 580 -59.62 -22.13 -52.69
CA ARG F 580 -59.81 -22.17 -54.15
C ARG F 580 -60.93 -23.11 -54.54
N THR F 581 -61.03 -24.26 -53.87
CA THR F 581 -62.11 -25.19 -54.18
C THR F 581 -63.45 -24.61 -53.80
N LEU F 582 -63.55 -23.95 -52.64
CA LEU F 582 -64.80 -23.28 -52.29
C LEU F 582 -65.19 -22.23 -53.32
N ALA F 583 -64.21 -21.44 -53.78
CA ALA F 583 -64.47 -20.41 -54.77
C ALA F 583 -65.03 -21.00 -56.07
N VAL F 584 -64.55 -22.17 -56.48
CA VAL F 584 -65.12 -22.80 -57.68
C VAL F 584 -66.52 -23.30 -57.39
N MET F 585 -66.73 -23.88 -56.20
CA MET F 585 -68.04 -24.38 -55.82
C MET F 585 -69.11 -23.31 -55.94
N ARG F 586 -68.76 -22.06 -55.60
CA ARG F 586 -69.71 -20.95 -55.67
C ARG F 586 -70.04 -20.52 -57.10
N THR F 587 -69.51 -21.19 -58.11
CA THR F 587 -69.87 -20.89 -59.49
C THR F 587 -70.54 -22.08 -60.17
N VAL F 588 -70.83 -23.14 -59.42
CA VAL F 588 -71.45 -24.32 -60.01
C VAL F 588 -72.87 -23.97 -60.45
N GLY F 589 -73.20 -24.28 -61.70
CA GLY F 589 -74.45 -23.84 -62.29
C GLY F 589 -75.60 -24.76 -61.95
N ASN F 590 -76.72 -24.17 -61.51
CA ASN F 590 -77.93 -24.93 -61.22
C ASN F 590 -78.64 -25.32 -62.53
N ALA F 591 -77.91 -26.05 -63.36
CA ALA F 591 -78.42 -26.55 -64.63
C ALA F 591 -77.75 -27.88 -64.90
N GLY F 592 -78.24 -28.55 -65.96
CA GLY F 592 -77.68 -29.79 -66.43
C GLY F 592 -77.73 -30.87 -65.38
N ALA F 593 -76.77 -31.79 -65.46
CA ALA F 593 -76.67 -32.87 -64.49
C ALA F 593 -76.50 -32.33 -63.08
N ALA F 594 -75.93 -31.12 -62.95
CA ALA F 594 -75.73 -30.50 -61.64
C ALA F 594 -77.06 -30.21 -60.93
N ALA F 595 -78.07 -29.80 -61.69
CA ALA F 595 -79.37 -29.47 -61.09
C ALA F 595 -79.99 -30.67 -60.39
N SER F 596 -79.91 -31.85 -60.99
CA SER F 596 -80.44 -33.05 -60.33
C SER F 596 -79.63 -33.38 -59.07
N LEU F 597 -78.30 -33.26 -59.15
CA LEU F 597 -77.47 -33.54 -57.97
C LEU F 597 -77.76 -32.57 -56.84
N LEU F 598 -78.08 -31.31 -57.17
CA LEU F 598 -78.44 -30.35 -56.14
C LEU F 598 -79.76 -30.69 -55.46
N GLN F 599 -80.52 -31.66 -55.99
CA GLN F 599 -81.72 -32.13 -55.30
C GLN F 599 -81.42 -33.27 -54.34
N ASP F 600 -80.23 -33.85 -54.41
CA ASP F 600 -79.86 -34.95 -53.54
C ASP F 600 -79.67 -34.44 -52.12
N PRO F 601 -80.34 -35.02 -51.13
CA PRO F 601 -80.17 -34.52 -49.75
C PRO F 601 -78.75 -34.62 -49.26
N GLN F 602 -78.05 -35.71 -49.59
CA GLN F 602 -76.66 -35.88 -49.16
C GLN F 602 -75.80 -34.76 -49.74
N VAL F 603 -76.00 -34.44 -51.02
CA VAL F 603 -75.30 -33.31 -51.63
C VAL F 603 -75.65 -32.02 -50.91
N GLN F 604 -76.94 -31.82 -50.59
CA GLN F 604 -77.38 -30.60 -49.94
C GLN F 604 -76.75 -30.43 -48.56
N ARG F 605 -76.68 -31.52 -47.78
CA ARG F 605 -76.01 -31.44 -46.48
C ARG F 605 -74.53 -31.10 -46.68
N ALA F 606 -73.93 -31.61 -47.75
CA ALA F 606 -72.51 -31.34 -47.99
C ALA F 606 -72.27 -29.88 -48.34
N VAL F 607 -73.11 -29.31 -49.21
CA VAL F 607 -73.00 -27.89 -49.58
C VAL F 607 -73.27 -26.98 -48.39
N ALA F 608 -74.25 -27.34 -47.55
CA ALA F 608 -74.52 -26.50 -46.38
C ALA F 608 -73.31 -26.44 -45.45
N LEU F 609 -72.60 -27.57 -45.27
CA LEU F 609 -71.40 -27.55 -44.43
C LEU F 609 -70.30 -26.69 -45.03
N LEU F 610 -70.05 -26.82 -46.34
CA LEU F 610 -68.98 -26.04 -46.95
C LEU F 610 -69.32 -24.57 -47.09
N ARG F 611 -70.60 -24.21 -47.11
CA ARG F 611 -71.00 -22.82 -47.33
C ARG F 611 -70.61 -21.98 -46.11
N GLY F 612 -70.00 -20.82 -46.35
CA GLY F 612 -69.55 -19.99 -45.24
C GLY F 612 -68.38 -20.52 -44.44
N TRP F 613 -67.66 -21.52 -44.95
CA TRP F 613 -66.45 -22.02 -44.31
C TRP F 613 -65.30 -21.26 -44.92
N ASP F 614 -64.34 -20.86 -44.09
CA ASP F 614 -63.28 -19.98 -44.55
C ASP F 614 -62.05 -20.73 -45.02
N GLY F 615 -62.12 -22.06 -45.10
CA GLY F 615 -60.98 -22.85 -45.52
C GLY F 615 -59.94 -23.09 -44.46
N ASN F 616 -60.24 -22.82 -43.19
CA ASN F 616 -59.32 -23.03 -42.09
C ASN F 616 -59.51 -24.45 -41.57
N VAL F 617 -58.50 -25.28 -41.75
CA VAL F 617 -58.55 -26.71 -41.46
C VAL F 617 -58.29 -26.96 -39.98
N ARG F 618 -59.20 -26.49 -39.13
CA ARG F 618 -59.06 -26.61 -37.68
C ARG F 618 -59.45 -28.00 -37.20
N ALA F 619 -58.82 -28.42 -36.10
CA ALA F 619 -59.13 -29.72 -35.51
C ALA F 619 -60.59 -29.81 -35.09
N ASP F 620 -61.24 -28.69 -34.75
CA ASP F 620 -62.62 -28.72 -34.30
C ASP F 620 -63.61 -28.41 -35.42
N SER F 621 -63.18 -28.46 -36.69
CA SER F 621 -64.02 -28.10 -37.81
C SER F 621 -64.55 -29.37 -38.47
N VAL F 622 -65.88 -29.49 -38.55
CA VAL F 622 -66.52 -30.56 -39.33
C VAL F 622 -66.43 -30.24 -40.82
N PRO F 623 -66.66 -28.98 -41.28
CA PRO F 623 -66.40 -28.70 -42.70
C PRO F 623 -64.99 -29.10 -43.13
N ALA F 624 -63.99 -28.89 -42.28
CA ALA F 624 -62.63 -29.26 -42.64
C ALA F 624 -62.52 -30.75 -42.89
N ALA F 625 -63.20 -31.56 -42.08
CA ALA F 625 -63.17 -33.01 -42.29
C ALA F 625 -63.78 -33.39 -43.64
N LEU F 626 -64.94 -32.81 -43.96
CA LEU F 626 -65.54 -33.07 -45.27
C LEU F 626 -64.57 -32.71 -46.38
N PHE F 627 -63.94 -31.54 -46.29
CA PHE F 627 -63.08 -31.10 -47.38
C PHE F 627 -61.87 -32.00 -47.55
N GLU F 628 -61.25 -32.41 -46.45
CA GLU F 628 -60.04 -33.23 -46.56
C GLU F 628 -60.38 -34.61 -47.12
N ILE F 629 -61.47 -35.22 -46.66
CA ILE F 629 -61.98 -36.44 -47.28
C ILE F 629 -62.17 -36.23 -48.77
N TRP F 630 -62.86 -35.15 -49.11
CA TRP F 630 -63.19 -34.83 -50.49
C TRP F 630 -61.92 -34.64 -51.32
N PHE F 631 -61.02 -33.77 -50.84
CA PHE F 631 -59.91 -33.34 -51.67
C PHE F 631 -58.87 -34.43 -51.82
N SER F 632 -58.77 -35.34 -50.86
CA SER F 632 -57.76 -36.38 -50.97
C SER F 632 -58.28 -37.68 -51.58
N ASN F 633 -59.53 -38.03 -51.34
CA ASN F 633 -60.01 -39.36 -51.69
C ASN F 633 -61.13 -39.38 -52.73
N HIS F 634 -61.60 -38.22 -53.22
CA HIS F 634 -62.75 -38.21 -54.12
C HIS F 634 -62.66 -37.24 -55.31
N LEU F 635 -62.51 -35.93 -55.03
CA LEU F 635 -62.59 -34.89 -56.06
C LEU F 635 -61.55 -35.09 -57.16
N ARG F 636 -60.28 -35.17 -56.77
CA ARG F 636 -59.18 -35.13 -57.73
C ARG F 636 -59.17 -36.37 -58.60
N GLN F 637 -59.35 -37.54 -58.00
CA GLN F 637 -59.50 -38.76 -58.80
C GLN F 637 -60.65 -38.63 -59.78
N ALA F 638 -61.73 -37.96 -59.34
CA ALA F 638 -62.90 -37.79 -60.19
C ALA F 638 -62.61 -36.86 -61.37
N VAL F 639 -61.91 -35.75 -61.12
CA VAL F 639 -61.51 -34.82 -62.19
C VAL F 639 -60.57 -35.51 -63.18
N VAL F 640 -59.63 -36.30 -62.67
CA VAL F 640 -58.67 -36.95 -63.56
C VAL F 640 -59.38 -37.99 -64.44
N ARG F 641 -60.24 -38.82 -63.84
CA ARG F 641 -61.01 -39.78 -64.65
C ARG F 641 -61.88 -39.04 -65.67
N ALA F 642 -62.41 -37.88 -65.32
CA ALA F 642 -63.27 -37.15 -66.25
C ALA F 642 -62.47 -36.51 -67.38
N ALA F 643 -61.18 -36.23 -67.17
CA ALA F 643 -60.40 -35.55 -68.20
C ALA F 643 -59.57 -36.50 -69.06
N LEU F 644 -59.31 -37.72 -68.63
CA LEU F 644 -58.38 -38.61 -69.32
C LEU F 644 -58.98 -39.96 -69.63
N PRO F 645 -58.47 -40.65 -70.64
CA PRO F 645 -58.82 -42.07 -70.84
C PRO F 645 -58.40 -42.92 -69.65
N GLU F 646 -58.91 -44.15 -69.61
CA GLU F 646 -58.82 -44.98 -68.41
C GLU F 646 -57.38 -45.30 -68.00
N ASP F 647 -56.54 -45.70 -68.95
CA ASP F 647 -55.19 -46.14 -68.59
C ASP F 647 -54.38 -45.01 -67.98
N ALA F 648 -54.42 -43.84 -68.61
CA ALA F 648 -53.74 -42.66 -68.09
C ALA F 648 -54.32 -42.24 -66.75
N ALA F 649 -55.65 -42.24 -66.63
CA ALA F 649 -56.32 -41.83 -65.41
C ALA F 649 -55.90 -42.71 -64.24
N LYS F 650 -55.77 -44.01 -64.48
CA LYS F 650 -55.35 -44.93 -63.42
C LYS F 650 -53.93 -44.63 -62.97
N LEU F 651 -53.04 -44.27 -63.91
CA LEU F 651 -51.67 -43.95 -63.52
C LEU F 651 -51.61 -42.65 -62.74
N VAL F 652 -52.40 -41.66 -63.15
CA VAL F 652 -52.34 -40.34 -62.54
C VAL F 652 -53.02 -40.35 -61.18
N GLY F 653 -54.11 -41.11 -61.02
CA GLY F 653 -54.79 -41.16 -59.74
C GLY F 653 -55.37 -39.81 -59.34
N ALA F 654 -54.97 -39.30 -58.18
CA ALA F 654 -55.38 -37.96 -57.75
C ALA F 654 -54.52 -36.86 -58.37
N GLY F 655 -53.46 -37.23 -59.08
CA GLY F 655 -52.65 -36.26 -59.77
C GLY F 655 -52.06 -35.18 -58.88
N ASP F 656 -51.66 -34.10 -59.55
CA ASP F 656 -51.04 -32.94 -58.91
C ASP F 656 -52.14 -32.00 -58.46
N ALA F 657 -52.16 -31.69 -57.15
CA ALA F 657 -53.24 -30.87 -56.61
C ALA F 657 -53.30 -29.52 -57.30
N ALA F 658 -52.14 -28.88 -57.49
CA ALA F 658 -52.12 -27.57 -58.12
C ALA F 658 -52.66 -27.64 -59.53
N ARG F 659 -52.32 -28.72 -60.26
CA ARG F 659 -52.78 -28.85 -61.64
C ARG F 659 -54.27 -29.24 -61.73
N VAL F 660 -54.76 -30.03 -60.77
CA VAL F 660 -56.18 -30.35 -60.74
C VAL F 660 -57.00 -29.11 -60.38
N LEU F 661 -56.50 -28.29 -59.45
CA LEU F 661 -57.16 -27.03 -59.15
C LEU F 661 -57.23 -26.15 -60.38
N ALA F 662 -56.18 -26.16 -61.21
CA ALA F 662 -56.22 -25.36 -62.43
C ALA F 662 -57.33 -25.84 -63.36
N VAL F 663 -57.56 -27.16 -63.42
CA VAL F 663 -58.64 -27.67 -64.25
C VAL F 663 -59.99 -27.26 -63.66
N LEU F 664 -60.14 -27.36 -62.35
CA LEU F 664 -61.37 -26.90 -61.72
C LEU F 664 -61.57 -25.39 -61.94
N GLU F 665 -60.49 -24.61 -61.98
CA GLU F 665 -60.68 -23.18 -62.14
C GLU F 665 -60.88 -22.77 -63.60
N GLN F 666 -60.34 -23.55 -64.55
CA GLN F 666 -60.47 -23.26 -65.98
C GLN F 666 -60.59 -24.57 -66.75
N PRO F 667 -61.78 -25.19 -66.73
CA PRO F 667 -61.93 -26.52 -67.35
C PRO F 667 -61.90 -26.50 -68.86
N ASP F 668 -61.88 -25.31 -69.47
CA ASP F 668 -62.10 -25.08 -70.91
C ASP F 668 -61.73 -26.26 -71.80
N THR F 669 -60.44 -26.57 -71.91
CA THR F 669 -59.94 -27.58 -72.84
C THR F 669 -59.93 -28.98 -72.26
N TRP F 670 -60.48 -29.18 -71.07
CA TRP F 670 -60.48 -30.50 -70.43
C TRP F 670 -61.85 -31.16 -70.40
N MET F 671 -62.90 -30.40 -70.18
CA MET F 671 -64.25 -30.93 -70.09
C MET F 671 -65.23 -29.76 -70.14
N PRO F 672 -66.47 -30.01 -70.55
CA PRO F 672 -67.48 -28.95 -70.48
C PRO F 672 -67.65 -28.51 -69.04
N THR F 673 -67.93 -27.22 -68.86
CA THR F 673 -68.13 -26.71 -67.50
C THR F 673 -69.22 -27.50 -66.77
N ALA F 674 -70.26 -27.93 -67.48
CA ALA F 674 -71.34 -28.69 -66.84
C ALA F 674 -70.83 -30.03 -66.31
N ARG F 675 -69.90 -30.65 -67.05
CA ARG F 675 -69.27 -31.86 -66.55
C ARG F 675 -68.42 -31.56 -65.30
N ARG F 676 -67.66 -30.45 -65.34
CA ARG F 676 -66.92 -29.97 -64.17
C ARG F 676 -67.83 -29.90 -62.94
N ASP F 677 -68.99 -29.27 -63.06
CA ASP F 677 -69.93 -29.16 -61.95
C ASP F 677 -70.39 -30.54 -61.48
N GLU F 678 -70.75 -31.41 -62.43
CA GLU F 678 -71.22 -32.75 -62.09
C GLU F 678 -70.15 -33.54 -61.35
N VAL F 679 -68.91 -33.42 -61.82
CA VAL F 679 -67.80 -34.13 -61.19
C VAL F 679 -67.63 -33.69 -59.74
N MET F 680 -67.71 -32.37 -59.51
CA MET F 680 -67.56 -31.83 -58.16
C MET F 680 -68.65 -32.32 -57.22
N LEU F 681 -69.91 -32.21 -57.65
CA LEU F 681 -71.03 -32.57 -56.78
C LEU F 681 -71.10 -34.08 -56.57
N THR F 682 -70.79 -34.86 -57.61
CA THR F 682 -70.82 -36.31 -57.50
C THR F 682 -69.77 -36.82 -56.53
N SER F 683 -68.54 -36.28 -56.65
CA SER F 683 -67.47 -36.65 -55.71
C SER F 683 -67.75 -36.09 -54.32
N LEU F 684 -68.42 -34.92 -54.22
CA LEU F 684 -68.78 -34.39 -52.91
C LEU F 684 -69.79 -35.30 -52.20
N LYS F 685 -70.74 -35.87 -52.96
CA LYS F 685 -71.71 -36.78 -52.34
C LYS F 685 -71.02 -38.00 -51.76
N ALA F 686 -70.04 -38.56 -52.49
CA ALA F 686 -69.30 -39.72 -52.02
C ALA F 686 -68.47 -39.40 -50.79
N ALA F 687 -67.90 -38.19 -50.74
CA ALA F 687 -67.14 -37.76 -49.56
C ALA F 687 -68.06 -37.59 -48.37
N MET F 688 -69.20 -36.93 -48.58
CA MET F 688 -70.18 -36.77 -47.51
C MET F 688 -70.62 -38.12 -46.97
N ALA F 689 -70.85 -39.09 -47.86
CA ALA F 689 -71.20 -40.43 -47.41
C ALA F 689 -70.06 -41.07 -46.63
N GLU F 690 -68.81 -40.80 -47.03
CA GLU F 690 -67.69 -41.32 -46.25
C GLU F 690 -67.64 -40.68 -44.85
N LEU F 691 -67.82 -39.36 -44.78
CA LEU F 691 -67.81 -38.70 -43.47
C LEU F 691 -68.90 -39.25 -42.56
N GLU F 692 -70.10 -39.47 -43.12
CA GLU F 692 -71.21 -40.02 -42.34
C GLU F 692 -70.90 -41.45 -41.89
N ARG F 693 -70.28 -42.24 -42.76
CA ARG F 693 -69.83 -43.57 -42.37
C ARG F 693 -68.84 -43.51 -41.21
N ARG F 694 -67.95 -42.52 -41.23
CA ARG F 694 -66.94 -42.40 -40.18
C ARG F 694 -67.46 -41.73 -38.91
N SER F 695 -68.68 -41.21 -38.94
CA SER F 695 -69.29 -40.52 -37.81
C SER F 695 -70.18 -41.45 -37.00
N PRO F 696 -70.34 -41.18 -35.70
CA PRO F 696 -71.29 -41.97 -34.90
C PRO F 696 -72.73 -41.87 -35.38
N SER F 697 -73.18 -40.67 -35.70
CA SER F 697 -74.51 -40.40 -36.25
C SER F 697 -74.40 -39.29 -37.28
N PRO F 698 -75.31 -39.24 -38.26
CA PRO F 698 -75.30 -38.13 -39.22
C PRO F 698 -75.64 -36.79 -38.59
N GLU F 699 -76.00 -36.75 -37.31
CA GLU F 699 -76.23 -35.49 -36.61
C GLU F 699 -75.03 -35.07 -35.76
N LYS F 700 -74.14 -36.00 -35.42
CA LYS F 700 -72.88 -35.68 -34.75
C LYS F 700 -71.76 -36.10 -35.69
N LEU F 701 -71.52 -35.29 -36.71
CA LEU F 701 -70.48 -35.62 -37.67
C LEU F 701 -69.11 -35.40 -37.06
N ALA F 702 -68.16 -36.23 -37.44
CA ALA F 702 -66.81 -36.13 -36.87
C ALA F 702 -66.13 -34.83 -37.31
N THR F 703 -65.52 -34.12 -36.36
CA THR F 703 -64.63 -33.01 -36.69
C THR F 703 -63.37 -33.57 -37.33
N TRP F 704 -62.61 -32.67 -37.98
CA TRP F 704 -61.36 -33.07 -38.61
C TRP F 704 -60.41 -33.70 -37.60
N GLY F 705 -60.27 -33.06 -36.43
CA GLY F 705 -59.38 -33.60 -35.42
C GLY F 705 -59.81 -34.98 -34.96
N THR F 706 -61.10 -35.29 -35.05
CA THR F 706 -61.59 -36.61 -34.70
C THR F 706 -61.01 -37.69 -35.62
N LEU F 707 -60.84 -37.38 -36.90
CA LEU F 707 -60.23 -38.32 -37.85
C LEU F 707 -58.72 -38.18 -37.92
N HIS F 708 -58.21 -36.95 -37.83
CA HIS F 708 -56.81 -36.62 -38.11
C HIS F 708 -56.00 -36.82 -36.82
N ARG F 709 -55.62 -38.06 -36.55
CA ARG F 709 -55.00 -38.41 -35.27
C ARG F 709 -53.49 -38.31 -35.37
N ALA F 710 -52.88 -37.68 -34.36
CA ALA F 710 -51.43 -37.51 -34.30
C ALA F 710 -50.84 -38.64 -33.47
N ILE F 711 -50.55 -39.76 -34.14
CA ILE F 711 -49.96 -40.95 -33.51
C ILE F 711 -48.55 -41.14 -34.06
N PHE F 712 -47.57 -41.14 -33.16
CA PHE F 712 -46.15 -41.28 -33.51
C PHE F 712 -45.78 -42.74 -33.40
N ARG F 713 -45.52 -43.37 -34.54
CA ARG F 713 -45.40 -44.81 -34.66
C ARG F 713 -43.95 -45.25 -34.52
N HIS F 714 -43.75 -46.29 -33.74
CA HIS F 714 -42.49 -46.97 -33.53
C HIS F 714 -42.30 -48.02 -34.62
N PRO F 715 -41.09 -48.19 -35.15
CA PRO F 715 -40.92 -49.14 -36.27
C PRO F 715 -41.34 -50.57 -35.95
N LEU F 716 -41.35 -50.96 -34.67
CA LEU F 716 -41.69 -52.33 -34.31
C LEU F 716 -43.15 -52.45 -33.92
N ALA F 717 -43.94 -51.38 -34.11
CA ALA F 717 -45.31 -51.33 -33.62
C ALA F 717 -46.17 -52.48 -34.14
N ASN F 718 -45.90 -52.98 -35.36
CA ASN F 718 -46.73 -54.03 -35.95
C ASN F 718 -46.34 -55.45 -35.53
N ILE F 719 -45.23 -55.63 -34.80
CA ILE F 719 -44.81 -56.97 -34.43
C ILE F 719 -44.75 -57.18 -32.93
N VAL F 720 -45.30 -56.26 -32.14
CA VAL F 720 -45.40 -56.44 -30.70
C VAL F 720 -46.87 -56.53 -30.33
N ASP F 721 -47.13 -56.90 -29.07
CA ASP F 721 -48.48 -57.03 -28.56
C ASP F 721 -49.07 -55.66 -28.23
N ASP F 722 -50.34 -55.66 -27.78
CA ASP F 722 -51.05 -54.41 -27.53
C ASP F 722 -50.47 -53.63 -26.35
N ALA F 723 -50.01 -54.31 -25.30
CA ALA F 723 -49.45 -53.59 -24.16
C ALA F 723 -48.15 -52.90 -24.56
N THR F 724 -47.34 -53.57 -25.38
CA THR F 724 -46.09 -52.99 -25.82
C THR F 724 -46.32 -51.83 -26.78
N ARG F 725 -47.24 -51.99 -27.74
CA ARG F 725 -47.51 -50.93 -28.69
C ARG F 725 -48.02 -49.67 -28.00
N ALA F 726 -48.73 -49.83 -26.88
CA ALA F 726 -49.20 -48.69 -26.12
C ALA F 726 -48.03 -47.89 -25.57
N GLN F 727 -46.91 -48.55 -25.28
CA GLN F 727 -45.71 -47.86 -24.80
C GLN F 727 -44.82 -47.35 -25.94
N TYR F 728 -44.72 -48.12 -27.03
CA TYR F 728 -43.83 -47.76 -28.12
C TYR F 728 -44.42 -46.64 -28.97
N ASN F 729 -45.73 -46.67 -29.20
CA ASN F 729 -46.38 -45.61 -29.96
C ASN F 729 -46.80 -44.49 -29.03
N VAL F 730 -46.86 -43.27 -29.55
CA VAL F 730 -47.25 -42.10 -28.79
C VAL F 730 -48.47 -41.47 -29.45
N ASP F 731 -49.57 -41.39 -28.69
CA ASP F 731 -50.81 -40.79 -29.17
C ASP F 731 -50.94 -39.39 -28.57
N ALA F 732 -50.88 -38.36 -29.41
CA ALA F 732 -51.04 -36.98 -28.96
C ALA F 732 -52.42 -36.41 -29.27
N GLY F 733 -53.37 -37.23 -29.70
CA GLY F 733 -54.75 -36.80 -29.94
C GLY F 733 -54.96 -36.26 -31.34
N GLY F 734 -56.04 -35.52 -31.49
CA GLY F 734 -56.39 -34.95 -32.78
C GLY F 734 -55.68 -33.64 -33.05
N ILE F 735 -55.45 -33.36 -34.33
CA ILE F 735 -54.77 -32.15 -34.78
C ILE F 735 -55.43 -31.61 -36.04
N GLY F 736 -55.23 -30.33 -36.29
CA GLY F 736 -55.66 -29.70 -37.51
C GLY F 736 -54.56 -29.69 -38.56
N GLY F 737 -54.85 -29.00 -39.67
CA GLY F 737 -53.91 -28.84 -40.75
C GLY F 737 -53.95 -29.97 -41.75
N SER F 738 -53.19 -29.77 -42.83
CA SER F 738 -53.03 -30.75 -43.89
C SER F 738 -51.61 -30.63 -44.43
N ALA F 739 -51.35 -31.28 -45.56
CA ALA F 739 -50.06 -31.14 -46.23
C ALA F 739 -49.87 -29.76 -46.82
N PHE F 740 -50.95 -29.02 -47.04
CA PHE F 740 -50.89 -27.74 -47.74
C PHE F 740 -50.99 -26.56 -46.80
N THR F 741 -51.19 -26.80 -45.49
CA THR F 741 -51.22 -25.71 -44.53
C THR F 741 -49.82 -25.47 -43.96
N PRO F 742 -49.46 -24.22 -43.64
CA PRO F 742 -48.11 -23.98 -43.07
C PRO F 742 -47.79 -24.90 -41.91
N MET F 743 -48.73 -25.09 -40.98
CA MET F 743 -48.64 -26.16 -39.97
C MET F 743 -48.92 -27.48 -40.71
N ASN F 744 -47.88 -27.99 -41.32
CA ASN F 744 -47.98 -29.17 -42.16
C ASN F 744 -48.25 -30.40 -41.30
N THR F 745 -49.41 -31.02 -41.48
CA THR F 745 -49.72 -32.31 -40.87
C THR F 745 -50.21 -33.26 -41.96
N SER F 746 -49.28 -33.71 -42.80
CA SER F 746 -49.58 -34.66 -43.86
C SER F 746 -50.13 -35.97 -43.29
N TYR F 747 -51.01 -36.61 -44.05
CA TYR F 747 -51.68 -37.79 -43.53
C TYR F 747 -51.79 -38.84 -44.63
N ARG F 748 -52.03 -40.08 -44.20
CA ARG F 748 -52.28 -41.18 -45.14
C ARG F 748 -53.77 -41.25 -45.45
N ASN F 749 -54.09 -41.67 -46.68
CA ASN F 749 -55.47 -41.55 -47.16
C ASN F 749 -56.41 -42.59 -46.57
N SER F 750 -55.87 -43.70 -46.05
CA SER F 750 -56.71 -44.78 -45.53
C SER F 750 -57.53 -44.34 -44.32
N ASP F 751 -56.91 -43.60 -43.38
CA ASP F 751 -57.63 -43.23 -42.17
C ASP F 751 -57.35 -41.81 -41.69
N TYR F 752 -56.62 -40.99 -42.47
CA TYR F 752 -56.31 -39.59 -42.18
C TYR F 752 -55.37 -39.41 -40.98
N HIS F 753 -54.70 -40.48 -40.55
CA HIS F 753 -53.72 -40.36 -39.47
C HIS F 753 -52.46 -39.66 -39.96
N LEU F 754 -51.87 -38.90 -39.05
CA LEU F 754 -50.66 -38.12 -39.31
C LEU F 754 -49.50 -38.99 -39.77
N THR F 755 -48.79 -38.53 -40.80
CA THR F 755 -47.62 -39.23 -41.30
C THR F 755 -46.38 -38.36 -41.38
N ALA F 756 -46.54 -37.06 -41.66
CA ALA F 756 -45.40 -36.17 -41.86
C ALA F 756 -45.78 -34.74 -41.53
N GLY F 757 -44.73 -33.91 -41.33
CA GLY F 757 -44.86 -32.51 -41.01
C GLY F 757 -43.79 -32.09 -40.02
N ALA F 758 -43.97 -30.91 -39.43
CA ALA F 758 -42.99 -30.43 -38.46
C ALA F 758 -43.08 -31.24 -37.17
N SER F 759 -41.94 -31.80 -36.77
CA SER F 759 -41.74 -32.36 -35.44
C SER F 759 -40.89 -31.37 -34.65
N PHE F 760 -39.63 -31.22 -35.03
CA PHE F 760 -38.81 -30.11 -34.56
C PHE F 760 -39.25 -28.79 -35.19
N ARG F 761 -39.44 -27.77 -34.35
CA ARG F 761 -39.71 -26.39 -34.77
C ARG F 761 -38.84 -25.46 -33.95
N MET F 762 -38.44 -24.32 -34.53
CA MET F 762 -37.73 -23.32 -33.75
C MET F 762 -38.04 -21.91 -34.24
N VAL F 763 -38.10 -20.98 -33.29
CA VAL F 763 -38.22 -19.54 -33.56
C VAL F 763 -37.20 -18.85 -32.66
N LEU F 764 -36.25 -18.15 -33.27
CA LEU F 764 -35.08 -17.63 -32.56
C LEU F 764 -35.11 -16.10 -32.46
N ASP F 765 -34.81 -15.59 -31.27
CA ASP F 765 -34.39 -14.20 -31.06
C ASP F 765 -32.91 -14.14 -31.42
N VAL F 766 -32.59 -13.54 -32.56
CA VAL F 766 -31.22 -13.59 -33.07
C VAL F 766 -30.41 -12.53 -32.32
N GLY F 767 -29.70 -12.93 -31.27
CA GLY F 767 -28.93 -12.00 -30.48
C GLY F 767 -29.23 -12.07 -29.00
N ASN F 768 -30.49 -12.29 -28.63
CA ASN F 768 -30.88 -12.55 -27.24
C ASN F 768 -31.28 -14.01 -27.15
N TRP F 769 -30.28 -14.88 -27.11
CA TRP F 769 -30.46 -16.27 -27.52
C TRP F 769 -31.40 -17.04 -26.59
N ASP F 770 -31.37 -16.76 -25.28
CA ASP F 770 -32.20 -17.50 -24.33
C ASP F 770 -33.70 -17.27 -24.54
N GLN F 771 -34.07 -16.30 -25.36
CA GLN F 771 -35.47 -16.05 -25.73
C GLN F 771 -35.92 -16.91 -26.91
N GLY F 772 -35.03 -17.75 -27.45
CA GLY F 772 -35.42 -18.62 -28.54
C GLY F 772 -36.38 -19.70 -28.09
N ARG F 773 -37.26 -20.12 -29.00
CA ARG F 773 -38.30 -21.10 -28.70
C ARG F 773 -38.21 -22.28 -29.67
N VAL F 774 -38.39 -23.49 -29.13
CA VAL F 774 -38.29 -24.73 -29.87
C VAL F 774 -39.32 -25.73 -29.36
N VAL F 775 -39.59 -26.75 -30.18
CA VAL F 775 -40.33 -27.93 -29.76
C VAL F 775 -39.73 -29.11 -30.51
N ASN F 776 -40.04 -30.30 -30.02
CA ASN F 776 -39.74 -31.54 -30.70
C ASN F 776 -40.89 -32.50 -30.42
N THR F 777 -41.00 -33.60 -31.19
CA THR F 777 -42.11 -34.51 -30.83
C THR F 777 -41.86 -35.90 -31.41
N PRO F 778 -42.19 -36.98 -30.67
CA PRO F 778 -42.83 -37.00 -29.35
C PRO F 778 -41.90 -36.73 -28.13
N GLY F 779 -40.59 -36.81 -28.30
CA GLY F 779 -39.70 -36.56 -27.17
C GLY F 779 -38.23 -36.62 -27.56
N GLN F 780 -37.40 -36.25 -26.58
CA GLN F 780 -35.95 -36.30 -26.77
C GLN F 780 -35.40 -37.71 -26.55
N SER F 781 -36.05 -38.50 -25.71
CA SER F 781 -35.57 -39.85 -25.44
C SER F 781 -36.17 -40.86 -26.42
N GLY F 782 -35.37 -41.85 -26.79
CA GLY F 782 -35.76 -43.04 -27.54
C GLY F 782 -36.09 -44.24 -26.66
N ASP F 783 -36.02 -44.05 -25.34
CA ASP F 783 -36.29 -45.11 -24.39
C ASP F 783 -37.75 -45.04 -23.99
N PRO F 784 -38.60 -45.99 -24.39
CA PRO F 784 -40.03 -45.91 -24.03
C PRO F 784 -40.27 -45.89 -22.53
N GLY F 785 -39.33 -46.37 -21.72
CA GLY F 785 -39.52 -46.28 -20.29
C GLY F 785 -39.19 -44.93 -19.71
N ASN F 786 -38.67 -44.01 -20.52
CA ASN F 786 -38.27 -42.70 -20.06
C ASN F 786 -39.40 -41.70 -20.29
N SER F 787 -39.56 -40.76 -19.34
CA SER F 787 -40.59 -39.73 -19.48
C SER F 787 -40.29 -38.78 -20.63
N HIS F 788 -39.03 -38.63 -21.00
CA HIS F 788 -38.67 -37.83 -22.17
C HIS F 788 -38.95 -38.57 -23.48
N TYR F 789 -39.52 -39.78 -23.42
CA TYR F 789 -39.95 -40.46 -24.65
C TYR F 789 -41.18 -39.78 -25.26
N ARG F 790 -42.01 -39.11 -24.41
CA ARG F 790 -43.34 -38.65 -24.82
C ARG F 790 -43.76 -37.32 -24.18
N ASP F 791 -42.90 -36.66 -23.43
CA ASP F 791 -43.32 -35.45 -22.72
C ASP F 791 -43.45 -34.23 -23.65
N LEU F 792 -42.88 -34.27 -24.85
CA LEU F 792 -42.97 -33.11 -25.72
C LEU F 792 -44.17 -33.17 -26.67
N ALA F 793 -44.70 -34.36 -26.96
CA ALA F 793 -45.85 -34.47 -27.86
C ALA F 793 -47.04 -33.60 -27.47
N PRO F 794 -47.46 -33.51 -26.19
CA PRO F 794 -48.58 -32.62 -25.87
C PRO F 794 -48.26 -31.15 -26.08
N ILE F 795 -47.01 -30.75 -25.84
CA ILE F 795 -46.60 -29.38 -26.11
C ILE F 795 -46.69 -29.10 -27.61
N TRP F 796 -46.08 -29.97 -28.42
CA TRP F 796 -46.16 -29.86 -29.87
C TRP F 796 -47.60 -29.80 -30.35
N ALA F 797 -48.47 -30.64 -29.77
CA ALA F 797 -49.84 -30.76 -30.26
C ALA F 797 -50.64 -29.49 -30.00
N LYS F 798 -50.25 -28.72 -28.99
CA LYS F 798 -50.86 -27.43 -28.67
C LYS F 798 -50.23 -26.27 -29.43
N GLY F 799 -49.33 -26.53 -30.36
CA GLY F 799 -48.64 -25.44 -31.03
C GLY F 799 -47.79 -24.61 -30.09
N GLN F 800 -47.32 -25.21 -29.00
CA GLN F 800 -46.52 -24.55 -27.98
C GLN F 800 -45.05 -24.92 -28.12
N THR F 801 -44.22 -24.27 -27.31
CA THR F 801 -42.77 -24.44 -27.37
C THR F 801 -42.23 -24.42 -25.94
N PHE F 802 -40.96 -24.77 -25.82
CA PHE F 802 -40.21 -24.59 -24.59
C PHE F 802 -38.93 -23.82 -24.92
N PRO F 803 -38.26 -23.23 -23.92
CA PRO F 803 -37.12 -22.35 -24.22
C PRO F 803 -35.92 -23.14 -24.69
N LEU F 804 -35.21 -22.58 -25.68
CA LEU F 804 -33.92 -23.14 -26.10
C LEU F 804 -32.82 -22.44 -25.29
N VAL F 805 -32.62 -22.92 -24.07
CA VAL F 805 -31.70 -22.26 -23.14
C VAL F 805 -30.27 -22.39 -23.64
N TYR F 806 -29.51 -21.29 -23.54
CA TYR F 806 -28.20 -21.20 -24.19
C TYR F 806 -27.08 -20.72 -23.26
N SER F 807 -27.33 -19.62 -22.55
CA SER F 807 -26.33 -19.11 -21.61
C SER F 807 -26.16 -20.08 -20.44
N ARG F 808 -25.03 -19.93 -19.74
N ARG F 808 -25.02 -19.95 -19.76
CA ARG F 808 -24.71 -20.82 -18.63
CA ARG F 808 -24.71 -20.81 -18.62
C ARG F 808 -25.78 -20.75 -17.54
C ARG F 808 -25.80 -20.75 -17.56
N LYS F 809 -26.25 -19.54 -17.23
CA LYS F 809 -27.26 -19.37 -16.19
C LYS F 809 -28.57 -20.05 -16.57
N ALA F 810 -29.01 -19.86 -17.82
CA ALA F 810 -30.25 -20.47 -18.25
C ALA F 810 -30.13 -21.99 -18.24
N VAL F 811 -29.01 -22.52 -18.69
CA VAL F 811 -28.84 -23.98 -18.73
C VAL F 811 -28.81 -24.55 -17.31
N GLU F 812 -28.01 -23.95 -16.42
CA GLU F 812 -27.93 -24.48 -15.06
C GLU F 812 -29.28 -24.38 -14.35
N ARG F 813 -30.00 -23.27 -14.56
CA ARG F 813 -31.31 -23.11 -13.93
C ARG F 813 -32.28 -24.16 -14.41
N ALA F 814 -32.19 -24.57 -15.68
CA ALA F 814 -33.14 -25.51 -16.23
C ALA F 814 -32.67 -26.96 -16.10
N ALA F 815 -31.50 -27.18 -15.50
CA ALA F 815 -30.91 -28.52 -15.47
C ALA F 815 -31.70 -29.44 -14.55
N GLU F 816 -31.85 -30.69 -14.97
CA GLU F 816 -32.51 -31.70 -14.15
C GLU F 816 -31.60 -32.86 -13.81
N LYS F 817 -30.53 -33.08 -14.58
CA LYS F 817 -29.62 -34.19 -14.41
C LYS F 817 -28.25 -33.73 -14.89
N ARG F 818 -27.19 -34.19 -14.23
CA ARG F 818 -25.81 -33.91 -14.63
C ARG F 818 -25.11 -35.22 -14.94
N ILE F 819 -24.32 -35.25 -16.00
CA ILE F 819 -23.53 -36.41 -16.37
C ILE F 819 -22.06 -35.98 -16.44
N GLU F 820 -21.19 -36.79 -15.84
CA GLU F 820 -19.76 -36.50 -15.78
C GLU F 820 -19.01 -37.57 -16.56
N LEU F 821 -18.20 -37.14 -17.52
CA LEU F 821 -17.35 -38.03 -18.31
C LEU F 821 -15.90 -37.78 -17.93
N THR F 822 -15.23 -38.85 -17.52
CA THR F 822 -13.86 -38.79 -17.06
C THR F 822 -12.96 -39.59 -18.00
N PRO F 823 -11.91 -38.98 -18.54
CA PRO F 823 -11.02 -39.70 -19.45
C PRO F 823 -10.44 -40.94 -18.79
N ARG F 824 -10.21 -41.97 -19.61
CA ARG F 824 -9.52 -43.17 -19.12
C ARG F 824 -8.73 -43.81 -20.25
#